data_8ED9
#
_entry.id   8ED9
#
_cell.length_a   1.00
_cell.length_b   1.00
_cell.length_c   1.00
_cell.angle_alpha   90.00
_cell.angle_beta   90.00
_cell.angle_gamma   90.00
#
_symmetry.space_group_name_H-M   'P 1'
#
loop_
_entity.id
_entity.type
_entity.pdbx_description
1 polymer 'Transient receptor potential cation channel, subfamily M, member 3'
2 polymer 'Unidentified segment at the N-terminus of TRPM3'
3 non-polymer 1,2-DIACYL-GLYCEROL-3-SN-PHOSPHATE
4 non-polymer (3beta,14beta,17beta,25R)-3-[4-methoxy-3-(methoxymethyl)butoxy]spirost-5-en
5 non-polymer '[(2R)-2-octanoyloxy-3-[oxidanyl-[(1R,2R,3S,4R,5R,6S)-2,3,6-tris(oxidanyl)-4,5-diphosphonooxy-cyclohexyl]oxy-phosphoryl]oxy-propyl] octanoate'
6 non-polymer 'SODIUM ION'
#
loop_
_entity_poly.entity_id
_entity_poly.type
_entity_poly.pdbx_seq_one_letter_code
_entity_poly.pdbx_strand_id
1 'polypeptide(L)'
;GKKWRDAGELERGCSDREDSAESRRRSRSASRGRFAESWKRLSSKQGSTKRSGLPAQQTPAQKSWIERAFYKRECVHIIP
STKDPHRCCCGRLIGQHVGLTPSISVLQNEKNESRLSRNDIQSEKWSISKHTQLSPTDAFGTIEFQGGGHSNKAMYVRVS
FDTKPDLLLHLMTKEWQLELPKLLISVHGGLQNFELQPKLKQVFGKGLIKAAMTTGAWIFTGGVNTGVIRHVGDALKDHA
SKSRGKICTIGIAPWGIVENQEDLIGRDVVRPYQTMSNPMSKLTVLNSMHSHFILADNGTTGKYGAEVKLRRQLEKHISL
QKINTRIGQGVPVVALIVEGGPNVISIVLEYLRDTPPVPVVVCDGSGRASDILAFGHKYSEEGGLINESLRDQLLVTIQK
TFTYTRTQAQHLFIILMECMKKKELITVFRMGSEGHQDIDLAILTALLKGANASAPDQLSLALAWNRVDIARSQIFIYGQ
QWPVGSLEQAMLDALVLDRVDFVKLLIENGVSMHRFLTISRLEELYNTRHGPSNTLYHLVRDVKKGNLPPDYRISLIDIG
LVIEYLMGGAYRCNYTRKRFRTLYHNLFGPKRPKALKLLGMEDDIPLRRGRKTTKKREEEVDIDLDDPEINHFPFPFHEL
MVWAVLMKRQKMALFFWQHGEEAMAKALVACKLCKAMAHEASENDMVDDISQELNHNSRDFGQLAVELLDQSYKQDEQLA
MKLLTYELKNWSNATCLQLAVAAKHRDFIAHTCSQMLLTDMWMGRLRMRKNSGLKVILGILLPPSILSLEFKNKDDMPYM
TQAQEIHLQEKEPEEPEKPTKEKDEEDMELTAMLGRSNGESSRKKDEEEVQSRHRLIPVGRKIYEFYNAPIVKFWFYTLA
YIGYLMLFNYIVLVKMERWPSTQEWIVISYIFTLGIEKMREILMSEPGKLLQKVKVWLQEYWNVTDLIAILLFSVGMILR
LQDQPFRSDGRVIYCVNIIYWYIRLLDIFGVNKYLGPYVMMIGKMMIDMMYFVIIMLVVLMSFGVARQAILFPNEEPSWK
LAKNIFYMPYWMIYGEVFADQIDPPCGQNETREDGKTIQLPPCKTGAWIVPAIMACYLLVANILLVNLLIAVFNNTFFEV
KSISNQVWKFQRYQLIMTFHERPVLPPPLIIFSHMTMIFQHVCCRWRKHESDQDERDYGLKLFITDDELKKVHDFEEQCI
EEYFREKDDRFNSSNDERIRVTSERVENMSMRLEEVNEREHSMKASLQTVDIRLAQLEDLIGRMATALERLTGLERAESN
KIRSRTSSDCTDAAYIVRQSSFNSQEGNTFKLQESIDPAGEETISPTSPTLMPRMRSHSFYSV
;
A,B,C,D
2 'polypeptide(L)'
;(UNK)(UNK)(UNK)(UNK)(UNK)(UNK)(UNK)(UNK)(UNK)(UNK)(UNK)(UNK)(UNK)(UNK)(UNK)(UNK)
(UNK)
;
E,F,G,H
#
loop_
_chem_comp.id
_chem_comp.type
_chem_comp.name
_chem_comp.formula
3PH non-polymer 1,2-DIACYL-GLYCEROL-3-SN-PHOSPHATE 'C39 H77 O8 P'
9Z9 non-polymer (3beta,14beta,17beta,25R)-3-[4-methoxy-3-(methoxymethyl)butoxy]spirost-5-en 'C34 H56 O5'
NA non-polymer 'SODIUM ION' 'Na 1'
PIO non-polymer '[(2R)-2-octanoyloxy-3-[oxidanyl-[(1R,2R,3S,4R,5R,6S)-2,3,6-tris(oxidanyl)-4,5-diphosphonooxy-cyclohexyl]oxy-phosphoryl]oxy-propyl] octanoate' 'C25 H49 O19 P3'
#
# COMPACT_ATOMS: atom_id res chain seq x y z
N ILE A 128 -9.03 65.09 -45.31
CA ILE A 128 -7.73 65.25 -45.94
C ILE A 128 -7.71 64.56 -47.30
N SER A 129 -6.95 65.11 -48.22
CA SER A 129 -6.77 64.50 -49.54
C SER A 129 -5.52 63.62 -49.58
N LYS A 130 -5.43 62.72 -48.61
CA LYS A 130 -4.28 61.82 -48.44
C LYS A 130 -2.97 62.61 -48.38
N HIS A 131 -2.85 63.42 -47.33
CA HIS A 131 -1.67 64.25 -47.08
C HIS A 131 -1.04 63.78 -45.77
N THR A 132 -0.13 62.82 -45.88
CA THR A 132 0.52 62.21 -44.73
C THR A 132 2.02 62.40 -44.82
N GLN A 133 2.64 62.69 -43.67
CA GLN A 133 4.08 62.89 -43.60
C GLN A 133 4.79 61.55 -43.45
N LEU A 134 5.86 61.37 -44.23
CA LEU A 134 6.63 60.14 -44.19
C LEU A 134 7.68 60.26 -43.10
N SER A 135 7.38 59.68 -41.94
CA SER A 135 8.27 59.79 -40.79
C SER A 135 8.74 58.41 -40.33
N PRO A 136 9.94 58.33 -39.75
CA PRO A 136 10.40 57.04 -39.22
C PRO A 136 9.58 56.58 -38.03
N THR A 137 9.62 55.27 -37.79
CA THR A 137 8.84 54.68 -36.72
C THR A 137 9.33 55.14 -35.36
N ASP A 138 8.39 55.47 -34.47
CA ASP A 138 8.70 55.88 -33.11
C ASP A 138 8.05 54.97 -32.07
N ALA A 139 7.55 53.81 -32.48
CA ALA A 139 6.82 52.92 -31.56
C ALA A 139 7.09 51.48 -31.98
N PHE A 140 7.96 50.80 -31.24
CA PHE A 140 8.20 49.38 -31.42
C PHE A 140 8.97 48.85 -30.22
N GLY A 141 8.66 47.63 -29.81
CA GLY A 141 9.30 47.03 -28.66
C GLY A 141 8.52 45.88 -28.07
N THR A 142 8.32 45.90 -26.76
CA THR A 142 7.58 44.87 -26.06
C THR A 142 6.61 45.53 -25.10
N ILE A 143 5.39 45.02 -25.03
CA ILE A 143 4.38 45.54 -24.14
C ILE A 143 3.96 44.45 -23.16
N GLU A 144 3.83 44.82 -21.90
CA GLU A 144 3.33 43.93 -20.86
C GLU A 144 1.90 44.32 -20.52
N PHE A 145 0.99 43.36 -20.57
CA PHE A 145 -0.43 43.62 -20.33
C PHE A 145 -0.67 43.58 -18.83
N GLN A 146 -0.88 44.75 -18.23
CA GLN A 146 -1.20 44.85 -16.82
C GLN A 146 -2.72 44.89 -16.64
N GLY A 147 -3.21 44.13 -15.67
CA GLY A 147 -4.63 44.05 -15.41
C GLY A 147 -5.31 42.80 -15.95
N GLY A 148 -4.57 41.90 -16.56
CA GLY A 148 -5.12 40.64 -17.02
C GLY A 148 -5.00 39.55 -15.98
N GLY A 149 -5.44 38.36 -16.37
CA GLY A 149 -5.34 37.21 -15.47
C GLY A 149 -3.91 36.81 -15.20
N HIS A 150 -3.06 36.85 -16.22
CA HIS A 150 -1.68 36.43 -16.13
C HIS A 150 -0.77 37.50 -16.71
N SER A 151 0.54 37.25 -16.63
CA SER A 151 1.54 38.13 -17.21
C SER A 151 1.89 37.61 -18.59
N ASN A 152 1.52 38.36 -19.62
CA ASN A 152 1.80 37.99 -21.01
C ASN A 152 2.48 39.16 -21.70
N LYS A 153 3.59 38.87 -22.37
CA LYS A 153 4.35 39.88 -23.10
C LYS A 153 4.20 39.64 -24.60
N ALA A 154 3.96 40.73 -25.33
CA ALA A 154 3.75 40.66 -26.78
C ALA A 154 4.63 41.68 -27.47
N MET A 155 5.38 41.24 -28.48
CA MET A 155 6.15 42.17 -29.29
C MET A 155 5.21 42.98 -30.17
N TYR A 156 5.70 44.12 -30.65
CA TYR A 156 4.88 44.97 -31.51
C TYR A 156 5.81 45.85 -32.33
N VAL A 157 5.24 46.45 -33.37
CA VAL A 157 5.98 47.36 -34.24
C VAL A 157 4.97 48.21 -34.99
N ARG A 158 5.37 49.42 -35.34
CA ARG A 158 4.54 50.34 -36.12
C ARG A 158 5.15 50.48 -37.50
N VAL A 159 4.38 50.14 -38.54
CA VAL A 159 4.84 50.20 -39.91
C VAL A 159 3.81 50.92 -40.75
N SER A 160 4.25 51.39 -41.92
CA SER A 160 3.39 52.16 -42.80
C SER A 160 2.28 51.29 -43.38
N PHE A 161 1.24 51.96 -43.90
CA PHE A 161 0.13 51.26 -44.53
C PHE A 161 0.56 50.53 -45.80
N ASP A 162 1.66 50.95 -46.42
CA ASP A 162 2.16 50.35 -47.67
C ASP A 162 3.64 50.06 -47.46
N THR A 163 3.93 48.85 -46.97
CA THR A 163 5.30 48.40 -46.79
C THR A 163 5.51 47.10 -47.55
N LYS A 164 6.76 46.84 -47.92
CA LYS A 164 7.06 45.66 -48.70
C LYS A 164 6.97 44.41 -47.84
N PRO A 165 6.24 43.37 -48.28
CA PRO A 165 6.10 42.16 -47.47
C PRO A 165 7.42 41.45 -47.20
N ASP A 166 8.44 41.68 -48.02
CA ASP A 166 9.76 41.11 -47.73
C ASP A 166 10.30 41.65 -46.42
N LEU A 167 10.14 42.95 -46.18
CA LEU A 167 10.58 43.54 -44.91
C LEU A 167 9.80 42.98 -43.73
N LEU A 168 8.48 42.81 -43.90
CA LEU A 168 7.68 42.25 -42.82
C LEU A 168 8.08 40.82 -42.50
N LEU A 169 8.33 40.02 -43.53
CA LEU A 169 8.76 38.64 -43.31
C LEU A 169 10.14 38.59 -42.65
N HIS A 170 11.05 39.46 -43.08
CA HIS A 170 12.39 39.50 -42.47
C HIS A 170 12.31 39.91 -41.01
N LEU A 171 11.45 40.89 -40.70
CA LEU A 171 11.26 41.29 -39.31
C LEU A 171 10.65 40.17 -38.48
N MET A 172 9.67 39.46 -39.05
CA MET A 172 8.98 38.41 -38.31
C MET A 172 9.83 37.17 -38.14
N THR A 173 10.84 36.95 -38.99
CA THR A 173 11.69 35.79 -38.87
C THR A 173 12.97 36.08 -38.08
N LYS A 174 13.67 37.16 -38.42
CA LYS A 174 14.97 37.44 -37.82
C LYS A 174 14.84 38.09 -36.46
N GLU A 175 14.22 39.28 -36.40
CA GLU A 175 14.24 40.07 -35.17
C GLU A 175 13.38 39.43 -34.09
N TRP A 176 12.25 38.84 -34.46
CA TRP A 176 11.38 38.19 -33.48
C TRP A 176 11.72 36.72 -33.27
N GLN A 177 12.66 36.17 -34.04
CA GLN A 177 13.12 34.79 -33.91
C GLN A 177 11.96 33.79 -34.04
N LEU A 178 11.35 33.78 -35.23
CA LEU A 178 10.28 32.85 -35.54
C LEU A 178 10.63 32.05 -36.79
N GLU A 179 10.37 30.76 -36.74
CA GLU A 179 10.60 29.89 -37.89
C GLU A 179 9.44 30.01 -38.87
N LEU A 180 9.69 29.56 -40.10
CA LEU A 180 8.67 29.60 -41.13
C LEU A 180 7.57 28.59 -40.79
N PRO A 181 6.31 29.00 -40.81
CA PRO A 181 5.24 28.10 -40.34
C PRO A 181 4.97 26.97 -41.32
N LYS A 182 4.45 25.87 -40.78
CA LYS A 182 4.01 24.74 -41.58
C LYS A 182 2.52 24.83 -41.94
N LEU A 183 1.85 25.90 -41.53
CA LEU A 183 0.41 26.06 -41.67
C LEU A 183 0.06 27.49 -41.32
N LEU A 184 -0.87 28.09 -42.06
CA LEU A 184 -1.30 29.45 -41.78
C LEU A 184 -2.82 29.50 -41.75
N ILE A 185 -3.36 30.14 -40.72
CA ILE A 185 -4.80 30.21 -40.49
C ILE A 185 -5.22 31.67 -40.50
N SER A 186 -6.23 31.99 -41.29
CA SER A 186 -6.82 33.33 -41.30
C SER A 186 -8.19 33.25 -40.64
N VAL A 187 -8.44 34.17 -39.69
CA VAL A 187 -9.60 34.07 -38.82
C VAL A 187 -10.55 35.24 -39.06
N HIS A 188 -10.70 35.63 -40.33
CA HIS A 188 -11.65 36.67 -40.70
C HIS A 188 -13.02 36.42 -40.09
N GLY A 189 -13.65 37.48 -39.63
CA GLY A 189 -14.93 37.35 -38.96
C GLY A 189 -15.58 38.69 -38.72
N GLY A 190 -16.55 38.69 -37.81
CA GLY A 190 -17.28 39.90 -37.51
C GLY A 190 -16.52 40.87 -36.64
N LEU A 191 -16.93 42.13 -36.69
CA LEU A 191 -16.33 43.19 -35.88
C LEU A 191 -17.16 43.57 -34.68
N GLN A 192 -18.48 43.53 -34.79
CA GLN A 192 -19.34 43.84 -33.64
C GLN A 192 -19.22 42.76 -32.58
N ASN A 193 -19.32 43.18 -31.32
CA ASN A 193 -19.08 42.29 -30.18
C ASN A 193 -20.28 41.35 -30.02
N PHE A 194 -20.30 40.31 -30.85
CA PHE A 194 -21.33 39.29 -30.74
C PHE A 194 -20.97 38.31 -29.63
N GLU A 195 -21.94 37.46 -29.29
CA GLU A 195 -21.77 36.47 -28.22
C GLU A 195 -22.21 35.11 -28.74
N LEU A 196 -21.25 34.21 -28.95
CA LEU A 196 -21.56 32.86 -29.37
C LEU A 196 -22.18 32.07 -28.22
N GLN A 197 -23.10 31.17 -28.59
CA GLN A 197 -23.76 30.35 -27.59
C GLN A 197 -22.80 29.31 -27.02
N PRO A 198 -23.04 28.87 -25.79
CA PRO A 198 -22.20 27.80 -25.21
C PRO A 198 -22.36 26.48 -25.94
N LYS A 199 -21.46 25.52 -25.63
CA LYS A 199 -21.40 24.19 -26.23
C LYS A 199 -20.97 24.26 -27.70
N LEU A 200 -20.79 25.48 -28.22
CA LEU A 200 -20.17 25.65 -29.53
C LEU A 200 -18.91 26.50 -29.42
N LYS A 201 -18.85 27.39 -28.44
CA LYS A 201 -17.66 28.20 -28.24
C LYS A 201 -16.47 27.32 -27.87
N GLN A 202 -16.69 26.33 -27.02
CA GLN A 202 -15.58 25.45 -26.62
C GLN A 202 -15.18 24.53 -27.77
N VAL A 203 -16.15 23.98 -28.51
CA VAL A 203 -15.83 23.08 -29.61
C VAL A 203 -15.16 23.80 -30.77
N PHE A 204 -15.19 25.13 -30.77
CA PHE A 204 -14.45 25.93 -31.74
C PHE A 204 -13.09 26.33 -31.19
N GLY A 205 -13.04 26.80 -29.95
CA GLY A 205 -11.78 27.24 -29.37
C GLY A 205 -10.79 26.11 -29.19
N LYS A 206 -11.24 24.99 -28.64
CA LYS A 206 -10.33 23.86 -28.43
C LYS A 206 -9.88 23.27 -29.75
N GLY A 207 -10.77 23.23 -30.75
CA GLY A 207 -10.38 22.75 -32.06
C GLY A 207 -9.32 23.63 -32.71
N LEU A 208 -9.52 24.95 -32.64
CA LEU A 208 -8.53 25.87 -33.19
C LEU A 208 -7.20 25.76 -32.45
N ILE A 209 -7.25 25.64 -31.12
CA ILE A 209 -6.02 25.52 -30.33
C ILE A 209 -5.27 24.25 -30.68
N LYS A 210 -5.99 23.13 -30.78
CA LYS A 210 -5.33 21.87 -31.13
C LYS A 210 -4.74 21.92 -32.53
N ALA A 211 -5.48 22.48 -33.49
CA ALA A 211 -4.98 22.55 -34.86
C ALA A 211 -3.78 23.48 -34.99
N ALA A 212 -3.72 24.52 -34.17
CA ALA A 212 -2.59 25.45 -34.23
C ALA A 212 -1.44 25.09 -33.30
N MET A 213 -1.63 24.12 -32.41
CA MET A 213 -0.58 23.68 -31.51
C MET A 213 0.10 22.41 -31.97
N THR A 214 -0.66 21.46 -32.52
CA THR A 214 -0.04 20.24 -33.05
C THR A 214 0.83 20.50 -34.27
N THR A 215 0.70 21.67 -34.89
CA THR A 215 1.51 22.08 -36.02
C THR A 215 1.98 23.51 -35.81
N GLY A 216 3.16 23.83 -36.31
CA GLY A 216 3.63 25.20 -36.23
C GLY A 216 2.80 26.11 -37.11
N ALA A 217 1.94 26.92 -36.50
CA ALA A 217 0.93 27.66 -37.24
C ALA A 217 0.92 29.12 -36.78
N TRP A 218 0.62 30.02 -37.72
CA TRP A 218 0.53 31.44 -37.44
C TRP A 218 -0.93 31.86 -37.54
N ILE A 219 -1.56 32.10 -36.39
CA ILE A 219 -2.97 32.48 -36.35
C ILE A 219 -3.05 33.98 -36.64
N PHE A 220 -3.24 34.32 -37.91
CA PHE A 220 -3.44 35.72 -38.26
C PHE A 220 -4.82 36.17 -37.81
N THR A 221 -4.87 37.25 -37.02
CA THR A 221 -6.13 37.71 -36.45
C THR A 221 -6.19 39.23 -36.57
N GLY A 222 -7.36 39.76 -36.21
CA GLY A 222 -7.57 41.20 -36.30
C GLY A 222 -6.72 41.99 -35.32
N GLY A 223 -6.61 41.51 -34.08
CA GLY A 223 -5.74 42.15 -33.12
C GLY A 223 -6.44 42.95 -32.04
N VAL A 224 -7.44 43.75 -32.43
CA VAL A 224 -8.17 44.58 -31.48
C VAL A 224 -9.25 43.74 -30.80
N ASN A 225 -9.45 43.96 -29.50
CA ASN A 225 -10.31 43.08 -28.70
C ASN A 225 -11.77 43.39 -28.98
N THR A 226 -12.27 42.84 -30.09
CA THR A 226 -13.68 42.96 -30.46
C THR A 226 -14.03 41.88 -31.46
N GLY A 227 -15.26 41.38 -31.36
CA GLY A 227 -15.74 40.42 -32.34
C GLY A 227 -15.12 39.05 -32.15
N VAL A 228 -14.74 38.42 -33.26
CA VAL A 228 -14.14 37.10 -33.22
C VAL A 228 -12.77 37.12 -32.57
N ILE A 229 -12.10 38.28 -32.55
CA ILE A 229 -10.80 38.38 -31.92
C ILE A 229 -10.90 38.14 -30.43
N ARG A 230 -11.99 38.59 -29.82
CA ARG A 230 -12.23 38.30 -28.40
C ARG A 230 -12.39 36.81 -28.17
N HIS A 231 -13.09 36.11 -29.08
CA HIS A 231 -13.25 34.67 -28.94
C HIS A 231 -11.93 33.95 -29.07
N VAL A 232 -11.09 34.37 -30.02
CA VAL A 232 -9.76 33.78 -30.15
C VAL A 232 -8.94 34.05 -28.89
N GLY A 233 -9.06 35.25 -28.33
CA GLY A 233 -8.34 35.59 -27.12
C GLY A 233 -8.74 34.72 -25.93
N ASP A 234 -10.05 34.53 -25.73
CA ASP A 234 -10.47 33.72 -24.60
C ASP A 234 -10.21 32.23 -24.85
N ALA A 235 -10.19 31.80 -26.11
CA ALA A 235 -9.76 30.44 -26.42
C ALA A 235 -8.30 30.25 -26.06
N LEU A 236 -7.46 31.24 -26.35
CA LEU A 236 -6.06 31.18 -25.95
C LEU A 236 -5.92 31.21 -24.44
N LYS A 237 -6.76 31.99 -23.76
CA LYS A 237 -6.70 32.07 -22.30
C LYS A 237 -7.08 30.73 -21.66
N ASP A 238 -8.10 30.06 -22.19
CA ASP A 238 -8.48 28.75 -21.66
C ASP A 238 -7.39 27.72 -21.86
N HIS A 239 -6.73 27.74 -23.02
CA HIS A 239 -5.66 26.78 -23.28
C HIS A 239 -4.42 27.05 -22.44
N ALA A 240 -4.10 28.33 -22.22
CA ALA A 240 -2.86 28.69 -21.53
C ALA A 240 -2.84 28.26 -20.08
N SER A 241 -4.02 28.06 -19.47
CA SER A 241 -4.09 27.63 -18.08
C SER A 241 -4.10 26.13 -17.91
N LYS A 242 -4.13 25.36 -19.00
CA LYS A 242 -4.21 23.91 -18.92
C LYS A 242 -3.13 23.18 -19.70
N SER A 243 -2.21 23.88 -20.36
CA SER A 243 -1.19 23.22 -21.15
C SER A 243 0.03 24.11 -21.28
N ARG A 244 1.14 23.50 -21.67
CA ARG A 244 2.40 24.22 -21.85
C ARG A 244 2.53 24.67 -23.31
N GLY A 245 3.67 25.27 -23.62
CA GLY A 245 3.92 25.75 -24.97
C GLY A 245 3.19 27.05 -25.26
N LYS A 246 3.50 27.67 -26.39
CA LYS A 246 2.89 28.92 -26.79
C LYS A 246 2.37 28.82 -28.21
N ILE A 247 1.30 29.55 -28.49
CA ILE A 247 0.68 29.59 -29.81
C ILE A 247 1.07 30.91 -30.46
N CYS A 248 1.66 30.83 -31.66
CA CYS A 248 2.18 32.02 -32.34
C CYS A 248 1.03 32.77 -32.99
N THR A 249 0.27 33.47 -32.16
CA THR A 249 -0.84 34.29 -32.64
C THR A 249 -0.31 35.65 -33.05
N ILE A 250 -0.59 36.05 -34.28
CA ILE A 250 -0.11 37.32 -34.83
C ILE A 250 -1.32 38.20 -35.13
N GLY A 251 -1.34 39.39 -34.52
CA GLY A 251 -2.45 40.30 -34.71
C GLY A 251 -2.10 41.52 -35.53
N ILE A 252 -2.66 41.61 -36.74
CA ILE A 252 -2.41 42.74 -37.63
C ILE A 252 -3.59 43.70 -37.46
N ALA A 253 -3.35 44.79 -36.72
CA ALA A 253 -4.39 45.75 -36.37
C ALA A 253 -4.01 47.14 -36.84
N PRO A 254 -4.99 47.97 -37.19
CA PRO A 254 -4.67 49.35 -37.57
C PRO A 254 -4.21 50.15 -36.36
N TRP A 255 -3.17 50.96 -36.57
CA TRP A 255 -2.61 51.75 -35.49
C TRP A 255 -3.55 52.85 -35.03
N GLY A 256 -4.39 53.36 -35.92
CA GLY A 256 -5.19 54.53 -35.61
C GLY A 256 -6.36 54.28 -34.68
N ILE A 257 -6.70 53.01 -34.41
CA ILE A 257 -7.89 52.70 -33.65
C ILE A 257 -7.61 52.32 -32.20
N VAL A 258 -6.36 52.01 -31.85
CA VAL A 258 -6.05 51.67 -30.47
C VAL A 258 -6.18 52.92 -29.61
N GLU A 259 -6.64 52.74 -28.36
CA GLU A 259 -6.97 53.90 -27.54
C GLU A 259 -5.74 54.49 -26.86
N ASN A 260 -4.91 53.66 -26.26
CA ASN A 260 -3.75 54.14 -25.50
C ASN A 260 -2.50 54.08 -26.37
N GLN A 261 -2.45 54.97 -27.36
CA GLN A 261 -1.27 55.08 -28.21
C GLN A 261 -0.14 55.81 -27.52
N GLU A 262 -0.42 56.53 -26.42
CA GLU A 262 0.60 57.37 -25.80
C GLU A 262 1.69 56.53 -25.15
N ASP A 263 1.32 55.46 -24.46
CA ASP A 263 2.29 54.61 -23.79
C ASP A 263 2.89 53.55 -24.71
N LEU A 264 2.43 53.46 -25.95
CA LEU A 264 3.01 52.51 -26.90
C LEU A 264 4.23 53.07 -27.63
N ILE A 265 4.46 54.38 -27.56
CA ILE A 265 5.58 54.97 -28.30
C ILE A 265 6.87 54.77 -27.53
N GLY A 266 7.98 54.85 -28.26
CA GLY A 266 9.29 54.63 -27.68
C GLY A 266 10.05 53.53 -28.41
N ARG A 267 11.22 53.86 -28.95
CA ARG A 267 11.95 52.95 -29.83
C ARG A 267 12.69 51.91 -28.98
N ASP A 268 12.26 50.66 -29.09
CA ASP A 268 12.89 49.50 -28.43
C ASP A 268 12.95 49.70 -26.91
N VAL A 269 11.77 49.77 -26.32
CA VAL A 269 11.65 49.92 -24.87
C VAL A 269 10.43 49.13 -24.40
N VAL A 270 10.58 48.41 -23.29
CA VAL A 270 9.47 47.70 -22.70
C VAL A 270 8.45 48.71 -22.17
N ARG A 271 7.18 48.50 -22.52
CA ARG A 271 6.14 49.43 -22.15
C ARG A 271 5.06 48.73 -21.35
N PRO A 272 4.46 49.40 -20.35
CA PRO A 272 3.29 48.83 -19.69
C PRO A 272 2.01 49.25 -20.40
N TYR A 273 1.07 48.31 -20.46
CA TYR A 273 -0.19 48.53 -21.15
C TYR A 273 -1.34 48.07 -20.27
N GLN A 274 -2.45 48.81 -20.32
CA GLN A 274 -3.60 48.58 -19.47
C GLN A 274 -4.68 47.85 -20.27
N THR A 275 -5.13 46.71 -19.76
CA THR A 275 -6.17 45.93 -20.41
C THR A 275 -7.57 46.38 -20.04
N MET A 276 -7.71 47.35 -19.15
CA MET A 276 -9.04 47.88 -18.82
C MET A 276 -9.55 48.74 -19.97
N SER A 277 -10.79 48.49 -20.38
CA SER A 277 -11.41 49.18 -21.50
C SER A 277 -12.49 50.13 -20.99
N ASN A 278 -12.37 51.40 -21.35
CA ASN A 278 -13.37 52.39 -21.01
C ASN A 278 -14.44 52.44 -22.10
N PRO A 279 -15.71 52.14 -21.79
CA PRO A 279 -16.74 52.10 -22.84
C PRO A 279 -16.93 53.41 -23.58
N MET A 280 -16.79 54.54 -22.91
CA MET A 280 -17.05 55.85 -23.50
C MET A 280 -15.82 56.49 -24.12
N SER A 281 -14.84 55.70 -24.53
CA SER A 281 -13.64 56.22 -25.17
C SER A 281 -13.75 56.30 -26.69
N LYS A 282 -14.78 55.68 -27.28
CA LYS A 282 -15.02 55.69 -28.73
C LYS A 282 -13.84 55.10 -29.50
N LEU A 283 -13.08 54.22 -28.86
CA LEU A 283 -11.96 53.52 -29.50
C LEU A 283 -11.95 52.09 -28.97
N THR A 284 -10.86 51.38 -29.21
CA THR A 284 -10.73 50.00 -28.76
C THR A 284 -9.32 49.78 -28.24
N VAL A 285 -9.12 48.63 -27.60
CA VAL A 285 -7.87 48.29 -26.95
C VAL A 285 -7.27 47.07 -27.62
N LEU A 286 -5.94 46.94 -27.51
CA LEU A 286 -5.26 45.76 -28.05
C LEU A 286 -5.61 44.54 -27.22
N ASN A 287 -5.95 43.45 -27.91
CA ASN A 287 -6.29 42.22 -27.21
C ASN A 287 -5.03 41.57 -26.66
N SER A 288 -5.10 41.15 -25.39
CA SER A 288 -3.98 40.45 -24.79
C SER A 288 -3.94 39.00 -25.29
N MET A 289 -3.01 38.22 -24.76
CA MET A 289 -2.79 36.83 -25.12
C MET A 289 -2.44 36.65 -26.59
N HIS A 290 -2.02 37.72 -27.27
CA HIS A 290 -1.40 37.62 -28.58
C HIS A 290 0.10 37.62 -28.41
N SER A 291 0.80 37.04 -29.38
CA SER A 291 2.25 36.94 -29.28
C SER A 291 2.97 38.05 -30.00
N HIS A 292 2.43 38.54 -31.12
CA HIS A 292 3.08 39.60 -31.87
C HIS A 292 2.02 40.51 -32.48
N PHE A 293 2.42 41.73 -32.79
CA PHE A 293 1.53 42.72 -33.37
C PHE A 293 2.23 43.43 -34.51
N ILE A 294 1.46 43.82 -35.52
CA ILE A 294 1.96 44.62 -36.64
C ILE A 294 0.96 45.76 -36.81
N LEU A 295 1.26 46.90 -36.22
CA LEU A 295 0.35 48.05 -36.22
C LEU A 295 0.62 48.89 -37.47
N ALA A 296 -0.36 48.97 -38.35
CA ALA A 296 -0.24 49.74 -39.58
C ALA A 296 -1.02 51.06 -39.44
N ASP A 297 -0.34 52.17 -39.71
CA ASP A 297 -0.93 53.49 -39.62
C ASP A 297 -1.08 54.09 -41.01
N ASN A 298 -2.21 54.79 -41.22
CA ASN A 298 -2.51 55.42 -42.49
C ASN A 298 -2.64 56.92 -42.38
N GLY A 299 -2.53 57.48 -41.17
CA GLY A 299 -2.76 58.88 -40.94
C GLY A 299 -4.09 59.21 -40.31
N THR A 300 -5.01 58.25 -40.28
CA THR A 300 -6.32 58.47 -39.67
C THR A 300 -6.23 58.35 -38.15
N THR A 301 -7.36 58.58 -37.48
CA THR A 301 -7.41 58.61 -36.03
C THR A 301 -8.66 57.92 -35.51
N GLY A 302 -8.84 56.64 -35.87
CA GLY A 302 -9.92 55.89 -35.28
C GLY A 302 -10.92 55.23 -36.22
N LYS A 303 -10.49 54.92 -37.44
CA LYS A 303 -11.30 54.15 -38.37
C LYS A 303 -10.45 53.06 -39.00
N TYR A 304 -11.12 52.01 -39.47
CA TYR A 304 -10.45 50.86 -40.05
C TYR A 304 -9.95 51.19 -41.46
N GLY A 305 -9.46 50.16 -42.15
CA GLY A 305 -9.07 50.29 -43.54
C GLY A 305 -7.57 50.42 -43.79
N ALA A 306 -6.75 50.37 -42.75
CA ALA A 306 -5.31 50.54 -42.89
C ALA A 306 -4.56 49.21 -42.84
N GLU A 307 -5.26 48.08 -42.79
CA GLU A 307 -4.61 46.80 -42.60
C GLU A 307 -5.09 45.70 -43.55
N VAL A 308 -6.20 45.89 -44.26
CA VAL A 308 -6.73 44.83 -45.12
C VAL A 308 -5.75 44.53 -46.26
N LYS A 309 -5.26 45.59 -46.93
CA LYS A 309 -4.31 45.39 -48.02
C LYS A 309 -3.01 44.79 -47.53
N LEU A 310 -2.51 45.27 -46.39
CA LEU A 310 -1.26 44.75 -45.83
C LEU A 310 -1.41 43.28 -45.46
N ARG A 311 -2.51 42.92 -44.81
CA ARG A 311 -2.72 41.53 -44.40
C ARG A 311 -2.86 40.62 -45.62
N ARG A 312 -3.62 41.04 -46.62
CA ARG A 312 -3.79 40.23 -47.82
C ARG A 312 -2.47 40.05 -48.56
N GLN A 313 -1.69 41.12 -48.70
CA GLN A 313 -0.43 41.02 -49.42
C GLN A 313 0.58 40.18 -48.63
N LEU A 314 0.56 40.28 -47.30
CA LEU A 314 1.45 39.43 -46.50
C LEU A 314 1.09 37.96 -46.64
N GLU A 315 -0.21 37.65 -46.62
CA GLU A 315 -0.63 36.26 -46.83
C GLU A 315 -0.23 35.76 -48.22
N LYS A 316 -0.40 36.60 -49.24
CA LYS A 316 -0.03 36.21 -50.60
C LYS A 316 1.48 35.98 -50.70
N HIS A 317 2.28 36.85 -50.09
CA HIS A 317 3.73 36.71 -50.19
C HIS A 317 4.25 35.55 -49.36
N ILE A 318 3.56 35.20 -48.27
CA ILE A 318 4.00 34.09 -47.44
C ILE A 318 3.49 32.75 -47.96
N SER A 319 2.42 32.74 -48.76
CA SER A 319 1.92 31.49 -49.31
C SER A 319 2.86 30.91 -50.35
N LEU A 320 3.72 31.73 -50.94
CA LEU A 320 4.69 31.26 -51.94
C LEU A 320 6.02 30.83 -51.33
N GLN A 321 6.22 31.05 -50.03
CA GLN A 321 7.48 30.69 -49.41
C GLN A 321 7.62 29.18 -49.31
N LYS A 322 8.79 28.67 -49.67
CA LYS A 322 8.99 27.24 -49.75
C LYS A 322 9.10 26.63 -48.35
N ILE A 323 8.35 25.57 -48.12
CA ILE A 323 8.41 24.82 -46.86
C ILE A 323 9.67 23.97 -46.89
N ASN A 324 10.04 23.39 -45.75
CA ASN A 324 11.28 22.64 -45.64
C ASN A 324 11.33 21.44 -46.58
N THR A 325 10.18 20.89 -46.96
CA THR A 325 10.17 19.81 -47.94
C THR A 325 10.56 20.36 -49.31
N ARG A 326 11.28 19.54 -50.08
CA ARG A 326 11.87 19.97 -51.34
C ARG A 326 11.00 19.62 -52.55
N ILE A 327 9.73 19.29 -52.33
CA ILE A 327 8.84 19.00 -53.45
C ILE A 327 8.62 20.24 -54.30
N GLY A 328 8.40 21.39 -53.67
CA GLY A 328 8.21 22.62 -54.41
C GLY A 328 6.94 23.35 -54.06
N GLN A 329 6.31 22.96 -52.95
CA GLN A 329 5.05 23.56 -52.53
C GLN A 329 5.29 24.65 -51.50
N GLY A 330 4.48 25.71 -51.57
CA GLY A 330 4.50 26.72 -50.54
C GLY A 330 3.71 26.28 -49.33
N VAL A 331 3.77 27.09 -48.28
CA VAL A 331 3.03 26.76 -47.07
C VAL A 331 1.53 26.85 -47.36
N PRO A 332 0.71 26.00 -46.77
CA PRO A 332 -0.72 26.05 -47.06
C PRO A 332 -1.47 27.00 -46.15
N VAL A 333 -2.32 27.86 -46.73
CA VAL A 333 -3.15 28.77 -45.97
C VAL A 333 -4.59 28.28 -46.01
N VAL A 334 -5.34 28.57 -44.96
CA VAL A 334 -6.73 28.18 -44.89
C VAL A 334 -7.52 29.21 -44.07
N ALA A 335 -8.48 29.87 -44.71
CA ALA A 335 -9.28 30.87 -44.02
C ALA A 335 -10.25 30.19 -43.06
N LEU A 336 -10.73 30.98 -42.09
CA LEU A 336 -11.73 30.53 -41.14
C LEU A 336 -12.70 31.67 -40.91
N ILE A 337 -14.00 31.38 -40.96
CA ILE A 337 -15.04 32.42 -40.93
C ILE A 337 -15.97 32.14 -39.76
N VAL A 338 -16.12 33.12 -38.88
CA VAL A 338 -17.08 33.07 -37.79
C VAL A 338 -17.86 34.38 -37.79
N GLU A 339 -19.19 34.27 -37.76
CA GLU A 339 -20.11 35.43 -37.82
C GLU A 339 -19.83 36.15 -39.14
N GLY A 340 -19.73 37.47 -39.17
CA GLY A 340 -19.33 38.18 -40.35
C GLY A 340 -20.27 39.33 -40.67
N GLY A 341 -20.22 39.78 -41.91
CA GLY A 341 -21.06 40.86 -42.38
C GLY A 341 -21.10 40.90 -43.90
N PRO A 342 -21.48 42.04 -44.46
CA PRO A 342 -21.47 42.18 -45.93
C PRO A 342 -20.09 42.12 -46.54
N ASN A 343 -19.03 42.36 -45.76
CA ASN A 343 -17.68 42.37 -46.31
C ASN A 343 -17.05 40.98 -46.28
N VAL A 344 -17.47 40.12 -45.35
CA VAL A 344 -16.85 38.80 -45.25
C VAL A 344 -17.19 37.96 -46.47
N ILE A 345 -18.37 38.16 -47.07
CA ILE A 345 -18.71 37.45 -48.30
C ILE A 345 -17.78 37.89 -49.42
N SER A 346 -17.48 39.19 -49.51
CA SER A 346 -16.57 39.69 -50.53
C SER A 346 -15.16 39.13 -50.34
N ILE A 347 -14.67 39.11 -49.11
CA ILE A 347 -13.31 38.59 -48.91
C ILE A 347 -13.25 37.08 -49.10
N VAL A 348 -14.35 36.36 -48.80
CA VAL A 348 -14.40 34.93 -49.09
C VAL A 348 -14.35 34.70 -50.60
N LEU A 349 -15.12 35.49 -51.36
CA LEU A 349 -15.08 35.37 -52.81
C LEU A 349 -13.70 35.70 -53.35
N GLU A 350 -13.03 36.68 -52.75
CA GLU A 350 -11.66 36.99 -53.15
C GLU A 350 -10.72 35.83 -52.84
N TYR A 351 -10.92 35.16 -51.71
CA TYR A 351 -10.10 34.01 -51.36
C TYR A 351 -10.29 32.86 -52.35
N LEU A 352 -11.54 32.58 -52.72
CA LEU A 352 -11.80 31.50 -53.67
C LEU A 352 -11.30 31.82 -55.08
N ARG A 353 -11.18 33.10 -55.42
CA ARG A 353 -10.82 33.51 -56.77
C ARG A 353 -9.32 33.72 -56.95
N ASP A 354 -8.53 33.52 -55.90
CA ASP A 354 -7.09 33.71 -56.02
C ASP A 354 -6.48 32.66 -56.95
N THR A 355 -5.33 33.01 -57.54
CA THR A 355 -4.70 32.09 -58.48
C THR A 355 -4.35 30.74 -57.86
N PRO A 356 -3.83 30.66 -56.64
CA PRO A 356 -4.02 29.43 -55.87
C PRO A 356 -5.28 29.52 -55.02
N PRO A 357 -6.22 28.60 -55.19
CA PRO A 357 -7.44 28.64 -54.38
C PRO A 357 -7.13 28.41 -52.91
N VAL A 358 -7.88 29.10 -52.05
CA VAL A 358 -7.68 29.00 -50.61
C VAL A 358 -8.94 28.43 -49.97
N PRO A 359 -8.92 27.19 -49.49
CA PRO A 359 -10.14 26.58 -48.94
C PRO A 359 -10.54 27.25 -47.63
N VAL A 360 -11.78 27.72 -47.56
CA VAL A 360 -12.27 28.40 -46.39
C VAL A 360 -13.11 27.44 -45.55
N VAL A 361 -13.23 27.75 -44.27
CA VAL A 361 -14.03 26.97 -43.34
C VAL A 361 -15.00 27.91 -42.64
N VAL A 362 -16.28 27.55 -42.65
CA VAL A 362 -17.31 28.37 -42.03
C VAL A 362 -17.95 27.58 -40.89
N CYS A 363 -18.69 28.30 -40.06
CA CYS A 363 -19.39 27.72 -38.92
C CYS A 363 -20.89 27.99 -39.05
N ASP A 364 -21.70 27.07 -38.55
CA ASP A 364 -23.14 27.15 -38.71
C ASP A 364 -23.82 27.90 -37.57
N GLY A 365 -23.37 27.70 -36.33
CA GLY A 365 -24.05 28.28 -35.19
C GLY A 365 -23.67 29.72 -34.91
N SER A 366 -23.80 30.58 -35.91
CA SER A 366 -23.47 31.99 -35.78
C SER A 366 -24.61 32.93 -36.11
N GLY A 367 -25.52 32.55 -37.01
CA GLY A 367 -26.64 33.39 -37.37
C GLY A 367 -26.23 34.69 -38.04
N ARG A 368 -25.33 34.59 -39.02
CA ARG A 368 -24.80 35.77 -39.69
C ARG A 368 -24.45 35.37 -41.12
N ALA A 369 -23.59 36.17 -41.76
CA ALA A 369 -23.18 35.88 -43.13
C ALA A 369 -22.51 34.51 -43.26
N SER A 370 -21.86 34.03 -42.20
CA SER A 370 -21.39 32.65 -42.19
C SER A 370 -22.56 31.68 -42.23
N ASP A 371 -23.62 31.96 -41.45
CA ASP A 371 -24.82 31.14 -41.52
C ASP A 371 -25.52 31.31 -42.86
N ILE A 372 -25.39 32.49 -43.49
CA ILE A 372 -25.90 32.67 -44.85
C ILE A 372 -25.16 31.76 -45.82
N LEU A 373 -23.84 31.66 -45.68
CA LEU A 373 -23.07 30.76 -46.52
C LEU A 373 -23.42 29.30 -46.25
N ALA A 374 -23.71 28.96 -44.99
CA ALA A 374 -24.16 27.61 -44.68
C ALA A 374 -25.51 27.32 -45.32
N PHE A 375 -26.43 28.29 -45.28
CA PHE A 375 -27.73 28.12 -45.91
C PHE A 375 -27.60 27.96 -47.42
N GLY A 376 -26.72 28.75 -48.05
CA GLY A 376 -26.52 28.65 -49.48
C GLY A 376 -25.68 27.47 -49.93
N HIS A 377 -24.94 26.86 -49.01
CA HIS A 377 -24.12 25.71 -49.37
C HIS A 377 -24.98 24.47 -49.62
N LYS A 378 -25.95 24.22 -48.75
CA LYS A 378 -26.87 23.11 -48.95
C LYS A 378 -27.83 23.40 -50.08
N TYR A 379 -28.24 22.32 -50.77
CA TYR A 379 -29.16 22.35 -51.91
C TYR A 379 -28.88 23.50 -52.87
N SER A 380 -27.68 23.49 -53.44
CA SER A 380 -27.26 24.48 -54.42
C SER A 380 -26.82 23.78 -55.70
N GLU A 381 -26.24 24.57 -56.61
CA GLU A 381 -25.77 24.04 -57.89
C GLU A 381 -24.48 23.26 -57.72
N VAL A 396 -35.71 29.92 -54.82
CA VAL A 396 -35.56 30.26 -53.41
C VAL A 396 -34.80 31.57 -53.28
N THR A 397 -35.03 32.47 -54.23
CA THR A 397 -34.37 33.78 -54.23
C THR A 397 -35.19 34.85 -53.53
N ILE A 398 -36.35 34.50 -52.97
CA ILE A 398 -37.21 35.48 -52.31
C ILE A 398 -36.91 35.49 -50.82
N GLN A 399 -35.88 34.77 -50.40
CA GLN A 399 -35.48 34.70 -49.01
C GLN A 399 -34.44 35.76 -48.65
N LYS A 400 -34.13 36.68 -49.57
CA LYS A 400 -33.11 37.68 -49.34
C LYS A 400 -33.53 38.74 -48.34
N THR A 401 -34.79 38.78 -47.93
CA THR A 401 -35.25 39.74 -46.94
C THR A 401 -34.99 39.21 -45.52
N PHE A 402 -33.71 39.13 -45.18
CA PHE A 402 -33.27 38.68 -43.88
C PHE A 402 -33.04 39.82 -42.89
N THR A 403 -33.21 41.07 -43.33
CA THR A 403 -33.17 42.30 -42.54
C THR A 403 -31.80 42.63 -41.96
N TYR A 404 -30.78 41.79 -42.16
CA TYR A 404 -29.45 42.12 -41.68
C TYR A 404 -28.82 43.19 -42.55
N THR A 405 -29.29 43.33 -43.79
CA THR A 405 -28.76 44.28 -44.76
C THR A 405 -29.88 45.15 -45.28
N ARG A 406 -29.64 45.84 -46.41
CA ARG A 406 -30.61 46.73 -47.04
C ARG A 406 -31.85 46.01 -47.55
N THR A 407 -31.99 44.70 -47.29
CA THR A 407 -33.16 43.88 -47.67
C THR A 407 -33.28 43.92 -49.20
N GLN A 408 -34.46 44.18 -49.75
CA GLN A 408 -34.64 44.11 -51.20
C GLN A 408 -33.92 45.23 -51.95
N ALA A 409 -33.44 46.25 -51.23
CA ALA A 409 -32.75 47.35 -51.89
C ALA A 409 -31.44 46.88 -52.53
N GLN A 410 -30.65 46.10 -51.81
CA GLN A 410 -29.36 45.60 -52.29
C GLN A 410 -29.30 44.09 -52.16
N HIS A 411 -28.78 43.44 -53.19
CA HIS A 411 -28.67 41.99 -53.22
C HIS A 411 -27.20 41.59 -53.35
N LEU A 412 -26.72 40.81 -52.38
CA LEU A 412 -25.47 40.08 -52.52
C LEU A 412 -25.67 38.69 -53.09
N PHE A 413 -26.84 38.46 -53.70
CA PHE A 413 -27.12 37.15 -54.27
C PHE A 413 -26.19 36.84 -55.43
N ILE A 414 -25.70 37.87 -56.12
CA ILE A 414 -24.71 37.65 -57.18
C ILE A 414 -23.42 37.08 -56.59
N ILE A 415 -22.96 37.65 -55.46
CA ILE A 415 -21.75 37.16 -54.83
C ILE A 415 -21.97 35.76 -54.27
N LEU A 416 -23.14 35.50 -53.70
CA LEU A 416 -23.45 34.16 -53.23
C LEU A 416 -23.50 33.16 -54.37
N MET A 417 -24.03 33.56 -55.52
CA MET A 417 -24.04 32.71 -56.70
C MET A 417 -22.64 32.39 -57.18
N GLU A 418 -21.76 33.40 -57.19
CA GLU A 418 -20.37 33.15 -57.57
C GLU A 418 -19.68 32.20 -56.60
N CYS A 419 -19.90 32.40 -55.29
CA CYS A 419 -19.29 31.54 -54.30
C CYS A 419 -19.77 30.10 -54.42
N MET A 420 -21.07 29.91 -54.63
CA MET A 420 -21.58 28.56 -54.86
C MET A 420 -21.22 28.02 -56.24
N LYS A 421 -20.82 28.88 -57.17
CA LYS A 421 -20.27 28.41 -58.44
C LYS A 421 -18.87 27.87 -58.26
N LYS A 422 -18.09 28.44 -57.34
CA LYS A 422 -16.80 27.87 -56.95
C LYS A 422 -16.92 27.05 -55.67
N LYS A 423 -18.04 26.36 -55.49
CA LYS A 423 -18.30 25.59 -54.28
C LYS A 423 -17.60 24.22 -54.33
N GLU A 424 -16.27 24.28 -54.44
CA GLU A 424 -15.45 23.09 -54.35
C GLU A 424 -14.41 23.18 -53.24
N LEU A 425 -14.28 24.34 -52.60
CA LEU A 425 -13.33 24.55 -51.52
C LEU A 425 -13.98 24.85 -50.19
N ILE A 426 -15.20 25.39 -50.19
CA ILE A 426 -15.85 25.80 -48.96
C ILE A 426 -16.22 24.56 -48.15
N THR A 427 -15.83 24.56 -46.88
CA THR A 427 -16.16 23.49 -45.95
C THR A 427 -17.00 24.05 -44.83
N VAL A 428 -18.12 23.40 -44.53
CA VAL A 428 -19.06 23.87 -43.52
C VAL A 428 -18.98 22.93 -42.33
N PHE A 429 -18.81 23.49 -41.14
CA PHE A 429 -18.77 22.73 -39.90
C PHE A 429 -20.09 22.88 -39.17
N ARG A 430 -20.72 21.76 -38.84
CA ARG A 430 -21.96 21.74 -38.09
C ARG A 430 -21.82 20.83 -36.88
N MET A 431 -22.17 21.35 -35.71
CA MET A 431 -22.06 20.58 -34.48
C MET A 431 -23.11 19.48 -34.45
N GLY A 432 -22.69 18.29 -34.01
CA GLY A 432 -23.60 17.16 -33.93
C GLY A 432 -24.10 16.69 -35.28
N SER A 433 -23.22 16.57 -36.26
CA SER A 433 -23.59 16.19 -37.62
C SER A 433 -22.97 14.83 -37.96
N GLU A 434 -23.09 14.45 -39.23
CA GLU A 434 -22.65 13.13 -39.67
C GLU A 434 -21.13 13.01 -39.59
N GLY A 435 -20.40 14.03 -40.05
CA GLY A 435 -18.96 13.97 -40.08
C GLY A 435 -18.34 15.30 -39.67
N HIS A 436 -17.05 15.23 -39.34
CA HIS A 436 -16.26 16.40 -38.95
C HIS A 436 -16.88 17.13 -37.76
N GLN A 437 -16.94 16.41 -36.64
CA GLN A 437 -17.47 16.99 -35.40
C GLN A 437 -16.46 17.86 -34.67
N ASP A 438 -15.20 17.89 -35.13
CA ASP A 438 -14.14 18.64 -34.47
C ASP A 438 -13.54 19.66 -35.44
N ILE A 439 -13.27 20.86 -34.92
CA ILE A 439 -12.72 21.93 -35.76
C ILE A 439 -11.34 21.56 -36.28
N ASP A 440 -10.48 21.02 -35.41
CA ASP A 440 -9.12 20.68 -35.83
C ASP A 440 -9.13 19.63 -36.92
N LEU A 441 -10.02 18.65 -36.82
CA LEU A 441 -10.18 17.68 -37.90
C LEU A 441 -10.75 18.33 -39.15
N ALA A 442 -11.65 19.29 -38.99
CA ALA A 442 -12.28 19.94 -40.14
C ALA A 442 -11.30 20.83 -40.90
N ILE A 443 -10.45 21.56 -40.17
CA ILE A 443 -9.53 22.48 -40.82
C ILE A 443 -8.48 21.71 -41.62
N LEU A 444 -7.88 20.69 -41.01
CA LEU A 444 -6.82 19.94 -41.68
C LEU A 444 -7.35 19.16 -42.88
N THR A 445 -8.53 18.55 -42.75
CA THR A 445 -9.11 17.82 -43.87
C THR A 445 -9.45 18.76 -45.02
N ALA A 446 -9.97 19.95 -44.72
CA ALA A 446 -10.31 20.91 -45.75
C ALA A 446 -9.08 21.48 -46.45
N LEU A 447 -7.89 21.27 -45.89
CA LEU A 447 -6.67 21.80 -46.49
C LEU A 447 -6.05 20.82 -47.47
N LEU A 448 -6.11 19.52 -47.18
CA LEU A 448 -5.60 18.52 -48.12
C LEU A 448 -6.47 18.44 -49.36
N LYS A 449 -7.79 18.49 -49.19
CA LYS A 449 -8.71 18.41 -50.32
C LYS A 449 -8.57 19.62 -51.24
N GLY A 450 -8.47 20.81 -50.66
CA GLY A 450 -8.40 22.04 -51.44
C GLY A 450 -7.04 22.42 -51.97
N ALA A 451 -5.99 21.64 -51.64
CA ALA A 451 -4.66 21.95 -52.13
C ALA A 451 -4.43 21.51 -53.56
N ASN A 452 -5.35 20.72 -54.14
CA ASN A 452 -5.20 20.14 -55.47
C ASN A 452 -3.87 19.40 -55.59
N ALA A 453 -3.61 18.54 -54.61
CA ALA A 453 -2.34 17.86 -54.48
C ALA A 453 -2.53 16.35 -54.64
N SER A 454 -1.48 15.69 -55.14
CA SER A 454 -1.50 14.24 -55.30
C SER A 454 -1.20 13.56 -53.97
N ALA A 455 -1.25 12.23 -53.96
CA ALA A 455 -1.00 11.47 -52.74
C ALA A 455 0.38 11.70 -52.15
N PRO A 456 1.49 11.70 -52.91
CA PRO A 456 2.78 12.03 -52.28
C PRO A 456 2.82 13.40 -51.62
N ASP A 457 2.17 14.41 -52.21
CA ASP A 457 2.17 15.74 -51.61
C ASP A 457 1.32 15.78 -50.35
N GLN A 458 0.19 15.08 -50.33
CA GLN A 458 -0.61 14.99 -49.11
C GLN A 458 0.18 14.29 -48.01
N LEU A 459 0.90 13.23 -48.36
CA LEU A 459 1.72 12.52 -47.37
C LEU A 459 2.84 13.41 -46.85
N SER A 460 3.45 14.20 -47.74
CA SER A 460 4.50 15.13 -47.30
C SER A 460 3.95 16.19 -46.36
N LEU A 461 2.76 16.72 -46.66
CA LEU A 461 2.14 17.69 -45.75
C LEU A 461 1.84 17.07 -44.40
N ALA A 462 1.31 15.83 -44.39
CA ALA A 462 1.03 15.17 -43.13
C ALA A 462 2.31 14.89 -42.35
N LEU A 463 3.40 14.56 -43.04
CA LEU A 463 4.69 14.39 -42.38
C LEU A 463 5.18 15.70 -41.76
N ALA A 464 5.05 16.80 -42.50
CA ALA A 464 5.50 18.09 -41.99
C ALA A 464 4.67 18.52 -40.78
N TRP A 465 3.37 18.22 -40.79
CA TRP A 465 2.52 18.58 -39.67
C TRP A 465 2.65 17.63 -38.49
N ASN A 466 3.34 16.51 -38.65
CA ASN A 466 3.51 15.49 -37.61
C ASN A 466 2.15 14.97 -37.11
N ARG A 467 1.16 14.94 -37.99
CA ARG A 467 -0.15 14.38 -37.68
C ARG A 467 -0.25 13.05 -38.43
N VAL A 468 -0.22 11.95 -37.68
CA VAL A 468 -0.27 10.64 -38.30
C VAL A 468 -1.70 10.15 -38.49
N ASP A 469 -2.63 10.59 -37.65
CA ASP A 469 -4.01 10.13 -37.76
C ASP A 469 -4.68 10.66 -39.01
N ILE A 470 -4.30 11.85 -39.47
CA ILE A 470 -4.85 12.39 -40.71
C ILE A 470 -4.44 11.53 -41.89
N ALA A 471 -3.17 11.13 -41.95
CA ALA A 471 -2.73 10.21 -42.99
C ALA A 471 -3.36 8.84 -42.84
N ARG A 472 -3.61 8.42 -41.60
CA ARG A 472 -4.23 7.12 -41.35
C ARG A 472 -5.65 7.09 -41.89
N SER A 473 -6.42 8.16 -41.67
CA SER A 473 -7.84 8.15 -41.99
C SER A 473 -8.14 8.66 -43.39
N GLN A 474 -7.43 9.67 -43.87
CA GLN A 474 -7.71 10.29 -45.15
C GLN A 474 -6.76 9.86 -46.26
N ILE A 475 -5.45 9.87 -46.01
CA ILE A 475 -4.49 9.64 -47.08
C ILE A 475 -4.42 8.17 -47.45
N PHE A 476 -4.02 7.32 -46.50
CA PHE A 476 -3.88 5.89 -46.76
C PHE A 476 -5.26 5.27 -46.85
N ILE A 477 -5.82 5.31 -48.06
CA ILE A 477 -7.16 4.79 -48.33
C ILE A 477 -7.09 3.97 -49.62
N TYR A 478 -8.15 3.20 -49.87
CA TYR A 478 -8.19 2.29 -51.00
C TYR A 478 -8.04 3.04 -52.32
N GLY A 479 -7.22 2.49 -53.21
CA GLY A 479 -7.06 3.03 -54.55
C GLY A 479 -6.45 4.41 -54.62
N GLN A 480 -5.37 4.64 -53.87
CA GLN A 480 -4.69 5.92 -53.91
C GLN A 480 -3.65 6.03 -55.01
N GLN A 481 -3.14 4.89 -55.50
CA GLN A 481 -2.26 4.83 -56.66
C GLN A 481 -1.00 5.67 -56.47
N TRP A 482 -0.18 5.25 -55.50
CA TRP A 482 1.11 5.87 -55.32
C TRP A 482 2.00 5.57 -56.53
N PRO A 483 2.73 6.56 -57.04
CA PRO A 483 3.67 6.29 -58.14
C PRO A 483 4.86 5.49 -57.67
N VAL A 484 5.66 5.04 -58.64
CA VAL A 484 6.82 4.22 -58.32
C VAL A 484 7.88 5.08 -57.65
N GLY A 485 8.43 4.58 -56.54
CA GLY A 485 9.44 5.30 -55.81
C GLY A 485 8.92 6.43 -54.95
N SER A 486 7.64 6.42 -54.60
CA SER A 486 7.06 7.45 -53.74
C SER A 486 7.03 7.05 -52.28
N LEU A 487 6.55 5.83 -51.98
CA LEU A 487 6.56 5.36 -50.60
C LEU A 487 7.98 5.21 -50.07
N GLU A 488 8.92 4.85 -50.94
CA GLU A 488 10.32 4.78 -50.52
C GLU A 488 10.84 6.17 -50.11
N GLN A 489 10.52 7.20 -50.90
CA GLN A 489 10.93 8.55 -50.55
C GLN A 489 10.25 9.01 -49.27
N ALA A 490 8.98 8.64 -49.07
CA ALA A 490 8.30 8.96 -47.83
C ALA A 490 8.97 8.29 -46.64
N MET A 491 9.40 7.02 -46.81
CA MET A 491 10.11 6.33 -45.75
C MET A 491 11.44 7.01 -45.44
N LEU A 492 12.18 7.43 -46.46
CA LEU A 492 13.43 8.12 -46.23
C LEU A 492 13.22 9.44 -45.49
N ASP A 493 12.20 10.21 -45.90
CA ASP A 493 11.93 11.49 -45.26
C ASP A 493 11.47 11.31 -43.82
N ALA A 494 10.63 10.30 -43.56
CA ALA A 494 10.20 10.05 -42.18
C ALA A 494 11.32 9.50 -41.33
N LEU A 495 12.28 8.81 -41.95
CA LEU A 495 13.44 8.31 -41.21
C LEU A 495 14.37 9.44 -40.82
N VAL A 496 14.58 10.39 -41.73
CA VAL A 496 15.46 11.52 -41.42
C VAL A 496 14.86 12.38 -40.32
N LEU A 497 13.58 12.69 -40.41
CA LEU A 497 12.93 13.64 -39.50
C LEU A 497 12.61 13.05 -38.13
N ASP A 498 12.88 11.76 -37.90
CA ASP A 498 12.54 11.07 -36.66
C ASP A 498 11.03 11.11 -36.42
N ARG A 499 10.29 10.49 -37.32
CA ARG A 499 8.85 10.32 -37.20
C ARG A 499 8.58 8.82 -37.10
N VAL A 500 8.63 8.29 -35.89
CA VAL A 500 8.55 6.85 -35.68
C VAL A 500 7.16 6.34 -36.06
N ASP A 501 6.11 7.12 -35.76
CA ASP A 501 4.76 6.69 -36.10
C ASP A 501 4.57 6.58 -37.61
N PHE A 502 5.16 7.50 -38.36
CA PHE A 502 5.05 7.43 -39.82
C PHE A 502 5.86 6.27 -40.38
N VAL A 503 7.01 5.95 -39.78
CA VAL A 503 7.76 4.78 -40.21
C VAL A 503 6.96 3.51 -39.97
N LYS A 504 6.31 3.41 -38.82
CA LYS A 504 5.46 2.25 -38.54
C LYS A 504 4.29 2.19 -39.50
N LEU A 505 3.68 3.34 -39.80
CA LEU A 505 2.55 3.36 -40.73
C LEU A 505 2.96 2.93 -42.13
N LEU A 506 4.12 3.40 -42.59
CA LEU A 506 4.60 2.99 -43.91
C LEU A 506 4.95 1.51 -43.92
N ILE A 507 5.53 1.00 -42.83
CA ILE A 507 5.81 -0.43 -42.74
C ILE A 507 4.53 -1.24 -42.84
N GLU A 508 3.48 -0.81 -42.14
CA GLU A 508 2.20 -1.51 -42.22
C GLU A 508 1.52 -1.34 -43.58
N ASN A 509 1.97 -0.39 -44.39
CA ASN A 509 1.31 -0.08 -45.67
C ASN A 509 2.16 -0.44 -46.87
N GLY A 510 3.05 -1.42 -46.73
CA GLY A 510 3.65 -2.03 -47.92
C GLY A 510 5.16 -2.03 -48.03
N VAL A 511 5.84 -0.95 -47.65
CA VAL A 511 7.27 -0.86 -47.91
C VAL A 511 8.02 -1.80 -47.00
N SER A 512 8.95 -2.56 -47.56
CA SER A 512 9.79 -3.49 -46.82
C SER A 512 11.17 -2.88 -46.64
N MET A 513 11.70 -2.97 -45.41
CA MET A 513 12.98 -2.35 -45.11
C MET A 513 14.15 -3.06 -45.78
N HIS A 514 13.96 -4.32 -46.21
CA HIS A 514 15.04 -5.04 -46.88
C HIS A 514 15.34 -4.45 -48.24
N ARG A 515 14.31 -3.98 -48.94
CA ARG A 515 14.49 -3.44 -50.29
C ARG A 515 14.78 -1.94 -50.28
N PHE A 516 14.34 -1.23 -49.23
CA PHE A 516 14.61 0.20 -49.15
C PHE A 516 16.07 0.47 -48.81
N LEU A 517 16.55 -0.06 -47.69
CA LEU A 517 17.85 0.32 -47.15
C LEU A 517 18.96 -0.21 -48.05
N THR A 518 19.73 0.70 -48.63
CA THR A 518 20.93 0.38 -49.40
C THR A 518 22.12 1.07 -48.75
N ILE A 519 23.28 0.99 -49.42
CA ILE A 519 24.47 1.66 -48.93
C ILE A 519 24.32 3.18 -49.06
N SER A 520 23.84 3.64 -50.21
CA SER A 520 23.71 5.07 -50.46
C SER A 520 22.71 5.71 -49.51
N ARG A 521 21.56 5.06 -49.29
CA ARG A 521 20.55 5.63 -48.43
C ARG A 521 21.00 5.65 -46.97
N LEU A 522 21.70 4.60 -46.53
CA LEU A 522 22.23 4.61 -45.17
C LEU A 522 23.28 5.70 -45.00
N GLU A 523 24.16 5.86 -46.00
CA GLU A 523 25.16 6.91 -45.93
C GLU A 523 24.51 8.29 -45.91
N GLU A 524 23.39 8.46 -46.62
CA GLU A 524 22.63 9.69 -46.52
C GLU A 524 22.05 9.88 -45.13
N LEU A 525 21.51 8.80 -44.54
CA LEU A 525 20.92 8.89 -43.22
C LEU A 525 21.94 9.25 -42.15
N TYR A 526 23.20 8.88 -42.36
CA TYR A 526 24.24 9.27 -41.40
C TYR A 526 24.62 10.74 -41.50
N ASN A 527 24.24 11.44 -42.57
CA ASN A 527 24.70 12.81 -42.79
C ASN A 527 23.53 13.78 -42.88
N THR A 528 22.59 13.72 -41.94
CA THR A 528 21.44 14.60 -41.94
C THR A 528 21.50 15.58 -40.77
N ARG A 529 20.98 16.78 -41.00
CA ARG A 529 20.90 17.80 -39.98
C ARG A 529 19.49 17.98 -39.43
N HIS A 530 18.54 17.19 -39.90
CA HIS A 530 17.16 17.27 -39.42
C HIS A 530 16.98 16.32 -38.25
N GLY A 531 16.47 16.83 -37.14
CA GLY A 531 16.24 16.02 -35.97
C GLY A 531 17.01 16.53 -34.77
N PRO A 532 16.96 15.78 -33.67
CA PRO A 532 17.66 16.21 -32.46
C PRO A 532 19.18 16.21 -32.66
N SER A 533 19.84 17.10 -31.93
CA SER A 533 21.28 17.19 -32.00
C SER A 533 21.94 15.93 -31.45
N ASN A 534 23.03 15.52 -32.09
CA ASN A 534 23.73 14.31 -31.69
C ASN A 534 25.20 14.62 -31.40
N THR A 535 26.01 13.58 -31.20
CA THR A 535 27.42 13.73 -30.91
C THR A 535 28.28 12.91 -31.86
N LEU A 536 27.76 12.61 -33.06
CA LEU A 536 28.51 11.80 -34.00
C LEU A 536 29.72 12.54 -34.54
N TYR A 537 29.58 13.85 -34.77
CA TYR A 537 30.66 14.61 -35.39
C TYR A 537 31.89 14.67 -34.50
N HIS A 538 31.69 14.88 -33.20
CA HIS A 538 32.82 14.89 -32.27
C HIS A 538 33.49 13.53 -32.20
N LEU A 539 32.69 12.46 -32.27
CA LEU A 539 33.27 11.11 -32.26
C LEU A 539 34.11 10.86 -33.51
N VAL A 540 33.63 11.32 -34.67
CA VAL A 540 34.41 11.16 -35.90
C VAL A 540 35.68 12.01 -35.82
N ARG A 541 35.59 13.19 -35.22
CA ARG A 541 36.78 14.01 -35.03
C ARG A 541 37.81 13.32 -34.15
N ASP A 542 37.35 12.69 -33.06
CA ASP A 542 38.26 12.00 -32.15
C ASP A 542 38.88 10.78 -32.82
N VAL A 543 38.09 10.01 -33.58
CA VAL A 543 38.62 8.83 -34.25
C VAL A 543 39.61 9.22 -35.33
N LYS A 544 39.32 10.28 -36.07
CA LYS A 544 40.17 10.75 -37.16
C LYS A 544 41.33 11.61 -36.68
N LYS A 545 41.69 11.51 -35.39
CA LYS A 545 42.79 12.25 -34.76
C LYS A 545 42.80 13.74 -35.13
N GLY A 546 41.61 14.32 -35.29
CA GLY A 546 41.50 15.73 -35.61
C GLY A 546 41.62 16.02 -37.10
N ASN A 547 42.18 17.18 -37.43
CA ASN A 547 42.38 17.69 -38.79
C ASN A 547 41.18 17.43 -39.71
N LEU A 548 39.97 17.62 -39.18
CA LEU A 548 38.76 17.31 -39.93
C LEU A 548 38.32 18.54 -40.71
N PRO A 549 38.30 18.50 -42.04
CA PRO A 549 37.85 19.67 -42.80
C PRO A 549 36.36 19.88 -42.61
N PRO A 550 35.90 21.13 -42.65
CA PRO A 550 34.45 21.38 -42.54
C PRO A 550 33.71 20.89 -43.78
N ASP A 551 32.44 20.54 -43.57
CA ASP A 551 31.55 20.02 -44.60
C ASP A 551 32.13 18.78 -45.25
N TYR A 552 32.30 17.74 -44.43
CA TYR A 552 32.88 16.48 -44.83
C TYR A 552 31.82 15.38 -44.73
N ARG A 553 31.60 14.68 -45.84
CA ARG A 553 30.65 13.57 -45.84
C ARG A 553 31.20 12.41 -45.01
N ILE A 554 30.38 11.90 -44.10
CA ILE A 554 30.78 10.79 -43.24
C ILE A 554 30.53 9.49 -43.99
N SER A 555 31.61 8.78 -44.31
CA SER A 555 31.49 7.50 -45.00
C SER A 555 31.20 6.38 -44.00
N LEU A 556 30.77 5.23 -44.53
CA LEU A 556 30.48 4.10 -43.67
C LEU A 556 31.74 3.51 -43.06
N ILE A 557 32.89 3.68 -43.70
CA ILE A 557 34.14 3.19 -43.14
C ILE A 557 34.47 3.94 -41.85
N ASP A 558 34.24 5.25 -41.83
CA ASP A 558 34.43 6.02 -40.61
C ASP A 558 33.46 5.59 -39.52
N ILE A 559 32.23 5.22 -39.89
CA ILE A 559 31.30 4.71 -38.90
C ILE A 559 31.79 3.38 -38.34
N GLY A 560 32.35 2.52 -39.19
CA GLY A 560 32.95 1.30 -38.68
C GLY A 560 34.09 1.58 -37.72
N LEU A 561 34.92 2.57 -38.04
CA LEU A 561 36.03 2.93 -37.17
C LEU A 561 35.54 3.44 -35.82
N VAL A 562 34.51 4.29 -35.82
CA VAL A 562 34.03 4.80 -34.54
C VAL A 562 33.33 3.72 -33.74
N ILE A 563 32.66 2.77 -34.41
CA ILE A 563 32.05 1.65 -33.69
C ILE A 563 33.13 0.80 -33.05
N GLU A 564 34.21 0.49 -33.78
CA GLU A 564 35.30 -0.29 -33.21
C GLU A 564 35.99 0.44 -32.08
N TYR A 565 36.08 1.77 -32.16
CA TYR A 565 36.65 2.54 -31.06
C TYR A 565 35.76 2.51 -29.84
N LEU A 566 34.44 2.56 -30.03
CA LEU A 566 33.52 2.59 -28.90
C LEU A 566 33.43 1.23 -28.21
N MET A 567 33.42 0.15 -28.99
CA MET A 567 33.16 -1.16 -28.41
C MET A 567 34.32 -1.65 -27.55
N GLY A 568 35.50 -1.82 -28.16
CA GLY A 568 36.64 -2.30 -27.40
C GLY A 568 37.80 -2.60 -28.31
N GLY A 569 38.86 -3.12 -27.68
CA GLY A 569 40.07 -3.44 -28.42
C GLY A 569 39.89 -4.59 -29.39
N ALA A 570 39.21 -5.64 -28.96
CA ALA A 570 39.11 -6.86 -29.77
C ALA A 570 37.99 -6.81 -30.79
N TYR A 571 37.08 -5.83 -30.70
CA TYR A 571 35.94 -5.79 -31.59
C TYR A 571 36.35 -5.37 -32.99
N ARG A 572 35.72 -5.97 -34.00
CA ARG A 572 35.98 -5.65 -35.41
C ARG A 572 34.65 -5.59 -36.13
N CYS A 573 34.21 -4.36 -36.43
CA CYS A 573 32.95 -4.17 -37.13
C CYS A 573 33.06 -4.61 -38.57
N ASN A 574 31.91 -4.97 -39.16
CA ASN A 574 31.89 -5.51 -40.50
C ASN A 574 32.24 -4.48 -41.57
N TYR A 575 32.12 -3.19 -41.25
CA TYR A 575 32.39 -2.16 -42.24
C TYR A 575 33.86 -2.12 -42.63
N THR A 576 34.75 -2.27 -41.66
CA THR A 576 36.18 -2.12 -41.92
C THR A 576 36.83 -3.37 -42.47
N ARG A 577 36.11 -4.48 -42.60
CA ARG A 577 36.69 -5.67 -43.18
C ARG A 577 36.96 -5.47 -44.67
N LYS A 578 37.86 -6.28 -45.21
CA LYS A 578 38.34 -6.05 -46.58
C LYS A 578 37.26 -6.31 -47.61
N ARG A 579 36.29 -7.18 -47.32
CA ARG A 579 35.19 -7.40 -48.25
C ARG A 579 34.37 -6.14 -48.45
N PHE A 580 33.94 -5.53 -47.35
CA PHE A 580 33.16 -4.30 -47.46
C PHE A 580 34.03 -3.14 -47.93
N ARG A 581 35.32 -3.13 -47.57
CA ARG A 581 36.20 -2.08 -48.07
C ARG A 581 36.33 -2.14 -49.59
N THR A 582 36.43 -3.34 -50.15
CA THR A 582 36.49 -3.47 -51.61
C THR A 582 35.13 -3.21 -52.24
N LEU A 583 34.04 -3.53 -51.55
CA LEU A 583 32.71 -3.25 -52.09
C LEU A 583 32.38 -1.76 -52.05
N TYR A 584 33.00 -1.00 -51.15
CA TYR A 584 32.73 0.41 -51.02
C TYR A 584 33.75 1.29 -51.73
N HIS A 585 34.96 0.78 -51.97
CA HIS A 585 36.01 1.60 -52.60
C HIS A 585 35.71 1.92 -54.06
N ASN A 586 34.85 1.12 -54.71
CA ASN A 586 34.43 1.40 -56.08
C ASN A 586 33.11 2.16 -56.14
N LEU A 587 32.88 3.05 -55.18
CA LEU A 587 31.67 3.85 -55.15
C LEU A 587 32.00 5.30 -54.80
N ASN A 631 24.59 -2.03 -53.38
CA ASN A 631 24.07 -3.34 -52.99
C ASN A 631 23.31 -3.22 -51.69
N HIS A 632 22.55 -4.26 -51.34
CA HIS A 632 21.69 -4.24 -50.17
C HIS A 632 22.39 -4.90 -48.99
N PHE A 633 21.68 -4.94 -47.86
CA PHE A 633 22.18 -5.55 -46.63
C PHE A 633 21.37 -6.80 -46.29
N PRO A 634 22.00 -7.84 -45.76
CA PRO A 634 21.26 -9.04 -45.38
C PRO A 634 20.31 -8.78 -44.22
N PHE A 635 20.81 -8.16 -43.16
CA PHE A 635 19.99 -7.76 -42.02
C PHE A 635 19.97 -6.23 -41.94
N PRO A 636 18.90 -5.58 -42.39
CA PRO A 636 18.90 -4.11 -42.41
C PRO A 636 18.69 -3.51 -41.03
N PHE A 637 17.90 -4.18 -40.19
CA PHE A 637 17.57 -3.64 -38.89
C PHE A 637 18.78 -3.58 -37.96
N HIS A 638 19.81 -4.40 -38.19
CA HIS A 638 21.04 -4.25 -37.42
C HIS A 638 21.67 -2.88 -37.66
N GLU A 639 21.84 -2.51 -38.94
CA GLU A 639 22.44 -1.23 -39.25
C GLU A 639 21.54 -0.07 -38.84
N LEU A 640 20.22 -0.23 -38.99
CA LEU A 640 19.32 0.83 -38.56
C LEU A 640 19.34 1.00 -37.03
N MET A 641 19.43 -0.10 -36.29
CA MET A 641 19.53 -0.01 -34.84
C MET A 641 20.82 0.67 -34.41
N VAL A 642 21.93 0.33 -35.07
CA VAL A 642 23.19 0.98 -34.73
C VAL A 642 23.14 2.46 -35.08
N TRP A 643 22.52 2.80 -36.21
CA TRP A 643 22.36 4.20 -36.60
C TRP A 643 21.53 4.97 -35.58
N ALA A 644 20.42 4.38 -35.12
CA ALA A 644 19.59 5.06 -34.14
C ALA A 644 20.27 5.19 -32.80
N VAL A 645 21.11 4.21 -32.43
CA VAL A 645 21.83 4.31 -31.16
C VAL A 645 22.91 5.39 -31.23
N LEU A 646 23.66 5.44 -32.34
CA LEU A 646 24.75 6.40 -32.45
C LEU A 646 24.25 7.83 -32.48
N MET A 647 23.13 8.09 -33.17
CA MET A 647 22.61 9.44 -33.33
C MET A 647 21.66 9.84 -32.21
N LYS A 648 21.52 9.01 -31.17
CA LYS A 648 20.76 9.35 -29.96
C LYS A 648 19.29 9.62 -30.29
N ARG A 649 18.63 8.62 -30.85
CA ARG A 649 17.19 8.64 -31.10
C ARG A 649 16.61 7.42 -30.39
N GLN A 650 16.10 7.62 -29.18
CA GLN A 650 15.76 6.48 -28.34
C GLN A 650 14.50 5.77 -28.81
N LYS A 651 13.46 6.53 -29.19
CA LYS A 651 12.21 5.89 -29.62
C LYS A 651 12.42 5.09 -30.90
N MET A 652 13.18 5.64 -31.84
CA MET A 652 13.48 4.91 -33.07
C MET A 652 14.29 3.65 -32.79
N ALA A 653 15.26 3.75 -31.88
CA ALA A 653 16.07 2.59 -31.54
C ALA A 653 15.24 1.50 -30.88
N LEU A 654 14.34 1.89 -29.98
CA LEU A 654 13.47 0.91 -29.34
C LEU A 654 12.50 0.29 -30.34
N PHE A 655 12.07 1.05 -31.34
CA PHE A 655 11.23 0.46 -32.38
C PHE A 655 12.02 -0.54 -33.23
N PHE A 656 13.25 -0.19 -33.60
CA PHE A 656 14.04 -1.08 -34.44
C PHE A 656 14.56 -2.28 -33.68
N TRP A 657 14.60 -2.22 -32.35
CA TRP A 657 15.12 -3.34 -31.57
C TRP A 657 14.23 -4.57 -31.69
N GLN A 658 12.92 -4.39 -31.69
CA GLN A 658 11.99 -5.51 -31.62
C GLN A 658 11.68 -6.11 -32.98
N HIS A 659 12.35 -5.67 -34.04
CA HIS A 659 12.19 -6.24 -35.37
C HIS A 659 13.49 -6.90 -35.80
N GLY A 660 13.37 -8.04 -36.44
CA GLY A 660 14.53 -8.79 -36.87
C GLY A 660 14.99 -9.81 -35.86
N GLU A 661 16.13 -10.40 -36.15
CA GLU A 661 16.70 -11.47 -35.33
C GLU A 661 17.84 -10.92 -34.47
N GLU A 662 18.34 -11.79 -33.58
CA GLU A 662 19.42 -11.45 -32.65
C GLU A 662 19.05 -10.26 -31.77
N ALA A 663 17.91 -10.37 -31.09
CA ALA A 663 17.41 -9.25 -30.29
C ALA A 663 18.27 -9.00 -29.06
N MET A 664 18.67 -10.06 -28.37
CA MET A 664 19.44 -9.89 -27.14
C MET A 664 20.84 -9.38 -27.43
N ALA A 665 21.47 -9.86 -28.50
CA ALA A 665 22.78 -9.35 -28.89
C ALA A 665 22.68 -7.88 -29.26
N LYS A 666 21.62 -7.48 -29.96
CA LYS A 666 21.41 -6.08 -30.30
C LYS A 666 21.23 -5.23 -29.05
N ALA A 667 20.49 -5.74 -28.06
CA ALA A 667 20.31 -5.00 -26.82
C ALA A 667 21.63 -4.81 -26.08
N LEU A 668 22.44 -5.87 -26.01
CA LEU A 668 23.72 -5.76 -25.31
C LEU A 668 24.67 -4.82 -26.03
N VAL A 669 24.72 -4.88 -27.37
CA VAL A 669 25.58 -3.97 -28.12
C VAL A 669 25.11 -2.54 -27.95
N ALA A 670 23.80 -2.32 -27.95
CA ALA A 670 23.28 -0.96 -27.73
C ALA A 670 23.63 -0.45 -26.34
N CYS A 671 23.53 -1.31 -25.33
CA CYS A 671 23.89 -0.89 -23.97
C CYS A 671 25.36 -0.52 -23.88
N LYS A 672 26.24 -1.33 -24.48
CA LYS A 672 27.66 -1.02 -24.47
C LYS A 672 27.95 0.29 -25.21
N LEU A 673 27.31 0.49 -26.37
CA LEU A 673 27.54 1.71 -27.14
C LEU A 673 27.06 2.94 -26.38
N CYS A 674 25.90 2.86 -25.73
CA CYS A 674 25.41 4.01 -24.98
C CYS A 674 26.30 4.30 -23.78
N LYS A 675 26.79 3.26 -23.09
CA LYS A 675 27.71 3.49 -21.98
C LYS A 675 29.00 4.16 -22.45
N ALA A 676 29.58 3.68 -23.56
CA ALA A 676 30.80 4.26 -24.07
C ALA A 676 30.58 5.70 -24.53
N MET A 677 29.44 5.97 -25.17
CA MET A 677 29.14 7.34 -25.61
C MET A 677 28.94 8.26 -24.42
N ALA A 678 28.31 7.78 -23.36
CA ALA A 678 28.16 8.58 -22.15
C ALA A 678 29.51 8.90 -21.54
N HIS A 679 30.41 7.91 -21.48
CA HIS A 679 31.74 8.16 -20.95
C HIS A 679 32.50 9.17 -21.80
N GLU A 680 32.40 9.05 -23.13
CA GLU A 680 33.08 9.99 -24.01
C GLU A 680 32.52 11.40 -23.87
N ALA A 681 31.20 11.53 -23.74
CA ALA A 681 30.60 12.85 -23.59
C ALA A 681 30.98 13.47 -22.25
N SER A 682 30.96 12.70 -21.17
CA SER A 682 31.35 13.23 -19.87
C SER A 682 32.84 13.53 -19.80
N GLU A 683 33.65 12.89 -20.64
CA GLU A 683 35.08 13.18 -20.68
C GLU A 683 35.38 14.51 -21.36
N ASN A 684 34.51 14.97 -22.26
CA ASN A 684 34.69 16.23 -22.95
C ASN A 684 34.09 17.41 -22.20
N ASP A 685 33.51 17.19 -21.02
CA ASP A 685 32.88 18.23 -20.22
C ASP A 685 31.78 18.95 -21.00
N MET A 686 30.75 18.18 -21.34
CA MET A 686 29.58 18.72 -22.01
C MET A 686 28.62 19.32 -20.98
N VAL A 687 27.37 19.56 -21.37
CA VAL A 687 26.38 20.18 -20.50
C VAL A 687 25.94 19.23 -19.40
N ASP A 688 26.45 18.00 -19.42
CA ASP A 688 26.22 16.96 -18.42
C ASP A 688 24.75 16.53 -18.36
N ASP A 689 23.93 16.94 -19.32
CA ASP A 689 22.62 16.33 -19.52
C ASP A 689 22.64 15.30 -20.63
N ILE A 690 23.53 15.47 -21.61
CA ILE A 690 23.76 14.43 -22.61
C ILE A 690 24.26 13.16 -21.93
N SER A 691 25.17 13.31 -20.97
CA SER A 691 25.67 12.14 -20.24
C SER A 691 24.55 11.44 -19.48
N GLN A 692 23.66 12.21 -18.85
CA GLN A 692 22.55 11.59 -18.12
C GLN A 692 21.59 10.88 -19.06
N GLU A 693 21.28 11.49 -20.21
CA GLU A 693 20.40 10.84 -21.17
C GLU A 693 21.02 9.57 -21.72
N LEU A 694 22.32 9.60 -22.03
CA LEU A 694 22.98 8.41 -22.56
C LEU A 694 23.05 7.30 -21.50
N ASN A 695 23.30 7.66 -20.24
CA ASN A 695 23.28 6.66 -19.19
C ASN A 695 21.90 6.05 -19.02
N HIS A 696 20.85 6.87 -19.11
CA HIS A 696 19.49 6.33 -19.01
C HIS A 696 19.18 5.41 -20.18
N ASN A 697 19.64 5.76 -21.39
CA ASN A 697 19.44 4.88 -22.54
C ASN A 697 20.17 3.55 -22.34
N SER A 698 21.40 3.60 -21.83
CA SER A 698 22.14 2.37 -21.57
C SER A 698 21.44 1.51 -20.54
N ARG A 699 20.92 2.13 -19.47
CA ARG A 699 20.21 1.36 -18.45
C ARG A 699 18.94 0.74 -19.01
N ASP A 700 18.22 1.48 -19.87
CA ASP A 700 17.01 0.92 -20.48
C ASP A 700 17.33 -0.27 -21.36
N PHE A 701 18.39 -0.18 -22.16
CA PHE A 701 18.76 -1.30 -23.02
C PHE A 701 19.23 -2.50 -22.20
N GLY A 702 19.97 -2.25 -21.12
CA GLY A 702 20.35 -3.35 -20.25
C GLY A 702 19.17 -4.03 -19.59
N GLN A 703 18.18 -3.24 -19.17
CA GLN A 703 16.98 -3.82 -18.57
C GLN A 703 16.21 -4.65 -19.59
N LEU A 704 16.14 -4.17 -20.84
CA LEU A 704 15.49 -4.95 -21.88
C LEU A 704 16.20 -6.28 -22.12
N ALA A 705 17.54 -6.25 -22.14
CA ALA A 705 18.29 -7.49 -22.31
C ALA A 705 18.04 -8.46 -21.16
N VAL A 706 18.02 -7.96 -19.92
CA VAL A 706 17.79 -8.81 -18.77
C VAL A 706 16.38 -9.42 -18.83
N GLU A 707 15.38 -8.62 -19.18
CA GLU A 707 14.02 -9.14 -19.24
C GLU A 707 13.85 -10.16 -20.35
N LEU A 708 14.49 -9.94 -21.50
CA LEU A 708 14.43 -10.93 -22.57
C LEU A 708 15.10 -12.23 -22.17
N LEU A 709 16.24 -12.14 -21.48
CA LEU A 709 16.90 -13.35 -21.00
C LEU A 709 16.02 -14.08 -19.99
N ASP A 710 15.35 -13.33 -19.11
CA ASP A 710 14.47 -13.95 -18.12
C ASP A 710 13.33 -14.69 -18.80
N GLN A 711 12.71 -14.06 -19.82
CA GLN A 711 11.63 -14.72 -20.55
C GLN A 711 12.12 -15.97 -21.27
N SER A 712 13.29 -15.89 -21.91
CA SER A 712 13.81 -17.04 -22.64
C SER A 712 14.14 -18.19 -21.69
N TYR A 713 14.71 -17.89 -20.53
CA TYR A 713 15.00 -18.94 -19.56
C TYR A 713 13.73 -19.52 -18.97
N LYS A 714 12.69 -18.69 -18.80
CA LYS A 714 11.43 -19.20 -18.27
C LYS A 714 10.76 -20.14 -19.26
N GLN A 715 10.85 -19.84 -20.56
CA GLN A 715 10.18 -20.67 -21.56
C GLN A 715 10.89 -22.01 -21.72
N ASP A 716 12.16 -21.99 -22.12
CA ASP A 716 12.95 -23.20 -22.30
C ASP A 716 14.35 -22.97 -21.78
N GLU A 717 14.89 -23.96 -21.06
CA GLU A 717 16.18 -23.78 -20.40
C GLU A 717 17.35 -24.05 -21.35
N GLN A 718 17.34 -25.21 -22.02
CA GLN A 718 18.47 -25.59 -22.86
C GLN A 718 18.62 -24.64 -24.05
N LEU A 719 17.51 -24.22 -24.65
CA LEU A 719 17.60 -23.24 -25.72
C LEU A 719 18.08 -21.89 -25.20
N ALA A 720 17.73 -21.54 -23.96
CA ALA A 720 18.24 -20.30 -23.37
C ALA A 720 19.75 -20.36 -23.19
N MET A 721 20.27 -21.48 -22.72
CA MET A 721 21.72 -21.62 -22.58
C MET A 721 22.40 -21.65 -23.94
N LYS A 722 21.77 -22.28 -24.94
CA LYS A 722 22.33 -22.28 -26.28
C LYS A 722 22.36 -20.88 -26.87
N LEU A 723 21.35 -20.07 -26.58
CA LEU A 723 21.29 -18.69 -27.07
C LEU A 723 22.42 -17.83 -26.52
N LEU A 724 22.98 -18.18 -25.36
CA LEU A 724 24.03 -17.40 -24.74
C LEU A 724 25.44 -17.82 -25.19
N THR A 725 25.56 -18.89 -25.97
CA THR A 725 26.87 -19.41 -26.32
C THR A 725 27.19 -19.40 -27.80
N TYR A 726 26.20 -19.37 -28.68
CA TYR A 726 26.47 -19.52 -30.10
C TYR A 726 27.18 -18.28 -30.64
N GLU A 727 28.13 -18.52 -31.55
CA GLU A 727 28.95 -17.44 -32.08
C GLU A 727 28.12 -16.52 -32.97
N LEU A 728 28.25 -15.22 -32.76
CA LEU A 728 27.51 -14.22 -33.53
C LEU A 728 28.36 -13.79 -34.71
N LYS A 729 27.93 -14.14 -35.92
CA LYS A 729 28.71 -13.82 -37.11
C LYS A 729 28.72 -12.33 -37.41
N ASN A 730 27.62 -11.63 -37.12
CA ASN A 730 27.51 -10.21 -37.45
C ASN A 730 28.12 -9.31 -36.39
N TRP A 731 28.49 -9.84 -35.24
CA TRP A 731 28.97 -9.00 -34.14
C TRP A 731 30.39 -9.35 -33.75
N SER A 732 31.28 -9.46 -34.75
CA SER A 732 32.71 -9.64 -34.54
C SER A 732 33.03 -10.96 -33.84
N ASN A 733 32.26 -12.00 -34.12
CA ASN A 733 32.49 -13.34 -33.60
C ASN A 733 32.55 -13.36 -32.07
N ALA A 734 31.57 -12.71 -31.46
CA ALA A 734 31.45 -12.68 -30.01
C ALA A 734 30.22 -13.47 -29.60
N THR A 735 30.10 -13.70 -28.30
CA THR A 735 28.93 -14.34 -27.72
C THR A 735 28.17 -13.32 -26.87
N CYS A 736 27.01 -13.73 -26.36
CA CYS A 736 26.26 -12.86 -25.47
C CYS A 736 26.97 -12.67 -24.14
N LEU A 737 27.65 -13.71 -23.64
CA LEU A 737 28.39 -13.58 -22.40
C LEU A 737 29.52 -12.56 -22.53
N GLN A 738 30.25 -12.59 -23.64
CA GLN A 738 31.37 -11.66 -23.81
C GLN A 738 30.87 -10.22 -23.91
N LEU A 739 29.76 -10.00 -24.61
CA LEU A 739 29.20 -8.66 -24.70
C LEU A 739 28.69 -8.18 -23.35
N ALA A 740 28.03 -9.07 -22.60
CA ALA A 740 27.51 -8.67 -21.29
C ALA A 740 28.64 -8.36 -20.32
N VAL A 741 29.73 -9.14 -20.36
CA VAL A 741 30.86 -8.89 -19.49
C VAL A 741 31.57 -7.61 -19.90
N ALA A 742 31.76 -7.39 -21.21
CA ALA A 742 32.40 -6.17 -21.68
C ALA A 742 31.58 -4.94 -21.40
N ALA A 743 30.27 -5.09 -21.18
CA ALA A 743 29.42 -3.98 -20.80
C ALA A 743 29.30 -3.81 -19.30
N LYS A 744 30.01 -4.63 -18.52
CA LYS A 744 29.98 -4.60 -17.05
C LYS A 744 28.54 -4.69 -16.54
N HIS A 745 27.78 -5.61 -17.12
CA HIS A 745 26.38 -5.80 -16.75
C HIS A 745 26.33 -6.82 -15.61
N ARG A 746 26.18 -6.31 -14.38
CA ARG A 746 26.18 -7.20 -13.23
C ARG A 746 24.88 -7.95 -13.06
N ASP A 747 23.76 -7.39 -13.52
CA ASP A 747 22.48 -8.06 -13.39
C ASP A 747 22.27 -9.17 -14.41
N PHE A 748 23.10 -9.24 -15.44
CA PHE A 748 23.00 -10.29 -16.45
C PHE A 748 23.79 -11.52 -16.05
N ILE A 749 25.02 -11.34 -15.59
CA ILE A 749 25.83 -12.47 -15.14
C ILE A 749 25.26 -13.06 -13.86
N ALA A 750 24.72 -12.23 -12.98
CA ALA A 750 24.18 -12.72 -11.71
C ALA A 750 22.89 -13.50 -11.89
N HIS A 751 22.29 -13.50 -13.08
CA HIS A 751 21.07 -14.25 -13.32
C HIS A 751 21.32 -15.74 -13.18
N THR A 752 20.23 -16.49 -12.98
CA THR A 752 20.35 -17.92 -12.75
C THR A 752 20.92 -18.64 -13.95
N CYS A 753 20.48 -18.28 -15.16
CA CYS A 753 20.92 -18.97 -16.36
C CYS A 753 22.42 -18.77 -16.61
N SER A 754 22.90 -17.54 -16.42
CA SER A 754 24.32 -17.28 -16.60
C SER A 754 25.16 -18.05 -15.60
N GLN A 755 24.67 -18.16 -14.35
CA GLN A 755 25.42 -18.91 -13.34
C GLN A 755 25.43 -20.40 -13.64
N MET A 756 24.32 -20.95 -14.14
CA MET A 756 24.30 -22.34 -14.54
C MET A 756 25.27 -22.59 -15.68
N LEU A 757 25.30 -21.70 -16.67
CA LEU A 757 26.22 -21.84 -17.78
C LEU A 757 27.67 -21.74 -17.31
N LEU A 758 27.95 -20.83 -16.38
CA LEU A 758 29.30 -20.71 -15.85
C LEU A 758 29.70 -21.95 -15.07
N THR A 759 28.78 -22.55 -14.32
CA THR A 759 29.07 -23.80 -13.63
C THR A 759 29.38 -24.91 -14.62
N ASP A 760 28.62 -24.98 -15.72
CA ASP A 760 28.89 -25.98 -16.74
C ASP A 760 30.24 -25.77 -17.40
N MET A 761 30.64 -24.51 -17.61
CA MET A 761 31.98 -24.25 -18.11
C MET A 761 33.04 -24.65 -17.10
N TRP A 762 32.79 -24.39 -15.82
CA TRP A 762 33.78 -24.66 -14.77
C TRP A 762 34.03 -26.14 -14.62
N MET A 763 32.97 -26.97 -14.66
CA MET A 763 33.15 -28.40 -14.48
C MET A 763 33.76 -29.08 -15.70
N GLY A 764 33.85 -28.40 -16.83
CA GLY A 764 34.47 -28.98 -18.01
C GLY A 764 33.69 -30.16 -18.56
N ARG A 765 34.43 -31.12 -19.11
CA ARG A 765 33.84 -32.32 -19.70
C ARG A 765 33.28 -33.28 -18.67
N LEU A 766 33.70 -33.18 -17.41
CA LEU A 766 33.16 -34.01 -16.35
C LEU A 766 31.74 -33.55 -16.01
N ARG A 767 31.07 -34.30 -15.13
CA ARG A 767 29.77 -33.88 -14.64
C ARG A 767 29.78 -33.58 -13.15
N MET A 768 30.09 -34.57 -12.31
CA MET A 768 30.26 -34.44 -10.87
C MET A 768 29.28 -33.49 -10.19
N ARG A 769 28.01 -33.53 -10.60
CA ARG A 769 27.06 -32.51 -10.17
C ARG A 769 26.57 -32.70 -8.74
N LYS A 770 26.63 -33.92 -8.21
CA LYS A 770 26.09 -34.17 -6.87
C LYS A 770 27.07 -33.77 -5.77
N ASN A 771 28.24 -34.40 -5.75
CA ASN A 771 29.23 -34.17 -4.70
C ASN A 771 30.62 -34.19 -5.34
N SER A 772 31.11 -33.02 -5.72
CA SER A 772 32.43 -32.89 -6.32
C SER A 772 33.43 -32.38 -5.29
N GLY A 773 34.65 -32.09 -5.73
CA GLY A 773 35.69 -31.63 -4.84
C GLY A 773 36.57 -32.76 -4.33
N LEU A 774 35.99 -33.65 -3.51
CA LEU A 774 36.76 -34.79 -3.01
C LEU A 774 37.14 -35.73 -4.15
N LYS A 775 36.23 -35.93 -5.10
CA LYS A 775 36.52 -36.81 -6.24
C LYS A 775 37.64 -36.23 -7.09
N VAL A 776 37.67 -34.91 -7.25
CA VAL A 776 38.73 -34.27 -8.04
C VAL A 776 40.08 -34.47 -7.37
N ILE A 777 40.14 -34.29 -6.05
CA ILE A 777 41.39 -34.48 -5.32
C ILE A 777 41.83 -35.94 -5.37
N LEU A 778 40.88 -36.87 -5.24
CA LEU A 778 41.23 -38.28 -5.33
C LEU A 778 41.75 -38.64 -6.71
N GLY A 779 41.14 -38.09 -7.76
CA GLY A 779 41.64 -38.34 -9.11
C GLY A 779 43.00 -37.73 -9.36
N ILE A 780 43.25 -36.54 -8.80
CA ILE A 780 44.53 -35.89 -9.02
C ILE A 780 45.63 -36.47 -8.13
N LEU A 781 45.27 -37.21 -7.10
CA LEU A 781 46.25 -37.94 -6.30
C LEU A 781 46.35 -39.40 -6.67
N LEU A 782 45.28 -39.98 -7.24
CA LEU A 782 45.27 -41.36 -7.72
C LEU A 782 44.91 -41.34 -9.20
N PRO A 783 45.89 -41.25 -10.10
CA PRO A 783 45.62 -41.26 -11.54
C PRO A 783 44.89 -42.53 -12.00
N PRO A 784 45.08 -43.69 -11.36
CA PRO A 784 44.18 -44.82 -11.69
C PRO A 784 42.71 -44.54 -11.41
N SER A 785 42.39 -43.65 -10.46
CA SER A 785 41.00 -43.38 -10.12
C SER A 785 40.32 -42.43 -11.10
N ILE A 786 41.04 -41.95 -12.11
CA ILE A 786 40.44 -41.08 -13.11
C ILE A 786 39.40 -41.84 -13.94
N LEU A 787 39.67 -43.12 -14.21
CA LEU A 787 38.85 -43.89 -15.13
C LEU A 787 37.45 -44.19 -14.58
N SER A 788 37.23 -44.01 -13.28
CA SER A 788 35.94 -44.28 -12.66
C SER A 788 35.02 -43.07 -12.64
N LEU A 789 35.20 -42.14 -13.57
CA LEU A 789 34.42 -40.92 -13.63
C LEU A 789 33.71 -40.81 -14.98
N GLU A 790 32.45 -40.42 -14.96
CA GLU A 790 31.68 -40.26 -16.18
C GLU A 790 32.05 -38.96 -16.88
N PHE A 791 32.05 -39.00 -18.21
CA PHE A 791 32.37 -37.86 -19.05
C PHE A 791 31.17 -37.50 -19.92
N LYS A 792 31.29 -36.39 -20.63
CA LYS A 792 30.27 -35.97 -21.58
C LYS A 792 30.57 -36.53 -22.96
N ASN A 793 29.60 -36.40 -23.85
CA ASN A 793 29.73 -36.90 -25.22
C ASN A 793 30.57 -35.95 -26.07
N GLY A 860 42.73 -43.33 -23.07
CA GLY A 860 43.69 -42.48 -23.75
C GLY A 860 43.28 -41.02 -23.77
N ARG A 861 42.08 -40.75 -24.31
CA ARG A 861 41.55 -39.40 -24.35
C ARG A 861 40.88 -39.00 -23.04
N LYS A 862 40.62 -39.95 -22.15
CA LYS A 862 40.01 -39.61 -20.86
C LYS A 862 40.94 -38.78 -20.00
N ILE A 863 42.24 -39.09 -20.02
CA ILE A 863 43.20 -38.36 -19.19
C ILE A 863 43.32 -36.91 -19.66
N TYR A 864 43.42 -36.71 -20.97
CA TYR A 864 43.57 -35.36 -21.50
C TYR A 864 42.33 -34.51 -21.22
N GLU A 865 41.14 -35.09 -21.37
CA GLU A 865 39.93 -34.35 -21.09
C GLU A 865 39.71 -34.15 -19.60
N PHE A 866 40.27 -35.04 -18.77
CA PHE A 866 40.16 -34.86 -17.33
C PHE A 866 41.05 -33.73 -16.85
N TYR A 867 42.30 -33.68 -17.33
CA TYR A 867 43.25 -32.72 -16.80
C TYR A 867 43.14 -31.33 -17.41
N ASN A 868 42.34 -31.16 -18.46
CA ASN A 868 42.19 -29.86 -19.10
C ASN A 868 40.98 -29.08 -18.59
N ALA A 869 40.22 -29.64 -17.67
CA ALA A 869 39.13 -28.89 -17.06
C ALA A 869 39.69 -27.76 -16.19
N PRO A 870 38.99 -26.64 -16.09
CA PRO A 870 39.47 -25.57 -15.19
C PRO A 870 39.52 -25.98 -13.73
N ILE A 871 38.59 -26.82 -13.27
CA ILE A 871 38.51 -27.12 -11.85
C ILE A 871 39.70 -27.98 -11.41
N VAL A 872 40.12 -28.94 -12.23
CA VAL A 872 41.27 -29.75 -11.87
C VAL A 872 42.54 -28.91 -11.89
N LYS A 873 42.63 -27.93 -12.80
CA LYS A 873 43.76 -27.01 -12.76
C LYS A 873 43.74 -26.19 -11.47
N PHE A 874 42.56 -25.78 -11.04
CA PHE A 874 42.44 -25.02 -9.79
C PHE A 874 42.90 -25.85 -8.60
N TRP A 875 42.50 -27.13 -8.57
CA TRP A 875 42.91 -27.97 -7.44
C TRP A 875 44.39 -28.31 -7.49
N PHE A 876 44.95 -28.47 -8.69
CA PHE A 876 46.40 -28.65 -8.81
C PHE A 876 47.14 -27.44 -8.27
N TYR A 877 46.68 -26.24 -8.64
CA TYR A 877 47.31 -25.02 -8.16
C TYR A 877 47.16 -24.86 -6.65
N THR A 878 46.00 -25.22 -6.11
CA THR A 878 45.80 -25.13 -4.68
C THR A 878 46.71 -26.08 -3.92
N LEU A 879 46.84 -27.33 -4.41
CA LEU A 879 47.74 -28.28 -3.77
C LEU A 879 49.19 -27.80 -3.83
N ALA A 880 49.59 -27.23 -4.97
CA ALA A 880 50.94 -26.70 -5.07
C ALA A 880 51.17 -25.54 -4.10
N TYR A 881 50.18 -24.66 -3.95
CA TYR A 881 50.32 -23.55 -3.02
C TYR A 881 50.41 -24.03 -1.58
N ILE A 882 49.61 -25.04 -1.22
CA ILE A 882 49.67 -25.57 0.14
C ILE A 882 51.04 -26.19 0.40
N GLY A 883 51.57 -26.95 -0.57
CA GLY A 883 52.88 -27.54 -0.40
C GLY A 883 53.98 -26.49 -0.26
N TYR A 884 53.92 -25.44 -1.09
CA TYR A 884 54.90 -24.36 -0.99
C TYR A 884 54.81 -23.65 0.35
N LEU A 885 53.60 -23.44 0.86
CA LEU A 885 53.43 -22.77 2.14
C LEU A 885 53.98 -23.63 3.28
N MET A 886 53.74 -24.94 3.23
CA MET A 886 54.32 -25.83 4.24
C MET A 886 55.83 -25.81 4.19
N LEU A 887 56.41 -25.81 2.99
CA LEU A 887 57.87 -25.72 2.88
C LEU A 887 58.38 -24.40 3.44
N PHE A 888 57.66 -23.31 3.20
CA PHE A 888 58.06 -22.01 3.73
C PHE A 888 58.05 -22.02 5.26
N ASN A 889 57.00 -22.59 5.86
CA ASN A 889 56.94 -22.68 7.32
C ASN A 889 58.10 -23.51 7.86
N TYR A 890 58.39 -24.64 7.21
CA TYR A 890 59.49 -25.48 7.67
C TYR A 890 60.82 -24.75 7.57
N ILE A 891 61.02 -23.99 6.49
CA ILE A 891 62.32 -23.35 6.31
C ILE A 891 62.50 -22.14 7.22
N VAL A 892 61.42 -21.50 7.67
CA VAL A 892 61.60 -20.37 8.57
C VAL A 892 61.59 -20.79 10.04
N LEU A 893 60.88 -21.86 10.41
CA LEU A 893 60.85 -22.26 11.81
C LEU A 893 62.15 -22.93 12.24
N VAL A 894 62.71 -23.76 11.39
CA VAL A 894 63.89 -24.56 11.71
C VAL A 894 65.14 -23.71 11.48
N LYS A 895 66.14 -23.93 12.33
CA LYS A 895 67.42 -23.24 12.22
C LYS A 895 68.05 -23.48 10.85
N MET A 896 68.53 -22.41 10.23
CA MET A 896 69.09 -22.45 8.89
C MET A 896 70.61 -22.28 8.94
N GLU A 897 71.27 -22.87 7.96
CA GLU A 897 72.73 -22.90 7.90
C GLU A 897 73.24 -21.85 6.91
N ARG A 898 74.54 -21.89 6.64
CA ARG A 898 75.14 -20.93 5.72
C ARG A 898 74.61 -21.11 4.31
N TRP A 899 74.43 -22.34 3.86
CA TRP A 899 73.87 -22.56 2.54
C TRP A 899 72.47 -23.16 2.63
N PRO A 900 71.57 -22.78 1.72
CA PRO A 900 70.16 -23.18 1.86
C PRO A 900 69.96 -24.68 1.75
N SER A 901 68.94 -25.16 2.47
CA SER A 901 68.53 -26.55 2.40
C SER A 901 67.66 -26.78 1.17
N THR A 902 67.27 -28.04 0.95
CA THR A 902 66.49 -28.38 -0.23
C THR A 902 65.11 -27.72 -0.21
N GLN A 903 64.51 -27.60 0.98
CA GLN A 903 63.22 -26.92 1.08
C GLN A 903 63.34 -25.46 0.68
N GLU A 904 64.43 -24.80 1.08
CA GLU A 904 64.65 -23.42 0.67
C GLU A 904 64.83 -23.32 -0.83
N TRP A 905 65.51 -24.29 -1.44
CA TRP A 905 65.66 -24.29 -2.90
C TRP A 905 64.31 -24.46 -3.59
N ILE A 906 63.45 -25.30 -3.04
CA ILE A 906 62.11 -25.48 -3.61
C ILE A 906 61.32 -24.18 -3.51
N VAL A 907 61.40 -23.49 -2.37
CA VAL A 907 60.70 -22.22 -2.20
C VAL A 907 61.23 -21.18 -3.18
N ILE A 908 62.55 -21.10 -3.34
CA ILE A 908 63.14 -20.16 -4.27
C ILE A 908 62.70 -20.45 -5.70
N SER A 909 62.68 -21.74 -6.08
CA SER A 909 62.22 -22.12 -7.40
C SER A 909 60.76 -21.73 -7.61
N TYR A 910 59.93 -21.91 -6.58
CA TYR A 910 58.52 -21.53 -6.70
C TYR A 910 58.39 -20.03 -6.94
N ILE A 911 59.13 -19.23 -6.18
CA ILE A 911 59.03 -17.77 -6.34
C ILE A 911 59.51 -17.34 -7.72
N PHE A 912 60.63 -17.91 -8.17
CA PHE A 912 61.17 -17.55 -9.48
C PHE A 912 60.22 -17.92 -10.60
N THR A 913 59.65 -19.13 -10.55
CA THR A 913 58.72 -19.54 -11.60
C THR A 913 57.43 -18.73 -11.55
N LEU A 914 56.97 -18.34 -10.35
CA LEU A 914 55.80 -17.49 -10.26
C LEU A 914 56.08 -16.12 -10.87
N GLY A 915 57.27 -15.57 -10.65
CA GLY A 915 57.64 -14.32 -11.30
C GLY A 915 57.69 -14.44 -12.82
N ILE A 916 58.22 -15.57 -13.31
CA ILE A 916 58.25 -15.80 -14.75
C ILE A 916 56.84 -15.89 -15.31
N GLU A 917 55.94 -16.56 -14.59
CA GLU A 917 54.55 -16.65 -15.02
C GLU A 917 53.86 -15.29 -15.03
N LYS A 918 54.16 -14.45 -14.03
CA LYS A 918 53.61 -13.11 -14.01
C LYS A 918 54.11 -12.30 -15.20
N MET A 919 55.39 -12.44 -15.54
CA MET A 919 55.92 -11.74 -16.71
C MET A 919 55.27 -12.22 -17.99
N ARG A 920 55.05 -13.53 -18.12
CA ARG A 920 54.39 -14.07 -19.30
C ARG A 920 52.95 -13.55 -19.40
N GLU A 921 52.26 -13.45 -18.26
CA GLU A 921 50.91 -12.91 -18.26
C GLU A 921 50.90 -11.44 -18.66
N ILE A 922 51.88 -10.67 -18.17
CA ILE A 922 51.93 -9.25 -18.50
C ILE A 922 52.38 -9.02 -19.95
N LEU A 923 53.01 -10.00 -20.57
CA LEU A 923 53.40 -9.85 -21.98
C LEU A 923 52.28 -10.24 -22.94
N MET A 924 51.52 -11.29 -22.63
CA MET A 924 50.46 -11.78 -23.52
C MET A 924 49.11 -11.15 -23.22
N SER A 925 49.08 -9.93 -22.71
CA SER A 925 47.83 -9.28 -22.37
C SER A 925 47.14 -8.75 -23.63
N GLU A 926 45.89 -8.32 -23.44
CA GLU A 926 45.07 -7.86 -24.57
C GLU A 926 45.62 -6.63 -25.28
N PRO A 927 46.04 -5.55 -24.62
CA PRO A 927 46.52 -4.38 -25.36
C PRO A 927 47.78 -4.70 -26.16
N GLY A 928 47.93 -4.01 -27.30
CA GLY A 928 49.07 -4.23 -28.16
C GLY A 928 50.33 -3.49 -27.78
N LYS A 929 50.24 -2.52 -26.86
CA LYS A 929 51.38 -1.72 -26.45
C LYS A 929 51.94 -2.26 -25.14
N LEU A 930 53.27 -2.28 -25.04
CA LEU A 930 53.92 -2.77 -23.83
C LEU A 930 53.60 -1.89 -22.63
N LEU A 931 53.60 -0.57 -22.83
CA LEU A 931 53.28 0.35 -21.74
C LEU A 931 51.80 0.32 -21.38
N GLN A 932 50.93 -0.07 -22.31
CA GLN A 932 49.51 -0.22 -21.99
C GLN A 932 49.24 -1.50 -21.21
N LYS A 933 50.04 -2.54 -21.42
CA LYS A 933 49.79 -3.82 -20.77
C LYS A 933 50.16 -3.80 -19.29
N VAL A 934 51.23 -3.08 -18.93
CA VAL A 934 51.65 -3.05 -17.54
C VAL A 934 50.61 -2.34 -16.67
N LYS A 935 50.03 -1.26 -17.18
CA LYS A 935 49.01 -0.53 -16.42
C LYS A 935 47.76 -1.38 -16.23
N VAL A 936 47.28 -2.02 -17.31
CA VAL A 936 46.06 -2.82 -17.21
C VAL A 936 46.30 -4.06 -16.36
N TRP A 937 47.55 -4.54 -16.29
CA TRP A 937 47.84 -5.64 -15.37
C TRP A 937 47.93 -5.16 -13.92
N LEU A 938 48.43 -3.94 -13.70
CA LEU A 938 48.54 -3.40 -12.36
C LEU A 938 47.25 -2.77 -11.85
N GLN A 939 46.18 -2.77 -12.67
CA GLN A 939 44.88 -2.31 -12.18
C GLN A 939 44.43 -3.14 -10.99
N GLU A 940 44.63 -4.46 -11.04
CA GLU A 940 44.25 -5.32 -9.93
C GLU A 940 45.22 -5.15 -8.77
N TYR A 941 44.70 -5.18 -7.55
CA TYR A 941 45.54 -4.99 -6.36
C TYR A 941 46.35 -6.24 -6.02
N TRP A 942 45.81 -7.43 -6.28
CA TRP A 942 46.54 -8.66 -5.99
C TRP A 942 47.83 -8.72 -6.79
N ASN A 943 47.80 -8.26 -8.05
CA ASN A 943 49.01 -8.26 -8.87
C ASN A 943 50.07 -7.32 -8.29
N VAL A 944 49.65 -6.14 -7.83
CA VAL A 944 50.59 -5.18 -7.25
C VAL A 944 51.22 -5.76 -5.99
N THR A 945 50.40 -6.36 -5.11
CA THR A 945 50.93 -6.94 -3.89
C THR A 945 51.85 -8.12 -4.19
N ASP A 946 51.51 -8.93 -5.19
CA ASP A 946 52.38 -10.05 -5.56
C ASP A 946 53.71 -9.56 -6.10
N LEU A 947 53.70 -8.51 -6.91
CA LEU A 947 54.95 -7.94 -7.41
C LEU A 947 55.81 -7.44 -6.26
N ILE A 948 55.21 -6.72 -5.32
CA ILE A 948 55.96 -6.19 -4.18
C ILE A 948 56.53 -7.34 -3.36
N ALA A 949 55.73 -8.38 -3.12
CA ALA A 949 56.20 -9.50 -2.32
C ALA A 949 57.33 -10.26 -3.00
N ILE A 950 57.25 -10.44 -4.32
CA ILE A 950 58.31 -11.14 -5.03
C ILE A 950 59.60 -10.34 -5.01
N LEU A 951 59.50 -9.01 -5.18
CA LEU A 951 60.69 -8.19 -5.08
C LEU A 951 61.30 -8.24 -3.68
N LEU A 952 60.44 -8.22 -2.65
CA LEU A 952 60.93 -8.28 -1.27
C LEU A 952 61.61 -9.62 -0.99
N PHE A 953 61.03 -10.71 -1.48
CA PHE A 953 61.66 -12.02 -1.30
C PHE A 953 62.99 -12.11 -2.03
N SER A 954 63.07 -11.50 -3.22
CA SER A 954 64.33 -11.47 -3.95
C SER A 954 65.40 -10.71 -3.17
N VAL A 955 65.03 -9.57 -2.58
CA VAL A 955 65.97 -8.81 -1.77
C VAL A 955 66.43 -9.62 -0.57
N GLY A 956 65.48 -10.29 0.10
CA GLY A 956 65.83 -11.11 1.25
C GLY A 956 66.73 -12.28 0.89
N MET A 957 66.49 -12.88 -0.27
CA MET A 957 67.35 -13.98 -0.73
C MET A 957 68.73 -13.48 -1.08
N ILE A 958 68.84 -12.27 -1.63
CA ILE A 958 70.16 -11.69 -1.91
C ILE A 958 70.91 -11.45 -0.61
N LEU A 959 70.23 -10.90 0.39
CA LEU A 959 70.89 -10.66 1.68
C LEU A 959 71.13 -11.96 2.46
N ARG A 960 70.42 -13.03 2.10
CA ARG A 960 70.54 -14.27 2.86
C ARG A 960 71.89 -14.94 2.68
N LEU A 961 72.40 -14.97 1.45
CA LEU A 961 73.62 -15.72 1.12
C LEU A 961 74.87 -14.88 1.39
N GLN A 962 75.03 -14.47 2.65
CA GLN A 962 76.11 -13.59 3.06
C GLN A 962 76.48 -13.92 4.50
N ASP A 963 77.15 -12.98 5.17
CA ASP A 963 77.63 -13.19 6.53
C ASP A 963 76.46 -13.14 7.52
N GLN A 964 76.79 -13.20 8.81
CA GLN A 964 75.76 -13.38 9.84
C GLN A 964 74.75 -12.23 9.93
N PRO A 965 75.14 -10.94 9.98
CA PRO A 965 74.10 -9.90 10.07
C PRO A 965 73.20 -9.84 8.85
N PHE A 966 73.78 -9.95 7.64
CA PHE A 966 72.96 -9.99 6.45
C PHE A 966 72.09 -11.24 6.41
N ARG A 967 72.59 -12.36 6.93
CA ARG A 967 71.79 -13.56 7.02
C ARG A 967 70.57 -13.35 7.93
N SER A 968 70.78 -12.69 9.08
CA SER A 968 69.67 -12.42 9.99
C SER A 968 68.65 -11.48 9.34
N ASP A 969 69.13 -10.47 8.62
CA ASP A 969 68.22 -9.56 7.94
C ASP A 969 67.42 -10.29 6.87
N GLY A 970 68.06 -11.19 6.12
CA GLY A 970 67.34 -11.99 5.16
C GLY A 970 66.31 -12.90 5.82
N ARG A 971 66.63 -13.42 6.99
CA ARG A 971 65.68 -14.25 7.72
C ARG A 971 64.45 -13.44 8.15
N VAL A 972 64.66 -12.20 8.59
CA VAL A 972 63.53 -11.36 8.97
C VAL A 972 62.68 -11.01 7.76
N ILE A 973 63.33 -10.78 6.61
CA ILE A 973 62.58 -10.56 5.37
C ILE A 973 61.75 -11.79 5.03
N TYR A 974 62.32 -12.98 5.24
CA TYR A 974 61.58 -14.22 5.04
C TYR A 974 60.35 -14.28 5.93
N CYS A 975 60.48 -13.88 7.20
CA CYS A 975 59.34 -13.94 8.10
C CYS A 975 58.21 -13.00 7.65
N VAL A 976 58.55 -11.77 7.26
CA VAL A 976 57.52 -10.86 6.77
C VAL A 976 56.88 -11.42 5.49
N ASN A 977 57.69 -12.03 4.63
CA ASN A 977 57.16 -12.61 3.40
C ASN A 977 56.18 -13.73 3.69
N ILE A 978 56.48 -14.59 4.67
CA ILE A 978 55.55 -15.67 4.95
C ILE A 978 54.28 -15.12 5.60
N ILE A 979 54.36 -13.99 6.30
CA ILE A 979 53.14 -13.33 6.74
C ILE A 979 52.25 -13.02 5.53
N TYR A 980 52.85 -12.42 4.51
CA TYR A 980 52.05 -12.07 3.33
C TYR A 980 51.49 -13.31 2.64
N TRP A 981 52.32 -14.36 2.48
CA TRP A 981 51.87 -15.53 1.75
C TRP A 981 50.82 -16.31 2.53
N TYR A 982 50.86 -16.26 3.86
CA TYR A 982 49.78 -16.82 4.66
C TYR A 982 48.49 -16.04 4.44
N ILE A 983 48.59 -14.71 4.38
CA ILE A 983 47.39 -13.90 4.16
C ILE A 983 46.79 -14.19 2.78
N ARG A 984 47.63 -14.46 1.79
CA ARG A 984 47.16 -14.65 0.41
C ARG A 984 46.27 -15.89 0.22
N LEU A 985 45.96 -16.66 1.27
CA LEU A 985 45.06 -17.79 1.10
C LEU A 985 43.62 -17.36 0.88
N LEU A 986 43.30 -16.08 1.07
CA LEU A 986 41.92 -15.63 0.87
C LEU A 986 41.53 -15.69 -0.60
N ASP A 987 42.48 -15.56 -1.52
CA ASP A 987 42.18 -15.75 -2.93
C ASP A 987 41.71 -17.17 -3.22
N ILE A 988 42.36 -18.16 -2.61
CA ILE A 988 41.92 -19.54 -2.75
C ILE A 988 40.58 -19.74 -2.07
N PHE A 989 40.37 -19.09 -0.92
CA PHE A 989 39.09 -19.21 -0.23
C PHE A 989 37.95 -18.58 -1.01
N GLY A 990 38.25 -17.61 -1.88
CA GLY A 990 37.21 -16.88 -2.60
C GLY A 990 36.42 -17.70 -3.59
N VAL A 991 36.85 -18.93 -3.88
CA VAL A 991 36.08 -19.78 -4.80
C VAL A 991 34.78 -20.23 -4.16
N ASN A 992 34.81 -20.55 -2.86
CA ASN A 992 33.64 -21.06 -2.17
C ASN A 992 32.52 -20.01 -2.14
N LYS A 993 31.28 -20.50 -2.19
CA LYS A 993 30.14 -19.60 -2.30
C LYS A 993 29.92 -18.75 -1.06
N TYR A 994 30.43 -19.19 0.10
CA TYR A 994 30.19 -18.49 1.36
C TYR A 994 31.41 -17.78 1.90
N LEU A 995 32.62 -18.16 1.48
CA LEU A 995 33.84 -17.54 1.96
C LEU A 995 34.34 -16.43 1.05
N GLY A 996 33.67 -16.16 -0.07
CA GLY A 996 34.01 -15.05 -0.93
C GLY A 996 33.36 -13.76 -0.48
N PRO A 997 32.02 -13.75 -0.41
CA PRO A 997 31.32 -12.57 0.10
C PRO A 997 31.75 -12.15 1.49
N TYR A 998 32.14 -13.09 2.35
CA TYR A 998 32.62 -12.70 3.67
C TYR A 998 33.89 -11.86 3.59
N VAL A 999 34.83 -12.25 2.73
CA VAL A 999 36.05 -11.46 2.56
C VAL A 999 35.72 -10.10 1.94
N MET A 1000 34.84 -10.09 0.94
CA MET A 1000 34.52 -8.83 0.29
C MET A 1000 33.73 -7.89 1.20
N MET A 1001 33.03 -8.43 2.20
CA MET A 1001 32.45 -7.58 3.25
C MET A 1001 33.51 -7.13 4.24
N ILE A 1002 34.48 -7.99 4.52
CA ILE A 1002 35.54 -7.67 5.47
C ILE A 1002 36.32 -6.45 5.00
N GLY A 1003 36.51 -6.31 3.69
CA GLY A 1003 37.24 -5.14 3.19
C GLY A 1003 36.55 -3.82 3.53
N LYS A 1004 35.26 -3.73 3.27
CA LYS A 1004 34.52 -2.49 3.55
C LYS A 1004 34.43 -2.23 5.05
N MET A 1005 34.18 -3.30 5.83
CA MET A 1005 34.17 -3.13 7.27
C MET A 1005 35.53 -2.70 7.80
N MET A 1006 36.61 -3.07 7.11
CA MET A 1006 37.94 -2.62 7.51
C MET A 1006 38.12 -1.13 7.23
N ILE A 1007 37.55 -0.65 6.13
CA ILE A 1007 37.57 0.80 5.88
C ILE A 1007 36.88 1.54 7.02
N ASP A 1008 35.69 1.08 7.40
CA ASP A 1008 34.97 1.73 8.51
C ASP A 1008 35.75 1.61 9.81
N MET A 1009 36.43 0.48 10.02
CA MET A 1009 37.22 0.28 11.23
C MET A 1009 38.36 1.27 11.32
N MET A 1010 39.02 1.57 10.20
CA MET A 1010 40.08 2.58 10.21
C MET A 1010 39.50 3.96 10.53
N TYR A 1011 38.38 4.30 9.90
CA TYR A 1011 37.75 5.59 10.19
C TYR A 1011 37.39 5.73 11.66
N PHE A 1012 37.05 4.63 12.33
CA PHE A 1012 36.76 4.71 13.75
C PHE A 1012 37.99 4.52 14.64
N VAL A 1013 39.09 3.99 14.10
CA VAL A 1013 40.29 3.81 14.90
C VAL A 1013 41.12 5.08 14.98
N ILE A 1014 40.89 6.04 14.07
CA ILE A 1014 41.55 7.34 14.20
C ILE A 1014 41.26 7.97 15.56
N ILE A 1015 39.99 7.94 15.97
CA ILE A 1015 39.59 8.58 17.22
C ILE A 1015 40.15 7.83 18.43
N MET A 1016 40.14 6.49 18.38
CA MET A 1016 40.77 5.72 19.45
C MET A 1016 42.24 6.07 19.57
N LEU A 1017 42.92 6.28 18.44
CA LEU A 1017 44.33 6.65 18.49
C LEU A 1017 44.52 8.02 19.14
N VAL A 1018 43.63 8.97 18.83
CA VAL A 1018 43.72 10.30 19.45
C VAL A 1018 43.58 10.20 20.97
N VAL A 1019 42.55 9.49 21.43
CA VAL A 1019 42.32 9.38 22.87
C VAL A 1019 43.46 8.63 23.56
N LEU A 1020 43.97 7.58 22.90
CA LEU A 1020 45.08 6.81 23.44
C LEU A 1020 46.33 7.66 23.59
N MET A 1021 46.64 8.48 22.59
CA MET A 1021 47.79 9.37 22.68
C MET A 1021 47.61 10.36 23.82
N SER A 1022 46.40 10.90 23.97
CA SER A 1022 46.15 11.85 25.05
C SER A 1022 46.41 11.22 26.42
N PHE A 1023 45.81 10.06 26.67
CA PHE A 1023 45.99 9.41 27.97
C PHE A 1023 47.44 9.01 28.21
N GLY A 1024 48.11 8.47 27.19
CA GLY A 1024 49.49 8.07 27.36
C GLY A 1024 50.40 9.24 27.68
N VAL A 1025 50.24 10.35 26.96
CA VAL A 1025 51.06 11.52 27.23
C VAL A 1025 50.81 12.04 28.63
N ALA A 1026 49.54 12.12 29.04
CA ALA A 1026 49.23 12.64 30.37
C ALA A 1026 49.85 11.77 31.47
N ARG A 1027 49.66 10.44 31.38
CA ARG A 1027 50.18 9.56 32.40
C ARG A 1027 51.70 9.57 32.44
N GLN A 1028 52.35 9.47 31.28
CA GLN A 1028 53.81 9.44 31.24
C GLN A 1028 54.40 10.75 31.75
N ALA A 1029 53.79 11.88 31.41
CA ALA A 1029 54.32 13.15 31.89
C ALA A 1029 54.08 13.34 33.38
N ILE A 1030 52.96 12.83 33.90
CA ILE A 1030 52.69 12.97 35.34
C ILE A 1030 53.66 12.11 36.15
N LEU A 1031 53.84 10.84 35.74
CA LEU A 1031 54.56 9.90 36.60
C LEU A 1031 56.06 10.18 36.61
N PHE A 1032 56.66 10.42 35.45
CA PHE A 1032 58.12 10.52 35.33
C PHE A 1032 58.51 11.93 34.91
N PRO A 1033 58.85 12.81 35.85
CA PRO A 1033 59.26 14.17 35.50
C PRO A 1033 60.76 14.39 35.37
N ASN A 1034 61.56 13.33 35.31
CA ASN A 1034 63.02 13.44 35.27
C ASN A 1034 63.59 12.57 34.16
N GLU A 1035 63.02 12.68 32.96
CA GLU A 1035 63.44 11.88 31.82
C GLU A 1035 64.18 12.76 30.82
N GLU A 1036 65.36 12.32 30.41
CA GLU A 1036 66.10 12.97 29.35
C GLU A 1036 65.40 12.75 28.01
N PRO A 1037 65.63 13.64 27.04
CA PRO A 1037 65.04 13.42 25.71
C PRO A 1037 65.62 12.20 25.02
N SER A 1038 64.80 11.16 24.87
CA SER A 1038 65.23 9.92 24.25
C SER A 1038 64.03 9.29 23.54
N TRP A 1039 64.33 8.44 22.55
CA TRP A 1039 63.27 7.84 21.77
C TRP A 1039 62.41 6.86 22.56
N LYS A 1040 62.84 6.49 23.77
CA LYS A 1040 62.01 5.63 24.62
C LYS A 1040 60.71 6.33 25.01
N LEU A 1041 60.71 7.67 25.05
CA LEU A 1041 59.50 8.41 25.33
C LEU A 1041 58.47 8.29 24.21
N ALA A 1042 58.90 7.94 22.99
CA ALA A 1042 57.98 7.81 21.89
C ALA A 1042 57.16 6.53 21.97
N LYS A 1043 57.71 5.48 22.58
CA LYS A 1043 56.98 4.22 22.71
C LYS A 1043 56.26 4.09 24.03
N ASN A 1044 56.64 4.86 25.05
CA ASN A 1044 55.93 4.82 26.33
C ASN A 1044 54.54 5.43 26.24
N ILE A 1045 54.21 6.09 25.14
CA ILE A 1045 52.89 6.67 24.95
C ILE A 1045 51.96 5.66 24.28
N PHE A 1046 52.47 4.89 23.33
CA PHE A 1046 51.63 3.99 22.53
C PHE A 1046 51.53 2.59 23.10
N TYR A 1047 52.59 2.09 23.74
CA TYR A 1047 52.67 0.70 24.15
C TYR A 1047 51.62 0.28 25.17
N MET A 1048 51.73 0.81 26.38
CA MET A 1048 50.91 0.35 27.50
C MET A 1048 49.46 0.84 27.41
N PRO A 1049 49.17 2.08 27.02
CA PRO A 1049 47.76 2.44 26.79
C PRO A 1049 47.10 1.62 25.68
N TYR A 1050 47.87 1.01 24.78
CA TYR A 1050 47.26 0.16 23.77
C TYR A 1050 47.04 -1.25 24.30
N TRP A 1051 48.01 -1.81 25.04
CA TRP A 1051 47.78 -3.13 25.59
C TRP A 1051 46.75 -3.12 26.72
N MET A 1052 46.47 -1.96 27.30
CA MET A 1052 45.52 -1.90 28.41
C MET A 1052 44.11 -2.28 27.97
N ILE A 1053 43.67 -1.79 26.80
CA ILE A 1053 42.28 -2.00 26.40
C ILE A 1053 42.00 -3.42 25.93
N TYR A 1054 43.03 -4.21 25.66
CA TYR A 1054 42.84 -5.58 25.18
C TYR A 1054 42.93 -6.62 26.28
N GLY A 1055 43.06 -6.22 27.54
CA GLY A 1055 43.07 -7.18 28.62
C GLY A 1055 44.35 -7.22 29.42
N GLU A 1056 45.04 -6.09 29.54
CA GLU A 1056 46.23 -5.96 30.36
C GLU A 1056 46.12 -4.73 31.25
N VAL A 1057 45.01 -4.63 31.97
CA VAL A 1057 44.62 -3.43 32.71
C VAL A 1057 45.31 -3.39 34.07
N PHE A 1058 46.35 -4.23 34.25
CA PHE A 1058 47.07 -4.42 35.51
C PHE A 1058 47.21 -3.14 36.31
N ALA A 1059 46.70 -3.18 37.54
CA ALA A 1059 46.50 -1.99 38.37
C ALA A 1059 47.73 -1.66 39.20
N ASP A 1060 48.86 -2.31 38.91
CA ASP A 1060 50.09 -2.04 39.63
C ASP A 1060 51.13 -1.32 38.78
N GLN A 1061 50.87 -1.12 37.49
CA GLN A 1061 51.82 -0.49 36.59
C GLN A 1061 51.30 0.81 36.00
N ILE A 1062 50.12 1.25 36.39
CA ILE A 1062 49.57 2.54 35.98
C ILE A 1062 49.72 3.57 37.09
N ASP A 1063 49.41 3.18 38.32
CA ASP A 1063 49.58 4.02 39.51
C ASP A 1063 50.41 3.21 40.49
N PRO A 1064 51.73 3.39 40.51
CA PRO A 1064 52.58 2.52 41.32
C PRO A 1064 52.25 2.66 42.79
N PRO A 1065 52.41 1.60 43.57
CA PRO A 1065 52.05 1.65 44.99
C PRO A 1065 53.06 2.43 45.81
N CYS A 1066 53.08 3.74 45.66
CA CYS A 1066 54.02 4.59 46.39
C CYS A 1066 53.55 6.03 46.43
N GLN A 1079 61.55 2.81 53.30
CA GLN A 1079 61.06 1.68 52.54
C GLN A 1079 60.32 2.13 51.29
N LEU A 1080 59.24 2.87 51.49
CA LEU A 1080 58.37 3.30 50.40
C LEU A 1080 58.98 4.52 49.70
N PRO A 1081 59.16 4.47 48.37
CA PRO A 1081 59.61 5.67 47.67
C PRO A 1081 58.55 6.76 47.76
N PRO A 1082 58.96 8.03 47.71
CA PRO A 1082 57.99 9.12 47.83
C PRO A 1082 57.04 9.15 46.65
N CYS A 1083 55.81 9.59 46.92
CA CYS A 1083 54.78 9.68 45.91
C CYS A 1083 55.01 10.90 45.03
N LYS A 1084 54.98 10.69 43.71
CA LYS A 1084 55.15 11.79 42.78
C LYS A 1084 53.97 12.74 42.87
N THR A 1085 54.23 14.02 42.56
CA THR A 1085 53.21 15.05 42.69
C THR A 1085 52.08 14.80 41.70
N GLY A 1086 50.84 14.85 42.19
CA GLY A 1086 49.69 14.61 41.35
C GLY A 1086 49.59 13.20 40.80
N ALA A 1087 50.05 12.21 41.56
CA ALA A 1087 49.96 10.82 41.12
C ALA A 1087 48.58 10.22 41.33
N TRP A 1088 47.66 10.96 41.96
CA TRP A 1088 46.29 10.51 42.13
C TRP A 1088 45.42 10.80 40.91
N ILE A 1089 45.91 11.56 39.95
CA ILE A 1089 45.13 11.86 38.75
C ILE A 1089 45.18 10.73 37.75
N VAL A 1090 46.22 9.88 37.80
CA VAL A 1090 46.35 8.79 36.84
C VAL A 1090 45.18 7.81 36.91
N PRO A 1091 44.74 7.34 38.09
CA PRO A 1091 43.55 6.46 38.09
C PRO A 1091 42.29 7.11 37.54
N ALA A 1092 42.06 8.39 37.79
CA ALA A 1092 40.87 9.04 37.26
C ALA A 1092 40.93 9.18 35.73
N ILE A 1093 42.08 9.61 35.22
CA ILE A 1093 42.27 9.70 33.77
C ILE A 1093 42.10 8.34 33.13
N MET A 1094 42.66 7.29 33.75
CA MET A 1094 42.55 5.95 33.20
C MET A 1094 41.11 5.43 33.24
N ALA A 1095 40.38 5.74 34.30
CA ALA A 1095 38.98 5.32 34.38
C ALA A 1095 38.16 5.97 33.27
N CYS A 1096 38.34 7.28 33.05
CA CYS A 1096 37.63 7.95 31.97
C CYS A 1096 38.04 7.39 30.61
N TYR A 1097 39.33 7.11 30.43
CA TYR A 1097 39.83 6.60 29.16
C TYR A 1097 39.26 5.22 28.87
N LEU A 1098 39.23 4.33 29.87
CA LEU A 1098 38.65 3.01 29.68
C LEU A 1098 37.16 3.09 29.40
N LEU A 1099 36.46 3.98 30.10
CA LEU A 1099 35.03 4.13 29.86
C LEU A 1099 34.75 4.60 28.44
N VAL A 1100 35.56 5.53 27.93
CA VAL A 1100 35.36 6.02 26.57
C VAL A 1100 35.70 4.94 25.55
N ALA A 1101 36.84 4.28 25.71
CA ALA A 1101 37.34 3.39 24.67
C ALA A 1101 36.60 2.05 24.63
N ASN A 1102 36.27 1.50 25.80
CA ASN A 1102 35.72 0.15 25.87
C ASN A 1102 34.20 0.10 25.94
N ILE A 1103 33.51 1.23 26.10
CA ILE A 1103 32.06 1.19 26.26
C ILE A 1103 31.38 2.04 25.19
N LEU A 1104 32.03 3.12 24.78
CA LEU A 1104 31.41 4.05 23.84
C LEU A 1104 31.80 3.76 22.39
N LEU A 1105 33.09 3.82 22.09
CA LEU A 1105 33.53 3.75 20.70
C LEU A 1105 33.34 2.35 20.12
N VAL A 1106 33.64 1.31 20.90
CA VAL A 1106 33.51 -0.04 20.36
C VAL A 1106 32.04 -0.40 20.17
N ASN A 1107 31.16 0.03 21.07
CA ASN A 1107 29.73 -0.22 20.89
C ASN A 1107 29.19 0.57 19.70
N LEU A 1108 29.69 1.79 19.50
CA LEU A 1108 29.27 2.55 18.33
C LEU A 1108 29.76 1.89 17.04
N LEU A 1109 30.96 1.32 17.06
CA LEU A 1109 31.45 0.59 15.89
C LEU A 1109 30.62 -0.67 15.64
N ILE A 1110 30.19 -1.35 16.70
CA ILE A 1110 29.30 -2.48 16.55
C ILE A 1110 27.99 -2.04 15.90
N ALA A 1111 27.45 -0.91 16.34
CA ALA A 1111 26.22 -0.39 15.75
C ALA A 1111 26.41 -0.04 14.28
N VAL A 1112 27.56 0.55 13.93
CA VAL A 1112 27.83 0.90 12.54
C VAL A 1112 27.92 -0.34 11.68
N PHE A 1113 28.63 -1.37 12.15
CA PHE A 1113 28.69 -2.62 11.40
C PHE A 1113 27.33 -3.28 11.29
N ASN A 1114 26.48 -3.11 12.31
CA ASN A 1114 25.18 -3.76 12.32
C ASN A 1114 24.21 -3.10 11.36
N ASN A 1115 24.19 -1.77 11.31
CA ASN A 1115 23.20 -1.04 10.54
C ASN A 1115 23.60 -0.81 9.09
N THR A 1116 24.78 -1.25 8.67
CA THR A 1116 25.21 -1.15 7.28
C THR A 1116 25.67 -2.51 6.79
N PHE A 1117 24.86 -3.53 7.05
CA PHE A 1117 25.23 -4.90 6.69
C PHE A 1117 24.46 -5.43 5.49
N PHE A 1118 23.19 -5.08 5.35
CA PHE A 1118 22.36 -5.64 4.29
C PHE A 1118 22.84 -5.18 2.92
N GLU A 1119 23.09 -3.88 2.76
CA GLU A 1119 23.58 -3.35 1.49
C GLU A 1119 24.92 -3.95 1.14
N VAL A 1120 25.84 -4.03 2.11
CA VAL A 1120 27.16 -4.57 1.85
C VAL A 1120 27.07 -6.04 1.46
N LYS A 1121 26.23 -6.81 2.14
CA LYS A 1121 26.07 -8.22 1.82
C LYS A 1121 25.52 -8.42 0.40
N SER A 1122 24.48 -7.66 0.04
CA SER A 1122 23.90 -7.81 -1.29
C SER A 1122 24.88 -7.40 -2.38
N ILE A 1123 25.58 -6.28 -2.18
CA ILE A 1123 26.57 -5.83 -3.16
C ILE A 1123 27.69 -6.86 -3.30
N SER A 1124 28.15 -7.41 -2.19
CA SER A 1124 29.21 -8.41 -2.25
C SER A 1124 28.75 -9.66 -2.99
N ASN A 1125 27.53 -10.11 -2.74
CA ASN A 1125 27.01 -11.28 -3.46
C ASN A 1125 26.97 -11.02 -4.95
N GLN A 1126 26.46 -9.84 -5.36
CA GLN A 1126 26.38 -9.53 -6.77
C GLN A 1126 27.75 -9.45 -7.42
N VAL A 1127 28.71 -8.82 -6.74
CA VAL A 1127 30.05 -8.66 -7.30
C VAL A 1127 30.75 -10.00 -7.41
N TRP A 1128 30.58 -10.88 -6.41
CA TRP A 1128 31.18 -12.20 -6.49
C TRP A 1128 30.59 -13.01 -7.63
N LYS A 1129 29.26 -12.94 -7.80
CA LYS A 1129 28.64 -13.65 -8.92
C LYS A 1129 29.14 -13.11 -10.26
N PHE A 1130 29.40 -11.81 -10.34
CA PHE A 1130 29.96 -11.27 -11.58
C PHE A 1130 31.39 -11.73 -11.81
N GLN A 1131 32.22 -11.74 -10.76
CA GLN A 1131 33.62 -12.10 -10.91
C GLN A 1131 33.85 -13.60 -11.05
N ARG A 1132 32.81 -14.41 -10.82
CA ARG A 1132 32.92 -15.84 -11.12
C ARG A 1132 33.33 -16.08 -12.56
N TYR A 1133 32.85 -15.24 -13.48
CA TYR A 1133 33.23 -15.40 -14.89
C TYR A 1133 34.72 -15.21 -15.10
N GLN A 1134 35.29 -14.16 -14.50
CA GLN A 1134 36.72 -13.93 -14.63
C GLN A 1134 37.52 -15.05 -13.98
N LEU A 1135 37.06 -15.54 -12.83
CA LEU A 1135 37.74 -16.66 -12.18
C LEU A 1135 37.74 -17.90 -13.07
N ILE A 1136 36.61 -18.19 -13.72
CA ILE A 1136 36.54 -19.35 -14.61
C ILE A 1136 37.41 -19.15 -15.83
N MET A 1137 37.43 -17.93 -16.37
CA MET A 1137 38.17 -17.69 -17.61
C MET A 1137 39.68 -17.66 -17.38
N THR A 1138 40.14 -17.24 -16.20
CA THR A 1138 41.58 -17.15 -15.98
C THR A 1138 42.23 -18.51 -15.78
N PHE A 1139 41.45 -19.54 -15.47
CA PHE A 1139 41.97 -20.90 -15.38
C PHE A 1139 41.88 -21.65 -16.70
N HIS A 1140 41.13 -21.13 -17.66
CA HIS A 1140 41.04 -21.74 -18.97
C HIS A 1140 42.19 -21.34 -19.89
N GLU A 1141 43.08 -20.48 -19.41
CA GLU A 1141 44.24 -20.05 -20.16
C GLU A 1141 45.56 -20.46 -19.52
N ARG A 1142 45.59 -20.65 -18.20
CA ARG A 1142 46.82 -21.00 -17.51
C ARG A 1142 47.32 -22.38 -17.95
N PRO A 1143 48.63 -22.57 -17.98
CA PRO A 1143 49.16 -23.91 -18.30
C PRO A 1143 48.75 -24.93 -17.26
N VAL A 1144 48.63 -26.18 -17.70
CA VAL A 1144 48.12 -27.24 -16.84
C VAL A 1144 49.08 -27.55 -15.69
N LEU A 1145 50.35 -27.19 -15.81
CA LEU A 1145 51.21 -27.56 -14.70
C LEU A 1145 51.27 -26.46 -13.65
N PRO A 1146 51.37 -26.83 -12.38
CA PRO A 1146 51.42 -25.84 -11.30
C PRO A 1146 52.71 -25.04 -11.35
N PRO A 1147 52.80 -23.93 -10.61
CA PRO A 1147 53.98 -23.05 -10.67
C PRO A 1147 55.30 -23.74 -10.38
N PRO A 1148 55.39 -24.67 -9.41
CA PRO A 1148 56.68 -25.36 -9.22
C PRO A 1148 57.12 -26.16 -10.44
N LEU A 1149 56.18 -26.66 -11.23
CA LEU A 1149 56.47 -27.41 -12.44
C LEU A 1149 56.17 -26.63 -13.71
N ILE A 1150 55.85 -25.34 -13.59
CA ILE A 1150 55.43 -24.55 -14.74
C ILE A 1150 56.56 -24.27 -15.71
N ILE A 1151 57.81 -24.54 -15.33
CA ILE A 1151 58.93 -24.31 -16.22
C ILE A 1151 58.86 -25.25 -17.42
N PHE A 1152 58.38 -26.48 -17.22
CA PHE A 1152 58.24 -27.42 -18.34
C PHE A 1152 57.22 -26.92 -19.35
N SER A 1153 56.12 -26.33 -18.87
CA SER A 1153 55.11 -25.79 -19.78
C SER A 1153 55.65 -24.60 -20.57
N HIS A 1154 56.49 -23.77 -19.95
CA HIS A 1154 57.09 -22.66 -20.67
C HIS A 1154 58.09 -23.14 -21.72
N MET A 1155 58.80 -24.23 -21.45
CA MET A 1155 59.67 -24.81 -22.46
C MET A 1155 58.87 -25.30 -23.66
N THR A 1156 57.68 -25.87 -23.40
CA THR A 1156 56.82 -26.30 -24.49
C THR A 1156 56.37 -25.12 -25.34
N MET A 1157 56.06 -23.98 -24.69
CA MET A 1157 55.69 -22.78 -25.43
C MET A 1157 56.83 -22.25 -26.28
N ILE A 1158 58.08 -22.55 -25.92
CA ILE A 1158 59.20 -22.20 -26.78
C ILE A 1158 59.20 -23.07 -28.04
N PHE A 1159 58.91 -24.37 -27.89
CA PHE A 1159 58.81 -25.25 -29.05
C PHE A 1159 57.66 -24.82 -29.96
N GLN A 1160 56.53 -24.47 -29.37
CA GLN A 1160 55.39 -24.00 -30.15
C GLN A 1160 55.57 -22.59 -30.68
N HIS A 1161 56.56 -21.85 -30.18
CA HIS A 1161 56.82 -20.50 -30.69
C HIS A 1161 57.33 -20.53 -32.12
N VAL A 1162 58.19 -21.51 -32.44
CA VAL A 1162 58.72 -21.64 -33.79
C VAL A 1162 57.80 -22.44 -34.71
N CYS A 1163 56.72 -23.00 -34.19
CA CYS A 1163 55.78 -23.78 -34.99
C CYS A 1163 54.81 -22.87 -35.73
N ARG A 1176 39.02 -22.90 -30.26
CA ARG A 1176 38.04 -22.70 -29.19
C ARG A 1176 36.73 -23.41 -29.51
N ASP A 1177 36.79 -24.74 -29.61
CA ASP A 1177 35.58 -25.53 -29.86
C ASP A 1177 34.58 -25.37 -28.73
N TYR A 1178 35.05 -25.37 -27.48
CA TYR A 1178 34.24 -25.01 -26.34
C TYR A 1178 35.15 -24.39 -25.29
N GLY A 1179 34.52 -23.80 -24.27
CA GLY A 1179 35.23 -23.05 -23.26
C GLY A 1179 34.79 -21.60 -23.31
N LEU A 1180 34.57 -21.10 -24.52
CA LEU A 1180 34.00 -19.77 -24.74
C LEU A 1180 32.73 -19.81 -25.56
N LYS A 1181 32.76 -20.41 -26.74
CA LYS A 1181 31.68 -20.33 -27.70
C LYS A 1181 31.12 -21.72 -28.00
N LEU A 1182 30.15 -21.77 -28.90
CA LEU A 1182 29.50 -23.02 -29.30
C LEU A 1182 29.06 -22.87 -30.75
N PHE A 1183 29.88 -23.37 -31.67
CA PHE A 1183 29.57 -23.28 -33.09
C PHE A 1183 28.43 -24.23 -33.46
N ILE A 1184 27.50 -23.73 -34.26
CA ILE A 1184 26.32 -24.49 -34.66
C ILE A 1184 26.13 -24.37 -36.17
N THR A 1185 25.30 -25.26 -36.71
CA THR A 1185 25.03 -25.30 -38.13
C THR A 1185 23.95 -24.27 -38.48
N ASP A 1186 23.52 -24.26 -39.74
CA ASP A 1186 22.55 -23.26 -40.18
C ASP A 1186 21.15 -23.57 -39.67
N ASP A 1187 20.75 -24.85 -39.68
CA ASP A 1187 19.42 -25.22 -39.24
C ASP A 1187 19.24 -24.97 -37.74
N GLU A 1188 20.26 -25.30 -36.94
CA GLU A 1188 20.22 -24.99 -35.51
C GLU A 1188 20.16 -23.49 -35.28
N LEU A 1189 20.91 -22.72 -36.07
CA LEU A 1189 20.86 -21.27 -35.97
C LEU A 1189 19.47 -20.73 -36.26
N LYS A 1190 18.81 -21.29 -37.28
CA LYS A 1190 17.46 -20.84 -37.62
C LYS A 1190 16.47 -21.24 -36.54
N LYS A 1191 16.64 -22.42 -35.94
CA LYS A 1191 15.79 -22.82 -34.83
C LYS A 1191 15.95 -21.87 -33.64
N VAL A 1192 17.19 -21.48 -33.34
CA VAL A 1192 17.43 -20.53 -32.25
C VAL A 1192 16.82 -19.17 -32.57
N HIS A 1193 16.92 -18.73 -33.83
CA HIS A 1193 16.33 -17.45 -34.21
C HIS A 1193 14.82 -17.47 -34.07
N ASP A 1194 14.18 -18.56 -34.49
CA ASP A 1194 12.73 -18.67 -34.34
C ASP A 1194 12.33 -18.70 -32.87
N PHE A 1195 13.09 -19.40 -32.04
CA PHE A 1195 12.82 -19.43 -30.61
C PHE A 1195 12.94 -18.03 -30.00
N GLU A 1196 13.96 -17.28 -30.41
CA GLU A 1196 14.15 -15.94 -29.87
C GLU A 1196 13.04 -14.98 -30.32
N GLU A 1197 12.61 -15.10 -31.59
CA GLU A 1197 11.49 -14.29 -32.06
C GLU A 1197 10.22 -14.61 -31.28
N GLN A 1198 9.97 -15.89 -31.04
CA GLN A 1198 8.81 -16.27 -30.23
C GLN A 1198 8.90 -15.70 -28.83
N CYS A 1199 10.10 -15.74 -28.24
CA CYS A 1199 10.28 -15.22 -26.89
C CYS A 1199 10.03 -13.72 -26.82
N ILE A 1200 10.56 -12.96 -27.77
CA ILE A 1200 10.39 -11.51 -27.71
C ILE A 1200 8.93 -11.13 -27.99
N GLU A 1201 8.27 -11.84 -28.91
CA GLU A 1201 6.86 -11.59 -29.15
C GLU A 1201 6.03 -11.87 -27.90
N GLU A 1202 6.30 -12.99 -27.23
CA GLU A 1202 5.56 -13.32 -26.02
C GLU A 1202 5.83 -12.30 -24.92
N TYR A 1203 7.08 -11.82 -24.83
CA TYR A 1203 7.41 -10.82 -23.82
C TYR A 1203 6.62 -9.53 -24.04
N PHE A 1204 6.58 -9.04 -25.28
CA PHE A 1204 5.83 -7.81 -25.55
C PHE A 1204 4.34 -8.00 -25.30
N ARG A 1205 3.79 -9.14 -25.72
CA ARG A 1205 2.36 -9.39 -25.52
C ARG A 1205 2.02 -9.46 -24.04
N GLU A 1206 2.85 -10.15 -23.25
CA GLU A 1206 2.61 -10.23 -21.81
C GLU A 1206 2.74 -8.86 -21.15
N LYS A 1207 3.71 -8.06 -21.58
CA LYS A 1207 3.87 -6.72 -21.01
C LYS A 1207 2.64 -5.86 -21.28
N ASP A 1208 2.14 -5.89 -22.51
CA ASP A 1208 0.94 -5.11 -22.83
C ASP A 1208 -0.27 -5.60 -22.06
N ASP A 1209 -0.46 -6.92 -21.98
CA ASP A 1209 -1.62 -7.45 -21.25
C ASP A 1209 -1.54 -7.15 -19.76
N ARG A 1210 -0.34 -7.11 -19.20
CA ARG A 1210 -0.19 -6.76 -17.79
C ARG A 1210 -0.42 -5.28 -17.56
N PHE A 1211 0.00 -4.43 -18.50
CA PHE A 1211 -0.23 -3.00 -18.35
C PHE A 1211 -1.72 -2.66 -18.47
N ASN A 1212 -2.43 -3.31 -19.40
CA ASN A 1212 -3.82 -2.97 -19.63
C ASN A 1212 -4.76 -3.44 -18.53
N SER A 1213 -4.30 -4.30 -17.62
CA SER A 1213 -5.14 -4.81 -16.55
C SER A 1213 -4.79 -4.21 -15.19
N SER A 1214 -3.92 -3.21 -15.15
CA SER A 1214 -3.60 -2.56 -13.89
C SER A 1214 -4.78 -1.72 -13.42
N ASN A 1215 -4.81 -1.45 -12.11
CA ASN A 1215 -5.90 -0.67 -11.54
C ASN A 1215 -5.90 0.75 -12.07
N ASP A 1216 -4.73 1.36 -12.22
CA ASP A 1216 -4.65 2.75 -12.66
C ASP A 1216 -5.19 2.92 -14.07
N GLU A 1217 -4.83 2.02 -14.98
CA GLU A 1217 -5.33 2.11 -16.34
C GLU A 1217 -6.83 1.90 -16.40
N ARG A 1218 -7.36 0.94 -15.64
CA ARG A 1218 -8.79 0.71 -15.60
C ARG A 1218 -9.53 1.93 -15.07
N ILE A 1219 -9.00 2.55 -14.01
CA ILE A 1219 -9.64 3.73 -13.45
C ILE A 1219 -9.61 4.89 -14.45
N ARG A 1220 -8.49 5.08 -15.14
CA ARG A 1220 -8.40 6.16 -16.12
C ARG A 1220 -9.37 5.97 -17.27
N VAL A 1221 -9.43 4.75 -17.81
CA VAL A 1221 -10.31 4.47 -18.93
C VAL A 1221 -11.77 4.61 -18.49
N THR A 1222 -12.11 4.11 -17.31
CA THR A 1222 -13.47 4.25 -16.80
C THR A 1222 -13.85 5.72 -16.62
N SER A 1223 -12.92 6.53 -16.10
CA SER A 1223 -13.21 7.95 -15.92
C SER A 1223 -13.46 8.65 -17.25
N GLU A 1224 -12.61 8.36 -18.25
CA GLU A 1224 -12.79 8.99 -19.55
C GLU A 1224 -14.12 8.57 -20.19
N ARG A 1225 -14.44 7.28 -20.12
CA ARG A 1225 -15.70 6.82 -20.71
C ARG A 1225 -16.90 7.37 -19.96
N VAL A 1226 -16.79 7.52 -18.64
CA VAL A 1226 -17.89 8.10 -17.88
C VAL A 1226 -18.09 9.57 -18.24
N GLU A 1227 -17.01 10.31 -18.42
CA GLU A 1227 -17.13 11.71 -18.84
C GLU A 1227 -17.79 11.83 -20.20
N ASN A 1228 -17.33 11.02 -21.17
CA ASN A 1228 -17.92 11.07 -22.51
C ASN A 1228 -19.38 10.65 -22.48
N MET A 1229 -19.71 9.62 -21.68
CA MET A 1229 -21.09 9.15 -21.57
C MET A 1229 -21.98 10.22 -20.95
N SER A 1230 -21.47 10.93 -19.93
CA SER A 1230 -22.25 11.99 -19.31
C SER A 1230 -22.52 13.12 -20.30
N MET A 1231 -21.49 13.50 -21.07
CA MET A 1231 -21.70 14.52 -22.10
C MET A 1231 -22.72 14.07 -23.14
N ARG A 1232 -22.63 12.81 -23.57
CA ARG A 1232 -23.58 12.28 -24.55
C ARG A 1232 -25.00 12.26 -24.00
N LEU A 1233 -25.16 11.86 -22.73
CA LEU A 1233 -26.49 11.79 -22.15
C LEU A 1233 -27.08 13.17 -21.95
N GLU A 1234 -26.26 14.15 -21.58
CA GLU A 1234 -26.76 15.52 -21.47
C GLU A 1234 -27.17 16.06 -22.84
N GLU A 1235 -26.40 15.75 -23.88
CA GLU A 1235 -26.76 16.18 -25.22
C GLU A 1235 -28.04 15.48 -25.71
N VAL A 1236 -28.26 14.23 -25.30
CA VAL A 1236 -29.50 13.53 -25.65
C VAL A 1236 -30.68 14.15 -24.92
N ASN A 1237 -30.53 14.43 -23.63
CA ASN A 1237 -31.63 15.02 -22.85
C ASN A 1237 -31.97 16.41 -23.37
N GLU A 1238 -30.95 17.18 -23.77
CA GLU A 1238 -31.21 18.49 -24.38
C GLU A 1238 -31.85 18.38 -25.76
N ARG A 1239 -31.90 17.18 -26.34
CA ARG A 1239 -32.45 16.96 -27.67
C ARG A 1239 -33.86 16.37 -27.61
N GLU A 1240 -34.66 16.82 -26.65
CA GLU A 1240 -36.06 16.40 -26.60
C GLU A 1240 -36.85 17.09 -27.71
N HIS A 1241 -37.95 16.46 -28.13
CA HIS A 1241 -38.78 16.99 -29.19
C HIS A 1241 -40.26 17.00 -28.83
N SER A 1242 -40.60 16.71 -27.58
CA SER A 1242 -42.00 16.69 -27.16
C SER A 1242 -42.14 17.10 -25.69
N UNK B 1 19.76 50.34 -34.40
CA UNK B 1 18.67 49.37 -34.43
C UNK B 1 18.30 49.02 -35.87
N UNK B 2 18.17 47.73 -36.14
CA UNK B 2 17.83 47.25 -37.48
C UNK B 2 16.34 47.45 -37.76
N UNK B 3 15.55 47.60 -36.71
CA UNK B 3 14.11 47.78 -36.84
C UNK B 3 13.78 49.18 -37.34
N UNK B 4 14.77 50.08 -37.30
CA UNK B 4 14.61 51.41 -37.83
C UNK B 4 14.92 51.43 -39.32
N UNK B 5 14.11 50.71 -40.09
CA UNK B 5 14.26 50.63 -41.53
C UNK B 5 12.90 50.76 -42.20
N UNK B 6 11.88 51.03 -41.39
CA UNK B 6 10.52 51.21 -41.90
C UNK B 6 10.13 52.67 -41.85
N UNK B 7 8.83 52.94 -41.68
CA UNK B 7 8.35 54.31 -41.64
C UNK B 7 6.99 54.40 -40.92
N UNK B 8 6.42 55.60 -40.90
CA UNK B 8 5.12 55.82 -40.28
C UNK B 8 4.25 56.73 -41.14
N UNK B 9 3.21 57.29 -40.56
CA UNK B 9 2.29 58.17 -41.30
C UNK B 9 1.58 59.16 -40.39
N UNK B 10 2.07 60.40 -40.36
CA UNK B 10 1.46 61.45 -39.55
C UNK B 10 0.83 62.52 -40.45
N UNK B 11 -0.28 63.07 -40.00
CA UNK B 11 -1.01 64.08 -40.78
C UNK B 11 -0.28 65.42 -40.77
N UNK B 12 -0.48 66.19 -41.83
CA UNK B 12 0.15 67.51 -41.96
C UNK B 12 -0.89 68.62 -41.95
N UNK B 13 -1.31 69.06 -43.13
CA UNK B 13 -2.34 70.08 -43.24
C UNK B 13 -3.71 69.44 -43.26
N UNK B 14 -4.53 69.78 -42.26
CA UNK B 14 -5.86 69.20 -42.13
C UNK B 14 -6.90 70.25 -41.73
N UNK B 15 -8.08 70.15 -42.31
CA UNK B 15 -9.17 71.08 -42.00
C UNK B 15 -10.53 70.45 -42.28
N UNK B 16 -11.32 70.27 -41.23
CA UNK B 16 -12.65 69.68 -41.35
C UNK B 16 -13.53 70.09 -40.18
N UNK B 17 -14.81 70.31 -40.47
CA UNK B 17 -15.81 70.70 -39.46
C UNK B 17 -15.39 71.94 -38.69
N ILE C 128 -65.48 39.16 23.08
CA ILE C 128 -65.00 40.30 23.86
C ILE C 128 -64.87 41.53 22.96
N SER C 129 -65.08 42.71 23.54
CA SER C 129 -64.91 43.96 22.81
C SER C 129 -63.51 44.54 23.02
N LYS C 130 -62.50 43.69 22.80
CA LYS C 130 -61.09 44.03 23.02
C LYS C 130 -60.86 44.55 24.43
N HIS C 131 -61.09 43.67 25.40
CA HIS C 131 -60.91 43.96 26.82
C HIS C 131 -59.79 43.06 27.34
N THR C 132 -58.56 43.54 27.24
CA THR C 132 -57.38 42.76 27.60
C THR C 132 -56.60 43.49 28.69
N GLN C 133 -56.11 42.72 29.65
CA GLN C 133 -55.35 43.27 30.77
C GLN C 133 -53.88 43.41 30.37
N LEU C 134 -53.29 44.56 30.66
CA LEU C 134 -51.89 44.82 30.34
C LEU C 134 -51.04 44.29 31.49
N SER C 135 -50.33 43.18 31.25
CA SER C 135 -49.56 42.53 32.29
C SER C 135 -48.14 42.26 31.80
N PRO C 136 -47.15 42.23 32.70
CA PRO C 136 -45.78 41.90 32.30
C PRO C 136 -45.67 40.45 31.85
N THR C 137 -44.62 40.19 31.07
CA THR C 137 -44.40 38.87 30.51
C THR C 137 -44.10 37.86 31.60
N ASP C 138 -44.74 36.69 31.53
CA ASP C 138 -44.52 35.61 32.48
C ASP C 138 -44.02 34.35 31.81
N ALA C 139 -43.53 34.45 30.58
CA ALA C 139 -43.09 33.28 29.83
C ALA C 139 -41.99 33.69 28.87
N PHE C 140 -40.74 33.38 29.22
CA PHE C 140 -39.60 33.59 28.36
C PHE C 140 -38.41 32.81 28.90
N GLY C 141 -37.61 32.25 27.99
CA GLY C 141 -36.46 31.48 28.39
C GLY C 141 -35.94 30.58 27.30
N THR C 142 -35.69 29.32 27.62
CA THR C 142 -35.21 28.33 26.67
C THR C 142 -36.05 27.07 26.79
N ILE C 143 -36.48 26.52 25.65
CA ILE C 143 -37.26 25.29 25.61
C ILE C 143 -36.42 24.21 24.96
N GLU C 144 -36.40 23.04 25.58
CA GLU C 144 -35.75 21.87 25.03
C GLU C 144 -36.82 20.92 24.50
N PHE C 145 -36.70 20.53 23.24
CA PHE C 145 -37.69 19.69 22.59
C PHE C 145 -37.38 18.23 22.92
N GLN C 146 -38.27 17.60 23.69
CA GLN C 146 -38.15 16.19 24.02
C GLN C 146 -39.08 15.39 23.14
N GLY C 147 -38.57 14.27 22.62
CA GLY C 147 -39.33 13.44 21.71
C GLY C 147 -38.99 13.60 20.25
N GLY C 148 -38.01 14.45 19.92
CA GLY C 148 -37.56 14.59 18.55
C GLY C 148 -36.40 13.66 18.24
N GLY C 149 -35.92 13.77 17.01
CA GLY C 149 -34.78 12.95 16.60
C GLY C 149 -33.51 13.32 17.33
N HIS C 150 -33.28 14.62 17.52
CA HIS C 150 -32.06 15.12 18.14
C HIS C 150 -32.42 16.03 19.30
N SER C 151 -31.39 16.48 20.01
CA SER C 151 -31.54 17.44 21.10
C SER C 151 -31.30 18.84 20.54
N ASN C 152 -32.38 19.60 20.36
CA ASN C 152 -32.29 20.96 19.84
C ASN C 152 -32.90 21.91 20.86
N LYS C 153 -32.15 22.95 21.22
CA LYS C 153 -32.60 23.95 22.19
C LYS C 153 -32.97 25.22 21.45
N ALA C 154 -34.15 25.75 21.75
CA ALA C 154 -34.64 26.98 21.15
C ALA C 154 -34.99 27.97 22.24
N MET C 155 -34.79 29.26 21.95
CA MET C 155 -35.13 30.32 22.88
C MET C 155 -36.42 31.00 22.43
N TYR C 156 -37.13 31.57 23.39
CA TYR C 156 -38.45 32.12 23.10
C TYR C 156 -38.71 33.31 24.02
N VAL C 157 -39.82 33.99 23.75
CA VAL C 157 -40.25 35.13 24.55
C VAL C 157 -41.71 35.39 24.23
N ARG C 158 -42.42 36.00 25.19
CA ARG C 158 -43.82 36.37 25.03
C ARG C 158 -43.91 37.88 25.02
N VAL C 159 -44.49 38.44 23.95
CA VAL C 159 -44.60 39.88 23.78
C VAL C 159 -46.03 40.22 23.39
N SER C 160 -46.37 41.50 23.55
CA SER C 160 -47.72 41.95 23.26
C SER C 160 -47.98 41.95 21.76
N PHE C 161 -49.27 42.08 21.41
CA PHE C 161 -49.66 42.11 20.01
C PHE C 161 -49.17 43.35 19.29
N ASP C 162 -48.84 44.42 20.03
CA ASP C 162 -48.28 45.64 19.44
C ASP C 162 -47.10 46.06 20.31
N THR C 163 -45.90 45.77 19.84
CA THR C 163 -44.67 46.17 20.51
C THR C 163 -43.77 46.92 19.52
N LYS C 164 -42.92 47.78 20.06
CA LYS C 164 -42.06 48.59 19.21
C LYS C 164 -40.98 47.70 18.58
N PRO C 165 -40.82 47.75 17.25
CA PRO C 165 -39.80 46.90 16.61
C PRO C 165 -38.38 47.19 17.06
N ASP C 166 -38.13 48.39 17.60
CA ASP C 166 -36.83 48.67 18.19
C ASP C 166 -36.54 47.73 19.36
N LEU C 167 -37.55 47.49 20.20
CA LEU C 167 -37.38 46.55 21.30
C LEU C 167 -37.13 45.14 20.81
N LEU C 168 -37.85 44.71 19.77
CA LEU C 168 -37.63 43.37 19.22
C LEU C 168 -36.24 43.22 18.63
N LEU C 169 -35.76 44.25 17.92
CA LEU C 169 -34.40 44.20 17.39
C LEU C 169 -33.37 44.18 18.50
N HIS C 170 -33.59 44.96 19.56
CA HIS C 170 -32.66 44.96 20.68
C HIS C 170 -32.65 43.60 21.38
N LEU C 171 -33.82 42.97 21.49
CA LEU C 171 -33.90 41.64 22.07
C LEU C 171 -33.16 40.62 21.22
N MET C 172 -33.35 40.68 19.90
CA MET C 172 -32.73 39.70 19.01
C MET C 172 -31.24 39.93 18.81
N THR C 173 -30.73 41.14 19.12
CA THR C 173 -29.31 41.41 18.98
C THR C 173 -28.56 41.28 20.30
N LYS C 174 -29.00 41.98 21.34
CA LYS C 174 -28.27 41.98 22.61
C LYS C 174 -28.58 40.74 23.43
N GLU C 175 -29.86 40.48 23.70
CA GLU C 175 -30.25 39.41 24.62
C GLU C 175 -29.86 38.04 24.07
N TRP C 176 -30.13 37.80 22.79
CA TRP C 176 -29.86 36.49 22.20
C TRP C 176 -28.48 36.40 21.55
N GLN C 177 -27.72 37.50 21.53
CA GLN C 177 -26.37 37.53 20.97
C GLN C 177 -26.35 37.04 19.53
N LEU C 178 -27.08 37.76 18.67
CA LEU C 178 -27.21 37.42 17.27
C LEU C 178 -26.85 38.61 16.42
N GLU C 179 -26.03 38.39 15.39
CA GLU C 179 -25.54 39.47 14.54
C GLU C 179 -26.60 39.91 13.54
N LEU C 180 -26.42 41.10 13.01
CA LEU C 180 -27.35 41.65 12.04
C LEU C 180 -27.24 40.88 10.72
N PRO C 181 -28.34 40.44 10.13
CA PRO C 181 -28.27 39.57 8.96
C PRO C 181 -27.84 40.31 7.71
N LYS C 182 -27.26 39.54 6.78
CA LYS C 182 -26.92 40.03 5.45
C LYS C 182 -28.00 39.76 4.44
N LEU C 183 -29.18 39.23 4.84
CA LEU C 183 -30.33 38.86 3.95
C LEU C 183 -31.50 38.20 4.65
N LEU C 184 -32.73 38.73 4.70
CA LEU C 184 -33.92 38.03 5.29
C LEU C 184 -34.57 37.19 4.23
N ILE C 185 -35.40 36.21 4.54
CA ILE C 185 -35.94 35.38 3.53
C ILE C 185 -37.30 35.04 3.94
N SER C 186 -38.13 36.01 4.17
CA SER C 186 -39.44 35.73 4.69
C SER C 186 -40.15 34.62 4.01
N VAL C 187 -40.35 33.47 4.62
CA VAL C 187 -41.10 32.44 3.96
C VAL C 187 -42.51 32.61 4.30
N HIS C 188 -43.41 32.60 3.31
CA HIS C 188 -44.86 32.73 3.50
C HIS C 188 -45.44 31.54 2.82
N GLY C 189 -46.66 31.17 3.11
CA GLY C 189 -47.20 29.94 2.56
C GLY C 189 -48.59 29.52 3.04
N GLY C 190 -48.89 28.22 3.20
CA GLY C 190 -50.24 27.81 3.56
C GLY C 190 -50.29 27.28 4.98
N LEU C 191 -51.41 27.55 5.66
CA LEU C 191 -51.58 27.10 7.03
C LEU C 191 -52.00 25.63 7.09
N GLN C 192 -52.92 25.22 6.24
CA GLN C 192 -53.37 23.84 6.23
C GLN C 192 -52.26 22.92 5.73
N ASN C 193 -52.14 21.76 6.37
CA ASN C 193 -51.08 20.82 6.01
C ASN C 193 -51.32 20.24 4.62
N PHE C 194 -50.25 20.19 3.83
CA PHE C 194 -50.27 19.61 2.49
C PHE C 194 -49.08 18.69 2.34
N GLU C 195 -49.07 17.92 1.26
CA GLU C 195 -48.03 16.93 1.00
C GLU C 195 -47.38 17.26 -0.33
N LEU C 196 -46.23 17.92 -0.28
CA LEU C 196 -45.47 18.21 -1.49
C LEU C 196 -44.93 16.93 -2.09
N GLN C 197 -44.98 16.83 -3.42
CA GLN C 197 -44.53 15.64 -4.10
C GLN C 197 -43.01 15.49 -3.99
N PRO C 198 -42.49 14.26 -4.05
CA PRO C 198 -41.04 14.07 -4.07
C PRO C 198 -40.42 14.66 -5.32
N LYS C 199 -39.09 14.76 -5.28
CA LYS C 199 -38.24 15.39 -6.29
C LYS C 199 -38.41 16.90 -6.34
N LEU C 200 -39.33 17.46 -5.56
CA LEU C 200 -39.42 18.91 -5.35
C LEU C 200 -39.00 19.32 -3.95
N LYS C 201 -39.34 18.52 -2.94
CA LYS C 201 -38.83 18.77 -1.59
C LYS C 201 -37.32 18.65 -1.52
N GLN C 202 -36.74 17.69 -2.23
CA GLN C 202 -35.29 17.55 -2.29
C GLN C 202 -34.61 18.75 -2.94
N VAL C 203 -35.35 19.55 -3.69
CA VAL C 203 -34.84 20.79 -4.27
C VAL C 203 -35.18 21.99 -3.39
N PHE C 204 -36.44 22.09 -2.98
CA PHE C 204 -36.88 23.24 -2.18
C PHE C 204 -36.16 23.31 -0.84
N GLY C 205 -35.88 22.17 -0.22
CA GLY C 205 -35.15 22.16 1.02
C GLY C 205 -33.69 22.50 0.86
N LYS C 206 -33.02 21.83 -0.08
CA LYS C 206 -31.58 22.00 -0.23
C LYS C 206 -31.24 23.39 -0.73
N GLY C 207 -32.00 23.92 -1.68
CA GLY C 207 -31.73 25.27 -2.16
C GLY C 207 -31.90 26.32 -1.08
N LEU C 208 -32.98 26.22 -0.30
CA LEU C 208 -33.19 27.15 0.80
C LEU C 208 -32.09 27.05 1.85
N ILE C 209 -31.68 25.82 2.18
CA ILE C 209 -30.63 25.63 3.16
C ILE C 209 -29.32 26.23 2.67
N LYS C 210 -28.97 25.98 1.41
CA LYS C 210 -27.73 26.54 0.87
C LYS C 210 -27.78 28.06 0.85
N ALA C 211 -28.92 28.64 0.44
CA ALA C 211 -29.02 30.09 0.35
C ALA C 211 -29.00 30.74 1.72
N ALA C 212 -29.51 30.06 2.75
CA ALA C 212 -29.50 30.62 4.09
C ALA C 212 -28.27 30.26 4.90
N MET C 213 -27.44 29.33 4.41
CA MET C 213 -26.21 28.96 5.11
C MET C 213 -24.97 29.62 4.53
N THR C 214 -24.89 29.76 3.21
CA THR C 214 -23.76 30.46 2.61
C THR C 214 -23.75 31.94 2.93
N THR C 215 -24.86 32.48 3.42
CA THR C 215 -24.97 33.87 3.83
C THR C 215 -25.67 33.94 5.17
N GLY C 216 -25.29 34.91 6.00
CA GLY C 216 -25.98 35.08 7.26
C GLY C 216 -27.39 35.59 7.05
N ALA C 217 -28.38 34.71 7.21
CA ALA C 217 -29.75 35.01 6.82
C ALA C 217 -30.70 34.59 7.92
N TRP C 218 -31.75 35.39 8.12
CA TRP C 218 -32.78 35.10 9.11
C TRP C 218 -34.02 34.56 8.40
N ILE C 219 -34.27 33.26 8.53
CA ILE C 219 -35.43 32.64 7.91
C ILE C 219 -36.64 32.93 8.79
N PHE C 220 -37.39 33.98 8.45
CA PHE C 220 -38.63 34.26 9.16
C PHE C 220 -39.69 33.25 8.74
N THR C 221 -40.38 32.66 9.71
CA THR C 221 -41.38 31.65 9.44
C THR C 221 -42.56 31.81 10.39
N GLY C 222 -43.62 31.05 10.12
CA GLY C 222 -44.79 31.09 10.97
C GLY C 222 -44.54 30.51 12.36
N GLY C 223 -43.79 29.42 12.43
CA GLY C 223 -43.39 28.87 13.72
C GLY C 223 -44.17 27.64 14.16
N VAL C 224 -45.49 27.65 14.00
CA VAL C 224 -46.30 26.52 14.42
C VAL C 224 -46.22 25.43 13.37
N ASN C 225 -46.07 24.19 13.82
CA ASN C 225 -45.75 23.07 12.94
C ASN C 225 -46.98 22.66 12.13
N THR C 226 -47.20 23.40 11.03
CA THR C 226 -48.28 23.08 10.11
C THR C 226 -48.01 23.76 8.78
N GLY C 227 -48.30 23.04 7.70
CA GLY C 227 -48.20 23.63 6.38
C GLY C 227 -46.77 23.73 5.91
N VAL C 228 -46.38 24.92 5.43
CA VAL C 228 -45.03 25.12 4.93
C VAL C 228 -44.01 25.03 6.06
N ILE C 229 -44.43 25.32 7.29
CA ILE C 229 -43.51 25.30 8.42
C ILE C 229 -42.97 23.89 8.64
N ARG C 230 -43.81 22.88 8.42
CA ARG C 230 -43.35 21.50 8.52
C ARG C 230 -42.29 21.20 7.46
N HIS C 231 -42.48 21.72 6.25
CA HIS C 231 -41.49 21.50 5.20
C HIS C 231 -40.17 22.18 5.53
N VAL C 232 -40.22 23.41 6.06
CA VAL C 232 -39.00 24.09 6.48
C VAL C 232 -38.34 23.31 7.61
N GLY C 233 -39.13 22.78 8.54
CA GLY C 233 -38.58 22.01 9.65
C GLY C 233 -37.87 20.75 9.18
N ASP C 234 -38.48 20.00 8.26
CA ASP C 234 -37.82 18.78 7.80
C ASP C 234 -36.65 19.10 6.89
N ALA C 235 -36.68 20.24 6.18
CA ALA C 235 -35.51 20.67 5.44
C ALA C 235 -34.35 20.98 6.38
N LEU C 236 -34.64 21.61 7.51
CA LEU C 236 -33.61 21.87 8.51
C LEU C 236 -33.11 20.57 9.14
N LYS C 237 -34.02 19.61 9.36
CA LYS C 237 -33.63 18.32 9.94
C LYS C 237 -32.72 17.55 9.00
N ASP C 238 -33.00 17.57 7.69
CA ASP C 238 -32.15 16.88 6.73
C ASP C 238 -30.76 17.51 6.65
N HIS C 239 -30.68 18.84 6.75
CA HIS C 239 -29.39 19.51 6.70
C HIS C 239 -28.60 19.31 7.99
N ALA C 240 -29.28 19.29 9.14
CA ALA C 240 -28.60 19.23 10.42
C ALA C 240 -27.89 17.91 10.65
N SER C 241 -28.27 16.86 9.92
CA SER C 241 -27.64 15.55 10.07
C SER C 241 -26.49 15.34 9.09
N LYS C 242 -26.17 16.32 8.25
CA LYS C 242 -25.13 16.15 7.25
C LYS C 242 -24.09 17.26 7.24
N SER C 243 -24.22 18.29 8.06
CA SER C 243 -23.28 19.40 8.02
C SER C 243 -23.26 20.13 9.36
N ARG C 244 -22.22 20.92 9.55
CA ARG C 244 -22.08 21.76 10.73
C ARG C 244 -22.88 23.05 10.54
N GLY C 245 -22.68 24.01 11.42
CA GLY C 245 -23.33 25.29 11.32
C GLY C 245 -24.80 25.24 11.72
N LYS C 246 -25.31 26.39 12.14
CA LYS C 246 -26.70 26.53 12.54
C LYS C 246 -27.36 27.64 11.75
N ILE C 247 -28.58 27.37 11.29
CA ILE C 247 -29.35 28.34 10.54
C ILE C 247 -30.17 29.18 11.51
N CYS C 248 -30.12 30.50 11.37
CA CYS C 248 -30.77 31.42 12.31
C CYS C 248 -32.26 31.55 12.01
N THR C 249 -32.94 30.41 12.02
CA THR C 249 -34.37 30.39 11.75
C THR C 249 -35.12 31.06 12.91
N ILE C 250 -36.05 31.94 12.57
CA ILE C 250 -36.83 32.67 13.56
C ILE C 250 -38.30 32.43 13.28
N GLY C 251 -39.03 31.95 14.28
CA GLY C 251 -40.44 31.65 14.12
C GLY C 251 -41.34 32.58 14.91
N ILE C 252 -42.06 33.45 14.20
CA ILE C 252 -42.98 34.41 14.83
C ILE C 252 -44.36 33.76 14.82
N ALA C 253 -44.76 33.21 15.96
CA ALA C 253 -46.01 32.48 16.07
C ALA C 253 -46.94 33.13 17.10
N PRO C 254 -48.24 33.10 16.86
CA PRO C 254 -49.17 33.63 17.86
C PRO C 254 -49.23 32.72 19.09
N TRP C 255 -49.30 33.36 20.26
CA TRP C 255 -49.29 32.64 21.53
C TRP C 255 -50.55 31.79 21.73
N GLY C 256 -51.64 32.13 21.07
CA GLY C 256 -52.90 31.46 21.32
C GLY C 256 -53.10 30.12 20.64
N ILE C 257 -52.13 29.65 19.86
CA ILE C 257 -52.28 28.39 19.13
C ILE C 257 -51.35 27.29 19.64
N VAL C 258 -50.40 27.61 20.52
CA VAL C 258 -49.53 26.58 21.05
C VAL C 258 -50.34 25.59 21.88
N GLU C 259 -50.01 24.31 21.77
CA GLU C 259 -50.80 23.28 22.43
C GLU C 259 -50.64 23.35 23.94
N ASN C 260 -49.41 23.21 24.42
CA ASN C 260 -49.12 23.26 25.86
C ASN C 260 -48.73 24.69 26.22
N GLN C 261 -49.73 25.52 26.51
CA GLN C 261 -49.44 26.85 27.03
C GLN C 261 -48.74 26.76 28.36
N GLU C 262 -49.15 25.80 29.20
CA GLU C 262 -48.41 25.50 30.41
C GLU C 262 -47.07 24.86 30.06
N ASP C 263 -46.21 24.75 31.08
CA ASP C 263 -44.83 24.28 31.04
C ASP C 263 -43.93 25.19 30.21
N LEU C 264 -44.47 26.24 29.60
CA LEU C 264 -43.69 27.34 29.04
C LEU C 264 -43.74 28.59 29.91
N ILE C 265 -44.66 28.64 30.86
CA ILE C 265 -44.80 29.78 31.76
C ILE C 265 -43.61 29.81 32.71
N GLY C 266 -43.19 31.02 33.08
CA GLY C 266 -42.06 31.19 33.98
C GLY C 266 -41.03 32.11 33.36
N ARG C 267 -40.18 32.67 34.22
CA ARG C 267 -39.13 33.57 33.76
C ARG C 267 -37.97 32.73 33.22
N ASP C 268 -36.80 33.37 33.07
CA ASP C 268 -35.68 32.75 32.38
C ASP C 268 -35.23 31.47 33.07
N VAL C 269 -35.52 30.33 32.43
CA VAL C 269 -35.16 29.01 32.92
C VAL C 269 -35.39 28.01 31.79
N VAL C 270 -34.62 26.92 31.77
CA VAL C 270 -34.81 25.88 30.78
C VAL C 270 -36.05 25.08 31.12
N ARG C 271 -36.98 24.98 30.17
CA ARG C 271 -38.24 24.27 30.37
C ARG C 271 -38.42 23.22 29.30
N PRO C 272 -38.53 21.94 29.64
CA PRO C 272 -38.72 20.91 28.61
C PRO C 272 -40.07 21.03 27.93
N TYR C 273 -40.09 20.63 26.66
CA TYR C 273 -41.29 20.73 25.83
C TYR C 273 -41.50 19.42 25.09
N GLN C 274 -42.76 19.05 24.90
CA GLN C 274 -43.14 17.78 24.30
C GLN C 274 -43.44 17.97 22.82
N THR C 275 -42.71 17.26 21.96
CA THR C 275 -42.89 17.42 20.52
C THR C 275 -44.14 16.72 20.02
N MET C 276 -44.46 15.55 20.56
CA MET C 276 -45.59 14.77 20.08
C MET C 276 -46.90 15.48 20.42
N SER C 277 -47.78 15.59 19.42
CA SER C 277 -49.04 16.30 19.57
C SER C 277 -50.20 15.36 19.23
N ASN C 278 -51.17 15.30 20.14
CA ASN C 278 -52.40 14.54 19.88
C ASN C 278 -53.29 15.33 18.92
N PRO C 279 -53.81 14.70 17.86
CA PRO C 279 -54.57 15.45 16.86
C PRO C 279 -55.84 16.10 17.38
N MET C 280 -56.51 15.49 18.37
CA MET C 280 -57.82 15.93 18.82
C MET C 280 -57.75 17.04 19.86
N SER C 281 -56.64 17.78 19.93
CA SER C 281 -56.51 18.88 20.88
C SER C 281 -57.01 20.20 20.34
N LYS C 282 -57.35 20.28 19.04
CA LYS C 282 -57.85 21.49 18.40
C LYS C 282 -56.86 22.64 18.49
N LEU C 283 -55.58 22.32 18.62
CA LEU C 283 -54.50 23.31 18.66
C LEU C 283 -53.34 22.74 17.86
N THR C 284 -52.16 23.33 18.04
CA THR C 284 -50.97 22.84 17.37
C THR C 284 -49.75 23.08 18.26
N VAL C 285 -48.64 22.44 17.89
CA VAL C 285 -47.43 22.46 18.69
C VAL C 285 -46.38 23.32 17.99
N LEU C 286 -45.46 23.85 18.80
CA LEU C 286 -44.34 24.61 18.24
C LEU C 286 -43.43 23.68 17.46
N ASN C 287 -43.01 24.12 16.28
CA ASN C 287 -42.14 23.31 15.44
C ASN C 287 -40.73 23.30 16.02
N SER C 288 -40.14 22.12 16.12
CA SER C 288 -38.76 22.00 16.56
C SER C 288 -37.81 22.42 15.44
N MET C 289 -36.51 22.33 15.71
CA MET C 289 -35.46 22.73 14.78
C MET C 289 -35.54 24.20 14.39
N HIS C 290 -36.25 25.01 15.16
CA HIS C 290 -36.17 26.47 15.02
C HIS C 290 -35.19 27.00 16.06
N SER C 291 -34.52 28.09 15.71
CA SER C 291 -33.49 28.62 16.59
C SER C 291 -34.04 29.63 17.60
N HIS C 292 -35.06 30.39 17.23
CA HIS C 292 -35.62 31.39 18.14
C HIS C 292 -37.11 31.50 17.88
N PHE C 293 -37.82 32.04 18.88
CA PHE C 293 -39.26 32.22 18.79
C PHE C 293 -39.64 33.59 19.34
N ILE C 294 -40.69 34.17 18.76
CA ILE C 294 -41.28 35.41 19.24
C ILE C 294 -42.78 35.20 19.28
N LEU C 295 -43.33 35.02 20.49
CA LEU C 295 -44.72 34.69 20.66
C LEU C 295 -45.52 35.95 20.98
N ALA C 296 -46.53 36.24 20.18
CA ALA C 296 -47.34 37.43 20.32
C ALA C 296 -48.76 37.04 20.69
N ASP C 297 -49.32 37.70 21.70
CA ASP C 297 -50.68 37.43 22.16
C ASP C 297 -51.47 38.73 22.22
N ASN C 298 -52.76 38.62 21.94
CA ASN C 298 -53.69 39.74 22.03
C ASN C 298 -54.85 39.44 22.98
N GLY C 299 -54.66 38.49 23.89
CA GLY C 299 -55.69 38.13 24.84
C GLY C 299 -56.45 36.87 24.46
N THR C 300 -56.80 36.75 23.18
CA THR C 300 -57.57 35.61 22.72
C THR C 300 -56.68 34.38 22.57
N THR C 301 -57.32 33.21 22.56
CA THR C 301 -56.65 31.94 22.37
C THR C 301 -57.44 31.09 21.39
N GLY C 302 -56.72 30.37 20.52
CA GLY C 302 -57.34 29.43 19.61
C GLY C 302 -57.48 29.89 18.17
N LYS C 303 -57.21 31.16 17.88
CA LYS C 303 -57.33 31.67 16.52
C LYS C 303 -56.15 32.57 16.20
N TYR C 304 -55.83 32.68 14.92
CA TYR C 304 -54.67 33.42 14.45
C TYR C 304 -54.98 34.93 14.43
N GLY C 305 -54.08 35.70 13.83
CA GLY C 305 -54.29 37.12 13.66
C GLY C 305 -53.53 38.02 14.60
N ALA C 306 -52.68 37.47 15.47
CA ALA C 306 -51.94 38.27 16.44
C ALA C 306 -50.47 38.45 16.05
N GLU C 307 -50.07 38.05 14.86
CA GLU C 307 -48.67 38.09 14.46
C GLU C 307 -48.41 38.69 13.09
N VAL C 308 -49.44 38.87 12.25
CA VAL C 308 -49.21 39.37 10.90
C VAL C 308 -48.68 40.80 10.94
N LYS C 309 -49.33 41.66 11.74
CA LYS C 309 -48.89 43.04 11.85
C LYS C 309 -47.50 43.14 12.46
N LEU C 310 -47.23 42.35 13.51
CA LEU C 310 -45.93 42.36 14.15
C LEU C 310 -44.84 41.89 13.19
N ARG C 311 -45.11 40.82 12.45
CA ARG C 311 -44.13 40.29 11.50
C ARG C 311 -43.84 41.29 10.39
N ARG C 312 -44.83 41.91 9.77
CA ARG C 312 -44.47 42.80 8.67
C ARG C 312 -43.65 43.91 9.22
N GLN C 313 -44.12 44.59 10.24
CA GLN C 313 -43.37 45.71 10.71
C GLN C 313 -41.95 45.33 11.05
N LEU C 314 -41.72 44.29 11.79
CA LEU C 314 -40.34 44.01 12.11
C LEU C 314 -39.62 43.94 10.82
N GLU C 315 -40.09 43.20 9.84
CA GLU C 315 -39.31 43.07 8.63
C GLU C 315 -38.95 44.46 8.13
N LYS C 316 -39.88 45.36 7.94
CA LYS C 316 -39.50 46.69 7.50
C LYS C 316 -38.41 47.28 8.36
N HIS C 317 -38.63 47.41 9.63
CA HIS C 317 -37.63 48.02 10.47
C HIS C 317 -36.41 47.21 10.50
N ILE C 318 -36.32 46.17 9.69
CA ILE C 318 -35.07 45.45 9.60
C ILE C 318 -34.69 45.55 8.19
N SER C 319 -35.60 46.00 7.35
CA SER C 319 -35.18 46.29 5.97
C SER C 319 -34.49 47.63 5.87
N LEU C 320 -34.80 48.57 6.76
CA LEU C 320 -34.18 49.88 6.76
C LEU C 320 -32.86 49.91 7.52
N GLN C 321 -32.52 48.84 8.23
CA GLN C 321 -31.28 48.83 9.00
C GLN C 321 -30.08 48.81 8.06
N LYS C 322 -29.04 49.55 8.43
CA LYS C 322 -27.89 49.74 7.55
C LYS C 322 -26.91 48.58 7.72
N ILE C 323 -26.70 47.83 6.64
CA ILE C 323 -25.64 46.82 6.63
C ILE C 323 -24.28 47.51 6.69
N ASN C 324 -23.25 46.76 7.07
CA ASN C 324 -21.94 47.37 7.28
C ASN C 324 -21.20 47.56 5.96
N THR C 325 -21.86 48.16 4.98
CA THR C 325 -21.24 48.66 3.76
C THR C 325 -21.64 50.11 3.61
N ARG C 326 -20.66 50.98 3.39
CA ARG C 326 -20.89 52.42 3.47
C ARG C 326 -21.52 53.00 2.20
N ILE C 327 -22.07 52.16 1.33
CA ILE C 327 -22.84 52.67 0.19
C ILE C 327 -24.10 53.36 0.67
N GLY C 328 -24.79 52.75 1.63
CA GLY C 328 -26.03 53.30 2.17
C GLY C 328 -27.24 52.41 2.00
N GLN C 329 -27.09 51.19 1.49
CA GLN C 329 -28.23 50.32 1.27
C GLN C 329 -28.64 49.61 2.56
N GLY C 330 -29.94 49.34 2.67
CA GLY C 330 -30.45 48.56 3.77
C GLY C 330 -30.26 47.07 3.55
N VAL C 331 -30.67 46.30 4.55
CA VAL C 331 -30.59 44.84 4.48
C VAL C 331 -31.57 44.34 3.44
N PRO C 332 -31.12 43.61 2.42
CA PRO C 332 -32.05 43.12 1.39
C PRO C 332 -32.97 42.05 1.94
N VAL C 333 -34.24 42.14 1.58
CA VAL C 333 -35.28 41.23 2.03
C VAL C 333 -36.01 40.67 0.82
N VAL C 334 -36.15 39.34 0.77
CA VAL C 334 -36.88 38.68 -0.29
C VAL C 334 -37.99 37.85 0.35
N ALA C 335 -38.99 37.50 -0.46
CA ALA C 335 -40.11 36.70 -0.01
C ALA C 335 -40.18 35.40 -0.79
N LEU C 336 -40.66 34.35 -0.14
CA LEU C 336 -40.79 33.04 -0.76
C LEU C 336 -42.21 32.56 -0.55
N ILE C 337 -42.85 32.07 -1.61
CA ILE C 337 -44.24 31.66 -1.59
C ILE C 337 -44.34 30.23 -2.11
N VAL C 338 -45.02 29.36 -1.35
CA VAL C 338 -45.26 28.00 -1.78
C VAL C 338 -46.58 27.51 -1.20
N GLU C 339 -47.51 27.11 -2.08
CA GLU C 339 -48.83 26.60 -1.70
C GLU C 339 -49.56 27.61 -0.81
N GLY C 340 -49.94 28.72 -1.41
CA GLY C 340 -50.62 29.79 -0.69
C GLY C 340 -52.10 29.56 -0.59
N GLY C 341 -52.78 30.57 -0.07
CA GLY C 341 -54.23 30.58 0.01
C GLY C 341 -54.80 31.86 -0.58
N PRO C 342 -56.05 32.16 -0.25
CA PRO C 342 -56.63 33.45 -0.67
C PRO C 342 -55.90 34.65 -0.09
N ASN C 343 -55.34 34.51 1.11
CA ASN C 343 -54.64 35.63 1.74
C ASN C 343 -53.26 35.87 1.14
N VAL C 344 -52.64 34.84 0.56
CA VAL C 344 -51.29 34.99 0.04
C VAL C 344 -51.26 35.94 -1.15
N ILE C 345 -52.38 36.07 -1.88
CA ILE C 345 -52.43 37.04 -2.96
C ILE C 345 -52.34 38.46 -2.41
N SER C 346 -53.07 38.73 -1.32
CA SER C 346 -52.97 40.03 -0.67
C SER C 346 -51.58 40.25 -0.08
N ILE C 347 -50.95 39.19 0.44
CA ILE C 347 -49.59 39.30 0.96
C ILE C 347 -48.62 39.69 -0.14
N VAL C 348 -48.73 39.03 -1.29
CA VAL C 348 -47.86 39.37 -2.42
C VAL C 348 -48.14 40.79 -2.90
N LEU C 349 -49.41 41.19 -2.93
CA LEU C 349 -49.77 42.53 -3.38
C LEU C 349 -49.17 43.60 -2.47
N GLU C 350 -49.23 43.38 -1.16
CA GLU C 350 -48.65 44.35 -0.24
C GLU C 350 -47.13 44.27 -0.18
N TYR C 351 -46.54 43.14 -0.61
CA TYR C 351 -45.10 43.08 -0.75
C TYR C 351 -44.61 43.87 -1.98
N LEU C 352 -45.32 43.73 -3.10
CA LEU C 352 -44.92 44.44 -4.31
C LEU C 352 -45.16 45.95 -4.19
N ARG C 353 -46.17 46.35 -3.44
CA ARG C 353 -46.54 47.76 -3.32
C ARG C 353 -45.77 48.48 -2.23
N ASP C 354 -44.86 47.79 -1.53
CA ASP C 354 -44.04 48.44 -0.52
C ASP C 354 -43.19 49.54 -1.17
N THR C 355 -42.96 50.62 -0.41
CA THR C 355 -42.22 51.76 -0.95
C THR C 355 -40.83 51.37 -1.44
N PRO C 356 -40.04 50.56 -0.75
CA PRO C 356 -39.04 49.75 -1.44
C PRO C 356 -39.66 48.46 -1.90
N PRO C 357 -39.74 48.21 -3.21
CA PRO C 357 -40.34 46.96 -3.68
C PRO C 357 -39.55 45.75 -3.20
N VAL C 358 -40.27 44.68 -2.88
CA VAL C 358 -39.68 43.47 -2.33
C VAL C 358 -39.88 42.34 -3.33
N PRO C 359 -38.82 41.73 -3.84
CA PRO C 359 -39.00 40.60 -4.77
C PRO C 359 -39.66 39.42 -4.07
N VAL C 360 -40.39 38.63 -4.85
CA VAL C 360 -41.08 37.45 -4.35
C VAL C 360 -40.78 36.29 -5.27
N VAL C 361 -40.39 35.16 -4.70
CA VAL C 361 -40.11 33.93 -5.44
C VAL C 361 -41.23 32.94 -5.16
N VAL C 362 -41.83 32.42 -6.23
CA VAL C 362 -42.93 31.47 -6.11
C VAL C 362 -42.49 30.13 -6.69
N CYS C 363 -43.26 29.09 -6.38
CA CYS C 363 -42.99 27.74 -6.85
C CYS C 363 -44.19 27.23 -7.62
N ASP C 364 -43.92 26.43 -8.66
CA ASP C 364 -44.97 25.94 -9.55
C ASP C 364 -45.48 24.56 -9.17
N GLY C 365 -44.71 23.78 -8.43
CA GLY C 365 -45.09 22.40 -8.15
C GLY C 365 -45.98 22.24 -6.95
N SER C 366 -46.54 23.33 -6.46
CA SER C 366 -47.40 23.29 -5.28
C SER C 366 -48.82 22.88 -5.62
N GLY C 367 -49.51 23.69 -6.43
CA GLY C 367 -50.87 23.40 -6.88
C GLY C 367 -51.87 24.47 -6.50
N ARG C 368 -51.70 25.10 -5.35
CA ARG C 368 -52.63 26.12 -4.86
C ARG C 368 -52.21 27.48 -5.40
N ALA C 369 -52.70 28.57 -4.78
CA ALA C 369 -52.59 29.92 -5.30
C ALA C 369 -51.20 30.30 -5.81
N SER C 370 -50.15 29.67 -5.28
CA SER C 370 -48.82 29.87 -5.86
C SER C 370 -48.78 29.37 -7.30
N ASP C 371 -49.36 28.19 -7.55
CA ASP C 371 -49.47 27.70 -8.91
C ASP C 371 -50.41 28.58 -9.74
N ILE C 372 -51.40 29.19 -9.10
CA ILE C 372 -52.25 30.16 -9.79
C ILE C 372 -51.44 31.38 -10.20
N LEU C 373 -50.54 31.84 -9.33
CA LEU C 373 -49.65 32.94 -9.68
C LEU C 373 -48.71 32.54 -10.82
N ALA C 374 -48.24 31.30 -10.81
CA ALA C 374 -47.41 30.82 -11.92
C ALA C 374 -48.19 30.78 -13.22
N PHE C 375 -49.46 30.34 -13.16
CA PHE C 375 -50.32 30.31 -14.34
C PHE C 375 -50.56 31.71 -14.88
N GLY C 376 -50.80 32.68 -13.99
CA GLY C 376 -51.06 34.03 -14.42
C GLY C 376 -49.82 34.82 -14.79
N HIS C 377 -48.64 34.35 -14.38
CA HIS C 377 -47.41 35.06 -14.74
C HIS C 377 -47.06 34.85 -16.20
N LYS C 378 -47.17 33.62 -16.70
CA LYS C 378 -46.86 33.34 -18.09
C LYS C 378 -47.96 33.88 -19.00
N TYR C 379 -47.57 34.27 -20.21
CA TYR C 379 -48.40 34.85 -21.26
C TYR C 379 -49.41 35.87 -20.72
N SER C 380 -48.97 36.73 -19.81
CA SER C 380 -49.82 37.79 -19.28
C SER C 380 -49.64 39.06 -20.10
N GLU C 381 -50.11 40.18 -19.58
CA GLU C 381 -49.97 41.47 -20.26
C GLU C 381 -48.53 41.94 -20.25
N VAL C 396 -59.28 34.83 -21.45
CA VAL C 396 -59.08 33.75 -20.50
C VAL C 396 -59.38 34.25 -19.09
N THR C 397 -60.62 34.70 -18.88
CA THR C 397 -61.05 35.17 -17.57
C THR C 397 -62.11 34.29 -16.92
N ILE C 398 -62.81 33.46 -17.69
CA ILE C 398 -63.84 32.59 -17.14
C ILE C 398 -63.28 31.34 -16.47
N GLN C 399 -61.95 31.20 -16.41
CA GLN C 399 -61.32 30.04 -15.83
C GLN C 399 -61.20 30.13 -14.31
N LYS C 400 -61.66 31.23 -13.71
CA LYS C 400 -61.51 31.44 -12.28
C LYS C 400 -62.28 30.41 -11.45
N THR C 401 -63.27 29.74 -12.04
CA THR C 401 -64.03 28.73 -11.32
C THR C 401 -63.14 27.51 -11.06
N PHE C 402 -62.66 27.38 -9.82
CA PHE C 402 -61.82 26.25 -9.44
C PHE C 402 -62.41 25.46 -8.29
N THR C 403 -63.67 25.72 -7.92
CA THR C 403 -64.31 25.12 -6.74
C THR C 403 -63.47 25.37 -5.49
N TYR C 404 -62.87 26.55 -5.42
CA TYR C 404 -61.97 26.93 -4.34
C TYR C 404 -62.45 28.12 -3.53
N THR C 405 -63.21 29.02 -4.13
CA THR C 405 -63.72 30.20 -3.43
C THR C 405 -65.24 30.27 -3.57
N ARG C 406 -65.82 31.41 -3.17
CA ARG C 406 -67.28 31.57 -3.19
C ARG C 406 -67.75 31.71 -4.64
N THR C 407 -67.74 30.57 -5.34
CA THR C 407 -68.20 30.43 -6.72
C THR C 407 -67.53 31.42 -7.66
N GLN C 408 -68.17 31.70 -8.79
CA GLN C 408 -67.72 32.78 -9.67
C GLN C 408 -68.21 34.14 -9.21
N ALA C 409 -69.13 34.18 -8.23
CA ALA C 409 -69.61 35.45 -7.71
C ALA C 409 -68.51 36.21 -6.99
N GLN C 410 -67.74 35.53 -6.15
CA GLN C 410 -66.64 36.14 -5.43
C GLN C 410 -65.33 35.71 -6.07
N HIS C 411 -64.49 36.68 -6.41
CA HIS C 411 -63.23 36.40 -7.06
C HIS C 411 -62.19 37.43 -6.64
N LEU C 412 -60.94 36.97 -6.49
CA LEU C 412 -59.80 37.84 -6.29
C LEU C 412 -59.04 38.10 -7.58
N PHE C 413 -59.73 38.00 -8.72
CA PHE C 413 -59.07 38.23 -10.01
C PHE C 413 -58.62 39.68 -10.16
N ILE C 414 -59.37 40.63 -9.59
CA ILE C 414 -58.97 42.02 -9.63
C ILE C 414 -57.66 42.22 -8.87
N ILE C 415 -57.54 41.61 -7.69
CA ILE C 415 -56.32 41.72 -6.91
C ILE C 415 -55.17 41.00 -7.62
N LEU C 416 -55.46 39.87 -8.25
CA LEU C 416 -54.44 39.15 -8.99
C LEU C 416 -53.90 39.99 -10.15
N MET C 417 -54.80 40.66 -10.88
CA MET C 417 -54.37 41.53 -11.98
C MET C 417 -53.58 42.73 -11.45
N GLU C 418 -54.03 43.30 -10.33
CA GLU C 418 -53.31 44.43 -9.75
C GLU C 418 -51.90 44.04 -9.33
N CYS C 419 -51.73 42.85 -8.77
CA CYS C 419 -50.40 42.39 -8.38
C CYS C 419 -49.57 42.02 -9.61
N MET C 420 -50.20 41.43 -10.63
CA MET C 420 -49.49 41.07 -11.85
C MET C 420 -49.09 42.30 -12.67
N LYS C 421 -49.71 43.45 -12.40
CA LYS C 421 -49.34 44.69 -13.08
C LYS C 421 -47.87 45.03 -12.85
N LYS C 422 -47.37 44.79 -11.63
CA LYS C 422 -45.96 44.97 -11.32
C LYS C 422 -45.26 43.63 -11.48
N LYS C 423 -45.04 43.24 -12.74
CA LYS C 423 -44.56 41.91 -13.07
C LYS C 423 -43.04 41.83 -13.18
N GLU C 424 -42.33 42.92 -12.92
CA GLU C 424 -40.87 42.89 -13.03
C GLU C 424 -40.19 42.38 -11.76
N LEU C 425 -40.95 42.06 -10.73
CA LEU C 425 -40.41 41.58 -9.46
C LEU C 425 -40.66 40.11 -9.21
N ILE C 426 -41.83 39.60 -9.60
CA ILE C 426 -42.20 38.22 -9.30
C ILE C 426 -41.31 37.27 -10.09
N THR C 427 -40.72 36.31 -9.40
CA THR C 427 -39.88 35.30 -10.03
C THR C 427 -40.53 33.94 -9.82
N VAL C 428 -40.64 33.16 -10.89
CA VAL C 428 -41.27 31.85 -10.86
C VAL C 428 -40.20 30.80 -11.06
N PHE C 429 -40.19 29.79 -10.18
CA PHE C 429 -39.22 28.70 -10.25
C PHE C 429 -39.90 27.47 -10.83
N ARG C 430 -39.34 26.95 -11.93
CA ARG C 430 -39.82 25.72 -12.54
C ARG C 430 -38.61 24.82 -12.81
N MET C 431 -38.72 23.55 -12.40
CA MET C 431 -37.61 22.62 -12.56
C MET C 431 -37.60 22.07 -13.99
N GLY C 432 -36.42 22.04 -14.59
CA GLY C 432 -36.25 21.45 -15.91
C GLY C 432 -36.80 22.28 -17.05
N SER C 433 -38.06 22.70 -16.94
CA SER C 433 -38.71 23.42 -18.02
C SER C 433 -38.05 24.77 -18.28
N GLU C 434 -37.70 25.49 -17.22
CA GLU C 434 -37.12 26.83 -17.33
C GLU C 434 -35.74 26.85 -16.68
N GLY C 435 -35.13 28.03 -16.66
CA GLY C 435 -33.83 28.22 -16.05
C GLY C 435 -33.93 28.29 -14.54
N HIS C 436 -32.75 28.49 -13.93
CA HIS C 436 -32.60 28.57 -12.47
C HIS C 436 -33.16 27.32 -11.79
N GLN C 437 -32.53 26.19 -12.11
CA GLN C 437 -32.97 24.89 -11.57
C GLN C 437 -32.73 24.78 -10.07
N ASP C 438 -31.97 25.68 -9.47
CA ASP C 438 -31.66 25.64 -8.05
C ASP C 438 -32.32 26.81 -7.34
N ILE C 439 -32.91 26.53 -6.17
CA ILE C 439 -33.59 27.57 -5.41
C ILE C 439 -32.63 28.65 -4.95
N ASP C 440 -31.45 28.24 -4.47
CA ASP C 440 -30.47 29.22 -3.99
C ASP C 440 -30.03 30.17 -5.10
N LEU C 441 -29.87 29.64 -6.32
CA LEU C 441 -29.64 30.52 -7.46
C LEU C 441 -30.85 31.40 -7.72
N ALA C 442 -32.05 30.83 -7.60
CA ALA C 442 -33.27 31.60 -7.84
C ALA C 442 -33.49 32.69 -6.80
N ILE C 443 -33.19 32.40 -5.53
CA ILE C 443 -33.39 33.38 -4.48
C ILE C 443 -32.44 34.56 -4.65
N LEU C 444 -31.15 34.28 -4.88
CA LEU C 444 -30.16 35.35 -4.92
C LEU C 444 -30.29 36.19 -6.20
N THR C 445 -30.56 35.53 -7.33
CA THR C 445 -30.70 36.28 -8.59
C THR C 445 -31.91 37.20 -8.54
N ALA C 446 -33.01 36.75 -7.94
CA ALA C 446 -34.20 37.58 -7.82
C ALA C 446 -34.00 38.78 -6.91
N LEU C 447 -32.93 38.80 -6.11
CA LEU C 447 -32.67 39.93 -5.24
C LEU C 447 -31.89 41.03 -5.94
N LEU C 448 -30.85 40.67 -6.71
CA LEU C 448 -30.08 41.66 -7.43
C LEU C 448 -30.92 42.36 -8.49
N LYS C 449 -31.73 41.60 -9.21
CA LYS C 449 -32.60 42.18 -10.24
C LYS C 449 -33.65 43.10 -9.62
N GLY C 450 -34.26 42.67 -8.51
CA GLY C 450 -35.34 43.42 -7.91
C GLY C 450 -34.92 44.54 -6.98
N ALA C 451 -33.63 44.69 -6.71
CA ALA C 451 -33.17 45.76 -5.84
C ALA C 451 -33.09 47.11 -6.54
N ASN C 452 -33.19 47.13 -7.86
CA ASN C 452 -33.03 48.36 -8.66
C ASN C 452 -31.71 49.05 -8.34
N ALA C 453 -30.66 48.26 -8.21
CA ALA C 453 -29.35 48.74 -7.77
C ALA C 453 -28.37 48.77 -8.93
N SER C 454 -27.37 49.64 -8.80
CA SER C 454 -26.34 49.78 -9.81
C SER C 454 -25.32 48.65 -9.68
N ALA C 455 -24.43 48.56 -10.67
CA ALA C 455 -23.40 47.52 -10.65
C ALA C 455 -22.49 47.57 -9.43
N PRO C 456 -21.99 48.73 -8.95
CA PRO C 456 -21.24 48.72 -7.69
C PRO C 456 -22.05 48.19 -6.51
N ASP C 457 -23.35 48.49 -6.45
CA ASP C 457 -24.16 48.00 -5.34
C ASP C 457 -24.37 46.49 -5.43
N GLN C 458 -24.56 45.97 -6.65
CA GLN C 458 -24.65 44.52 -6.81
C GLN C 458 -23.35 43.85 -6.41
N LEU C 459 -22.22 44.44 -6.78
CA LEU C 459 -20.93 43.88 -6.39
C LEU C 459 -20.74 43.92 -4.88
N SER C 460 -21.18 45.01 -4.24
CA SER C 460 -21.09 45.09 -2.79
C SER C 460 -21.94 44.05 -2.10
N LEU C 461 -23.16 43.82 -2.62
CA LEU C 461 -24.01 42.77 -2.07
C LEU C 461 -23.37 41.40 -2.23
N ALA C 462 -22.79 41.12 -3.40
CA ALA C 462 -22.13 39.84 -3.59
C ALA C 462 -20.92 39.68 -2.70
N LEU C 463 -20.19 40.78 -2.44
CA LEU C 463 -19.08 40.73 -1.49
C LEU C 463 -19.56 40.43 -0.09
N ALA C 464 -20.65 41.08 0.33
CA ALA C 464 -21.18 40.85 1.68
C ALA C 464 -21.69 39.42 1.84
N TRP C 465 -22.28 38.85 0.79
CA TRP C 465 -22.77 37.49 0.87
C TRP C 465 -21.67 36.45 0.70
N ASN C 466 -20.47 36.86 0.32
CA ASN C 466 -19.35 35.95 0.07
C ASN C 466 -19.68 34.89 -0.97
N ARG C 467 -20.51 35.25 -1.94
CA ARG C 467 -20.83 34.39 -3.07
C ARG C 467 -20.14 34.96 -4.30
N VAL C 468 -19.14 34.26 -4.80
CA VAL C 468 -18.37 34.76 -5.94
C VAL C 468 -18.95 34.28 -7.26
N ASP C 469 -19.62 33.12 -7.28
CA ASP C 469 -20.18 32.61 -8.52
C ASP C 469 -21.32 33.48 -9.03
N ILE C 470 -22.10 34.08 -8.12
CA ILE C 470 -23.17 34.97 -8.54
C ILE C 470 -22.61 36.20 -9.23
N ALA C 471 -21.54 36.77 -8.67
CA ALA C 471 -20.88 37.90 -9.34
C ALA C 471 -20.22 37.46 -10.63
N ARG C 472 -19.79 36.19 -10.71
CA ARG C 472 -19.16 35.69 -11.92
C ARG C 472 -20.17 35.58 -13.06
N SER C 473 -21.36 35.05 -12.77
CA SER C 473 -22.34 34.76 -13.81
C SER C 473 -23.24 35.94 -14.13
N GLN C 474 -23.67 36.68 -13.11
CA GLN C 474 -24.64 37.76 -13.30
C GLN C 474 -24.00 39.14 -13.34
N ILE C 475 -23.14 39.46 -12.38
CA ILE C 475 -22.64 40.83 -12.26
C ILE C 475 -21.59 41.12 -13.32
N PHE C 476 -20.48 40.39 -13.29
CA PHE C 476 -19.39 40.61 -14.24
C PHE C 476 -19.79 40.04 -15.60
N ILE C 477 -20.54 40.85 -16.34
CA ILE C 477 -21.00 40.52 -17.68
C ILE C 477 -20.69 41.71 -18.59
N TYR C 478 -20.67 41.45 -19.90
CA TYR C 478 -20.31 42.48 -20.85
C TYR C 478 -21.38 43.56 -20.90
N GLY C 479 -20.94 44.82 -20.81
CA GLY C 479 -21.84 45.95 -20.89
C GLY C 479 -22.41 46.36 -19.54
N GLN C 480 -21.54 46.44 -18.52
CA GLN C 480 -21.99 46.84 -17.19
C GLN C 480 -21.68 48.28 -16.85
N GLN C 481 -20.65 48.87 -17.46
CA GLN C 481 -20.34 50.29 -17.34
C GLN C 481 -20.10 50.70 -15.89
N TRP C 482 -19.04 50.15 -15.33
CA TRP C 482 -18.60 50.56 -14.00
C TRP C 482 -18.15 52.02 -14.03
N PRO C 483 -18.55 52.82 -13.05
CA PRO C 483 -18.08 54.20 -12.99
C PRO C 483 -16.61 54.26 -12.61
N VAL C 484 -16.04 55.46 -12.72
CA VAL C 484 -14.63 55.65 -12.42
C VAL C 484 -14.40 55.53 -10.92
N GLY C 485 -13.40 54.74 -10.54
CA GLY C 485 -13.10 54.53 -9.15
C GLY C 485 -14.03 53.58 -8.41
N SER C 486 -14.70 52.69 -9.13
CA SER C 486 -15.58 51.71 -8.51
C SER C 486 -14.90 50.37 -8.30
N LEU C 487 -14.22 49.84 -9.33
CA LEU C 487 -13.50 48.59 -9.17
C LEU C 487 -12.35 48.73 -8.17
N GLU C 488 -11.74 49.91 -8.10
CA GLU C 488 -10.71 50.14 -7.09
C GLU C 488 -11.29 50.05 -5.68
N GLN C 489 -12.46 50.65 -5.46
CA GLN C 489 -13.10 50.56 -4.16
C GLN C 489 -13.50 49.12 -3.85
N ALA C 490 -13.96 48.38 -4.86
CA ALA C 490 -14.29 46.98 -4.66
C ALA C 490 -13.05 46.19 -4.27
N MET C 491 -11.91 46.48 -4.90
CA MET C 491 -10.67 45.80 -4.54
C MET C 491 -10.25 46.13 -3.11
N LEU C 492 -10.38 47.40 -2.72
CA LEU C 492 -10.04 47.78 -1.35
C LEU C 492 -10.93 47.05 -0.34
N ASP C 493 -12.23 47.01 -0.61
CA ASP C 493 -13.15 46.34 0.31
C ASP C 493 -12.95 44.83 0.34
N ALA C 494 -12.55 44.23 -0.79
CA ALA C 494 -12.27 42.80 -0.80
C ALA C 494 -10.97 42.49 -0.07
N LEU C 495 -9.97 43.37 -0.15
CA LEU C 495 -8.75 43.18 0.61
C LEU C 495 -8.98 43.32 2.10
N VAL C 496 -9.80 44.28 2.51
CA VAL C 496 -10.08 44.47 3.92
C VAL C 496 -10.79 43.26 4.51
N LEU C 497 -11.80 42.75 3.81
CA LEU C 497 -12.65 41.69 4.34
C LEU C 497 -12.05 40.29 4.18
N ASP C 498 -10.86 40.17 3.57
CA ASP C 498 -10.22 38.88 3.30
C ASP C 498 -11.12 38.01 2.41
N ARG C 499 -11.36 38.49 1.20
CA ARG C 499 -12.10 37.76 0.18
C ARG C 499 -11.13 37.50 -0.96
N VAL C 500 -10.39 36.39 -0.86
CA VAL C 500 -9.34 36.09 -1.83
C VAL C 500 -9.93 35.83 -3.21
N ASP C 501 -11.06 35.13 -3.27
CA ASP C 501 -11.69 34.86 -4.56
C ASP C 501 -12.13 36.14 -5.25
N PHE C 502 -12.65 37.10 -4.48
CA PHE C 502 -13.05 38.36 -5.09
C PHE C 502 -11.85 39.19 -5.53
N VAL C 503 -10.74 39.13 -4.78
CA VAL C 503 -9.52 39.80 -5.23
C VAL C 503 -9.04 39.21 -6.55
N LYS C 504 -9.05 37.87 -6.65
CA LYS C 504 -8.65 37.23 -7.90
C LYS C 504 -9.59 37.60 -9.04
N LEU C 505 -10.90 37.66 -8.76
CA LEU C 505 -11.86 38.02 -9.80
C LEU C 505 -11.67 39.46 -10.27
N LEU C 506 -11.45 40.38 -9.34
CA LEU C 506 -11.25 41.77 -9.72
C LEU C 506 -9.95 41.96 -10.49
N ILE C 507 -8.90 41.24 -10.10
CA ILE C 507 -7.65 41.28 -10.86
C ILE C 507 -7.87 40.74 -12.26
N GLU C 508 -8.62 39.64 -12.37
CA GLU C 508 -8.90 39.02 -13.65
C GLU C 508 -9.85 39.84 -14.52
N ASN C 509 -10.48 40.87 -13.96
CA ASN C 509 -11.47 41.67 -14.68
C ASN C 509 -11.04 43.13 -14.82
N GLY C 510 -9.74 43.38 -14.89
CA GLY C 510 -9.28 44.71 -15.27
C GLY C 510 -8.34 45.43 -14.32
N VAL C 511 -8.57 45.33 -13.01
CA VAL C 511 -7.81 46.12 -12.07
C VAL C 511 -6.37 45.61 -11.99
N SER C 512 -5.46 46.50 -11.62
CA SER C 512 -4.05 46.19 -11.49
C SER C 512 -3.52 46.73 -10.18
N MET C 513 -2.68 45.94 -9.50
CA MET C 513 -2.16 46.34 -8.20
C MET C 513 -1.14 47.45 -8.28
N HIS C 514 -0.51 47.66 -9.44
CA HIS C 514 0.48 48.71 -9.56
C HIS C 514 -0.15 50.09 -9.46
N ARG C 515 -1.40 50.23 -9.88
CA ARG C 515 -2.08 51.52 -9.86
C ARG C 515 -2.99 51.69 -8.65
N PHE C 516 -3.60 50.60 -8.16
CA PHE C 516 -4.46 50.70 -7.00
C PHE C 516 -3.66 51.01 -5.74
N LEU C 517 -2.59 50.26 -5.50
CA LEU C 517 -1.89 50.29 -4.22
C LEU C 517 -1.05 51.55 -4.12
N THR C 518 -1.41 52.44 -3.21
CA THR C 518 -0.63 53.62 -2.89
C THR C 518 -0.23 53.57 -1.42
N ILE C 519 0.35 54.65 -0.92
CA ILE C 519 0.71 54.72 0.49
C ILE C 519 -0.54 54.81 1.36
N SER C 520 -1.52 55.62 0.93
CA SER C 520 -2.75 55.78 1.70
C SER C 520 -3.54 54.47 1.75
N ARG C 521 -3.62 53.76 0.62
CA ARG C 521 -4.34 52.49 0.61
C ARG C 521 -3.69 51.48 1.53
N LEU C 522 -2.36 51.39 1.51
CA LEU C 522 -1.66 50.46 2.40
C LEU C 522 -1.85 50.84 3.86
N GLU C 523 -1.78 52.14 4.17
CA GLU C 523 -2.01 52.59 5.54
C GLU C 523 -3.41 52.25 6.00
N GLU C 524 -4.40 52.37 5.11
CA GLU C 524 -5.75 51.94 5.45
C GLU C 524 -5.82 50.45 5.68
N LEU C 525 -5.14 49.67 4.84
CA LEU C 525 -5.19 48.21 4.96
C LEU C 525 -4.51 47.72 6.24
N TYR C 526 -3.56 48.48 6.77
CA TYR C 526 -2.91 48.09 8.02
C TYR C 526 -3.78 48.36 9.25
N ASN C 527 -4.79 49.20 9.14
CA ASN C 527 -5.58 49.65 10.27
C ASN C 527 -7.05 49.22 10.16
N THR C 528 -7.28 47.97 9.76
CA THR C 528 -8.63 47.46 9.61
C THR C 528 -9.01 46.57 10.79
N ARG C 529 -10.28 46.64 11.16
CA ARG C 529 -10.85 45.77 12.18
C ARG C 529 -11.70 44.66 11.59
N HIS C 530 -11.74 44.55 10.27
CA HIS C 530 -12.54 43.53 9.59
C HIS C 530 -11.64 42.35 9.22
N GLY C 531 -12.09 41.15 9.53
CA GLY C 531 -11.34 39.95 9.24
C GLY C 531 -10.89 39.23 10.50
N PRO C 532 -10.08 38.20 10.33
CA PRO C 532 -9.61 37.45 11.49
C PRO C 532 -8.73 38.28 12.40
N SER C 533 -8.77 37.96 13.69
CA SER C 533 -7.95 38.67 14.67
C SER C 533 -6.48 38.39 14.43
N ASN C 534 -5.66 39.42 14.63
CA ASN C 534 -4.23 39.33 14.40
C ASN C 534 -3.46 39.69 15.66
N THR C 535 -2.14 39.83 15.54
CA THR C 535 -1.28 40.17 16.68
C THR C 535 -0.41 41.38 16.36
N LEU C 536 -0.86 42.24 15.44
CA LEU C 536 -0.05 43.39 15.04
C LEU C 536 0.02 44.45 16.14
N TYR C 537 -1.07 44.63 16.89
CA TYR C 537 -1.12 45.69 17.88
C TYR C 537 -0.13 45.45 19.02
N HIS C 538 -0.04 44.20 19.49
CA HIS C 538 0.92 43.88 20.54
C HIS C 538 2.35 44.07 20.05
N LEU C 539 2.60 43.70 18.79
CA LEU C 539 3.93 43.89 18.22
C LEU C 539 4.29 45.36 18.12
N VAL C 540 3.31 46.20 17.74
CA VAL C 540 3.57 47.64 17.69
C VAL C 540 3.84 48.19 19.08
N ARG C 541 3.07 47.75 20.08
CA ARG C 541 3.30 48.22 21.44
C ARG C 541 4.64 47.75 22.00
N ASP C 542 5.12 46.58 21.57
CA ASP C 542 6.43 46.11 22.00
C ASP C 542 7.58 46.84 21.31
N VAL C 543 7.51 46.99 19.98
CA VAL C 543 8.57 47.68 19.26
C VAL C 543 8.58 49.16 19.61
N LYS C 544 7.41 49.79 19.56
CA LYS C 544 7.26 51.18 20.01
C LYS C 544 7.01 51.14 21.51
N LYS C 545 8.10 51.00 22.27
CA LYS C 545 7.99 50.87 23.71
C LYS C 545 7.49 52.16 24.33
N GLY C 546 6.53 52.04 25.22
CA GLY C 546 5.95 53.20 25.87
C GLY C 546 4.48 52.97 26.16
N ASN C 547 3.88 53.96 26.83
CA ASN C 547 2.47 53.89 27.18
C ASN C 547 1.59 53.88 25.93
N LEU C 548 1.94 54.70 24.93
CA LEU C 548 1.32 54.80 23.61
C LEU C 548 -0.07 55.43 23.69
N PRO C 549 -0.44 56.22 22.69
CA PRO C 549 -1.76 56.89 22.70
C PRO C 549 -2.88 55.87 22.58
N PRO C 550 -4.11 56.22 22.97
CA PRO C 550 -5.22 55.26 22.88
C PRO C 550 -5.61 54.98 21.44
N ASP C 551 -4.80 54.15 20.77
CA ASP C 551 -4.95 53.74 19.38
C ASP C 551 -4.69 54.88 18.41
N TYR C 552 -4.11 54.56 17.26
CA TYR C 552 -3.82 55.56 16.24
C TYR C 552 -3.69 54.85 14.90
N ARG C 553 -3.71 55.64 13.83
CA ARG C 553 -3.44 55.13 12.50
C ARG C 553 -1.99 54.68 12.44
N ILE C 554 -1.77 53.36 12.37
CA ILE C 554 -0.42 52.80 12.42
C ILE C 554 0.33 53.24 11.17
N SER C 555 1.34 54.07 11.34
CA SER C 555 2.12 54.56 10.22
C SER C 555 2.99 53.45 9.65
N LEU C 556 3.40 53.63 8.39
CA LEU C 556 4.26 52.65 7.75
C LEU C 556 5.64 52.61 8.39
N ILE C 557 6.05 53.70 9.03
CA ILE C 557 7.35 53.73 9.72
C ILE C 557 7.35 52.74 10.87
N ASP C 558 6.23 52.66 11.61
CA ASP C 558 6.13 51.68 12.69
C ASP C 558 6.13 50.25 12.15
N ILE C 559 5.55 50.05 10.97
CA ILE C 559 5.59 48.73 10.34
C ILE C 559 7.02 48.38 9.94
N GLY C 560 7.78 49.36 9.43
CA GLY C 560 9.18 49.12 9.17
C GLY C 560 9.95 48.76 10.43
N LEU C 561 9.66 49.45 11.53
CA LEU C 561 10.33 49.15 12.79
C LEU C 561 10.01 47.74 13.28
N VAL C 562 8.74 47.33 13.19
CA VAL C 562 8.41 45.98 13.65
C VAL C 562 8.98 44.93 12.73
N ILE C 563 9.07 45.20 11.43
CA ILE C 563 9.71 44.25 10.52
C ILE C 563 11.20 44.11 10.85
N GLU C 564 11.88 45.23 11.09
CA GLU C 564 13.29 45.16 11.46
C GLU C 564 13.50 44.46 12.80
N TYR C 565 12.56 44.62 13.73
CA TYR C 565 12.66 43.90 15.00
C TYR C 565 12.46 42.41 14.80
N LEU C 566 11.53 42.02 13.92
CA LEU C 566 11.25 40.60 13.73
C LEU C 566 12.37 39.90 12.97
N MET C 567 12.95 40.56 11.97
CA MET C 567 13.91 39.88 11.10
C MET C 567 15.22 39.61 11.83
N GLY C 568 15.91 40.64 12.28
CA GLY C 568 17.17 40.44 12.94
C GLY C 568 17.89 41.75 13.17
N GLY C 569 19.09 41.63 13.73
CA GLY C 569 19.87 42.81 14.05
C GLY C 569 20.34 43.56 12.82
N ALA C 570 20.81 42.85 11.80
CA ALA C 570 21.42 43.47 10.63
C ALA C 570 20.39 43.91 9.59
N TYR C 571 19.15 43.48 9.70
CA TYR C 571 18.15 43.80 8.68
C TYR C 571 17.74 45.26 8.77
N ARG C 572 17.48 45.85 7.60
CA ARG C 572 17.04 47.25 7.52
C ARG C 572 15.96 47.34 6.46
N CYS C 573 14.70 47.45 6.89
CA CYS C 573 13.58 47.54 5.98
C CYS C 573 13.58 48.89 5.26
N ASN C 574 12.97 48.90 4.08
CA ASN C 574 12.98 50.10 3.24
C ASN C 574 12.15 51.23 3.81
N TYR C 575 11.22 50.93 4.73
CA TYR C 575 10.36 51.97 5.27
C TYR C 575 11.15 52.96 6.12
N THR C 576 12.11 52.47 6.89
CA THR C 576 12.86 53.34 7.80
C THR C 576 14.03 54.04 7.13
N ARG C 577 14.26 53.82 5.85
CA ARG C 577 15.31 54.53 5.14
C ARG C 577 14.97 56.02 5.06
N LYS C 578 16.01 56.85 4.93
CA LYS C 578 15.79 58.29 4.98
C LYS C 578 15.04 58.79 3.75
N ARG C 579 15.15 58.09 2.62
CA ARG C 579 14.37 58.46 1.44
C ARG C 579 12.88 58.32 1.71
N PHE C 580 12.46 57.16 2.21
CA PHE C 580 11.05 56.97 2.50
C PHE C 580 10.61 57.79 3.70
N ARG C 581 11.50 58.03 4.66
CA ARG C 581 11.15 58.90 5.78
C ARG C 581 10.86 60.32 5.31
N THR C 582 11.67 60.83 4.37
CA THR C 582 11.41 62.16 3.84
C THR C 582 10.20 62.17 2.92
N LEU C 583 9.94 61.06 2.21
CA LEU C 583 8.76 60.99 1.36
C LEU C 583 7.47 60.87 2.16
N TYR C 584 7.53 60.34 3.38
CA TYR C 584 6.36 60.16 4.21
C TYR C 584 6.17 61.28 5.22
N HIS C 585 7.22 61.99 5.59
CA HIS C 585 7.12 63.03 6.63
C HIS C 585 6.30 64.22 6.16
N ASN C 586 6.15 64.42 4.85
CA ASN C 586 5.32 65.49 4.30
C ASN C 586 3.91 65.00 3.96
N LEU C 587 3.39 64.06 4.74
CA LEU C 587 2.05 63.53 4.52
C LEU C 587 1.30 63.41 5.84
N ASN C 631 2.37 58.66 -3.51
CA ASN C 631 3.13 58.03 -4.58
C ASN C 631 2.91 56.52 -4.55
N HIS C 632 3.28 55.84 -5.64
CA HIS C 632 3.04 54.42 -5.78
C HIS C 632 4.30 53.63 -5.40
N PHE C 633 4.20 52.31 -5.49
CA PHE C 633 5.29 51.41 -5.18
C PHE C 633 5.79 50.70 -6.43
N PRO C 634 7.08 50.46 -6.56
CA PRO C 634 7.61 49.75 -7.73
C PRO C 634 7.14 48.31 -7.78
N PHE C 635 7.28 47.60 -6.66
CA PHE C 635 6.80 46.23 -6.53
C PHE C 635 5.69 46.21 -5.49
N PRO C 636 4.43 46.15 -5.89
CA PRO C 636 3.33 46.22 -4.91
C PRO C 636 3.13 44.92 -4.16
N PHE C 637 3.37 43.80 -4.85
CA PHE C 637 3.11 42.51 -4.25
C PHE C 637 4.07 42.19 -3.11
N HIS C 638 5.25 42.82 -3.07
CA HIS C 638 6.11 42.67 -1.91
C HIS C 638 5.43 43.20 -0.66
N GLU C 639 4.93 44.43 -0.72
CA GLU C 639 4.27 45.02 0.43
C GLU C 639 2.96 44.31 0.76
N LEU C 640 2.23 43.87 -0.26
CA LEU C 640 1.00 43.11 0.02
C LEU C 640 1.31 41.77 0.67
N MET C 641 2.37 41.10 0.25
CA MET C 641 2.77 39.83 0.86
C MET C 641 3.18 40.04 2.31
N VAL C 642 3.96 41.09 2.58
CA VAL C 642 4.36 41.37 3.96
C VAL C 642 3.14 41.71 4.81
N TRP C 643 2.19 42.47 4.26
CA TRP C 643 0.97 42.80 4.99
C TRP C 643 0.17 41.55 5.30
N ALA C 644 0.04 40.65 4.34
CA ALA C 644 -0.73 39.42 4.59
C ALA C 644 -0.02 38.52 5.59
N VAL C 645 1.32 38.50 5.59
CA VAL C 645 2.04 37.68 6.55
C VAL C 645 1.91 38.24 7.95
N LEU C 646 2.04 39.56 8.11
CA LEU C 646 2.01 40.16 9.43
C LEU C 646 0.63 40.04 10.07
N MET C 647 -0.43 40.16 9.29
CA MET C 647 -1.79 40.13 9.82
C MET C 647 -2.39 38.73 9.85
N LYS C 648 -1.59 37.70 9.56
CA LYS C 648 -1.98 36.30 9.71
C LYS C 648 -3.19 35.97 8.83
N ARG C 649 -3.01 36.16 7.52
CA ARG C 649 -4.00 35.76 6.52
C ARG C 649 -3.29 34.84 5.55
N GLN C 650 -3.41 33.53 5.77
CA GLN C 650 -2.57 32.58 5.06
C GLN C 650 -2.96 32.44 3.60
N LYS C 651 -4.26 32.36 3.30
CA LYS C 651 -4.69 32.18 1.92
C LYS C 651 -4.33 33.39 1.08
N MET C 652 -4.50 34.60 1.62
CA MET C 652 -4.12 35.80 0.90
C MET C 652 -2.62 35.86 0.68
N ALA C 653 -1.84 35.46 1.68
CA ALA C 653 -0.38 35.46 1.52
C ALA C 653 0.06 34.46 0.46
N LEU C 654 -0.54 33.28 0.45
CA LEU C 654 -0.20 32.29 -0.56
C LEU C 654 -0.61 32.75 -1.95
N PHE C 655 -1.71 33.49 -2.07
CA PHE C 655 -2.08 34.05 -3.36
C PHE C 655 -1.09 35.11 -3.81
N PHE C 656 -0.69 35.99 -2.90
CA PHE C 656 0.23 37.06 -3.28
C PHE C 656 1.65 36.56 -3.50
N TRP C 657 1.98 35.38 -2.99
CA TRP C 657 3.34 34.87 -3.15
C TRP C 657 3.66 34.54 -4.60
N GLN C 658 2.70 33.98 -5.33
CA GLN C 658 2.95 33.48 -6.67
C GLN C 658 2.82 34.56 -7.75
N HIS C 659 2.64 35.81 -7.36
CA HIS C 659 2.57 36.92 -8.31
C HIS C 659 3.74 37.85 -8.07
N GLY C 660 4.37 38.30 -9.14
CA GLY C 660 5.52 39.18 -9.06
C GLY C 660 6.83 38.42 -9.10
N GLU C 661 7.90 39.16 -8.84
CA GLU C 661 9.25 38.63 -8.92
C GLU C 661 9.80 38.37 -7.51
N GLU C 662 10.98 37.75 -7.47
CA GLU C 662 11.67 37.40 -6.23
C GLU C 662 10.80 36.49 -5.36
N ALA C 663 10.36 35.38 -5.95
CA ALA C 663 9.44 34.49 -5.26
C ALA C 663 10.13 33.75 -4.11
N MET C 664 11.35 33.27 -4.33
CA MET C 664 12.03 32.50 -3.29
C MET C 664 12.46 33.38 -2.13
N ALA C 665 12.92 34.60 -2.43
CA ALA C 665 13.25 35.54 -1.36
C ALA C 665 12.01 35.88 -0.54
N LYS C 666 10.87 36.06 -1.21
CA LYS C 666 9.63 36.33 -0.50
C LYS C 666 9.24 35.15 0.39
N ALA C 667 9.41 33.93 -0.11
CA ALA C 667 9.08 32.76 0.70
C ALA C 667 9.98 32.67 1.93
N LEU C 668 11.28 32.92 1.77
CA LEU C 668 12.18 32.85 2.91
C LEU C 668 11.90 33.94 3.93
N VAL C 669 11.62 35.16 3.46
CA VAL C 669 11.28 36.25 4.38
C VAL C 669 9.99 35.94 5.11
N ALA C 670 9.00 35.37 4.41
CA ALA C 670 7.75 35.00 5.07
C ALA C 670 7.97 33.93 6.12
N CYS C 671 8.81 32.93 5.82
CA CYS C 671 9.10 31.89 6.79
C CYS C 671 9.77 32.46 8.04
N LYS C 672 10.76 33.34 7.84
CA LYS C 672 11.42 33.96 8.99
C LYS C 672 10.45 34.81 9.81
N LEU C 673 9.59 35.58 9.14
CA LEU C 673 8.62 36.42 9.84
C LEU C 673 7.65 35.57 10.64
N CYS C 674 7.16 34.47 10.07
CA CYS C 674 6.22 33.62 10.79
C CYS C 674 6.88 32.95 11.97
N LYS C 675 8.14 32.51 11.82
CA LYS C 675 8.85 31.92 12.95
C LYS C 675 9.04 32.94 14.08
N ALA C 676 9.45 34.16 13.74
CA ALA C 676 9.64 35.19 14.76
C ALA C 676 8.32 35.57 15.42
N MET C 677 7.24 35.63 14.63
CA MET C 677 5.94 35.95 15.19
C MET C 677 5.44 34.85 16.13
N ALA C 678 5.71 33.58 15.78
CA ALA C 678 5.36 32.49 16.68
C ALA C 678 6.16 32.56 17.98
N HIS C 679 7.45 32.89 17.89
CA HIS C 679 8.27 33.01 19.09
C HIS C 679 7.76 34.15 19.97
N GLU C 680 7.38 35.28 19.37
CA GLU C 680 6.84 36.38 20.14
C GLU C 680 5.46 36.04 20.72
N ALA C 681 4.66 35.27 19.99
CA ALA C 681 3.32 34.93 20.47
C ALA C 681 3.38 33.97 21.64
N SER C 682 4.28 33.00 21.61
CA SER C 682 4.40 32.10 22.76
C SER C 682 5.38 32.64 23.78
N GLU C 683 5.26 33.92 24.07
CA GLU C 683 5.95 34.57 25.17
C GLU C 683 5.03 35.45 26.01
N ASN C 684 4.11 36.16 25.39
CA ASN C 684 3.24 37.11 26.08
C ASN C 684 1.90 36.50 26.47
N ASP C 685 1.95 35.32 27.11
CA ASP C 685 0.81 34.59 27.66
C ASP C 685 -0.43 34.67 26.76
N MET C 686 -0.24 34.32 25.49
CA MET C 686 -1.32 34.35 24.51
C MET C 686 -2.21 33.11 24.69
N VAL C 687 -3.10 32.88 23.73
CA VAL C 687 -4.08 31.81 23.83
C VAL C 687 -3.43 30.46 23.52
N ASP C 688 -2.14 30.48 23.17
CA ASP C 688 -1.29 29.33 22.93
C ASP C 688 -1.72 28.50 21.72
N ASP C 689 -2.76 28.91 21.00
CA ASP C 689 -3.12 28.27 19.74
C ASP C 689 -2.70 29.11 18.54
N ILE C 690 -2.38 30.39 18.75
CA ILE C 690 -1.82 31.20 17.69
C ILE C 690 -0.43 30.70 17.31
N SER C 691 0.33 30.21 18.30
CA SER C 691 1.69 29.76 18.04
C SER C 691 1.71 28.56 17.10
N GLN C 692 0.77 27.63 17.28
CA GLN C 692 0.72 26.46 16.41
C GLN C 692 0.41 26.86 14.97
N GLU C 693 -0.55 27.77 14.78
CA GLU C 693 -0.89 28.23 13.44
C GLU C 693 0.28 28.97 12.80
N LEU C 694 0.97 29.80 13.57
CA LEU C 694 2.12 30.52 13.02
C LEU C 694 3.26 29.58 12.66
N ASN C 695 3.50 28.56 13.49
CA ASN C 695 4.51 27.56 13.14
C ASN C 695 4.13 26.80 11.89
N HIS C 696 2.86 26.46 11.73
CA HIS C 696 2.41 25.77 10.53
C HIS C 696 2.59 26.65 9.29
N ASN C 697 2.28 27.95 9.42
CA ASN C 697 2.50 28.88 8.31
C ASN C 697 3.97 28.96 7.95
N SER C 698 4.85 29.04 8.95
CA SER C 698 6.28 29.07 8.68
C SER C 698 6.75 27.82 7.99
N ARG C 699 6.26 26.65 8.44
CA ARG C 699 6.65 25.40 7.79
C ARG C 699 6.15 25.34 6.35
N ASP C 700 4.94 25.82 6.10
CA ASP C 700 4.42 25.83 4.73
C ASP C 700 5.26 26.73 3.83
N PHE C 701 5.63 27.91 4.31
CA PHE C 701 6.46 28.80 3.49
C PHE C 701 7.84 28.22 3.25
N GLY C 702 8.42 27.57 4.27
CA GLY C 702 9.70 26.92 4.08
C GLY C 702 9.63 25.79 3.06
N GLN C 703 8.55 25.00 3.11
CA GLN C 703 8.38 23.93 2.13
C GLN C 703 8.23 24.49 0.73
N LEU C 704 7.50 25.60 0.58
CA LEU C 704 7.38 26.23 -0.73
C LEU C 704 8.73 26.70 -1.25
N ALA C 705 9.54 27.29 -0.37
CA ALA C 705 10.88 27.74 -0.79
C ALA C 705 11.73 26.55 -1.22
N VAL C 706 11.69 25.45 -0.47
CA VAL C 706 12.49 24.28 -0.82
C VAL C 706 12.04 23.70 -2.15
N GLU C 707 10.72 23.62 -2.38
CA GLU C 707 10.24 23.05 -3.64
C GLU C 707 10.59 23.95 -4.82
N LEU C 708 10.51 25.27 -4.65
CA LEU C 708 10.90 26.18 -5.72
C LEU C 708 12.39 26.05 -6.03
N LEU C 709 13.23 25.94 -5.00
CA LEU C 709 14.66 25.74 -5.24
C LEU C 709 14.91 24.43 -5.95
N ASP C 710 14.18 23.37 -5.59
CA ASP C 710 14.34 22.08 -6.25
C ASP C 710 13.98 22.18 -7.72
N GLN C 711 12.87 22.86 -8.04
CA GLN C 711 12.48 23.02 -9.43
C GLN C 711 13.51 23.83 -10.21
N SER C 712 14.01 24.92 -9.61
CA SER C 712 14.99 25.75 -10.29
C SER C 712 16.29 25.00 -10.55
N TYR C 713 16.72 24.19 -9.58
CA TYR C 713 17.93 23.39 -9.78
C TYR C 713 17.72 22.29 -10.81
N LYS C 714 16.51 21.72 -10.85
CA LYS C 714 16.23 20.69 -11.85
C LYS C 714 16.23 21.26 -13.26
N GLN C 715 15.72 22.48 -13.43
CA GLN C 715 15.64 23.06 -14.77
C GLN C 715 17.03 23.47 -15.27
N ASP C 716 17.70 24.39 -14.57
CA ASP C 716 19.02 24.85 -14.95
C ASP C 716 19.87 25.01 -13.70
N GLU C 717 21.07 24.42 -13.71
CA GLU C 717 21.90 24.41 -12.51
C GLU C 717 22.63 25.74 -12.31
N GLN C 718 23.25 26.26 -13.36
CA GLN C 718 24.04 27.49 -13.22
C GLN C 718 23.15 28.67 -12.87
N LEU C 719 21.97 28.76 -13.48
CA LEU C 719 21.04 29.82 -13.10
C LEU C 719 20.50 29.61 -11.70
N ALA C 720 20.40 28.35 -11.25
CA ALA C 720 19.97 28.10 -9.88
C ALA C 720 20.99 28.62 -8.88
N MET C 721 22.28 28.35 -9.12
CA MET C 721 23.32 28.90 -8.26
C MET C 721 23.40 30.41 -8.39
N LYS C 722 23.09 30.94 -9.57
CA LYS C 722 23.04 32.39 -9.76
C LYS C 722 21.94 33.01 -8.91
N LEU C 723 20.79 32.36 -8.83
CA LEU C 723 19.64 32.88 -8.10
C LEU C 723 19.89 32.93 -6.60
N LEU C 724 20.81 32.12 -6.08
CA LEU C 724 21.08 32.06 -4.65
C LEU C 724 22.13 33.06 -4.19
N THR C 725 22.79 33.76 -5.10
CA THR C 725 23.90 34.63 -4.72
C THR C 725 23.68 36.10 -5.01
N TYR C 726 22.79 36.47 -5.93
CA TYR C 726 22.68 37.86 -6.33
C TYR C 726 22.08 38.69 -5.20
N GLU C 727 22.59 39.91 -5.05
CA GLU C 727 22.17 40.78 -3.95
C GLU C 727 20.74 41.25 -4.18
N LEU C 728 19.92 41.17 -3.13
CA LEU C 728 18.52 41.58 -3.20
C LEU C 728 18.42 43.03 -2.75
N LYS C 729 18.07 43.92 -3.68
CA LYS C 729 18.01 45.34 -3.34
C LYS C 729 16.84 45.67 -2.42
N ASN C 730 15.72 44.96 -2.56
CA ASN C 730 14.53 45.26 -1.78
C ASN C 730 14.54 44.61 -0.41
N TRP C 731 15.47 43.71 -0.13
CA TRP C 731 15.45 42.96 1.11
C TRP C 731 16.71 43.23 1.94
N SER C 732 17.06 44.50 2.10
CA SER C 732 18.14 44.94 2.99
C SER C 732 19.49 44.41 2.55
N ASN C 733 19.70 44.24 1.24
CA ASN C 733 20.97 43.82 0.66
C ASN C 733 21.44 42.49 1.25
N ALA C 734 20.58 41.49 1.11
CA ALA C 734 20.87 40.14 1.58
C ALA C 734 20.74 39.17 0.41
N THR C 735 21.29 37.99 0.60
CA THR C 735 21.16 36.93 -0.39
C THR C 735 20.14 35.90 0.11
N CYS C 736 19.83 34.93 -0.75
CA CYS C 736 18.94 33.85 -0.32
C CYS C 736 19.61 32.95 0.72
N LEU C 737 20.93 32.77 0.61
CA LEU C 737 21.64 31.97 1.62
C LEU C 737 21.56 32.61 2.99
N GLN C 738 21.74 33.93 3.07
CA GLN C 738 21.70 34.59 4.37
C GLN C 738 20.31 34.53 4.99
N LEU C 739 19.27 34.69 4.17
CA LEU C 739 17.91 34.58 4.69
C LEU C 739 17.60 33.15 5.15
N ALA C 740 18.04 32.16 4.38
CA ALA C 740 17.79 30.77 4.75
C ALA C 740 18.53 30.39 6.03
N VAL C 741 19.77 30.87 6.18
CA VAL C 741 20.53 30.59 7.40
C VAL C 741 19.92 31.31 8.59
N ALA C 742 19.54 32.57 8.41
CA ALA C 742 18.91 33.32 9.49
C ALA C 742 17.57 32.75 9.89
N ALA C 743 16.93 31.99 9.02
CA ALA C 743 15.68 31.31 9.35
C ALA C 743 15.89 29.91 9.90
N LYS C 744 17.15 29.49 10.06
CA LYS C 744 17.49 28.15 10.55
C LYS C 744 16.81 27.07 9.73
N HIS C 745 16.84 27.23 8.42
CA HIS C 745 16.21 26.28 7.51
C HIS C 745 17.22 25.19 7.17
N ARG C 746 17.10 24.05 7.83
CA ARG C 746 18.06 22.97 7.62
C ARG C 746 17.83 22.23 6.31
N ASP C 747 16.60 22.20 5.81
CA ASP C 747 16.32 21.50 4.56
C ASP C 747 16.72 22.29 3.33
N PHE C 748 17.01 23.57 3.47
CA PHE C 748 17.44 24.41 2.35
C PHE C 748 18.95 24.33 2.15
N ILE C 749 19.72 24.45 3.24
CA ILE C 749 21.16 24.36 3.15
C ILE C 749 21.60 22.94 2.81
N ALA C 750 20.90 21.93 3.33
CA ALA C 750 21.25 20.54 3.07
C ALA C 750 20.95 20.11 1.65
N HIS C 751 20.26 20.92 0.86
CA HIS C 751 19.97 20.58 -0.52
C HIS C 751 21.27 20.50 -1.33
N THR C 752 21.18 19.84 -2.48
CA THR C 752 22.36 19.62 -3.31
C THR C 752 22.93 20.94 -3.82
N CYS C 753 22.05 21.84 -4.29
CA CYS C 753 22.52 23.10 -4.88
C CYS C 753 23.23 23.97 -3.86
N SER C 754 22.69 24.06 -2.64
CA SER C 754 23.34 24.85 -1.60
C SER C 754 24.71 24.27 -1.25
N GLN C 755 24.81 22.95 -1.20
CA GLN C 755 26.11 22.34 -0.89
C GLN C 755 27.12 22.55 -2.00
N MET C 756 26.67 22.48 -3.26
CA MET C 756 27.58 22.79 -4.37
C MET C 756 28.07 24.23 -4.30
N LEU C 757 27.16 25.16 -3.99
CA LEU C 757 27.56 26.56 -3.87
C LEU C 757 28.52 26.76 -2.70
N LEU C 758 28.28 26.07 -1.59
CA LEU C 758 29.19 26.17 -0.45
C LEU C 758 30.56 25.62 -0.78
N THR C 759 30.61 24.51 -1.53
CA THR C 759 31.90 23.97 -1.96
C THR C 759 32.63 24.96 -2.86
N ASP C 760 31.90 25.58 -3.79
CA ASP C 760 32.53 26.56 -4.69
C ASP C 760 33.03 27.77 -3.93
N MET C 761 32.36 28.17 -2.86
CA MET C 761 32.88 29.27 -2.04
C MET C 761 34.06 28.82 -1.17
N TRP C 762 34.05 27.56 -0.73
CA TRP C 762 35.13 27.05 0.12
C TRP C 762 36.42 26.93 -0.67
N MET C 763 36.36 26.49 -1.93
CA MET C 763 37.56 26.33 -2.73
C MET C 763 38.15 27.65 -3.20
N GLY C 764 37.42 28.76 -3.05
CA GLY C 764 37.97 30.05 -3.43
C GLY C 764 38.13 30.17 -4.94
N ARG C 765 39.16 30.91 -5.35
CA ARG C 765 39.42 31.15 -6.76
C ARG C 765 40.10 29.97 -7.45
N LEU C 766 40.61 29.00 -6.71
CA LEU C 766 41.24 27.82 -7.29
C LEU C 766 40.17 26.90 -7.87
N ARG C 767 40.59 25.78 -8.45
CA ARG C 767 39.65 24.75 -8.87
C ARG C 767 39.79 23.48 -8.06
N MET C 768 40.94 22.80 -8.14
CA MET C 768 41.28 21.59 -7.39
C MET C 768 40.09 20.63 -7.25
N ARG C 769 39.43 20.37 -8.38
CA ARG C 769 38.16 19.64 -8.34
C ARG C 769 38.37 18.15 -8.11
N LYS C 770 39.24 17.52 -8.90
CA LYS C 770 39.35 16.06 -8.87
C LYS C 770 40.01 15.57 -7.58
N ASN C 771 41.12 16.20 -7.19
CA ASN C 771 41.85 15.75 -6.01
C ASN C 771 42.54 16.96 -5.39
N SER C 772 42.12 17.33 -4.19
CA SER C 772 42.69 18.45 -3.46
C SER C 772 43.23 17.97 -2.11
N GLY C 773 43.65 18.92 -1.29
CA GLY C 773 44.23 18.60 0.01
C GLY C 773 45.73 18.49 -0.05
N LEU C 774 46.25 17.50 -0.78
CA LEU C 774 47.69 17.37 -0.93
C LEU C 774 48.29 18.56 -1.65
N LYS C 775 47.61 19.05 -2.69
CA LYS C 775 48.09 20.21 -3.44
C LYS C 775 48.10 21.45 -2.57
N VAL C 776 47.11 21.61 -1.70
CA VAL C 776 47.08 22.76 -0.80
C VAL C 776 48.24 22.72 0.18
N ILE C 777 48.54 21.54 0.72
CA ILE C 777 49.66 21.40 1.64
C ILE C 777 50.98 21.65 0.92
N LEU C 778 51.11 21.16 -0.33
CA LEU C 778 52.32 21.43 -1.09
C LEU C 778 52.49 22.91 -1.37
N GLY C 779 51.39 23.61 -1.68
CA GLY C 779 51.47 25.04 -1.90
C GLY C 779 51.83 25.80 -0.64
N ILE C 780 51.25 25.41 0.50
CA ILE C 780 51.51 26.12 1.75
C ILE C 780 52.90 25.80 2.29
N LEU C 781 53.50 24.69 1.88
CA LEU C 781 54.86 24.35 2.27
C LEU C 781 55.91 24.71 1.23
N LEU C 782 55.54 24.71 -0.05
CA LEU C 782 56.44 25.05 -1.15
C LEU C 782 55.82 26.20 -1.93
N PRO C 783 56.13 27.45 -1.57
CA PRO C 783 55.56 28.60 -2.28
C PRO C 783 55.91 28.63 -3.76
N PRO C 784 57.07 28.12 -4.21
CA PRO C 784 57.26 27.99 -5.66
C PRO C 784 56.24 27.10 -6.36
N SER C 785 55.60 26.17 -5.65
CA SER C 785 54.64 25.28 -6.28
C SER C 785 53.26 25.90 -6.43
N ILE C 786 53.07 27.15 -5.99
CA ILE C 786 51.79 27.82 -6.15
C ILE C 786 51.48 28.08 -7.62
N LEU C 787 52.50 28.41 -8.41
CA LEU C 787 52.33 28.84 -9.79
C LEU C 787 51.82 27.74 -10.70
N SER C 788 51.88 26.48 -10.29
CA SER C 788 51.44 25.35 -11.12
C SER C 788 49.98 24.99 -10.90
N LEU C 789 49.16 25.94 -10.46
CA LEU C 789 47.76 25.69 -10.16
C LEU C 789 46.89 26.60 -11.02
N GLU C 790 45.79 26.04 -11.54
CA GLU C 790 44.86 26.81 -12.36
C GLU C 790 43.98 27.68 -11.48
N PHE C 791 43.63 28.86 -12.00
CA PHE C 791 42.79 29.83 -11.30
C PHE C 791 41.58 30.16 -12.15
N LYS C 792 40.50 30.56 -11.49
CA LYS C 792 39.33 31.02 -12.20
C LYS C 792 39.50 32.47 -12.65
N ASN C 793 38.65 32.89 -13.57
CA ASN C 793 38.70 34.24 -14.12
C ASN C 793 38.04 35.24 -13.18
N GLY C 860 52.12 37.58 -9.76
CA GLY C 860 52.08 38.55 -8.68
C GLY C 860 50.75 38.56 -7.94
N ARG C 861 49.66 38.62 -8.69
CA ARG C 861 48.33 38.59 -8.09
C ARG C 861 47.88 37.17 -7.77
N LYS C 862 48.55 36.15 -8.32
CA LYS C 862 48.16 34.77 -8.05
C LYS C 862 48.47 34.37 -6.61
N ILE C 863 49.53 34.93 -6.02
CA ILE C 863 49.84 34.62 -4.63
C ILE C 863 48.76 35.14 -3.70
N TYR C 864 48.31 36.38 -3.91
CA TYR C 864 47.27 36.95 -3.07
C TYR C 864 45.97 36.18 -3.20
N GLU C 865 45.60 35.79 -4.42
CA GLU C 865 44.36 35.04 -4.60
C GLU C 865 44.49 33.61 -4.10
N PHE C 866 45.70 33.05 -4.09
CA PHE C 866 45.88 31.72 -3.54
C PHE C 866 45.78 31.73 -2.02
N TYR C 867 46.40 32.72 -1.37
CA TYR C 867 46.46 32.70 0.09
C TYR C 867 45.19 33.22 0.76
N ASN C 868 44.27 33.83 0.01
CA ASN C 868 43.05 34.36 0.60
C ASN C 868 41.87 33.42 0.49
N ALA C 869 42.05 32.23 -0.07
CA ALA C 869 40.99 31.24 -0.07
C ALA C 869 40.76 30.73 1.35
N PRO C 870 39.52 30.39 1.70
CA PRO C 870 39.28 29.82 3.05
C PRO C 870 40.01 28.52 3.30
N ILE C 871 40.16 27.67 2.27
CA ILE C 871 40.72 26.34 2.49
C ILE C 871 42.21 26.42 2.82
N VAL C 872 42.95 27.32 2.17
CA VAL C 872 44.36 27.45 2.48
C VAL C 872 44.54 28.05 3.87
N LYS C 873 43.63 28.94 4.30
CA LYS C 873 43.66 29.42 5.66
C LYS C 873 43.41 28.28 6.65
N PHE C 874 42.48 27.39 6.30
CA PHE C 874 42.20 26.24 7.17
C PHE C 874 43.42 25.34 7.29
N TRP C 875 44.11 25.08 6.18
CA TRP C 875 45.28 24.21 6.26
C TRP C 875 46.45 24.88 6.96
N PHE C 876 46.61 26.20 6.79
CA PHE C 876 47.61 26.92 7.55
C PHE C 876 47.34 26.82 9.05
N TYR C 877 46.08 27.01 9.45
CA TYR C 877 45.71 26.92 10.86
C TYR C 877 45.91 25.51 11.39
N THR C 878 45.58 24.49 10.58
CA THR C 878 45.77 23.11 11.00
C THR C 878 47.25 22.79 11.21
N LEU C 879 48.10 23.23 10.28
CA LEU C 879 49.53 23.01 10.43
C LEU C 879 50.08 23.71 11.66
N ALA C 880 49.62 24.94 11.92
CA ALA C 880 50.04 25.65 13.12
C ALA C 880 49.61 24.91 14.38
N TYR C 881 48.38 24.39 14.39
CA TYR C 881 47.90 23.67 15.56
C TYR C 881 48.69 22.39 15.79
N ILE C 882 49.02 21.67 14.71
CA ILE C 882 49.82 20.45 14.86
C ILE C 882 51.21 20.79 15.41
N GLY C 883 51.82 21.85 14.90
CA GLY C 883 53.12 22.25 15.43
C GLY C 883 53.07 22.64 16.89
N TYR C 884 52.04 23.39 17.29
CA TYR C 884 51.89 23.77 18.69
C TYR C 884 51.68 22.54 19.56
N LEU C 885 50.89 21.58 19.09
CA LEU C 885 50.65 20.37 19.88
C LEU C 885 51.92 19.55 20.04
N MET C 886 52.73 19.46 18.97
CA MET C 886 54.01 18.76 19.08
C MET C 886 54.94 19.46 20.08
N LEU C 887 54.97 20.79 20.06
CA LEU C 887 55.77 21.52 21.02
C LEU C 887 55.28 21.29 22.44
N PHE C 888 53.96 21.23 22.64
CA PHE C 888 53.40 20.96 23.96
C PHE C 888 53.81 19.58 24.45
N ASN C 889 53.72 18.57 23.57
CA ASN C 889 54.14 17.22 23.95
C ASN C 889 55.61 17.19 24.32
N TYR C 890 56.45 17.87 23.55
CA TYR C 890 57.87 17.90 23.87
C TYR C 890 58.13 18.59 25.20
N ILE C 891 57.40 19.67 25.49
CA ILE C 891 57.73 20.43 26.71
C ILE C 891 57.21 19.72 27.96
N VAL C 892 56.13 18.92 27.85
CA VAL C 892 55.68 18.20 29.03
C VAL C 892 56.34 16.84 29.18
N LEU C 893 56.83 16.24 28.09
CA LEU C 893 57.49 14.94 28.20
C LEU C 893 58.89 15.05 28.80
N VAL C 894 59.64 16.06 28.38
CA VAL C 894 61.04 16.22 28.74
C VAL C 894 61.14 17.01 30.05
N LYS C 895 62.16 16.67 30.84
CA LYS C 895 62.43 17.36 32.11
C LYS C 895 62.62 18.85 31.88
N MET C 896 61.98 19.65 32.73
CA MET C 896 62.02 21.11 32.63
C MET C 896 62.91 21.70 33.70
N GLU C 897 63.55 22.82 33.37
CA GLU C 897 64.46 23.50 34.26
C GLU C 897 63.75 24.62 35.01
N ARG C 898 64.52 25.46 35.71
CA ARG C 898 63.94 26.57 36.44
C ARG C 898 63.32 27.60 35.51
N TRP C 899 63.97 27.89 34.39
CA TRP C 899 63.42 28.83 33.44
C TRP C 899 63.00 28.11 32.16
N PRO C 900 61.92 28.56 31.51
CA PRO C 900 61.37 27.82 30.38
C PRO C 900 62.30 27.77 29.19
N SER C 901 62.21 26.67 28.44
CA SER C 901 62.96 26.50 27.20
C SER C 901 62.25 27.23 26.07
N THR C 902 62.86 27.21 24.89
CA THR C 902 62.31 27.93 23.74
C THR C 902 60.97 27.34 23.31
N GLN C 903 60.83 26.02 23.40
CA GLN C 903 59.55 25.39 23.05
C GLN C 903 58.45 25.85 23.99
N GLU C 904 58.76 25.98 25.28
CA GLU C 904 57.78 26.49 26.23
C GLU C 904 57.40 27.93 25.92
N TRP C 905 58.38 28.74 25.48
CA TRP C 905 58.07 30.12 25.09
C TRP C 905 57.17 30.15 23.87
N ILE C 906 57.39 29.25 22.92
CA ILE C 906 56.52 29.19 21.74
C ILE C 906 55.11 28.79 22.14
N VAL C 907 54.97 27.83 23.05
CA VAL C 907 53.65 27.42 23.52
C VAL C 907 52.94 28.57 24.24
N ILE C 908 53.68 29.29 25.09
CA ILE C 908 53.10 30.43 25.81
C ILE C 908 52.66 31.50 24.83
N SER C 909 53.48 31.78 23.82
CA SER C 909 53.11 32.77 22.81
C SER C 909 51.85 32.34 22.07
N TYR C 910 51.75 31.05 21.73
CA TYR C 910 50.55 30.56 21.06
C TYR C 910 49.31 30.77 21.92
N ILE C 911 49.39 30.43 23.21
CA ILE C 911 48.23 30.57 24.08
C ILE C 911 47.84 32.05 24.22
N PHE C 912 48.83 32.92 24.40
CA PHE C 912 48.55 34.34 24.56
C PHE C 912 47.92 34.93 23.30
N THR C 913 48.45 34.59 22.12
CA THR C 913 47.89 35.11 20.89
C THR C 913 46.50 34.55 20.61
N LEU C 914 46.26 33.29 20.98
CA LEU C 914 44.92 32.73 20.84
C LEU C 914 43.93 33.45 21.74
N GLY C 915 44.35 33.78 22.97
CA GLY C 915 43.49 34.58 23.83
C GLY C 915 43.19 35.96 23.27
N ILE C 916 44.22 36.59 22.69
CA ILE C 916 44.02 37.89 22.06
C ILE C 916 43.04 37.78 20.90
N GLU C 917 43.16 36.73 20.09
CA GLU C 917 42.25 36.52 18.99
C GLU C 917 40.82 36.28 19.47
N LYS C 918 40.66 35.52 20.56
CA LYS C 918 39.34 35.32 21.13
C LYS C 918 38.73 36.64 21.60
N MET C 919 39.55 37.49 22.23
CA MET C 919 39.06 38.80 22.65
C MET C 919 38.65 39.66 21.47
N ARG C 920 39.45 39.63 20.40
CA ARG C 920 39.10 40.39 19.20
C ARG C 920 37.79 39.88 18.58
N GLU C 921 37.60 38.56 18.58
CA GLU C 921 36.35 38.01 18.08
C GLU C 921 35.17 38.43 18.94
N ILE C 922 35.35 38.43 20.27
CA ILE C 922 34.26 38.79 21.16
C ILE C 922 33.97 40.29 21.13
N LEU C 923 34.92 41.10 20.65
CA LEU C 923 34.67 42.54 20.53
C LEU C 923 34.00 42.93 19.23
N MET C 924 34.37 42.28 18.13
CA MET C 924 33.83 42.61 16.80
C MET C 924 32.60 41.78 16.44
N SER C 925 31.83 41.36 17.43
CA SER C 925 30.66 40.52 17.18
C SER C 925 29.52 41.36 16.60
N GLU C 926 28.47 40.66 16.17
CA GLU C 926 27.32 41.34 15.54
C GLU C 926 26.57 42.28 16.46
N PRO C 927 26.19 41.92 17.69
CA PRO C 927 25.44 42.86 18.53
C PRO C 927 26.25 44.10 18.87
N GLY C 928 25.56 45.22 19.02
CA GLY C 928 26.22 46.48 19.33
C GLY C 928 26.51 46.69 20.80
N LYS C 929 25.94 45.89 21.68
CA LYS C 929 26.13 46.02 23.12
C LYS C 929 27.21 45.06 23.59
N LEU C 930 28.15 45.57 24.40
CA LEU C 930 29.26 44.74 24.85
C LEU C 930 28.79 43.59 25.72
N LEU C 931 27.82 43.84 26.61
CA LEU C 931 27.29 42.77 27.44
C LEU C 931 26.52 41.75 26.61
N GLN C 932 25.91 42.18 25.50
CA GLN C 932 25.23 41.24 24.62
C GLN C 932 26.22 40.43 23.78
N LYS C 933 27.42 40.96 23.54
CA LYS C 933 28.37 40.26 22.70
C LYS C 933 28.98 39.06 23.42
N VAL C 934 29.30 39.21 24.71
CA VAL C 934 29.86 38.08 25.45
C VAL C 934 28.81 37.00 25.64
N LYS C 935 27.56 37.39 25.87
CA LYS C 935 26.49 36.41 26.07
C LYS C 935 26.19 35.63 24.80
N VAL C 936 26.33 36.26 23.63
CA VAL C 936 26.11 35.55 22.38
C VAL C 936 27.36 34.81 21.93
N TRP C 937 28.54 35.20 22.41
CA TRP C 937 29.75 34.44 22.10
C TRP C 937 29.83 33.17 22.94
N LEU C 938 29.38 33.23 24.19
CA LEU C 938 29.41 32.06 25.06
C LEU C 938 28.19 31.17 24.83
N GLN C 939 27.93 30.84 23.58
CA GLN C 939 26.84 29.93 23.22
C GLN C 939 27.35 28.58 22.73
N GLU C 940 28.36 28.57 21.88
CA GLU C 940 29.02 27.33 21.51
C GLU C 940 29.85 26.82 22.67
N TYR C 941 29.87 25.49 22.84
CA TYR C 941 30.61 24.92 23.96
C TYR C 941 32.12 24.99 23.75
N TRP C 942 32.56 25.02 22.49
CA TRP C 942 33.98 25.13 22.22
C TRP C 942 34.54 26.44 22.75
N ASN C 943 33.77 27.53 22.65
CA ASN C 943 34.26 28.83 23.11
C ASN C 943 34.45 28.85 24.62
N VAL C 944 33.47 28.36 25.38
CA VAL C 944 33.58 28.39 26.83
C VAL C 944 34.66 27.42 27.31
N THR C 945 34.76 26.25 26.68
CA THR C 945 35.82 25.32 27.04
C THR C 945 37.20 25.89 26.73
N ASP C 946 37.33 26.60 25.60
CA ASP C 946 38.59 27.24 25.27
C ASP C 946 38.94 28.33 26.28
N LEU C 947 37.95 29.11 26.70
CA LEU C 947 38.19 30.13 27.73
C LEU C 947 38.68 29.49 29.03
N ILE C 948 38.02 28.41 29.45
CA ILE C 948 38.43 27.73 30.68
C ILE C 948 39.84 27.17 30.55
N ALA C 949 40.16 26.58 29.40
CA ALA C 949 41.49 26.01 29.20
C ALA C 949 42.56 27.09 29.19
N ILE C 950 42.28 28.23 28.57
CA ILE C 950 43.27 29.30 28.53
C ILE C 950 43.50 29.86 29.94
N LEU C 951 42.42 30.03 30.71
CA LEU C 951 42.60 30.49 32.09
C LEU C 951 43.39 29.49 32.92
N LEU C 952 43.12 28.19 32.74
CA LEU C 952 43.85 27.17 33.48
C LEU C 952 45.33 27.15 33.10
N PHE C 953 45.62 27.30 31.81
CA PHE C 953 47.01 27.35 31.36
C PHE C 953 47.71 28.59 31.92
N SER C 954 47.01 29.72 31.99
CA SER C 954 47.60 30.92 32.58
C SER C 954 47.91 30.72 34.05
N VAL C 955 47.01 30.08 34.79
CA VAL C 955 47.26 29.79 36.20
C VAL C 955 48.47 28.87 36.35
N GLY C 956 48.54 27.83 35.51
CA GLY C 956 49.67 26.92 35.57
C GLY C 956 50.99 27.60 35.24
N MET C 957 50.97 28.52 34.26
CA MET C 957 52.17 29.26 33.93
C MET C 957 52.58 30.20 35.05
N ILE C 958 51.62 30.78 35.75
CA ILE C 958 51.94 31.63 36.89
C ILE C 958 52.59 30.80 38.00
N LEU C 959 52.03 29.62 38.29
CA LEU C 959 52.62 28.77 39.32
C LEU C 959 53.92 28.12 38.87
N ARG C 960 54.18 28.08 37.55
CA ARG C 960 55.37 27.40 37.04
C ARG C 960 56.65 28.14 37.43
N LEU C 961 56.64 29.47 37.32
CA LEU C 961 57.86 30.26 37.51
C LEU C 961 58.05 30.64 38.98
N GLN C 962 58.21 29.62 39.80
CA GLN C 962 58.32 29.81 41.25
C GLN C 962 59.22 28.70 41.80
N ASP C 963 59.13 28.47 43.12
CA ASP C 963 59.97 27.48 43.79
C ASP C 963 59.52 26.07 43.43
N GLN C 964 60.19 25.08 44.04
CA GLN C 964 60.02 23.69 43.63
C GLN C 964 58.60 23.15 43.78
N PRO C 965 57.90 23.31 44.93
CA PRO C 965 56.52 22.77 44.99
C PRO C 965 55.56 23.47 44.05
N PHE C 966 55.65 24.80 43.94
CA PHE C 966 54.81 25.52 43.00
C PHE C 966 55.15 25.15 41.56
N ARG C 967 56.44 24.92 41.27
CA ARG C 967 56.82 24.48 39.93
C ARG C 967 56.25 23.11 39.61
N SER C 968 56.27 22.20 40.59
CA SER C 968 55.68 20.89 40.38
C SER C 968 54.17 20.99 40.15
N ASP C 969 53.49 21.85 40.90
CA ASP C 969 52.05 22.03 40.70
C ASP C 969 51.77 22.61 39.32
N GLY C 970 52.58 23.58 38.87
CA GLY C 970 52.39 24.11 37.53
C GLY C 970 52.63 23.08 36.45
N ARG C 971 53.62 22.22 36.65
CA ARG C 971 53.86 21.15 35.69
C ARG C 971 52.69 20.18 35.64
N VAL C 972 52.10 19.86 36.78
CA VAL C 972 50.93 19.00 36.80
C VAL C 972 49.75 19.67 36.12
N ILE C 973 49.64 21.00 36.26
CA ILE C 973 48.61 21.73 35.52
C ILE C 973 48.83 21.61 34.02
N TYR C 974 50.09 21.71 33.58
CA TYR C 974 50.40 21.52 32.16
C TYR C 974 49.99 20.12 31.70
N CYS C 975 50.32 19.10 32.50
CA CYS C 975 50.04 17.72 32.10
C CYS C 975 48.55 17.42 32.09
N VAL C 976 47.77 18.10 32.92
CA VAL C 976 46.32 17.98 32.83
C VAL C 976 45.80 18.73 31.61
N ASN C 977 46.38 19.90 31.32
CA ASN C 977 45.86 20.75 30.26
C ASN C 977 46.13 20.19 28.88
N ILE C 978 47.18 19.37 28.72
CA ILE C 978 47.50 18.82 27.40
C ILE C 978 46.38 17.92 26.90
N ILE C 979 45.59 17.34 27.82
CA ILE C 979 44.51 16.45 27.42
C ILE C 979 43.47 17.20 26.60
N TYR C 980 43.10 18.41 27.03
CA TYR C 980 42.09 19.16 26.31
C TYR C 980 42.56 19.56 24.92
N TRP C 981 43.81 19.99 24.79
CA TRP C 981 44.30 20.37 23.47
C TRP C 981 44.45 19.16 22.57
N TYR C 982 44.69 17.98 23.14
CA TYR C 982 44.65 16.77 22.32
C TYR C 982 43.24 16.46 21.86
N ILE C 983 42.25 16.64 22.75
CA ILE C 983 40.86 16.36 22.38
C ILE C 983 40.37 17.33 21.32
N ARG C 984 40.83 18.58 21.36
CA ARG C 984 40.37 19.61 20.43
C ARG C 984 40.68 19.32 18.97
N LEU C 985 41.38 18.23 18.69
CA LEU C 985 41.58 17.81 17.30
C LEU C 985 40.30 17.37 16.63
N LEU C 986 39.24 17.11 17.39
CA LEU C 986 37.97 16.73 16.77
C LEU C 986 37.37 17.90 15.99
N ASP C 987 37.65 19.13 16.39
CA ASP C 987 37.24 20.28 15.59
C ASP C 987 37.91 20.28 14.23
N ILE C 988 39.21 19.95 14.19
CA ILE C 988 39.91 19.83 12.93
C ILE C 988 39.35 18.67 12.11
N PHE C 989 39.01 17.57 12.78
CA PHE C 989 38.46 16.41 12.08
C PHE C 989 37.07 16.68 11.53
N GLY C 990 36.34 17.62 12.13
CA GLY C 990 34.96 17.90 11.74
C GLY C 990 34.79 18.41 10.32
N VAL C 991 35.87 18.82 9.65
CA VAL C 991 35.77 19.26 8.27
C VAL C 991 35.45 18.10 7.34
N ASN C 992 36.04 16.92 7.62
CA ASN C 992 35.86 15.77 6.75
C ASN C 992 34.40 15.33 6.72
N LYS C 993 33.98 14.81 5.57
CA LYS C 993 32.60 14.42 5.37
C LYS C 993 32.18 13.23 6.22
N TYR C 994 33.13 12.41 6.67
CA TYR C 994 32.81 11.20 7.40
C TYR C 994 33.21 11.25 8.87
N LEU C 995 34.01 12.21 9.29
CA LEU C 995 34.45 12.31 10.67
C LEU C 995 33.72 13.39 11.47
N GLY C 996 32.72 14.04 10.88
CA GLY C 996 31.90 14.98 11.61
C GLY C 996 30.65 14.34 12.19
N PRO C 997 29.86 13.67 11.32
CA PRO C 997 28.71 12.93 11.83
C PRO C 997 29.08 11.89 12.87
N TYR C 998 30.24 11.26 12.76
CA TYR C 998 30.67 10.31 13.80
C TYR C 998 30.90 11.02 15.12
N VAL C 999 31.46 12.23 15.08
CA VAL C 999 31.67 12.98 16.32
C VAL C 999 30.34 13.36 16.96
N MET C 1000 29.37 13.79 16.15
CA MET C 1000 28.06 14.14 16.72
C MET C 1000 27.35 12.90 17.27
N MET C 1001 27.48 11.77 16.57
CA MET C 1001 26.92 10.52 17.06
C MET C 1001 27.53 10.14 18.40
N ILE C 1002 28.84 10.29 18.54
CA ILE C 1002 29.50 10.08 19.82
C ILE C 1002 28.93 11.02 20.87
N GLY C 1003 28.68 12.28 20.49
CA GLY C 1003 28.14 13.24 21.43
C GLY C 1003 26.79 12.86 21.99
N LYS C 1004 25.94 12.22 21.19
CA LYS C 1004 24.64 11.79 21.72
C LYS C 1004 24.71 10.46 22.47
N MET C 1005 25.48 9.52 21.94
CA MET C 1005 25.65 8.25 22.64
C MET C 1005 26.34 8.44 23.98
N MET C 1006 27.04 9.56 24.18
CA MET C 1006 27.63 9.83 25.50
C MET C 1006 26.55 10.07 26.54
N ILE C 1007 25.49 10.80 26.20
CA ILE C 1007 24.38 10.99 27.12
C ILE C 1007 23.72 9.65 27.42
N ASP C 1008 23.50 8.84 26.37
CA ASP C 1008 22.93 7.51 26.62
C ASP C 1008 23.82 6.67 27.54
N MET C 1009 25.13 6.75 27.34
CA MET C 1009 26.08 5.99 28.15
C MET C 1009 26.06 6.44 29.61
N MET C 1010 25.95 7.74 29.86
CA MET C 1010 25.86 8.21 31.24
C MET C 1010 24.60 7.70 31.93
N TYR C 1011 23.47 7.77 31.21
CA TYR C 1011 22.23 7.25 31.78
C TYR C 1011 22.34 5.76 32.11
N PHE C 1012 23.08 5.00 31.29
CA PHE C 1012 23.24 3.59 31.60
C PHE C 1012 24.41 3.29 32.55
N VAL C 1013 25.27 4.27 32.83
CA VAL C 1013 26.39 4.04 33.73
C VAL C 1013 26.04 4.38 35.18
N ILE C 1014 24.98 5.16 35.41
CA ILE C 1014 24.53 5.38 36.79
C ILE C 1014 24.21 4.05 37.48
N ILE C 1015 23.53 3.15 36.78
CA ILE C 1015 23.14 1.87 37.37
C ILE C 1015 24.37 1.00 37.65
N MET C 1016 25.33 0.98 36.72
CA MET C 1016 26.57 0.26 36.95
C MET C 1016 27.28 0.79 38.19
N LEU C 1017 27.24 2.12 38.38
CA LEU C 1017 27.87 2.72 39.56
C LEU C 1017 27.17 2.25 40.83
N VAL C 1018 25.84 2.17 40.81
CA VAL C 1018 25.10 1.71 42.00
C VAL C 1018 25.48 0.28 42.36
N VAL C 1019 25.48 -0.61 41.36
CA VAL C 1019 25.81 -2.01 41.61
C VAL C 1019 27.25 -2.15 42.08
N LEU C 1020 28.16 -1.40 41.46
CA LEU C 1020 29.57 -1.42 41.85
C LEU C 1020 29.76 -0.98 43.29
N MET C 1021 29.08 0.10 43.70
CA MET C 1021 29.19 0.56 45.07
C MET C 1021 28.68 -0.50 46.04
N SER C 1022 27.56 -1.14 45.72
CA SER C 1022 27.01 -2.17 46.61
C SER C 1022 27.99 -3.32 46.80
N PHE C 1023 28.52 -3.86 45.69
CA PHE C 1023 29.45 -4.98 45.78
C PHE C 1023 30.73 -4.59 46.51
N GLY C 1024 31.26 -3.39 46.21
CA GLY C 1024 32.49 -2.97 46.86
C GLY C 1024 32.35 -2.81 48.36
N VAL C 1025 31.26 -2.17 48.79
CA VAL C 1025 31.05 -2.00 50.23
C VAL C 1025 30.86 -3.35 50.90
N ALA C 1026 30.12 -4.26 50.27
CA ALA C 1026 29.91 -5.58 50.86
C ALA C 1026 31.23 -6.31 51.04
N ARG C 1027 32.06 -6.36 49.99
CA ARG C 1027 33.33 -7.07 50.08
C ARG C 1027 34.25 -6.44 51.11
N GLN C 1028 34.36 -5.11 51.10
CA GLN C 1028 35.25 -4.43 52.04
C GLN C 1028 34.80 -4.63 53.48
N ALA C 1029 33.49 -4.60 53.73
CA ALA C 1029 33.00 -4.82 55.08
C ALA C 1029 33.21 -6.26 55.54
N ILE C 1030 33.00 -7.22 54.63
CA ILE C 1030 33.14 -8.63 55.02
C ILE C 1030 34.61 -8.97 55.30
N LEU C 1031 35.51 -8.56 54.42
CA LEU C 1031 36.89 -9.03 54.52
C LEU C 1031 37.64 -8.39 55.67
N PHE C 1032 37.51 -7.08 55.85
CA PHE C 1032 38.32 -6.33 56.81
C PHE C 1032 37.41 -5.74 57.88
N PRO C 1033 37.23 -6.42 59.01
CA PRO C 1033 36.38 -5.90 60.09
C PRO C 1033 37.11 -5.11 61.17
N ASN C 1034 38.38 -4.75 60.97
CA ASN C 1034 39.19 -4.07 61.98
C ASN C 1034 39.87 -2.86 61.36
N GLU C 1035 39.11 -2.01 60.69
CA GLU C 1035 39.64 -0.82 60.04
C GLU C 1035 39.20 0.43 60.79
N GLU C 1036 40.15 1.30 61.10
CA GLU C 1036 39.85 2.59 61.68
C GLU C 1036 39.21 3.49 60.62
N PRO C 1037 38.45 4.50 61.04
CA PRO C 1037 37.87 5.44 60.06
C PRO C 1037 38.94 6.26 59.38
N SER C 1038 39.16 6.00 58.08
CA SER C 1038 40.17 6.70 57.30
C SER C 1038 39.69 6.79 55.87
N TRP C 1039 40.21 7.78 55.15
CA TRP C 1039 39.78 8.01 53.78
C TRP C 1039 40.18 6.88 52.83
N LYS C 1040 41.05 5.97 53.25
CA LYS C 1040 41.37 4.82 52.42
C LYS C 1040 40.15 3.94 52.18
N LEU C 1041 39.19 3.94 53.11
CA LEU C 1041 37.97 3.19 52.91
C LEU C 1041 37.13 3.75 51.78
N ALA C 1042 37.30 5.03 51.43
CA ALA C 1042 36.52 5.62 50.36
C ALA C 1042 36.98 5.15 48.98
N LYS C 1043 38.27 4.81 48.84
CA LYS C 1043 38.78 4.33 47.56
C LYS C 1043 38.79 2.82 47.46
N ASN C 1044 38.73 2.09 48.58
CA ASN C 1044 38.66 0.64 48.52
C ASN C 1044 37.33 0.14 47.97
N ILE C 1045 36.34 1.01 47.83
CA ILE C 1045 35.05 0.64 47.27
C ILE C 1045 35.03 0.79 45.76
N PHE C 1046 35.60 1.88 45.25
CA PHE C 1046 35.52 2.20 43.83
C PHE C 1046 36.64 1.57 43.02
N TYR C 1047 37.84 1.44 43.58
CA TYR C 1047 39.03 1.05 42.82
C TYR C 1047 38.94 -0.35 42.21
N MET C 1048 38.95 -1.37 43.07
CA MET C 1048 39.07 -2.75 42.61
C MET C 1048 37.80 -3.29 41.96
N PRO C 1049 36.60 -3.02 42.48
CA PRO C 1049 35.40 -3.41 41.72
C PRO C 1049 35.28 -2.73 40.37
N TYR C 1050 35.95 -1.60 40.14
CA TYR C 1050 35.92 -0.99 38.82
C TYR C 1050 36.97 -1.60 37.90
N TRP C 1051 38.17 -1.86 38.39
CA TRP C 1051 39.14 -2.53 37.53
C TRP C 1051 38.79 -3.99 37.28
N MET C 1052 37.91 -4.57 38.10
CA MET C 1052 37.55 -5.97 37.92
C MET C 1052 36.79 -6.21 36.62
N ILE C 1053 35.85 -5.32 36.29
CA ILE C 1053 34.99 -5.59 35.13
C ILE C 1053 35.70 -5.34 33.81
N TYR C 1054 36.84 -4.65 33.80
CA TYR C 1054 37.54 -4.34 32.57
C TYR C 1054 38.60 -5.37 32.21
N GLY C 1055 38.66 -6.48 32.92
CA GLY C 1055 39.61 -7.53 32.57
C GLY C 1055 40.73 -7.72 33.56
N GLU C 1056 40.43 -7.55 34.85
CA GLU C 1056 41.40 -7.79 35.91
C GLU C 1056 40.77 -8.56 37.05
N VAL C 1057 39.98 -9.59 36.74
CA VAL C 1057 39.38 -10.43 37.76
C VAL C 1057 40.46 -11.34 38.32
N PHE C 1058 41.03 -10.95 39.47
CA PHE C 1058 42.15 -11.68 40.05
C PHE C 1058 41.70 -12.35 41.34
N ALA C 1059 41.66 -13.67 41.33
CA ALA C 1059 41.49 -14.41 42.56
C ALA C 1059 42.72 -14.24 43.44
N ASP C 1060 42.53 -14.46 44.74
CA ASP C 1060 43.52 -14.27 45.81
C ASP C 1060 43.77 -12.79 46.07
N GLN C 1061 43.21 -11.92 45.24
CA GLN C 1061 43.06 -10.52 45.58
C GLN C 1061 41.67 -10.21 46.09
N ILE C 1062 40.69 -11.00 45.67
CA ILE C 1062 39.35 -11.00 46.26
C ILE C 1062 39.07 -12.42 46.73
N ASP C 1063 38.61 -12.56 47.98
CA ASP C 1063 38.49 -13.83 48.68
C ASP C 1063 39.86 -14.50 48.72
N PRO C 1064 40.79 -13.98 49.51
CA PRO C 1064 42.15 -14.54 49.55
C PRO C 1064 42.14 -15.93 50.18
N PRO C 1065 43.15 -16.74 49.91
CA PRO C 1065 43.23 -18.07 50.54
C PRO C 1065 43.45 -17.94 52.04
N CYS C 1066 42.48 -18.42 52.81
CA CYS C 1066 42.52 -18.31 54.27
C CYS C 1066 41.63 -19.35 54.92
N GLN C 1079 50.55 -21.66 59.71
CA GLN C 1079 50.96 -21.11 58.42
C GLN C 1079 49.88 -20.22 57.84
N LEU C 1080 48.75 -20.81 57.50
CA LEU C 1080 47.65 -20.08 56.89
C LEU C 1080 46.93 -19.25 57.94
N PRO C 1081 46.75 -17.94 57.72
CA PRO C 1081 45.99 -17.14 58.66
C PRO C 1081 44.54 -17.60 58.69
N PRO C 1082 43.86 -17.44 59.82
CA PRO C 1082 42.46 -17.88 59.91
C PRO C 1082 41.56 -17.08 58.98
N CYS C 1083 40.52 -17.74 58.49
CA CYS C 1083 39.58 -17.11 57.58
C CYS C 1083 38.62 -16.21 58.35
N LYS C 1084 38.37 -15.03 57.80
CA LYS C 1084 37.39 -14.12 58.38
C LYS C 1084 35.99 -14.71 58.28
N THR C 1085 35.14 -14.35 59.22
CA THR C 1085 33.80 -14.90 59.27
C THR C 1085 33.00 -14.48 58.04
N GLY C 1086 32.41 -15.45 57.35
CA GLY C 1086 31.68 -15.16 56.15
C GLY C 1086 32.51 -14.86 54.92
N ALA C 1087 33.78 -15.26 54.92
CA ALA C 1087 34.63 -15.02 53.77
C ALA C 1087 34.26 -15.88 52.56
N TRP C 1088 33.39 -16.88 52.74
CA TRP C 1088 32.92 -17.69 51.63
C TRP C 1088 31.85 -17.01 50.80
N ILE C 1089 31.30 -15.89 51.27
CA ILE C 1089 30.23 -15.21 50.55
C ILE C 1089 30.76 -14.22 49.53
N VAL C 1090 32.04 -13.84 49.62
CA VAL C 1090 32.59 -12.87 48.68
C VAL C 1090 32.60 -13.38 47.23
N PRO C 1091 33.05 -14.60 46.94
CA PRO C 1091 32.93 -15.08 45.54
C PRO C 1091 31.49 -15.23 45.09
N ALA C 1092 30.57 -15.58 46.00
CA ALA C 1092 29.17 -15.66 45.62
C ALA C 1092 28.61 -14.30 45.22
N ILE C 1093 29.02 -13.25 45.92
CA ILE C 1093 28.64 -11.90 45.51
C ILE C 1093 29.31 -11.52 44.20
N MET C 1094 30.59 -11.87 44.04
CA MET C 1094 31.34 -11.47 42.86
C MET C 1094 30.78 -12.12 41.59
N ALA C 1095 30.35 -13.37 41.68
CA ALA C 1095 29.80 -14.04 40.50
C ALA C 1095 28.57 -13.31 39.98
N CYS C 1096 27.63 -13.00 40.88
CA CYS C 1096 26.43 -12.28 40.48
C CYS C 1096 26.75 -10.87 39.99
N TYR C 1097 27.72 -10.21 40.63
CA TYR C 1097 28.10 -8.87 40.20
C TYR C 1097 28.66 -8.87 38.79
N LEU C 1098 29.56 -9.82 38.49
CA LEU C 1098 30.11 -9.92 37.15
C LEU C 1098 29.03 -10.29 36.14
N LEU C 1099 28.12 -11.19 36.52
CA LEU C 1099 27.06 -11.59 35.60
C LEU C 1099 26.15 -10.41 35.26
N VAL C 1100 25.83 -9.57 36.26
CA VAL C 1100 24.98 -8.42 36.00
C VAL C 1100 25.71 -7.37 35.17
N ALA C 1101 26.97 -7.08 35.53
CA ALA C 1101 27.66 -5.95 34.91
C ALA C 1101 28.14 -6.28 33.49
N ASN C 1102 28.60 -7.50 33.24
CA ASN C 1102 29.24 -7.83 31.97
C ASN C 1102 28.34 -8.58 31.00
N ILE C 1103 27.15 -9.00 31.40
CA ILE C 1103 26.30 -9.79 30.51
C ILE C 1103 24.96 -9.09 30.29
N LEU C 1104 24.47 -8.38 31.31
CA LEU C 1104 23.15 -7.76 31.22
C LEU C 1104 23.23 -6.31 30.78
N LEU C 1105 23.91 -5.47 31.56
CA LEU C 1105 23.86 -4.03 31.32
C LEU C 1105 24.61 -3.64 30.05
N VAL C 1106 25.77 -4.24 29.80
CA VAL C 1106 26.53 -3.86 28.61
C VAL C 1106 25.83 -4.33 27.35
N ASN C 1107 25.21 -5.52 27.38
CA ASN C 1107 24.45 -5.98 26.22
C ASN C 1107 23.22 -5.12 26.00
N LEU C 1108 22.57 -4.68 27.08
CA LEU C 1108 21.44 -3.78 26.92
C LEU C 1108 21.86 -2.43 26.37
N LEU C 1109 23.04 -1.96 26.76
CA LEU C 1109 23.57 -0.71 26.19
C LEU C 1109 23.89 -0.88 24.71
N ILE C 1110 24.42 -2.05 24.34
CA ILE C 1110 24.65 -2.33 22.92
C ILE C 1110 23.34 -2.30 22.16
N ALA C 1111 22.28 -2.89 22.73
CA ALA C 1111 20.97 -2.87 22.07
C ALA C 1111 20.44 -1.45 21.94
N VAL C 1112 20.64 -0.63 22.97
CA VAL C 1112 20.16 0.76 22.93
C VAL C 1112 20.90 1.54 21.84
N PHE C 1113 22.22 1.38 21.76
CA PHE C 1113 22.98 2.04 20.70
C PHE C 1113 22.57 1.52 19.33
N ASN C 1114 22.20 0.26 19.24
CA ASN C 1114 21.87 -0.34 17.96
C ASN C 1114 20.52 0.14 17.45
N ASN C 1115 19.53 0.21 18.32
CA ASN C 1115 18.16 0.50 17.91
C ASN C 1115 17.85 1.98 17.82
N THR C 1116 18.80 2.86 18.14
CA THR C 1116 18.62 4.30 18.01
C THR C 1116 19.78 4.90 17.23
N PHE C 1117 20.12 4.29 16.10
CA PHE C 1117 21.23 4.74 15.29
C PHE C 1117 20.82 5.45 14.01
N PHE C 1118 19.72 5.04 13.38
CA PHE C 1118 19.33 5.62 12.11
C PHE C 1118 18.91 7.08 12.26
N GLU C 1119 18.08 7.36 13.27
CA GLU C 1119 17.66 8.74 13.51
C GLU C 1119 18.84 9.63 13.86
N VAL C 1120 19.73 9.14 14.71
CA VAL C 1120 20.90 9.93 15.11
C VAL C 1120 21.80 10.19 13.92
N LYS C 1121 22.00 9.18 13.06
CA LYS C 1121 22.84 9.36 11.88
C LYS C 1121 22.26 10.39 10.94
N SER C 1122 20.95 10.30 10.65
CA SER C 1122 20.34 11.26 9.74
C SER C 1122 20.35 12.67 10.29
N ILE C 1123 20.05 12.83 11.58
CA ILE C 1123 20.08 14.15 12.20
C ILE C 1123 21.48 14.73 12.17
N SER C 1124 22.49 13.90 12.48
CA SER C 1124 23.87 14.38 12.47
C SER C 1124 24.30 14.80 11.07
N ASN C 1125 23.92 14.03 10.04
CA ASN C 1125 24.24 14.41 8.68
C ASN C 1125 23.63 15.75 8.32
N GLN C 1126 22.34 15.94 8.65
CA GLN C 1126 21.68 17.20 8.33
C GLN C 1126 22.32 18.37 9.07
N VAL C 1127 22.64 18.19 10.35
CA VAL C 1127 23.22 19.27 11.14
C VAL C 1127 24.60 19.63 10.63
N TRP C 1128 25.41 18.63 10.27
CA TRP C 1128 26.73 18.93 9.72
C TRP C 1128 26.65 19.67 8.39
N LYS C 1129 25.74 19.23 7.51
CA LYS C 1129 25.58 19.92 6.23
C LYS C 1129 25.06 21.33 6.43
N PHE C 1130 24.33 21.59 7.51
CA PHE C 1130 23.92 22.96 7.81
C PHE C 1130 25.08 23.78 8.33
N GLN C 1131 25.90 23.21 9.22
CA GLN C 1131 26.98 23.96 9.85
C GLN C 1131 28.19 24.17 8.94
N ARG C 1132 28.22 23.49 7.79
CA ARG C 1132 29.24 23.78 6.79
C ARG C 1132 29.29 25.26 6.43
N TYR C 1133 28.13 25.90 6.34
CA TYR C 1133 28.09 27.33 6.00
C TYR C 1133 28.77 28.17 7.08
N GLN C 1134 28.49 27.87 8.35
CA GLN C 1134 29.11 28.64 9.44
C GLN C 1134 30.61 28.42 9.45
N LEU C 1135 31.05 27.19 9.19
CA LEU C 1135 32.49 26.92 9.11
C LEU C 1135 33.14 27.74 7.99
N ILE C 1136 32.50 27.76 6.82
CA ILE C 1136 33.06 28.49 5.68
C ILE C 1136 33.14 29.99 5.98
N MET C 1137 32.10 30.54 6.58
CA MET C 1137 32.12 31.97 6.90
C MET C 1137 33.16 32.30 7.97
N THR C 1138 33.24 31.47 9.01
CA THR C 1138 34.18 31.78 10.09
C THR C 1138 35.63 31.56 9.67
N PHE C 1139 35.87 30.80 8.60
CA PHE C 1139 37.23 30.77 8.05
C PHE C 1139 37.47 31.83 7.00
N HIS C 1140 36.41 32.31 6.34
CA HIS C 1140 36.55 33.42 5.40
C HIS C 1140 36.77 34.74 6.11
N GLU C 1141 36.36 34.85 7.37
CA GLU C 1141 36.52 36.10 8.11
C GLU C 1141 37.87 36.18 8.84
N ARG C 1142 38.47 35.06 9.19
CA ARG C 1142 39.68 35.06 10.00
C ARG C 1142 40.86 35.66 9.24
N PRO C 1143 41.81 36.26 9.96
CA PRO C 1143 43.03 36.76 9.30
C PRO C 1143 43.85 35.63 8.73
N VAL C 1144 44.62 35.97 7.69
CA VAL C 1144 45.37 34.98 6.93
C VAL C 1144 46.50 34.36 7.74
N LEU C 1145 46.95 35.02 8.82
CA LEU C 1145 48.09 34.41 9.49
C LEU C 1145 47.63 33.52 10.64
N PRO C 1146 48.34 32.41 10.87
CA PRO C 1146 47.99 31.50 11.95
C PRO C 1146 48.21 32.12 13.32
N PRO C 1147 47.66 31.52 14.38
CA PRO C 1147 47.74 32.13 15.73
C PRO C 1147 49.16 32.41 16.21
N PRO C 1148 50.15 31.54 15.96
CA PRO C 1148 51.51 31.92 16.40
C PRO C 1148 52.06 33.15 15.72
N LEU C 1149 51.59 33.46 14.51
CA LEU C 1149 52.00 34.65 13.78
C LEU C 1149 50.90 35.69 13.69
N ILE C 1150 49.77 35.48 14.39
CA ILE C 1150 48.62 36.36 14.27
C ILE C 1150 48.87 37.74 14.86
N ILE C 1151 49.95 37.92 15.62
CA ILE C 1151 50.24 39.23 16.19
C ILE C 1151 50.55 40.24 15.10
N PHE C 1152 51.20 39.81 14.01
CA PHE C 1152 51.49 40.71 12.91
C PHE C 1152 50.22 41.20 12.24
N SER C 1153 49.23 40.32 12.10
CA SER C 1153 47.95 40.72 11.51
C SER C 1153 47.21 41.71 12.41
N HIS C 1154 47.31 41.54 13.73
CA HIS C 1154 46.67 42.49 14.63
C HIS C 1154 47.37 43.84 14.60
N MET C 1155 48.69 43.86 14.41
CA MET C 1155 49.40 45.13 14.23
C MET C 1155 48.92 45.84 12.98
N THR C 1156 48.67 45.09 11.90
CA THR C 1156 48.13 45.69 10.68
C THR C 1156 46.76 46.29 10.91
N MET C 1157 45.92 45.62 11.70
CA MET C 1157 44.61 46.17 12.03
C MET C 1157 44.70 47.45 12.84
N ILE C 1158 45.81 47.66 13.56
CA ILE C 1158 46.02 48.93 14.24
C ILE C 1158 46.31 50.04 13.22
N PHE C 1159 47.13 49.73 12.20
CA PHE C 1159 47.39 50.70 11.14
C PHE C 1159 46.12 51.03 10.38
N GLN C 1160 45.30 50.02 10.09
CA GLN C 1160 44.04 50.25 9.41
C GLN C 1160 42.98 50.87 10.30
N HIS C 1161 43.18 50.86 11.63
CA HIS C 1161 42.22 51.48 12.53
C HIS C 1161 42.17 52.99 12.35
N VAL C 1162 43.34 53.61 12.15
CA VAL C 1162 43.40 55.05 11.95
C VAL C 1162 43.16 55.45 10.50
N CYS C 1163 43.04 54.49 9.59
CA CYS C 1163 42.82 54.79 8.18
C CYS C 1163 41.35 55.06 7.90
N ARG C 1176 32.33 43.35 -0.19
CA ARG C 1176 32.37 41.92 -0.49
C ARG C 1176 32.05 41.65 -1.96
N ASP C 1177 33.07 41.74 -2.81
CA ASP C 1177 32.86 41.44 -4.23
C ASP C 1177 32.45 40.00 -4.43
N TYR C 1178 33.06 39.08 -3.69
CA TYR C 1178 32.61 37.70 -3.62
C TYR C 1178 33.00 37.13 -2.26
N GLY C 1179 32.42 35.98 -1.94
CA GLY C 1179 32.58 35.38 -0.63
C GLY C 1179 31.24 35.29 0.05
N LEU C 1180 30.42 36.33 -0.12
CA LEU C 1180 29.04 36.34 0.34
C LEU C 1180 28.05 36.52 -0.80
N LYS C 1181 28.20 37.57 -1.59
CA LYS C 1181 27.20 37.99 -2.57
C LYS C 1181 27.79 37.96 -3.98
N LEU C 1182 26.99 38.41 -4.95
CA LEU C 1182 27.41 38.44 -6.35
C LEU C 1182 26.61 39.55 -7.04
N PHE C 1183 27.26 40.69 -7.25
CA PHE C 1183 26.59 41.83 -7.86
C PHE C 1183 26.51 41.66 -9.38
N ILE C 1184 25.44 42.17 -9.97
CA ILE C 1184 25.19 42.06 -11.40
C ILE C 1184 24.57 43.35 -11.92
N THR C 1185 24.39 43.41 -13.24
CA THR C 1185 23.78 44.54 -13.90
C THR C 1185 22.27 44.34 -13.97
N ASP C 1186 21.59 45.22 -14.72
CA ASP C 1186 20.13 45.13 -14.83
C ASP C 1186 19.69 44.01 -15.76
N ASP C 1187 20.45 43.78 -16.84
CA ASP C 1187 20.04 42.76 -17.82
C ASP C 1187 20.13 41.35 -17.24
N GLU C 1188 21.21 41.06 -16.51
CA GLU C 1188 21.32 39.76 -15.84
C GLU C 1188 20.24 39.61 -14.79
N LEU C 1189 19.92 40.69 -14.07
CA LEU C 1189 18.85 40.65 -13.09
C LEU C 1189 17.51 40.32 -13.74
N LYS C 1190 17.24 40.93 -14.90
CA LYS C 1190 15.98 40.66 -15.59
C LYS C 1190 15.95 39.24 -16.13
N LYS C 1191 17.09 38.73 -16.61
CA LYS C 1191 17.14 37.34 -17.06
C LYS C 1191 16.86 36.39 -15.91
N VAL C 1192 17.43 36.67 -14.74
CA VAL C 1192 17.17 35.83 -13.56
C VAL C 1192 15.70 35.91 -13.16
N HIS C 1193 15.11 37.11 -13.21
CA HIS C 1193 13.70 37.26 -12.86
C HIS C 1193 12.80 36.46 -13.81
N ASP C 1194 13.09 36.52 -15.11
CA ASP C 1194 12.30 35.75 -16.08
C ASP C 1194 12.47 34.26 -15.84
N PHE C 1195 13.70 33.81 -15.54
CA PHE C 1195 13.93 32.40 -15.24
C PHE C 1195 13.14 31.96 -14.03
N GLU C 1196 13.11 32.80 -12.99
CA GLU C 1196 12.39 32.44 -11.77
C GLU C 1196 10.88 32.42 -11.99
N GLU C 1197 10.36 33.35 -12.78
CA GLU C 1197 8.93 33.32 -13.12
C GLU C 1197 8.58 32.07 -13.89
N GLN C 1198 9.43 31.69 -14.86
CA GLN C 1198 9.20 30.46 -15.59
C GLN C 1198 9.23 29.25 -14.66
N CYS C 1199 10.16 29.22 -13.71
CA CYS C 1199 10.25 28.11 -12.78
C CYS C 1199 9.02 27.99 -11.90
N ILE C 1200 8.53 29.11 -11.36
CA ILE C 1200 7.38 29.04 -10.46
C ILE C 1200 6.12 28.67 -11.24
N GLU C 1201 5.99 29.18 -12.47
CA GLU C 1201 4.86 28.79 -13.31
C GLU C 1201 4.87 27.30 -13.61
N GLU C 1202 6.04 26.78 -13.97
CA GLU C 1202 6.15 25.36 -14.25
C GLU C 1202 5.88 24.52 -13.01
N TYR C 1203 6.31 24.99 -11.85
CA TYR C 1203 6.05 24.27 -10.60
C TYR C 1203 4.56 24.17 -10.32
N PHE C 1204 3.84 25.29 -10.45
CA PHE C 1204 2.40 25.24 -10.19
C PHE C 1204 1.68 24.37 -11.22
N ARG C 1205 2.07 24.47 -12.49
CA ARG C 1205 1.43 23.64 -13.51
C ARG C 1205 1.67 22.15 -13.26
N GLU C 1206 2.90 21.80 -12.89
CA GLU C 1206 3.20 20.40 -12.59
C GLU C 1206 2.43 19.91 -11.37
N LYS C 1207 2.32 20.75 -10.33
CA LYS C 1207 1.57 20.34 -9.15
C LYS C 1207 0.10 20.10 -9.49
N ASP C 1208 -0.50 20.98 -10.28
CA ASP C 1208 -1.90 20.79 -10.66
C ASP C 1208 -2.07 19.52 -11.51
N ASP C 1209 -1.18 19.31 -12.48
CA ASP C 1209 -1.31 18.14 -13.34
C ASP C 1209 -1.07 16.85 -12.57
N ARG C 1210 -0.23 16.88 -11.54
CA ARG C 1210 -0.02 15.70 -10.71
C ARG C 1210 -1.19 15.44 -9.79
N PHE C 1211 -1.82 16.50 -9.26
CA PHE C 1211 -2.98 16.31 -8.40
C PHE C 1211 -4.18 15.80 -9.18
N ASN C 1212 -4.38 16.30 -10.39
CA ASN C 1212 -5.56 15.92 -11.16
C ASN C 1212 -5.50 14.49 -11.71
N SER C 1213 -4.34 13.85 -11.70
CA SER C 1213 -4.19 12.51 -12.23
C SER C 1213 -4.03 11.45 -11.14
N SER C 1214 -4.23 11.83 -9.87
CA SER C 1214 -4.17 10.86 -8.79
C SER C 1214 -5.38 9.95 -8.83
N ASN C 1215 -5.24 8.77 -8.22
CA ASN C 1215 -6.34 7.81 -8.20
C ASN C 1215 -7.53 8.35 -7.41
N ASP C 1216 -7.27 9.01 -6.27
CA ASP C 1216 -8.36 9.48 -5.43
C ASP C 1216 -9.21 10.53 -6.15
N GLU C 1217 -8.57 11.47 -6.83
CA GLU C 1217 -9.31 12.49 -7.56
C GLU C 1217 -10.13 11.88 -8.69
N ARG C 1218 -9.54 10.94 -9.43
CA ARG C 1218 -10.27 10.28 -10.51
C ARG C 1218 -11.48 9.52 -9.97
N ILE C 1219 -11.31 8.82 -8.86
CA ILE C 1219 -12.42 8.08 -8.26
C ILE C 1219 -13.52 9.04 -7.82
N ARG C 1220 -13.15 10.15 -7.17
CA ARG C 1220 -14.14 11.11 -6.70
C ARG C 1220 -14.92 11.72 -7.87
N VAL C 1221 -14.21 12.14 -8.92
CA VAL C 1221 -14.88 12.75 -10.06
C VAL C 1221 -15.78 11.74 -10.76
N THR C 1222 -15.30 10.51 -10.92
CA THR C 1222 -16.12 9.47 -11.54
C THR C 1222 -17.37 9.20 -10.72
N SER C 1223 -17.25 9.16 -9.40
CA SER C 1223 -18.41 8.92 -8.55
C SER C 1223 -19.44 10.04 -8.68
N GLU C 1224 -18.98 11.30 -8.66
CA GLU C 1224 -19.90 12.42 -8.79
C GLU C 1224 -20.60 12.41 -10.15
N ARG C 1225 -19.85 12.15 -11.22
CA ARG C 1225 -20.44 12.12 -12.55
C ARG C 1225 -21.41 10.95 -12.69
N VAL C 1226 -21.10 9.82 -12.08
CA VAL C 1226 -22.01 8.67 -12.13
C VAL C 1226 -23.30 8.98 -11.39
N GLU C 1227 -23.22 9.64 -10.23
CA GLU C 1227 -24.43 10.00 -9.51
C GLU C 1227 -25.30 10.96 -10.31
N ASN C 1228 -24.69 12.01 -10.87
CA ASN C 1228 -25.45 12.96 -11.66
C ASN C 1228 -26.04 12.31 -12.90
N MET C 1229 -25.28 11.43 -13.55
CA MET C 1229 -25.77 10.74 -14.74
C MET C 1229 -26.91 9.80 -14.39
N SER C 1230 -26.85 9.13 -13.23
CA SER C 1230 -27.95 8.27 -12.81
C SER C 1230 -29.22 9.07 -12.56
N MET C 1231 -29.08 10.23 -11.90
CA MET C 1231 -30.26 11.07 -11.70
C MET C 1231 -30.83 11.55 -13.03
N ARG C 1232 -29.96 11.97 -13.95
CA ARG C 1232 -30.43 12.42 -15.26
C ARG C 1232 -31.12 11.29 -16.02
N LEU C 1233 -30.57 10.08 -15.97
CA LEU C 1233 -31.17 8.98 -16.70
C LEU C 1233 -32.50 8.57 -16.09
N GLU C 1234 -32.62 8.62 -14.77
CA GLU C 1234 -33.91 8.36 -14.14
C GLU C 1234 -34.94 9.41 -14.53
N GLU C 1235 -34.53 10.68 -14.60
CA GLU C 1235 -35.44 11.73 -15.05
C GLU C 1235 -35.86 11.52 -16.51
N VAL C 1236 -34.92 11.08 -17.35
CA VAL C 1236 -35.25 10.83 -18.76
C VAL C 1236 -36.22 9.67 -18.88
N ASN C 1237 -35.95 8.57 -18.17
CA ASN C 1237 -36.81 7.39 -18.26
C ASN C 1237 -38.21 7.68 -17.71
N GLU C 1238 -38.30 8.43 -16.61
CA GLU C 1238 -39.60 8.71 -16.02
C GLU C 1238 -40.42 9.65 -16.90
N ARG C 1239 -39.78 10.56 -17.62
CA ARG C 1239 -40.46 11.56 -18.44
C ARG C 1239 -40.38 11.13 -19.90
N GLU C 1240 -41.45 10.52 -20.39
CA GLU C 1240 -41.56 10.18 -21.80
C GLU C 1240 -42.95 10.55 -22.29
N HIS C 1241 -43.06 10.82 -23.59
CA HIS C 1241 -44.34 11.19 -24.16
C HIS C 1241 -45.28 10.00 -24.32
N SER C 1242 -44.75 8.78 -24.31
CA SER C 1242 -45.57 7.59 -24.46
C SER C 1242 -45.99 7.04 -23.10
N UNK D 1 -33.89 41.15 35.43
CA UNK D 1 -33.94 40.71 34.04
C UNK D 1 -34.36 41.86 33.13
N UNK D 2 -33.53 42.14 32.13
CA UNK D 2 -33.81 43.22 31.19
C UNK D 2 -34.84 42.81 30.15
N UNK D 3 -35.02 41.49 30.01
CA UNK D 3 -35.97 40.96 29.03
C UNK D 3 -37.40 41.09 29.51
N UNK D 4 -37.57 41.46 30.77
CA UNK D 4 -38.91 41.67 31.33
C UNK D 4 -39.29 43.14 31.23
N UNK D 5 -38.93 43.77 30.11
CA UNK D 5 -39.26 45.17 29.87
C UNK D 5 -40.37 45.28 28.84
N UNK D 6 -41.04 44.16 28.58
CA UNK D 6 -42.14 44.13 27.62
C UNK D 6 -43.47 43.98 28.35
N UNK D 7 -44.41 43.30 27.73
CA UNK D 7 -45.73 43.11 28.33
C UNK D 7 -46.44 41.89 27.74
N UNK D 8 -47.67 41.64 28.20
CA UNK D 8 -48.46 40.52 27.72
C UNK D 8 -49.92 40.94 27.50
N UNK D 9 -50.81 39.96 27.40
CA UNK D 9 -52.22 40.24 27.18
C UNK D 9 -53.12 39.13 27.70
N UNK D 10 -53.85 39.42 28.78
CA UNK D 10 -54.78 38.45 29.36
C UNK D 10 -56.20 39.02 29.40
N UNK D 11 -57.19 38.16 29.20
CA UNK D 11 -58.59 38.59 29.17
C UNK D 11 -59.08 38.94 30.57
N UNK D 12 -60.11 39.79 30.62
CA UNK D 12 -60.69 40.22 31.89
C UNK D 12 -62.16 39.83 31.98
N UNK D 13 -63.04 40.73 31.58
CA UNK D 13 -64.47 40.47 31.57
C UNK D 13 -64.89 39.87 30.24
N UNK D 14 -65.32 38.61 30.28
CA UNK D 14 -65.70 37.89 29.06
C UNK D 14 -67.00 37.12 29.24
N UNK D 15 -67.83 37.13 28.21
CA UNK D 15 -69.11 36.41 28.25
C UNK D 15 -69.57 36.06 26.84
N UNK D 16 -69.65 34.76 26.57
CA UNK D 16 -70.08 34.27 25.26
C UNK D 16 -70.61 32.85 25.36
N UNK D 17 -71.66 32.55 24.59
CA UNK D 17 -72.30 31.24 24.55
C UNK D 17 -72.74 30.76 25.94
N ILE E 128 -63.37 -47.70 -8.02
CA ILE E 128 -63.68 -48.15 -6.67
C ILE E 128 -64.73 -47.23 -6.05
N SER E 129 -65.56 -47.80 -5.19
CA SER E 129 -66.57 -47.03 -4.46
C SER E 129 -66.04 -46.59 -3.09
N LYS E 130 -64.86 -45.98 -3.09
CA LYS E 130 -64.16 -45.55 -1.88
C LYS E 130 -64.02 -46.71 -0.88
N HIS E 131 -63.25 -47.72 -1.31
CA HIS E 131 -62.97 -48.90 -0.51
C HIS E 131 -61.48 -48.94 -0.23
N THR E 132 -61.07 -48.28 0.86
CA THR E 132 -59.66 -48.14 1.22
C THR E 132 -59.42 -48.76 2.60
N GLN E 133 -58.29 -49.47 2.71
CA GLN E 133 -57.93 -50.10 3.97
C GLN E 133 -57.22 -49.08 4.87
N LEU E 134 -57.60 -49.07 6.15
CA LEU E 134 -57.02 -48.15 7.12
C LEU E 134 -55.78 -48.83 7.72
N SER E 135 -54.60 -48.39 7.27
CA SER E 135 -53.37 -49.03 7.71
C SER E 135 -52.40 -48.00 8.29
N PRO E 136 -51.54 -48.40 9.23
CA PRO E 136 -50.55 -47.47 9.76
C PRO E 136 -49.52 -47.07 8.72
N THR E 137 -48.92 -45.90 8.94
CA THR E 137 -47.95 -45.37 7.99
C THR E 137 -46.69 -46.22 7.96
N ASP E 138 -46.20 -46.46 6.75
CA ASP E 138 -44.98 -47.23 6.54
C ASP E 138 -43.87 -46.43 5.88
N ALA E 139 -44.09 -45.14 5.63
CA ALA E 139 -43.12 -44.32 4.90
C ALA E 139 -43.03 -42.96 5.57
N PHE E 140 -41.93 -42.73 6.29
CA PHE E 140 -41.64 -41.42 6.87
C PHE E 140 -40.20 -41.40 7.33
N GLY E 141 -39.52 -40.29 7.09
CA GLY E 141 -38.12 -40.16 7.46
C GLY E 141 -37.43 -39.00 6.79
N THR E 142 -36.28 -39.25 6.18
CA THR E 142 -35.52 -38.23 5.49
C THR E 142 -35.10 -38.76 4.13
N ILE E 143 -35.25 -37.95 3.09
CA ILE E 143 -34.85 -38.30 1.74
C ILE E 143 -33.72 -37.38 1.30
N GLU E 144 -32.68 -37.96 0.72
CA GLU E 144 -31.58 -37.22 0.14
C GLU E 144 -31.71 -37.24 -1.37
N PHE E 145 -31.69 -36.06 -1.98
CA PHE E 145 -31.87 -35.94 -3.42
C PHE E 145 -30.53 -36.15 -4.11
N GLN E 146 -30.38 -37.26 -4.81
CA GLN E 146 -29.19 -37.56 -5.58
C GLN E 146 -29.43 -37.19 -7.05
N GLY E 147 -28.43 -36.55 -7.64
CA GLY E 147 -28.54 -36.09 -9.01
C GLY E 147 -28.83 -34.63 -9.18
N GLY E 148 -29.00 -33.88 -8.08
CA GLY E 148 -29.19 -32.45 -8.15
C GLY E 148 -27.87 -31.70 -8.16
N GLY E 149 -27.98 -30.38 -8.15
CA GLY E 149 -26.78 -29.54 -8.11
C GLY E 149 -26.01 -29.68 -6.82
N HIS E 150 -26.71 -29.74 -5.69
CA HIS E 150 -26.09 -29.81 -4.38
C HIS E 150 -26.76 -30.93 -3.57
N SER E 151 -26.31 -31.09 -2.33
CA SER E 151 -26.86 -32.08 -1.42
C SER E 151 -27.89 -31.40 -0.53
N ASN E 152 -29.16 -31.75 -0.70
CA ASN E 152 -30.26 -31.19 0.09
C ASN E 152 -31.07 -32.33 0.68
N LYS E 153 -31.32 -32.26 1.98
CA LYS E 153 -32.10 -33.26 2.69
C LYS E 153 -33.44 -32.66 3.11
N ALA E 154 -34.51 -33.41 2.89
CA ALA E 154 -35.85 -32.96 3.20
C ALA E 154 -36.59 -34.03 3.99
N MET E 155 -37.19 -33.65 5.10
CA MET E 155 -38.03 -34.57 5.86
C MET E 155 -39.31 -34.85 5.09
N TYR E 156 -39.97 -35.95 5.44
CA TYR E 156 -41.22 -36.29 4.78
C TYR E 156 -42.02 -37.21 5.71
N VAL E 157 -43.30 -37.38 5.37
CA VAL E 157 -44.19 -38.24 6.13
C VAL E 157 -45.39 -38.56 5.25
N ARG E 158 -46.01 -39.71 5.52
CA ARG E 158 -47.20 -40.15 4.79
C ARG E 158 -48.37 -40.14 5.77
N VAL E 159 -49.43 -39.42 5.41
CA VAL E 159 -50.61 -39.28 6.25
C VAL E 159 -51.85 -39.53 5.43
N SER E 160 -52.96 -39.77 6.13
CA SER E 160 -54.21 -40.08 5.47
C SER E 160 -54.78 -38.83 4.80
N PHE E 161 -55.79 -39.06 3.94
CA PHE E 161 -56.44 -37.95 3.24
C PHE E 161 -57.23 -37.06 4.17
N ASP E 162 -57.59 -37.54 5.36
CA ASP E 162 -58.32 -36.75 6.36
C ASP E 162 -57.66 -37.01 7.72
N THR E 163 -56.71 -36.16 8.07
CA THR E 163 -56.07 -36.21 9.37
C THR E 163 -56.33 -34.90 10.11
N LYS E 164 -56.34 -34.97 11.43
CA LYS E 164 -56.65 -33.79 12.24
C LYS E 164 -55.51 -32.78 12.15
N PRO E 165 -55.80 -31.51 11.84
CA PRO E 165 -54.71 -30.52 11.71
C PRO E 165 -53.93 -30.31 12.98
N ASP E 166 -54.50 -30.65 14.15
CA ASP E 166 -53.73 -30.59 15.39
C ASP E 166 -52.54 -31.53 15.34
N LEU E 167 -52.75 -32.74 14.81
CA LEU E 167 -51.66 -33.70 14.68
C LEU E 167 -50.60 -33.20 13.71
N LEU E 168 -51.04 -32.59 12.59
CA LEU E 168 -50.08 -32.06 11.61
C LEU E 168 -49.25 -30.93 12.21
N LEU E 169 -49.90 -30.03 12.95
CA LEU E 169 -49.16 -28.94 13.58
C LEU E 169 -48.21 -29.47 14.64
N HIS E 170 -48.64 -30.47 15.42
CA HIS E 170 -47.75 -31.06 16.43
C HIS E 170 -46.54 -31.71 15.77
N LEU E 171 -46.76 -32.41 14.65
CA LEU E 171 -45.65 -33.03 13.93
C LEU E 171 -44.71 -31.98 13.37
N MET E 172 -45.24 -30.90 12.81
CA MET E 172 -44.40 -29.88 12.21
C MET E 172 -43.68 -29.02 13.25
N THR E 173 -44.20 -28.95 14.48
CA THR E 173 -43.54 -28.15 15.50
C THR E 173 -42.59 -28.98 16.37
N LYS E 174 -43.11 -30.02 17.02
CA LYS E 174 -42.31 -30.79 17.96
C LYS E 174 -41.34 -31.73 17.25
N GLU E 175 -41.86 -32.61 16.40
CA GLU E 175 -41.05 -33.70 15.88
C GLU E 175 -40.00 -33.21 14.89
N TRP E 176 -40.33 -32.20 14.10
CA TRP E 176 -39.37 -31.63 13.15
C TRP E 176 -38.60 -30.46 13.72
N GLN E 177 -38.88 -30.06 14.96
CA GLN E 177 -38.19 -28.97 15.64
C GLN E 177 -38.22 -27.68 14.82
N LEU E 178 -39.43 -27.17 14.62
CA LEU E 178 -39.65 -26.01 13.78
C LEU E 178 -40.49 -24.99 14.52
N GLU E 179 -40.15 -23.71 14.35
CA GLU E 179 -40.79 -22.62 15.08
C GLU E 179 -42.05 -22.16 14.36
N LEU E 180 -43.00 -21.64 15.13
CA LEU E 180 -44.23 -21.11 14.55
C LEU E 180 -43.93 -19.90 13.68
N PRO E 181 -44.50 -19.83 12.48
CA PRO E 181 -44.15 -18.75 11.55
C PRO E 181 -44.79 -17.43 11.94
N LYS E 182 -44.14 -16.36 11.52
CA LYS E 182 -44.68 -15.01 11.64
C LYS E 182 -45.44 -14.57 10.40
N LEU E 183 -45.61 -15.45 9.40
CA LEU E 183 -46.29 -15.19 8.11
C LEU E 183 -46.32 -16.39 7.19
N LEU E 184 -47.45 -16.86 6.69
CA LEU E 184 -47.56 -18.00 5.74
C LEU E 184 -47.84 -17.50 4.35
N ILE E 185 -47.25 -18.02 3.30
CA ILE E 185 -47.40 -17.45 2.00
C ILE E 185 -47.87 -18.44 1.04
N SER E 186 -49.06 -18.94 1.18
CA SER E 186 -49.53 -20.00 0.33
C SER E 186 -49.34 -19.73 -1.11
N VAL E 187 -48.45 -20.40 -1.82
CA VAL E 187 -48.35 -20.18 -3.23
C VAL E 187 -49.30 -21.08 -3.90
N HIS E 188 -50.06 -20.60 -4.88
CA HIS E 188 -51.01 -21.40 -5.65
C HIS E 188 -50.75 -21.04 -7.07
N GLY E 189 -51.18 -21.85 -8.00
CA GLY E 189 -50.82 -21.59 -9.38
C GLY E 189 -51.18 -22.65 -10.41
N GLY E 190 -50.51 -22.70 -11.56
CA GLY E 190 -50.79 -23.68 -12.59
C GLY E 190 -50.05 -24.99 -12.39
N LEU E 191 -50.58 -26.03 -13.02
CA LEU E 191 -49.99 -27.36 -12.97
C LEU E 191 -49.21 -27.72 -14.22
N GLN E 192 -49.61 -27.22 -15.38
CA GLN E 192 -48.87 -27.48 -16.61
C GLN E 192 -47.54 -26.74 -16.60
N ASN E 193 -46.53 -27.35 -17.21
CA ASN E 193 -45.17 -26.84 -17.16
C ASN E 193 -45.05 -25.64 -18.09
N PHE E 194 -45.51 -24.49 -17.61
CA PHE E 194 -45.38 -23.26 -18.37
C PHE E 194 -43.98 -22.69 -18.21
N GLU E 195 -43.68 -21.66 -19.01
CA GLU E 195 -42.37 -21.01 -18.99
C GLU E 195 -42.58 -19.52 -18.92
N LEU E 196 -42.15 -18.90 -17.83
CA LEU E 196 -42.25 -17.46 -17.67
C LEU E 196 -41.11 -16.76 -18.39
N GLN E 197 -41.33 -15.50 -18.73
CA GLN E 197 -40.30 -14.69 -19.35
C GLN E 197 -39.17 -14.43 -18.36
N PRO E 198 -37.93 -14.27 -18.86
CA PRO E 198 -36.79 -14.08 -17.95
C PRO E 198 -36.89 -12.85 -17.06
N LYS E 199 -37.51 -11.77 -17.54
CA LYS E 199 -37.61 -10.57 -16.74
C LYS E 199 -38.53 -10.76 -15.55
N LEU E 200 -39.69 -11.39 -15.76
CA LEU E 200 -40.63 -11.56 -14.67
C LEU E 200 -40.19 -12.67 -13.71
N LYS E 201 -39.50 -13.69 -14.22
CA LYS E 201 -39.09 -14.81 -13.37
C LYS E 201 -38.09 -14.36 -12.31
N GLN E 202 -37.10 -13.54 -12.70
CA GLN E 202 -36.09 -13.10 -11.75
C GLN E 202 -36.69 -12.23 -10.66
N VAL E 203 -37.55 -11.28 -11.03
CA VAL E 203 -38.15 -10.39 -10.04
C VAL E 203 -39.03 -11.18 -9.08
N PHE E 204 -39.84 -12.09 -9.62
CA PHE E 204 -40.72 -12.91 -8.78
C PHE E 204 -39.90 -13.77 -7.81
N GLY E 205 -38.86 -14.41 -8.32
CA GLY E 205 -38.05 -15.26 -7.46
C GLY E 205 -37.34 -14.49 -6.36
N LYS E 206 -36.72 -13.37 -6.72
CA LYS E 206 -36.00 -12.59 -5.71
C LYS E 206 -36.95 -11.99 -4.69
N GLY E 207 -38.11 -11.50 -5.13
CA GLY E 207 -39.08 -10.96 -4.19
C GLY E 207 -39.61 -12.01 -3.23
N LEU E 208 -39.96 -13.19 -3.74
CA LEU E 208 -40.42 -14.26 -2.86
C LEU E 208 -39.33 -14.68 -1.88
N ILE E 209 -38.09 -14.81 -2.35
CA ILE E 209 -36.99 -15.22 -1.47
C ILE E 209 -36.77 -14.18 -0.37
N LYS E 210 -36.75 -12.89 -0.74
CA LYS E 210 -36.54 -11.86 0.27
C LYS E 210 -37.69 -11.81 1.27
N ALA E 211 -38.93 -11.90 0.80
CA ALA E 211 -40.07 -11.84 1.70
C ALA E 211 -40.15 -13.06 2.60
N ALA E 212 -39.65 -14.22 2.17
CA ALA E 212 -39.66 -15.40 3.02
C ALA E 212 -38.41 -15.55 3.86
N MET E 213 -37.35 -14.79 3.58
CA MET E 213 -36.13 -14.89 4.36
C MET E 213 -36.04 -13.81 5.43
N THR E 214 -36.49 -12.59 5.14
CA THR E 214 -36.46 -11.53 6.14
C THR E 214 -37.45 -11.76 7.28
N THR E 215 -38.37 -12.70 7.12
CA THR E 215 -39.35 -13.04 8.15
C THR E 215 -39.48 -14.56 8.21
N GLY E 216 -39.82 -15.07 9.40
CA GLY E 216 -40.05 -16.49 9.53
C GLY E 216 -41.31 -16.90 8.79
N ALA E 217 -41.14 -17.56 7.64
CA ALA E 217 -42.25 -17.82 6.73
C ALA E 217 -42.30 -19.29 6.37
N TRP E 218 -43.51 -19.77 6.09
CA TRP E 218 -43.75 -21.16 5.69
C TRP E 218 -44.32 -21.15 4.27
N ILE E 219 -43.45 -21.25 3.28
CA ILE E 219 -43.88 -21.26 1.88
C ILE E 219 -44.61 -22.57 1.63
N PHE E 220 -45.94 -22.52 1.50
CA PHE E 220 -46.74 -23.69 1.19
C PHE E 220 -46.83 -23.83 -0.33
N THR E 221 -46.22 -24.88 -0.86
CA THR E 221 -46.25 -25.14 -2.29
C THR E 221 -46.97 -26.47 -2.54
N GLY E 222 -47.00 -26.87 -3.82
CA GLY E 222 -47.65 -28.10 -4.22
C GLY E 222 -46.82 -29.35 -4.10
N GLY E 223 -45.51 -29.21 -3.96
CA GLY E 223 -44.65 -30.36 -3.74
C GLY E 223 -44.07 -30.96 -5.01
N VAL E 224 -44.92 -31.49 -5.89
CA VAL E 224 -44.45 -32.15 -7.09
C VAL E 224 -43.84 -31.14 -8.05
N ASN E 225 -42.83 -31.57 -8.81
CA ASN E 225 -42.03 -30.67 -9.62
C ASN E 225 -42.72 -30.43 -10.96
N THR E 226 -43.68 -29.51 -10.96
CA THR E 226 -44.36 -29.10 -12.18
C THR E 226 -45.05 -27.76 -11.95
N GLY E 227 -45.11 -26.96 -13.01
CA GLY E 227 -45.84 -25.70 -12.92
C GLY E 227 -45.09 -24.65 -12.13
N VAL E 228 -45.83 -23.92 -11.29
CA VAL E 228 -45.23 -22.87 -10.48
C VAL E 228 -44.28 -23.44 -9.44
N ILE E 229 -44.45 -24.72 -9.07
CA ILE E 229 -43.58 -25.34 -8.08
C ILE E 229 -42.16 -25.42 -8.60
N ARG E 230 -41.98 -25.66 -9.91
CA ARG E 230 -40.65 -25.62 -10.50
C ARG E 230 -40.02 -24.24 -10.38
N HIS E 231 -40.83 -23.19 -10.58
CA HIS E 231 -40.32 -21.83 -10.43
C HIS E 231 -39.91 -21.54 -9.01
N VAL E 232 -40.71 -21.99 -8.04
CA VAL E 232 -40.32 -21.83 -6.63
C VAL E 232 -39.04 -22.61 -6.35
N GLY E 233 -38.91 -23.80 -6.94
CA GLY E 233 -37.71 -24.59 -6.75
C GLY E 233 -36.46 -23.91 -7.26
N ASP E 234 -36.53 -23.34 -8.47
CA ASP E 234 -35.34 -22.67 -8.99
C ASP E 234 -35.09 -21.34 -8.28
N ALA E 235 -36.14 -20.70 -7.78
CA ALA E 235 -35.95 -19.51 -6.95
C ALA E 235 -35.24 -19.86 -5.65
N LEU E 236 -35.52 -21.04 -5.11
CA LEU E 236 -34.74 -21.52 -3.96
C LEU E 236 -33.33 -21.90 -4.38
N LYS E 237 -33.16 -22.44 -5.59
CA LYS E 237 -31.85 -22.90 -6.04
C LYS E 237 -30.87 -21.74 -6.22
N ASP E 238 -31.28 -20.70 -6.94
CA ASP E 238 -30.34 -19.61 -7.21
C ASP E 238 -30.08 -18.76 -5.97
N HIS E 239 -30.98 -18.78 -4.99
CA HIS E 239 -30.71 -18.09 -3.74
C HIS E 239 -29.76 -18.87 -2.85
N ALA E 240 -29.86 -20.21 -2.85
CA ALA E 240 -29.07 -21.03 -1.95
C ALA E 240 -27.58 -20.97 -2.25
N SER E 241 -27.20 -20.60 -3.47
CA SER E 241 -25.80 -20.50 -3.85
C SER E 241 -25.21 -19.11 -3.57
N LYS E 242 -26.02 -18.16 -3.10
CA LYS E 242 -25.55 -16.80 -2.90
C LYS E 242 -25.87 -16.25 -1.51
N SER E 243 -26.39 -17.07 -0.60
CA SER E 243 -26.77 -16.56 0.71
C SER E 243 -26.78 -17.70 1.72
N ARG E 244 -26.76 -17.31 3.00
CA ARG E 244 -26.81 -18.24 4.11
C ARG E 244 -28.27 -18.57 4.45
N GLY E 245 -28.45 -19.36 5.51
CA GLY E 245 -29.77 -19.64 6.02
C GLY E 245 -30.55 -20.61 5.15
N LYS E 246 -31.71 -21.05 5.65
CA LYS E 246 -32.58 -21.96 4.91
C LYS E 246 -33.99 -21.40 4.91
N ILE E 247 -34.66 -21.52 3.76
CA ILE E 247 -36.03 -21.06 3.61
C ILE E 247 -36.94 -22.24 3.90
N CYS E 248 -37.85 -22.08 4.87
CA CYS E 248 -38.73 -23.17 5.29
C CYS E 248 -39.83 -23.33 4.24
N THR E 249 -39.57 -24.17 3.25
CA THR E 249 -40.53 -24.46 2.20
C THR E 249 -41.18 -25.80 2.50
N ILE E 250 -42.50 -25.80 2.69
CA ILE E 250 -43.26 -27.00 3.02
C ILE E 250 -44.07 -27.39 1.80
N GLY E 251 -43.82 -28.59 1.29
CA GLY E 251 -44.52 -29.06 0.11
C GLY E 251 -45.56 -30.12 0.40
N ILE E 252 -46.83 -29.74 0.27
CA ILE E 252 -47.94 -30.66 0.48
C ILE E 252 -48.32 -31.24 -0.87
N ALA E 253 -48.00 -32.51 -1.08
CA ALA E 253 -48.23 -33.18 -2.35
C ALA E 253 -48.97 -34.48 -2.15
N PRO E 254 -49.81 -34.88 -3.09
CA PRO E 254 -50.49 -36.17 -2.98
C PRO E 254 -49.52 -37.32 -3.20
N TRP E 255 -49.71 -38.38 -2.41
CA TRP E 255 -48.83 -39.54 -2.47
C TRP E 255 -48.94 -40.30 -3.78
N GLY E 256 -50.06 -40.17 -4.49
CA GLY E 256 -50.30 -40.98 -5.66
C GLY E 256 -49.64 -40.54 -6.94
N ILE E 257 -48.84 -39.47 -6.93
CA ILE E 257 -48.24 -38.96 -8.15
C ILE E 257 -46.72 -39.13 -8.18
N VAL E 258 -46.08 -39.39 -7.04
CA VAL E 258 -44.64 -39.58 -7.02
C VAL E 258 -44.30 -40.88 -7.76
N GLU E 259 -43.30 -40.80 -8.65
CA GLU E 259 -43.02 -41.95 -9.50
C GLU E 259 -42.32 -43.07 -8.73
N ASN E 260 -41.32 -42.73 -7.91
CA ASN E 260 -40.54 -43.73 -7.18
C ASN E 260 -41.06 -43.80 -5.76
N GLN E 261 -42.17 -44.51 -5.58
CA GLN E 261 -42.72 -44.71 -4.25
C GLN E 261 -41.97 -45.79 -3.47
N GLU E 262 -41.23 -46.65 -4.15
CA GLU E 262 -40.62 -47.81 -3.49
C GLU E 262 -39.50 -47.38 -2.55
N ASP E 263 -38.61 -46.51 -3.02
CA ASP E 263 -37.46 -46.11 -2.22
C ASP E 263 -37.79 -45.04 -1.18
N LEU E 264 -39.07 -44.70 -1.00
CA LEU E 264 -39.49 -43.78 0.03
C LEU E 264 -40.10 -44.49 1.23
N ILE E 265 -40.12 -45.82 1.24
CA ILE E 265 -40.77 -46.61 2.28
C ILE E 265 -39.74 -47.00 3.33
N GLY E 266 -40.08 -46.75 4.60
CA GLY E 266 -39.18 -47.07 5.69
C GLY E 266 -39.30 -46.08 6.84
N ARG E 267 -39.26 -46.58 8.07
CA ARG E 267 -39.49 -45.75 9.24
C ARG E 267 -38.18 -45.16 9.75
N ASP E 268 -38.06 -43.83 9.69
CA ASP E 268 -36.92 -43.09 10.21
C ASP E 268 -35.60 -43.59 9.63
N VAL E 269 -35.55 -43.72 8.31
CA VAL E 269 -34.36 -44.16 7.61
C VAL E 269 -34.04 -43.14 6.52
N VAL E 270 -32.78 -42.72 6.47
CA VAL E 270 -32.32 -41.82 5.41
C VAL E 270 -32.31 -42.61 4.10
N ARG E 271 -33.20 -42.26 3.18
CA ARG E 271 -33.33 -43.01 1.94
C ARG E 271 -32.94 -42.13 0.75
N PRO E 272 -32.18 -42.66 -0.20
CA PRO E 272 -31.79 -41.86 -1.36
C PRO E 272 -32.91 -41.77 -2.38
N TYR E 273 -33.01 -40.61 -3.03
CA TYR E 273 -34.04 -40.36 -4.02
C TYR E 273 -33.42 -39.81 -5.29
N GLN E 274 -33.97 -40.20 -6.42
CA GLN E 274 -33.42 -39.85 -7.73
C GLN E 274 -34.21 -38.69 -8.33
N THR E 275 -33.51 -37.64 -8.73
CA THR E 275 -34.12 -36.47 -9.33
C THR E 275 -34.16 -36.54 -10.86
N MET E 276 -33.81 -37.70 -11.43
CA MET E 276 -33.88 -37.86 -12.88
C MET E 276 -35.35 -37.89 -13.32
N SER E 277 -35.69 -37.05 -14.28
CA SER E 277 -37.06 -36.95 -14.78
C SER E 277 -37.22 -37.82 -16.01
N ASN E 278 -38.17 -38.76 -15.96
CA ASN E 278 -38.44 -39.63 -17.09
C ASN E 278 -39.77 -39.23 -17.71
N PRO E 279 -39.77 -38.71 -18.94
CA PRO E 279 -41.04 -38.23 -19.52
C PRO E 279 -42.09 -39.31 -19.72
N MET E 280 -41.69 -40.54 -20.01
CA MET E 280 -42.62 -41.60 -20.35
C MET E 280 -43.05 -42.44 -19.14
N SER E 281 -43.01 -41.85 -17.94
CA SER E 281 -43.44 -42.56 -16.74
C SER E 281 -44.88 -42.27 -16.35
N LYS E 282 -45.52 -41.28 -16.97
CA LYS E 282 -46.91 -40.89 -16.70
C LYS E 282 -47.13 -40.49 -15.25
N LEU E 283 -46.05 -40.09 -14.57
CA LEU E 283 -46.10 -39.58 -13.21
C LEU E 283 -45.14 -38.41 -13.11
N THR E 284 -44.79 -38.03 -11.88
CA THR E 284 -43.85 -36.93 -11.68
C THR E 284 -43.03 -37.20 -10.43
N VAL E 285 -42.02 -36.37 -10.23
CA VAL E 285 -41.04 -36.56 -9.17
C VAL E 285 -41.21 -35.45 -8.13
N LEU E 286 -40.76 -35.73 -6.91
CA LEU E 286 -40.75 -34.73 -5.85
C LEU E 286 -39.73 -33.65 -6.18
N ASN E 287 -40.12 -32.40 -6.04
CA ASN E 287 -39.21 -31.30 -6.29
C ASN E 287 -38.19 -31.20 -5.17
N SER E 288 -36.92 -31.05 -5.52
CA SER E 288 -35.87 -30.86 -4.53
C SER E 288 -35.94 -29.44 -3.99
N MET E 289 -35.01 -29.12 -3.09
CA MET E 289 -34.86 -27.83 -2.43
C MET E 289 -36.00 -27.50 -1.48
N HIS E 290 -37.05 -28.32 -1.42
CA HIS E 290 -38.02 -28.20 -0.34
C HIS E 290 -37.39 -28.71 0.95
N SER E 291 -37.87 -28.19 2.07
CA SER E 291 -37.32 -28.60 3.36
C SER E 291 -38.16 -29.64 4.07
N HIS E 292 -39.47 -29.67 3.83
CA HIS E 292 -40.33 -30.65 4.45
C HIS E 292 -41.42 -31.05 3.47
N PHE E 293 -42.00 -32.23 3.70
CA PHE E 293 -43.05 -32.77 2.84
C PHE E 293 -44.14 -33.36 3.70
N ILE E 294 -45.38 -33.28 3.22
CA ILE E 294 -46.53 -33.91 3.85
C ILE E 294 -47.30 -34.61 2.74
N LEU E 295 -47.16 -35.92 2.65
CA LEU E 295 -47.74 -36.71 1.57
C LEU E 295 -49.07 -37.29 2.04
N ALA E 296 -50.14 -36.99 1.29
CA ALA E 296 -51.49 -37.43 1.63
C ALA E 296 -51.97 -38.40 0.56
N ASP E 297 -52.54 -39.52 1.00
CA ASP E 297 -53.07 -40.53 0.09
C ASP E 297 -54.49 -40.89 0.49
N ASN E 298 -55.31 -41.18 -0.52
CA ASN E 298 -56.68 -41.63 -0.31
C ASN E 298 -56.93 -42.98 -0.95
N GLY E 299 -55.89 -43.77 -1.17
CA GLY E 299 -56.03 -45.08 -1.77
C GLY E 299 -55.69 -45.12 -3.24
N THR E 300 -56.15 -44.12 -3.99
CA THR E 300 -55.91 -44.09 -5.42
C THR E 300 -54.50 -43.61 -5.73
N THR E 301 -54.04 -43.93 -6.95
CA THR E 301 -52.73 -43.51 -7.44
C THR E 301 -52.87 -43.00 -8.86
N GLY E 302 -52.11 -41.95 -9.18
CA GLY E 302 -52.05 -41.43 -10.53
C GLY E 302 -52.87 -40.20 -10.81
N LYS E 303 -53.64 -39.70 -9.85
CA LYS E 303 -54.44 -38.51 -10.05
C LYS E 303 -54.47 -37.68 -8.78
N TYR E 304 -54.72 -36.38 -8.94
CA TYR E 304 -54.68 -35.43 -7.83
C TYR E 304 -55.98 -35.51 -7.03
N GLY E 305 -56.17 -34.55 -6.13
CA GLY E 305 -57.39 -34.44 -5.36
C GLY E 305 -57.33 -34.95 -3.94
N ALA E 306 -56.15 -35.38 -3.46
CA ALA E 306 -56.01 -35.91 -2.13
C ALA E 306 -55.35 -34.94 -1.16
N GLU E 307 -55.13 -33.69 -1.57
CA GLU E 307 -54.39 -32.74 -0.75
C GLU E 307 -55.05 -31.36 -0.64
N VAL E 308 -56.04 -31.04 -1.47
CA VAL E 308 -56.64 -29.71 -1.45
C VAL E 308 -57.36 -29.48 -0.12
N LYS E 309 -58.16 -30.45 0.32
CA LYS E 309 -58.88 -30.31 1.58
C LYS E 309 -57.91 -30.26 2.76
N LEU E 310 -56.90 -31.12 2.75
CA LEU E 310 -55.91 -31.13 3.83
C LEU E 310 -55.15 -29.81 3.90
N ARG E 311 -54.73 -29.29 2.74
CA ARG E 311 -53.99 -28.04 2.72
C ARG E 311 -54.85 -26.88 3.20
N ARG E 312 -56.07 -26.70 2.74
CA ARG E 312 -56.79 -25.52 3.21
C ARG E 312 -56.95 -25.62 4.68
N GLN E 313 -57.43 -26.72 5.19
CA GLN E 313 -57.65 -26.78 6.60
C GLN E 313 -56.41 -26.49 7.38
N LEU E 314 -55.29 -27.09 7.06
CA LEU E 314 -54.14 -26.81 7.88
C LEU E 314 -53.99 -25.35 7.89
N GLU E 315 -54.03 -24.68 6.76
CA GLU E 315 -53.77 -23.26 6.78
C GLU E 315 -54.69 -22.62 7.83
N LYS E 316 -55.98 -22.81 7.78
CA LYS E 316 -56.81 -22.17 8.79
C LYS E 316 -56.33 -22.46 10.17
N HIS E 317 -56.22 -23.71 10.52
CA HIS E 317 -55.83 -24.06 11.86
C HIS E 317 -54.46 -23.56 12.13
N ILE E 318 -53.88 -22.83 11.20
CA ILE E 318 -52.60 -22.20 11.48
C ILE E 318 -52.87 -20.78 11.38
N SER E 319 -53.96 -20.41 10.75
CA SER E 319 -54.24 -18.98 10.77
C SER E 319 -54.85 -18.53 12.09
N LEU E 320 -55.42 -19.46 12.86
CA LEU E 320 -55.98 -19.15 14.17
C LEU E 320 -54.96 -19.24 15.29
N GLN E 321 -53.76 -19.73 15.02
CA GLN E 321 -52.76 -19.90 16.07
C GLN E 321 -52.21 -18.54 16.49
N LYS E 322 -52.10 -18.34 17.80
CA LYS E 322 -51.70 -17.05 18.33
C LYS E 322 -50.22 -16.82 18.12
N ILE E 323 -49.86 -15.66 17.59
CA ILE E 323 -48.48 -15.26 17.40
C ILE E 323 -47.92 -14.85 18.76
N ASN E 324 -46.60 -14.68 18.85
CA ASN E 324 -45.96 -14.39 20.14
C ASN E 324 -46.44 -13.09 20.76
N THR E 325 -46.92 -12.14 19.95
CA THR E 325 -47.49 -10.91 20.50
C THR E 325 -48.82 -11.24 21.17
N ARG E 326 -49.11 -10.54 22.27
CA ARG E 326 -50.27 -10.85 23.11
C ARG E 326 -51.47 -9.97 22.79
N ILE E 327 -51.50 -9.34 21.61
CA ILE E 327 -52.66 -8.56 21.22
C ILE E 327 -53.88 -9.45 21.03
N GLY E 328 -53.70 -10.58 20.37
CA GLY E 328 -54.81 -11.51 20.16
C GLY E 328 -55.01 -11.88 18.71
N GLN E 329 -54.03 -11.58 17.87
CA GLN E 329 -54.14 -11.85 16.45
C GLN E 329 -53.45 -13.16 16.08
N GLY E 330 -54.03 -13.86 15.11
CA GLY E 330 -53.39 -15.03 14.54
C GLY E 330 -52.31 -14.63 13.55
N VAL E 331 -51.60 -15.64 13.07
CA VAL E 331 -50.55 -15.35 12.08
C VAL E 331 -51.19 -14.87 10.79
N PRO E 332 -50.58 -13.94 10.06
CA PRO E 332 -51.19 -13.44 8.82
C PRO E 332 -50.87 -14.38 7.66
N VAL E 333 -51.92 -14.84 6.99
CA VAL E 333 -51.78 -15.69 5.82
C VAL E 333 -52.03 -14.86 4.58
N VAL E 334 -51.28 -15.14 3.51
CA VAL E 334 -51.45 -14.47 2.23
C VAL E 334 -51.42 -15.53 1.15
N ALA E 335 -51.97 -15.19 -0.02
CA ALA E 335 -52.00 -16.09 -1.17
C ALA E 335 -51.28 -15.44 -2.34
N LEU E 336 -50.56 -16.24 -3.10
CA LEU E 336 -49.83 -15.77 -4.27
C LEU E 336 -50.25 -16.61 -5.47
N ILE E 337 -50.58 -15.95 -6.57
CA ILE E 337 -51.15 -16.61 -7.74
C ILE E 337 -50.26 -16.33 -8.94
N VAL E 338 -49.81 -17.39 -9.60
CA VAL E 338 -49.04 -17.31 -10.83
C VAL E 338 -49.62 -18.30 -11.83
N GLU E 339 -49.96 -17.82 -13.03
CA GLU E 339 -50.55 -18.61 -14.11
C GLU E 339 -51.88 -19.15 -13.59
N GLY E 340 -52.11 -20.45 -13.60
CA GLY E 340 -53.33 -21.01 -13.04
C GLY E 340 -54.35 -21.34 -14.10
N GLY E 341 -55.20 -22.31 -13.80
CA GLY E 341 -56.26 -22.73 -14.69
C GLY E 341 -57.61 -22.20 -14.28
N PRO E 342 -58.68 -22.93 -14.63
CA PRO E 342 -60.02 -22.51 -14.19
C PRO E 342 -60.26 -22.73 -12.71
N ASN E 343 -59.51 -23.61 -12.05
CA ASN E 343 -59.71 -23.85 -10.63
C ASN E 343 -59.12 -22.77 -9.76
N VAL E 344 -58.14 -22.00 -10.27
CA VAL E 344 -57.52 -20.98 -9.45
C VAL E 344 -58.51 -19.86 -9.14
N ILE E 345 -59.45 -19.58 -10.05
CA ILE E 345 -60.48 -18.59 -9.77
C ILE E 345 -61.38 -19.07 -8.64
N SER E 346 -61.72 -20.37 -8.65
CA SER E 346 -62.56 -20.91 -7.58
C SER E 346 -61.86 -20.87 -6.24
N ILE E 347 -60.57 -21.22 -6.19
CA ILE E 347 -59.88 -21.19 -4.90
C ILE E 347 -59.62 -19.76 -4.45
N VAL E 348 -59.46 -18.81 -5.38
CA VAL E 348 -59.35 -17.41 -5.00
C VAL E 348 -60.68 -16.93 -4.40
N LEU E 349 -61.80 -17.31 -5.00
CA LEU E 349 -63.10 -16.96 -4.45
C LEU E 349 -63.30 -17.57 -3.08
N GLU E 350 -62.80 -18.80 -2.88
CA GLU E 350 -62.84 -19.41 -1.56
C GLU E 350 -62.01 -18.62 -0.56
N TYR E 351 -60.84 -18.13 -0.99
CA TYR E 351 -59.98 -17.36 -0.10
C TYR E 351 -60.61 -16.03 0.29
N LEU E 352 -61.18 -15.31 -0.68
CA LEU E 352 -61.76 -14.00 -0.38
C LEU E 352 -63.01 -14.12 0.51
N ARG E 353 -63.79 -15.17 0.34
CA ARG E 353 -65.04 -15.31 1.07
C ARG E 353 -64.86 -15.82 2.50
N ASP E 354 -63.65 -16.20 2.89
CA ASP E 354 -63.43 -16.69 4.25
C ASP E 354 -63.72 -15.59 5.26
N THR E 355 -64.27 -15.98 6.41
CA THR E 355 -64.62 -15.01 7.44
C THR E 355 -63.41 -14.21 7.94
N PRO E 356 -62.23 -14.79 8.16
CA PRO E 356 -61.01 -13.98 8.13
C PRO E 356 -60.45 -13.88 6.72
N PRO E 357 -60.90 -12.91 5.93
CA PRO E 357 -60.55 -12.90 4.50
C PRO E 357 -59.04 -12.81 4.28
N VAL E 358 -58.57 -13.52 3.27
CA VAL E 358 -57.15 -13.67 3.00
C VAL E 358 -56.82 -12.89 1.74
N PRO E 359 -56.02 -11.83 1.82
CA PRO E 359 -55.65 -11.08 0.61
C PRO E 359 -54.81 -11.95 -0.31
N VAL E 360 -54.97 -11.72 -1.62
CA VAL E 360 -54.24 -12.49 -2.61
C VAL E 360 -53.39 -11.53 -3.43
N VAL E 361 -52.33 -12.07 -4.03
CA VAL E 361 -51.43 -11.32 -4.89
C VAL E 361 -51.32 -12.06 -6.21
N VAL E 362 -51.56 -11.34 -7.32
CA VAL E 362 -51.50 -11.94 -8.64
C VAL E 362 -50.40 -11.27 -9.44
N CYS E 363 -50.02 -11.92 -10.53
CA CYS E 363 -48.96 -11.43 -11.41
C CYS E 363 -49.51 -11.25 -12.82
N ASP E 364 -49.21 -10.09 -13.42
CA ASP E 364 -49.75 -9.76 -14.74
C ASP E 364 -49.01 -10.50 -15.86
N GLY E 365 -47.73 -10.80 -15.67
CA GLY E 365 -46.91 -11.33 -16.74
C GLY E 365 -47.01 -12.82 -16.97
N SER E 366 -47.98 -13.50 -16.35
CA SER E 366 -48.10 -14.94 -16.52
C SER E 366 -48.74 -15.29 -17.86
N GLY E 367 -49.97 -14.83 -18.11
CA GLY E 367 -50.67 -15.04 -19.35
C GLY E 367 -51.98 -15.80 -19.20
N ARG E 368 -52.07 -16.68 -18.21
CA ARG E 368 -53.26 -17.50 -18.00
C ARG E 368 -54.20 -16.77 -17.05
N ALA E 369 -55.15 -17.51 -16.44
CA ALA E 369 -56.24 -16.93 -15.66
C ALA E 369 -55.80 -15.87 -14.65
N SER E 370 -54.55 -15.91 -14.19
CA SER E 370 -54.04 -14.81 -13.39
C SER E 370 -54.00 -13.52 -14.19
N ASP E 371 -53.54 -13.60 -15.44
CA ASP E 371 -53.59 -12.43 -16.32
C ASP E 371 -55.02 -12.05 -16.66
N ILE E 372 -55.92 -13.03 -16.75
CA ILE E 372 -57.34 -12.74 -16.93
C ILE E 372 -57.87 -11.97 -15.72
N LEU E 373 -57.47 -12.40 -14.52
CA LEU E 373 -57.90 -11.70 -13.31
C LEU E 373 -57.32 -10.29 -13.25
N ALA E 374 -56.09 -10.11 -13.70
CA ALA E 374 -55.50 -8.77 -13.76
C ALA E 374 -56.22 -7.90 -14.78
N PHE E 375 -56.58 -8.47 -15.93
CA PHE E 375 -57.33 -7.74 -16.95
C PHE E 375 -58.69 -7.31 -16.42
N GLY E 376 -59.37 -8.20 -15.69
CA GLY E 376 -60.64 -7.85 -15.10
C GLY E 376 -60.54 -6.90 -13.92
N HIS E 377 -59.38 -6.87 -13.25
CA HIS E 377 -59.23 -6.03 -12.06
C HIS E 377 -59.31 -4.55 -12.40
N LYS E 378 -58.69 -4.15 -13.51
CA LYS E 378 -58.74 -2.76 -13.94
C LYS E 378 -60.15 -2.39 -14.39
N TYR E 379 -60.45 -1.10 -14.31
CA TYR E 379 -61.77 -0.52 -14.62
C TYR E 379 -62.91 -1.36 -14.06
N SER E 380 -62.92 -1.45 -12.74
CA SER E 380 -63.96 -2.20 -12.04
C SER E 380 -65.32 -1.56 -12.22
N GLU E 381 -66.34 -2.39 -12.31
CA GLU E 381 -67.71 -1.93 -12.45
C GLU E 381 -68.20 -1.28 -11.16
N VAL E 396 -68.74 -5.86 -22.80
CA VAL E 396 -67.36 -6.30 -22.64
C VAL E 396 -67.34 -7.72 -22.10
N THR E 397 -68.52 -8.23 -21.75
CA THR E 397 -68.62 -9.57 -21.19
C THR E 397 -68.35 -10.65 -22.22
N ILE E 398 -68.44 -10.33 -23.51
CA ILE E 398 -68.26 -11.33 -24.56
C ILE E 398 -66.79 -11.54 -24.93
N GLN E 399 -65.88 -10.80 -24.34
CA GLN E 399 -64.46 -10.92 -24.65
C GLN E 399 -63.82 -12.16 -24.06
N LYS E 400 -64.51 -12.87 -23.16
CA LYS E 400 -63.92 -13.99 -22.43
C LYS E 400 -63.68 -15.22 -23.29
N THR E 401 -64.17 -15.24 -24.54
CA THR E 401 -63.98 -16.38 -25.43
C THR E 401 -62.54 -16.40 -25.94
N PHE E 402 -61.63 -16.78 -25.04
CA PHE E 402 -60.21 -16.88 -25.33
C PHE E 402 -59.80 -18.28 -25.75
N THR E 403 -60.75 -19.21 -25.88
CA THR E 403 -60.54 -20.60 -26.30
C THR E 403 -59.70 -21.39 -25.31
N TYR E 404 -59.31 -20.77 -24.19
CA TYR E 404 -58.62 -21.50 -23.14
C TYR E 404 -59.55 -22.44 -22.40
N THR E 405 -60.84 -22.16 -22.40
CA THR E 405 -61.86 -22.97 -21.77
C THR E 405 -62.92 -23.32 -22.82
N ARG E 406 -64.07 -23.81 -22.36
CA ARG E 406 -65.12 -24.22 -23.28
C ARG E 406 -65.86 -23.02 -23.86
N THR E 407 -65.12 -22.14 -24.56
CA THR E 407 -65.63 -21.01 -25.33
C THR E 407 -66.81 -20.29 -24.69
N GLN E 408 -67.86 -20.06 -25.47
CA GLN E 408 -69.09 -19.46 -24.97
C GLN E 408 -69.98 -20.47 -24.25
N ALA E 409 -69.68 -21.77 -24.36
CA ALA E 409 -70.51 -22.78 -23.70
C ALA E 409 -70.39 -22.69 -22.18
N GLN E 410 -69.17 -22.62 -21.67
CA GLN E 410 -68.92 -22.49 -20.25
C GLN E 410 -68.72 -21.03 -19.87
N HIS E 411 -69.06 -20.71 -18.63
CA HIS E 411 -68.93 -19.34 -18.13
C HIS E 411 -68.36 -19.36 -16.71
N LEU E 412 -67.23 -18.69 -16.53
CA LEU E 412 -66.73 -18.33 -15.21
C LEU E 412 -66.88 -16.84 -14.95
N PHE E 413 -67.68 -16.17 -15.78
CA PHE E 413 -67.84 -14.73 -15.62
C PHE E 413 -68.59 -14.38 -14.35
N ILE E 414 -69.48 -15.26 -13.88
CA ILE E 414 -70.13 -15.04 -12.59
C ILE E 414 -69.11 -15.07 -11.46
N ILE E 415 -68.19 -16.04 -11.50
CA ILE E 415 -67.15 -16.13 -10.47
C ILE E 415 -66.23 -14.92 -10.55
N LEU E 416 -65.90 -14.49 -11.76
CA LEU E 416 -65.08 -13.29 -11.92
C LEU E 416 -65.80 -12.05 -11.41
N MET E 417 -67.11 -11.98 -11.61
CA MET E 417 -67.89 -10.86 -11.10
C MET E 417 -67.90 -10.84 -9.57
N GLU E 418 -68.03 -12.02 -8.95
CA GLU E 418 -67.93 -12.09 -7.49
C GLU E 418 -66.54 -11.66 -7.01
N CYS E 419 -65.50 -12.09 -7.72
CA CYS E 419 -64.14 -11.69 -7.39
C CYS E 419 -63.98 -10.17 -7.45
N MET E 420 -64.53 -9.55 -8.49
CA MET E 420 -64.48 -8.10 -8.59
C MET E 420 -65.36 -7.43 -7.53
N LYS E 421 -66.42 -8.12 -7.09
CA LYS E 421 -67.24 -7.59 -6.02
C LYS E 421 -66.46 -7.51 -4.72
N LYS E 422 -65.66 -8.52 -4.42
CA LYS E 422 -64.77 -8.47 -3.26
C LYS E 422 -63.37 -8.03 -3.71
N LYS E 423 -63.28 -6.77 -4.12
CA LYS E 423 -62.06 -6.20 -4.66
C LYS E 423 -61.21 -5.49 -3.61
N GLU E 424 -61.63 -5.47 -2.35
CA GLU E 424 -60.87 -4.77 -1.33
C GLU E 424 -59.57 -5.47 -0.99
N LEU E 425 -59.39 -6.72 -1.42
CA LEU E 425 -58.25 -7.53 -1.00
C LEU E 425 -57.26 -7.82 -2.12
N ILE E 426 -57.73 -7.97 -3.36
CA ILE E 426 -56.85 -8.43 -4.44
C ILE E 426 -55.82 -7.36 -4.75
N THR E 427 -54.56 -7.77 -4.80
CA THR E 427 -53.45 -6.89 -5.17
C THR E 427 -52.82 -7.42 -6.45
N VAL E 428 -52.62 -6.55 -7.42
CA VAL E 428 -52.06 -6.91 -8.72
C VAL E 428 -50.67 -6.31 -8.83
N PHE E 429 -49.70 -7.14 -9.20
CA PHE E 429 -48.31 -6.71 -9.35
C PHE E 429 -48.01 -6.51 -10.83
N ARG E 430 -47.62 -5.28 -11.19
CA ARG E 430 -47.18 -4.96 -12.54
C ARG E 430 -45.86 -4.22 -12.47
N MET E 431 -44.87 -4.69 -13.22
CA MET E 431 -43.55 -4.07 -13.20
C MET E 431 -43.53 -2.81 -14.05
N GLY E 432 -42.85 -1.78 -13.56
CA GLY E 432 -42.67 -0.55 -14.32
C GLY E 432 -43.90 0.31 -14.47
N SER E 433 -44.97 -0.28 -15.02
CA SER E 433 -46.19 0.49 -15.29
C SER E 433 -46.83 1.00 -14.02
N GLU E 434 -46.90 0.17 -12.98
CA GLU E 434 -47.55 0.51 -11.74
C GLU E 434 -46.54 0.51 -10.60
N GLY E 435 -47.02 0.84 -9.40
CA GLY E 435 -46.18 0.86 -8.23
C GLY E 435 -45.89 -0.53 -7.69
N HIS E 436 -45.14 -0.57 -6.60
CA HIS E 436 -44.73 -1.81 -5.93
C HIS E 436 -43.98 -2.72 -6.91
N GLN E 437 -42.84 -2.21 -7.40
CA GLN E 437 -42.03 -2.94 -8.36
C GLN E 437 -41.39 -4.20 -7.77
N ASP E 438 -41.40 -4.35 -6.45
CA ASP E 438 -40.81 -5.50 -5.78
C ASP E 438 -41.89 -6.38 -5.19
N ILE E 439 -41.75 -7.69 -5.39
CA ILE E 439 -42.73 -8.64 -4.88
C ILE E 439 -42.78 -8.61 -3.36
N ASP E 440 -41.62 -8.57 -2.71
CA ASP E 440 -41.58 -8.56 -1.26
C ASP E 440 -42.28 -7.34 -0.69
N LEU E 441 -42.13 -6.19 -1.35
CA LEU E 441 -42.93 -5.02 -0.98
C LEU E 441 -44.41 -5.27 -1.23
N ALA E 442 -44.73 -5.93 -2.35
CA ALA E 442 -46.13 -6.19 -2.68
C ALA E 442 -46.75 -7.21 -1.71
N ILE E 443 -45.98 -8.24 -1.33
CA ILE E 443 -46.52 -9.26 -0.43
C ILE E 443 -46.81 -8.67 0.95
N LEU E 444 -45.86 -7.93 1.50
CA LEU E 444 -46.00 -7.43 2.87
C LEU E 444 -47.05 -6.34 2.98
N THR E 445 -47.12 -5.44 1.98
CA THR E 445 -48.12 -4.39 2.00
C THR E 445 -49.53 -4.95 1.86
N ALA E 446 -49.68 -6.08 1.18
CA ALA E 446 -50.99 -6.70 1.04
C ALA E 446 -51.53 -7.26 2.35
N LEU E 447 -50.65 -7.53 3.32
CA LEU E 447 -51.09 -8.06 4.60
C LEU E 447 -51.58 -6.96 5.54
N LEU E 448 -50.87 -5.84 5.60
CA LEU E 448 -51.30 -4.75 6.47
C LEU E 448 -52.63 -4.16 6.03
N LYS E 449 -52.81 -3.96 4.72
CA LYS E 449 -54.06 -3.43 4.21
C LYS E 449 -55.20 -4.43 4.36
N GLY E 450 -54.92 -5.72 4.10
CA GLY E 450 -55.96 -6.73 4.11
C GLY E 450 -56.33 -7.30 5.46
N ALA E 451 -55.57 -6.97 6.50
CA ALA E 451 -55.88 -7.48 7.84
C ALA E 451 -57.01 -6.73 8.51
N ASN E 452 -57.42 -5.57 7.97
CA ASN E 452 -58.42 -4.70 8.58
C ASN E 452 -58.05 -4.36 10.02
N ALA E 453 -56.78 -4.05 10.23
CA ALA E 453 -56.23 -3.83 11.56
C ALA E 453 -55.91 -2.35 11.77
N SER E 454 -55.87 -1.96 13.05
CA SER E 454 -55.55 -0.61 13.42
C SER E 454 -54.04 -0.37 13.38
N ALA E 455 -53.65 0.88 13.59
CA ALA E 455 -52.23 1.23 13.58
C ALA E 455 -51.39 0.49 14.62
N PRO E 456 -51.82 0.32 15.89
CA PRO E 456 -51.01 -0.51 16.80
C PRO E 456 -50.81 -1.94 16.32
N ASP E 457 -51.82 -2.55 15.70
CA ASP E 457 -51.67 -3.92 15.22
C ASP E 457 -50.72 -3.99 14.02
N GLN E 458 -50.79 -3.00 13.13
CA GLN E 458 -49.84 -2.95 12.02
C GLN E 458 -48.42 -2.77 12.54
N LEU E 459 -48.23 -1.92 13.55
CA LEU E 459 -46.91 -1.74 14.13
C LEU E 459 -46.42 -3.01 14.81
N SER E 460 -47.31 -3.74 15.49
CA SER E 460 -46.93 -5.00 16.11
C SER E 460 -46.51 -6.03 15.06
N LEU E 461 -47.25 -6.10 13.95
CA LEU E 461 -46.86 -7.01 12.88
C LEU E 461 -45.50 -6.63 12.29
N ALA E 462 -45.26 -5.34 12.07
CA ALA E 462 -43.97 -4.91 11.56
C ALA E 462 -42.85 -5.21 12.54
N LEU E 463 -43.11 -5.09 13.84
CA LEU E 463 -42.12 -5.45 14.85
C LEU E 463 -41.83 -6.95 14.82
N ALA E 464 -42.87 -7.77 14.70
CA ALA E 464 -42.67 -9.21 14.66
C ALA E 464 -41.91 -9.64 13.41
N TRP E 465 -42.14 -8.96 12.29
CA TRP E 465 -41.42 -9.29 11.06
C TRP E 465 -40.02 -8.71 11.01
N ASN E 466 -39.67 -7.82 11.94
CA ASN E 466 -38.36 -7.15 11.97
C ASN E 466 -38.09 -6.40 10.67
N ARG E 467 -39.14 -5.87 10.06
CA ARG E 467 -39.01 -5.03 8.87
C ARG E 467 -39.33 -3.59 9.30
N VAL E 468 -38.31 -2.75 9.34
CA VAL E 468 -38.50 -1.38 9.79
C VAL E 468 -38.89 -0.45 8.64
N ASP E 469 -38.45 -0.77 7.41
CA ASP E 469 -38.76 0.11 6.28
C ASP E 469 -40.25 0.10 5.94
N ILE E 470 -40.92 -1.03 6.15
CA ILE E 470 -42.36 -1.10 5.90
C ILE E 470 -43.11 -0.18 6.87
N ALA E 471 -42.74 -0.21 8.14
CA ALA E 471 -43.33 0.71 9.10
C ALA E 471 -42.95 2.16 8.80
N ARG E 472 -41.74 2.37 8.28
CA ARG E 472 -41.30 3.72 7.92
C ARG E 472 -42.14 4.30 6.80
N SER E 473 -42.44 3.50 5.77
CA SER E 473 -43.08 4.01 4.57
C SER E 473 -44.60 3.93 4.63
N GLN E 474 -45.16 2.88 5.23
CA GLN E 474 -46.59 2.67 5.25
C GLN E 474 -47.23 3.04 6.58
N ILE E 475 -46.69 2.56 7.69
CA ILE E 475 -47.36 2.72 8.98
C ILE E 475 -47.22 4.13 9.50
N PHE E 476 -45.98 4.57 9.73
CA PHE E 476 -45.72 5.90 10.28
C PHE E 476 -45.95 6.94 9.17
N ILE E 477 -47.21 7.30 9.00
CA ILE E 477 -47.63 8.29 8.02
C ILE E 477 -48.54 9.29 8.72
N TYR E 478 -48.70 10.46 8.09
CA TYR E 478 -49.47 11.54 8.69
C TYR E 478 -50.92 11.13 8.88
N GLY E 479 -51.46 11.41 10.07
CA GLY E 479 -52.84 11.12 10.38
C GLY E 479 -53.11 9.65 10.58
N GLN E 480 -52.53 9.05 11.62
CA GLN E 480 -52.71 7.63 11.91
C GLN E 480 -53.53 7.35 13.15
N GLN E 481 -53.78 8.36 14.01
CA GLN E 481 -54.66 8.25 15.16
C GLN E 481 -54.20 7.16 16.13
N TRP E 482 -52.99 7.33 16.64
CA TRP E 482 -52.49 6.44 17.68
C TRP E 482 -53.24 6.69 18.97
N PRO E 483 -53.81 5.65 19.59
CA PRO E 483 -54.50 5.84 20.87
C PRO E 483 -53.50 6.11 21.99
N VAL E 484 -54.04 6.47 23.15
CA VAL E 484 -53.19 6.79 24.30
C VAL E 484 -52.55 5.52 24.83
N GLY E 485 -51.24 5.56 25.03
CA GLY E 485 -50.52 4.40 25.51
C GLY E 485 -50.21 3.36 24.46
N SER E 486 -50.18 3.74 23.19
CA SER E 486 -49.86 2.80 22.12
C SER E 486 -48.38 2.85 21.76
N LEU E 487 -47.85 4.05 21.49
CA LEU E 487 -46.43 4.16 21.19
C LEU E 487 -45.56 3.77 22.37
N GLU E 488 -46.04 4.00 23.59
CA GLU E 488 -45.30 3.54 24.77
C GLU E 488 -45.21 2.03 24.81
N GLN E 489 -46.31 1.33 24.54
CA GLN E 489 -46.28 -0.12 24.49
C GLN E 489 -45.39 -0.61 23.36
N ALA E 490 -45.41 0.08 22.22
CA ALA E 490 -44.53 -0.28 21.12
C ALA E 490 -43.06 -0.12 21.52
N MET E 491 -42.74 0.95 22.25
CA MET E 491 -41.37 1.13 22.73
C MET E 491 -40.97 0.03 23.71
N LEU E 492 -41.87 -0.34 24.61
CA LEU E 492 -41.57 -1.42 25.56
C LEU E 492 -41.33 -2.73 24.83
N ASP E 493 -42.18 -3.05 23.86
CA ASP E 493 -42.02 -4.31 23.12
C ASP E 493 -40.77 -4.30 22.24
N ALA E 494 -40.39 -3.13 21.71
CA ALA E 494 -39.18 -3.06 20.92
C ALA E 494 -37.94 -3.17 21.80
N LEU E 495 -37.98 -2.63 23.01
CA LEU E 495 -36.87 -2.79 23.94
C LEU E 495 -36.72 -4.23 24.38
N VAL E 496 -37.83 -4.92 24.64
CA VAL E 496 -37.76 -6.31 25.08
C VAL E 496 -37.17 -7.19 23.98
N LEU E 497 -37.61 -7.01 22.75
CA LEU E 497 -37.22 -7.89 21.64
C LEU E 497 -35.87 -7.53 21.03
N ASP E 498 -35.21 -6.47 21.51
CA ASP E 498 -33.94 -5.99 20.96
C ASP E 498 -34.09 -5.61 19.48
N ARG E 499 -34.94 -4.61 19.24
CA ARG E 499 -35.14 -4.03 17.92
C ARG E 499 -34.65 -2.59 17.98
N VAL E 500 -33.36 -2.40 17.75
CA VAL E 500 -32.75 -1.08 17.90
C VAL E 500 -33.30 -0.11 16.86
N ASP E 501 -33.52 -0.59 15.63
CA ASP E 501 -34.05 0.28 14.59
C ASP E 501 -35.44 0.77 14.94
N PHE E 502 -36.27 -0.08 15.52
CA PHE E 502 -37.61 0.35 15.90
C PHE E 502 -37.57 1.30 17.08
N VAL E 503 -36.64 1.11 18.01
CA VAL E 503 -36.49 2.08 19.11
C VAL E 503 -36.09 3.44 18.56
N LYS E 504 -35.16 3.47 17.61
CA LYS E 504 -34.77 4.74 17.00
C LYS E 504 -35.93 5.37 16.24
N LEU E 505 -36.71 4.55 15.53
CA LEU E 505 -37.85 5.07 14.78
C LEU E 505 -38.91 5.65 15.70
N LEU E 506 -39.19 4.97 16.82
CA LEU E 506 -40.15 5.51 17.78
C LEU E 506 -39.63 6.78 18.42
N ILE E 507 -38.33 6.84 18.71
CA ILE E 507 -37.73 8.06 19.27
C ILE E 507 -37.91 9.22 18.29
N GLU E 508 -37.66 8.97 17.01
CA GLU E 508 -37.87 10.01 16.01
C GLU E 508 -39.33 10.35 15.77
N ASN E 509 -40.27 9.54 16.27
CA ASN E 509 -41.69 9.72 15.99
C ASN E 509 -42.48 10.06 17.25
N GLY E 510 -41.85 10.68 18.23
CA GLY E 510 -42.60 11.31 19.30
C GLY E 510 -42.33 10.89 20.73
N VAL E 511 -42.12 9.60 20.99
CA VAL E 511 -42.03 9.15 22.37
C VAL E 511 -40.71 9.59 22.97
N SER E 512 -40.77 10.17 24.17
CA SER E 512 -39.59 10.61 24.90
C SER E 512 -39.26 9.60 25.97
N MET E 513 -37.98 9.25 26.07
CA MET E 513 -37.57 8.22 27.02
C MET E 513 -37.67 8.67 28.47
N HIS E 514 -37.72 9.98 28.71
CA HIS E 514 -37.83 10.47 30.09
C HIS E 514 -39.18 10.14 30.70
N ARG E 515 -40.23 10.06 29.88
CA ARG E 515 -41.57 9.80 30.37
C ARG E 515 -41.96 8.33 30.32
N PHE E 516 -41.43 7.58 29.36
CA PHE E 516 -41.75 6.16 29.28
C PHE E 516 -41.13 5.39 30.44
N LEU E 517 -39.84 5.60 30.70
CA LEU E 517 -39.08 4.76 31.61
C LEU E 517 -39.45 5.08 33.05
N THR E 518 -40.09 4.14 33.73
CA THR E 518 -40.39 4.21 35.15
C THR E 518 -39.70 3.05 35.86
N ILE E 519 -40.01 2.89 37.15
CA ILE E 519 -39.44 1.77 37.89
C ILE E 519 -40.06 0.46 37.43
N SER E 520 -41.38 0.44 37.22
CA SER E 520 -42.05 -0.79 36.78
C SER E 520 -41.58 -1.22 35.41
N ARG E 521 -41.41 -0.27 34.49
CA ARG E 521 -40.91 -0.60 33.15
C ARG E 521 -39.52 -1.18 33.22
N LEU E 522 -38.65 -0.61 34.06
CA LEU E 522 -37.29 -1.13 34.18
C LEU E 522 -37.28 -2.52 34.78
N GLU E 523 -38.11 -2.76 35.80
CA GLU E 523 -38.21 -4.10 36.37
C GLU E 523 -38.71 -5.10 35.35
N GLU E 524 -39.66 -4.69 34.50
CA GLU E 524 -40.10 -5.57 33.43
C GLU E 524 -38.97 -5.85 32.44
N LEU E 525 -38.20 -4.83 32.10
CA LEU E 525 -37.12 -5.01 31.13
C LEU E 525 -36.00 -5.88 31.68
N TYR E 526 -35.83 -5.92 33.00
CA TYR E 526 -34.79 -6.78 33.57
C TYR E 526 -35.20 -8.25 33.63
N ASN E 527 -36.49 -8.56 33.46
CA ASN E 527 -37.00 -9.91 33.63
C ASN E 527 -37.63 -10.43 32.34
N THR E 528 -36.96 -10.25 31.23
CA THR E 528 -37.46 -10.71 29.94
C THR E 528 -36.76 -11.98 29.50
N ARG E 529 -37.52 -12.86 28.85
CA ARG E 529 -36.98 -14.06 28.23
C ARG E 529 -36.86 -13.92 26.72
N HIS E 530 -37.16 -12.75 26.17
CA HIS E 530 -37.10 -12.50 24.74
C HIS E 530 -35.77 -11.83 24.41
N GLY E 531 -35.09 -12.35 23.39
CA GLY E 531 -33.83 -11.79 22.98
C GLY E 531 -32.68 -12.76 23.20
N PRO E 532 -31.46 -12.30 22.96
CA PRO E 532 -30.30 -13.19 23.13
C PRO E 532 -30.11 -13.60 24.58
N SER E 533 -29.57 -14.80 24.75
CA SER E 533 -29.31 -15.31 26.09
C SER E 533 -28.23 -14.48 26.79
N ASN E 534 -28.39 -14.28 28.09
CA ASN E 534 -27.46 -13.46 28.86
C ASN E 534 -26.92 -14.25 30.05
N THR E 535 -26.19 -13.56 30.93
CA THR E 535 -25.62 -14.21 32.11
C THR E 535 -26.03 -13.49 33.39
N LEU E 536 -27.13 -12.75 33.37
CA LEU E 536 -27.54 -11.98 34.54
C LEU E 536 -28.01 -12.86 35.69
N TYR E 537 -28.67 -13.98 35.37
CA TYR E 537 -29.23 -14.82 36.42
C TYR E 537 -28.14 -15.45 37.28
N HIS E 538 -27.04 -15.91 36.66
CA HIS E 538 -25.94 -16.46 37.43
C HIS E 538 -25.31 -15.41 38.33
N LEU E 539 -25.21 -14.17 37.83
CA LEU E 539 -24.67 -13.08 38.66
C LEU E 539 -25.57 -12.79 39.85
N VAL E 540 -26.89 -12.78 39.63
CA VAL E 540 -27.82 -12.54 40.73
C VAL E 540 -27.75 -13.69 41.74
N ARG E 541 -27.53 -14.91 41.25
CA ARG E 541 -27.32 -16.04 42.15
C ARG E 541 -26.06 -15.84 42.99
N ASP E 542 -24.96 -15.42 42.36
CA ASP E 542 -23.69 -15.30 43.06
C ASP E 542 -23.72 -14.18 44.09
N VAL E 543 -24.29 -13.03 43.75
CA VAL E 543 -24.35 -11.91 44.69
C VAL E 543 -25.31 -12.20 45.84
N LYS E 544 -26.20 -13.17 45.68
CA LYS E 544 -27.20 -13.46 46.69
C LYS E 544 -27.09 -14.91 47.15
N LYS E 545 -25.88 -15.32 47.53
CA LYS E 545 -25.52 -16.66 48.00
C LYS E 545 -26.16 -17.77 47.17
N GLY E 546 -27.21 -18.40 47.69
CA GLY E 546 -27.81 -19.49 46.94
C GLY E 546 -29.24 -19.77 47.39
N ASN E 547 -29.81 -20.81 46.79
CA ASN E 547 -31.15 -21.31 47.11
C ASN E 547 -32.23 -20.24 46.90
N LEU E 548 -32.08 -19.45 45.84
CA LEU E 548 -33.12 -18.50 45.48
C LEU E 548 -34.34 -19.24 44.95
N PRO E 549 -35.54 -18.71 45.20
CA PRO E 549 -36.74 -19.37 44.70
C PRO E 549 -36.78 -19.35 43.19
N PRO E 550 -37.35 -20.38 42.57
CA PRO E 550 -37.41 -20.42 41.09
C PRO E 550 -38.25 -19.30 40.49
N ASP E 551 -39.30 -18.87 41.16
CA ASP E 551 -40.15 -17.77 40.68
C ASP E 551 -39.69 -16.49 41.38
N TYR E 552 -38.57 -15.97 40.92
CA TYR E 552 -37.94 -14.79 41.51
C TYR E 552 -37.90 -13.69 40.45
N ARG E 553 -38.82 -12.75 40.53
CA ARG E 553 -38.77 -11.57 39.68
C ARG E 553 -37.69 -10.63 40.21
N ILE E 554 -36.68 -10.36 39.39
CA ILE E 554 -35.49 -9.66 39.85
C ILE E 554 -35.84 -8.21 40.17
N SER E 555 -35.54 -7.79 41.40
CA SER E 555 -35.79 -6.42 41.80
C SER E 555 -34.60 -5.53 41.47
N LEU E 556 -34.83 -4.22 41.53
CA LEU E 556 -33.75 -3.28 41.23
C LEU E 556 -32.69 -3.26 42.32
N ILE E 557 -33.06 -3.62 43.55
CA ILE E 557 -32.07 -3.68 44.63
C ILE E 557 -31.04 -4.75 44.35
N ASP E 558 -31.47 -5.90 43.84
CA ASP E 558 -30.52 -6.95 43.47
C ASP E 558 -29.62 -6.50 42.32
N ILE E 559 -30.16 -5.71 41.40
CA ILE E 559 -29.33 -5.17 40.32
C ILE E 559 -28.30 -4.20 40.88
N GLY E 560 -28.69 -3.38 41.86
CA GLY E 560 -27.71 -2.53 42.52
C GLY E 560 -26.62 -3.35 43.20
N LEU E 561 -27.01 -4.44 43.85
CA LEU E 561 -26.02 -5.29 44.52
C LEU E 561 -25.06 -5.91 43.52
N VAL E 562 -25.57 -6.41 42.39
CA VAL E 562 -24.66 -7.03 41.42
C VAL E 562 -23.77 -5.98 40.76
N ILE E 563 -24.28 -4.76 40.55
CA ILE E 563 -23.43 -3.69 40.02
C ILE E 563 -22.31 -3.36 41.00
N GLU E 564 -22.63 -3.24 42.28
CA GLU E 564 -21.61 -2.96 43.28
C GLU E 564 -20.61 -4.10 43.39
N TYR E 565 -21.05 -5.34 43.21
CA TYR E 565 -20.13 -6.46 43.23
C TYR E 565 -19.21 -6.43 42.00
N LEU E 566 -19.74 -6.05 40.84
CA LEU E 566 -18.93 -6.06 39.63
C LEU E 566 -17.92 -4.92 39.62
N MET E 567 -18.31 -3.74 40.09
CA MET E 567 -17.45 -2.57 39.96
C MET E 567 -16.23 -2.66 40.86
N GLY E 568 -16.44 -2.71 42.16
CA GLY E 568 -15.31 -2.77 43.07
C GLY E 568 -15.76 -2.64 44.52
N GLY E 569 -14.77 -2.63 45.40
CA GLY E 569 -15.06 -2.53 46.82
C GLY E 569 -15.65 -1.20 47.22
N ALA E 570 -15.12 -0.10 46.70
CA ALA E 570 -15.52 1.23 47.12
C ALA E 570 -16.76 1.75 46.40
N TYR E 571 -17.20 1.08 45.33
CA TYR E 571 -18.32 1.58 44.56
C TYR E 571 -19.63 1.39 45.30
N ARG E 572 -20.54 2.34 45.14
CA ARG E 572 -21.86 2.28 45.77
C ARG E 572 -22.90 2.78 44.77
N CYS E 573 -23.65 1.85 44.18
CA CYS E 573 -24.66 2.22 43.20
C CYS E 573 -25.83 2.92 43.87
N ASN E 574 -26.54 3.73 43.09
CA ASN E 574 -27.64 4.52 43.64
C ASN E 574 -28.81 3.68 44.10
N TYR E 575 -28.94 2.44 43.59
CA TYR E 575 -30.10 1.62 43.94
C TYR E 575 -30.08 1.23 45.41
N THR E 576 -28.92 0.89 45.95
CA THR E 576 -28.83 0.36 47.31
C THR E 576 -28.79 1.46 48.37
N ARG E 577 -28.77 2.73 47.98
CA ARG E 577 -28.79 3.80 48.97
C ARG E 577 -30.16 3.85 49.66
N LYS E 578 -30.19 4.48 50.84
CA LYS E 578 -31.39 4.42 51.66
C LYS E 578 -32.54 5.21 51.06
N ARG E 579 -32.25 6.23 50.24
CA ARG E 579 -33.32 6.97 49.58
C ARG E 579 -34.10 6.08 48.63
N PHE E 580 -33.37 5.39 47.74
CA PHE E 580 -34.04 4.50 46.80
C PHE E 580 -34.61 3.27 47.49
N ARG E 581 -33.96 2.81 48.58
CA ARG E 581 -34.51 1.69 49.32
C ARG E 581 -35.85 2.05 49.94
N THR E 582 -35.98 3.27 50.48
CA THR E 582 -37.26 3.69 51.04
C THR E 582 -38.27 3.98 49.95
N LEU E 583 -37.82 4.47 48.78
CA LEU E 583 -38.75 4.71 47.68
C LEU E 583 -39.23 3.42 47.04
N TYR E 584 -38.47 2.33 47.17
CA TYR E 584 -38.83 1.06 46.58
C TYR E 584 -39.51 0.10 47.54
N HIS E 585 -39.28 0.26 48.85
CA HIS E 585 -39.85 -0.68 49.83
C HIS E 585 -41.36 -0.56 49.94
N ASN E 586 -41.93 0.57 49.51
CA ASN E 586 -43.38 0.76 49.50
C ASN E 586 -43.99 0.43 48.14
N LEU E 587 -43.43 -0.54 47.44
CA LEU E 587 -43.93 -0.94 46.13
C LEU E 587 -43.95 -2.46 46.01
N ASN E 631 -42.15 6.57 40.62
CA ASN E 631 -41.55 7.78 40.08
C ASN E 631 -40.68 7.49 38.87
N HIS E 632 -40.23 8.54 38.20
CA HIS E 632 -39.40 8.43 37.02
C HIS E 632 -37.93 8.58 37.41
N PHE E 633 -37.05 8.60 36.41
CA PHE E 633 -35.64 8.77 36.64
C PHE E 633 -35.15 10.09 36.06
N PRO E 634 -34.22 10.78 36.72
CA PRO E 634 -33.70 12.04 36.18
C PRO E 634 -32.94 11.83 34.89
N PHE E 635 -32.04 10.85 34.87
CA PHE E 635 -31.30 10.47 33.68
C PHE E 635 -31.70 9.05 33.30
N PRO E 636 -32.57 8.85 32.31
CA PRO E 636 -33.04 7.50 31.99
C PRO E 636 -32.00 6.69 31.22
N PHE E 637 -31.24 7.37 30.37
CA PHE E 637 -30.28 6.66 29.53
C PHE E 637 -29.14 6.05 30.33
N HIS E 638 -28.85 6.55 31.52
CA HIS E 638 -27.88 5.88 32.39
C HIS E 638 -28.35 4.47 32.74
N GLU E 639 -29.58 4.35 33.23
CA GLU E 639 -30.11 3.06 33.60
C GLU E 639 -30.31 2.16 32.38
N LEU E 640 -30.72 2.74 31.26
CA LEU E 640 -30.87 1.93 30.05
C LEU E 640 -29.51 1.43 29.54
N MET E 641 -28.48 2.27 29.62
CA MET E 641 -27.14 1.83 29.22
C MET E 641 -26.63 0.72 30.13
N VAL E 642 -26.85 0.85 31.44
CA VAL E 642 -26.43 -0.21 32.35
C VAL E 642 -27.20 -1.49 32.08
N TRP E 643 -28.50 -1.38 31.80
CA TRP E 643 -29.31 -2.55 31.48
C TRP E 643 -28.82 -3.24 30.21
N ALA E 644 -28.50 -2.46 29.18
CA ALA E 644 -28.02 -3.05 27.94
C ALA E 644 -26.64 -3.67 28.12
N VAL E 645 -25.80 -3.10 28.98
CA VAL E 645 -24.48 -3.68 29.21
C VAL E 645 -24.59 -4.99 29.99
N LEU E 646 -25.44 -5.02 31.03
CA LEU E 646 -25.55 -6.21 31.85
C LEU E 646 -26.14 -7.38 31.09
N MET E 647 -27.12 -7.13 30.22
CA MET E 647 -27.80 -8.19 29.50
C MET E 647 -27.14 -8.53 28.17
N LYS E 648 -25.97 -7.95 27.89
CA LYS E 648 -25.15 -8.30 26.73
C LYS E 648 -25.89 -8.04 25.43
N ARG E 649 -26.28 -6.79 25.22
CA ARG E 649 -26.88 -6.32 23.97
C ARG E 649 -26.02 -5.17 23.47
N GLN E 650 -25.08 -5.48 22.58
CA GLN E 650 -24.05 -4.50 22.23
C GLN E 650 -24.60 -3.36 21.38
N LYS E 651 -25.43 -3.67 20.39
CA LYS E 651 -25.96 -2.62 19.52
C LYS E 651 -26.84 -1.65 20.29
N MET E 652 -27.68 -2.18 21.18
CA MET E 652 -28.52 -1.32 22.00
C MET E 652 -27.68 -0.46 22.94
N ALA E 653 -26.62 -1.04 23.52
CA ALA E 653 -25.76 -0.27 24.41
C ALA E 653 -25.04 0.84 23.67
N LEU E 654 -24.55 0.54 22.47
CA LEU E 654 -23.89 1.57 21.68
C LEU E 654 -24.87 2.66 21.25
N PHE E 655 -26.13 2.31 20.99
CA PHE E 655 -27.12 3.33 20.69
C PHE E 655 -27.40 4.20 21.91
N PHE E 656 -27.54 3.60 23.09
CA PHE E 656 -27.84 4.36 24.28
C PHE E 656 -26.65 5.17 24.79
N TRP E 657 -25.44 4.81 24.37
CA TRP E 657 -24.25 5.52 24.84
C TRP E 657 -24.21 6.95 24.33
N GLN E 658 -24.59 7.17 23.08
CA GLN E 658 -24.44 8.47 22.45
C GLN E 658 -25.59 9.43 22.73
N HIS E 659 -26.52 9.05 23.60
CA HIS E 659 -27.62 9.91 24.01
C HIS E 659 -27.49 10.24 25.49
N GLY E 660 -27.76 11.49 25.83
CA GLY E 660 -27.66 11.94 27.21
C GLY E 660 -26.30 12.53 27.52
N GLU E 661 -26.09 12.79 28.81
CA GLU E 661 -24.87 13.41 29.30
C GLU E 661 -23.96 12.38 29.94
N GLU E 662 -22.76 12.83 30.32
CA GLU E 662 -21.73 12.01 30.93
C GLU E 662 -21.38 10.81 30.05
N ALA E 663 -21.01 11.10 28.80
CA ALA E 663 -20.73 10.04 27.84
C ALA E 663 -19.46 9.27 28.18
N MET E 664 -18.40 9.99 28.56
CA MET E 664 -17.13 9.33 28.83
C MET E 664 -17.20 8.49 30.11
N ALA E 665 -17.88 9.00 31.14
CA ALA E 665 -18.06 8.21 32.34
C ALA E 665 -18.87 6.95 32.05
N LYS E 666 -19.90 7.07 31.22
CA LYS E 666 -20.68 5.90 30.83
C LYS E 666 -19.82 4.89 30.08
N ALA E 667 -18.96 5.37 29.18
CA ALA E 667 -18.08 4.46 28.45
C ALA E 667 -17.13 3.73 29.39
N LEU E 668 -16.54 4.46 30.34
CA LEU E 668 -15.61 3.81 31.27
C LEU E 668 -16.31 2.80 32.18
N VAL E 669 -17.50 3.15 32.67
CA VAL E 669 -18.26 2.22 33.50
C VAL E 669 -18.65 0.98 32.70
N ALA E 670 -19.04 1.17 31.43
CA ALA E 670 -19.37 0.03 30.59
C ALA E 670 -18.16 -0.86 30.35
N CYS E 671 -16.99 -0.26 30.13
CA CYS E 671 -15.79 -1.05 29.93
C CYS E 671 -15.44 -1.87 31.18
N LYS E 672 -15.53 -1.24 32.35
CA LYS E 672 -15.25 -1.96 33.59
C LYS E 672 -16.26 -3.09 33.80
N LEU E 673 -17.54 -2.83 33.55
CA LEU E 673 -18.56 -3.86 33.74
C LEU E 673 -18.35 -5.03 32.79
N CYS E 674 -18.02 -4.75 31.53
CA CYS E 674 -17.79 -5.83 30.58
C CYS E 674 -16.55 -6.64 30.93
N LYS E 675 -15.49 -5.97 31.41
CA LYS E 675 -14.31 -6.71 31.84
C LYS E 675 -14.61 -7.61 33.03
N ALA E 676 -15.34 -7.09 34.02
CA ALA E 676 -15.68 -7.90 35.19
C ALA E 676 -16.59 -9.06 34.82
N MET E 677 -17.56 -8.83 33.92
CA MET E 677 -18.43 -9.90 33.48
C MET E 677 -17.68 -10.96 32.71
N ALA E 678 -16.70 -10.55 31.88
CA ALA E 678 -15.89 -11.53 31.17
C ALA E 678 -15.07 -12.37 32.14
N HIS E 679 -14.49 -11.74 33.16
CA HIS E 679 -13.74 -12.48 34.16
C HIS E 679 -14.62 -13.47 34.91
N GLU E 680 -15.83 -13.03 35.30
CA GLU E 680 -16.74 -13.92 36.01
C GLU E 680 -17.20 -15.08 35.14
N ALA E 681 -17.46 -14.81 33.87
CA ALA E 681 -17.89 -15.88 32.96
C ALA E 681 -16.77 -16.88 32.72
N SER E 682 -15.54 -16.40 32.52
CA SER E 682 -14.41 -17.31 32.35
C SER E 682 -14.08 -18.07 33.62
N GLU E 683 -14.44 -17.53 34.79
CA GLU E 683 -14.18 -18.23 36.03
C GLU E 683 -15.16 -19.40 36.25
N ASN E 684 -16.39 -19.28 35.73
CA ASN E 684 -17.43 -20.28 35.96
C ASN E 684 -17.51 -21.30 34.83
N ASP E 685 -16.37 -21.61 34.20
CA ASP E 685 -16.24 -22.59 33.11
C ASP E 685 -17.39 -22.50 32.10
N MET E 686 -17.50 -21.34 31.47
CA MET E 686 -18.51 -21.11 30.45
C MET E 686 -18.04 -21.70 29.13
N VAL E 687 -18.70 -21.35 28.03
CA VAL E 687 -18.40 -21.91 26.72
C VAL E 687 -17.14 -21.28 26.14
N ASP E 688 -16.57 -20.31 26.87
CA ASP E 688 -15.34 -19.58 26.51
C ASP E 688 -15.48 -18.78 25.23
N ASP E 689 -16.70 -18.66 24.68
CA ASP E 689 -16.99 -17.69 23.65
C ASP E 689 -17.75 -16.49 24.17
N ILE E 690 -18.55 -16.68 25.23
CA ILE E 690 -19.12 -15.56 25.96
C ILE E 690 -18.02 -14.66 26.50
N SER E 691 -16.95 -15.28 27.02
CA SER E 691 -15.81 -14.50 27.51
C SER E 691 -15.17 -13.68 26.39
N GLN E 692 -15.02 -14.27 25.21
CA GLN E 692 -14.45 -13.54 24.09
C GLN E 692 -15.34 -12.39 23.66
N GLU E 693 -16.66 -12.61 23.60
CA GLU E 693 -17.57 -11.54 23.23
C GLU E 693 -17.55 -10.41 24.26
N LEU E 694 -17.52 -10.75 25.55
CA LEU E 694 -17.49 -9.72 26.58
C LEU E 694 -16.17 -8.95 26.55
N ASN E 695 -15.06 -9.63 26.29
CA ASN E 695 -13.78 -8.93 26.17
C ASN E 695 -13.79 -7.99 24.97
N HIS E 696 -14.39 -8.42 23.85
CA HIS E 696 -14.48 -7.54 22.70
C HIS E 696 -15.36 -6.33 22.98
N ASN E 697 -16.46 -6.53 23.71
CA ASN E 697 -17.30 -5.40 24.10
C ASN E 697 -16.55 -4.43 24.99
N SER E 698 -15.79 -4.94 25.96
CA SER E 698 -14.99 -4.08 26.83
C SER E 698 -13.96 -3.30 26.03
N ARG E 699 -13.29 -3.95 25.07
CA ARG E 699 -12.30 -3.25 24.26
C ARG E 699 -12.95 -2.18 23.41
N ASP E 700 -14.14 -2.45 22.86
CA ASP E 700 -14.83 -1.44 22.07
C ASP E 700 -15.21 -0.23 22.91
N PHE E 701 -15.72 -0.46 24.12
CA PHE E 701 -16.08 0.65 24.99
C PHE E 701 -14.85 1.45 25.41
N GLY E 702 -13.74 0.76 25.70
CA GLY E 702 -12.51 1.48 26.01
C GLY E 702 -12.01 2.31 24.86
N GLN E 703 -12.10 1.78 23.64
CA GLN E 703 -11.67 2.54 22.46
C GLN E 703 -12.56 3.76 22.27
N LEU E 704 -13.87 3.62 22.50
CA LEU E 704 -14.76 4.77 22.41
C LEU E 704 -14.40 5.84 23.43
N ALA E 705 -14.09 5.43 24.67
CA ALA E 705 -13.69 6.39 25.68
C ALA E 705 -12.41 7.11 25.30
N VAL E 706 -11.43 6.38 24.77
CA VAL E 706 -10.16 6.99 24.37
C VAL E 706 -10.39 7.99 23.23
N GLU E 707 -11.20 7.62 22.24
CA GLU E 707 -11.44 8.52 21.12
C GLU E 707 -12.20 9.77 21.55
N LEU E 708 -13.17 9.62 22.46
CA LEU E 708 -13.88 10.80 22.97
C LEU E 708 -12.93 11.71 23.74
N LEU E 709 -12.05 11.14 24.55
CA LEU E 709 -11.08 11.96 25.27
C LEU E 709 -10.15 12.68 24.30
N ASP E 710 -9.74 11.99 23.23
CA ASP E 710 -8.87 12.61 22.23
C ASP E 710 -9.56 13.79 21.57
N GLN E 711 -10.83 13.61 21.19
CA GLN E 711 -11.58 14.71 20.58
C GLN E 711 -11.75 15.88 21.54
N SER E 712 -12.08 15.60 22.80
CA SER E 712 -12.26 16.67 23.77
C SER E 712 -10.97 17.43 24.02
N TYR E 713 -9.84 16.72 24.10
CA TYR E 713 -8.57 17.40 24.29
C TYR E 713 -8.17 18.19 23.05
N LYS E 714 -8.51 17.69 21.86
CA LYS E 714 -8.20 18.42 20.64
C LYS E 714 -9.00 19.72 20.55
N GLN E 715 -10.25 19.69 20.98
CA GLN E 715 -11.09 20.89 20.88
C GLN E 715 -10.66 21.96 21.87
N ASP E 716 -10.72 21.64 23.16
CA ASP E 716 -10.33 22.57 24.22
C ASP E 716 -9.57 21.82 25.30
N GLU E 717 -8.46 22.42 25.76
CA GLU E 717 -7.59 21.71 26.70
C GLU E 717 -8.09 21.84 28.14
N GLN E 718 -8.35 23.06 28.59
CA GLN E 718 -8.72 23.26 30.00
C GLN E 718 -10.06 22.60 30.31
N LEU E 719 -11.02 22.68 29.39
CA LEU E 719 -12.28 21.98 29.60
C LEU E 719 -12.09 20.47 29.58
N ALA E 720 -11.14 19.98 28.78
CA ALA E 720 -10.86 18.55 28.79
C ALA E 720 -10.30 18.10 30.14
N MET E 721 -9.38 18.89 30.71
CA MET E 721 -8.86 18.54 32.03
C MET E 721 -9.92 18.67 33.11
N LYS E 722 -10.80 19.66 32.99
CA LYS E 722 -11.88 19.81 33.95
C LYS E 722 -12.88 18.67 33.83
N LEU E 723 -13.05 18.10 32.64
CA LEU E 723 -13.95 16.98 32.44
C LEU E 723 -13.45 15.72 33.13
N LEU E 724 -12.14 15.62 33.34
CA LEU E 724 -11.53 14.43 33.94
C LEU E 724 -11.46 14.50 35.47
N THR E 725 -11.81 15.64 36.07
CA THR E 725 -11.65 15.81 37.52
C THR E 725 -12.94 16.02 38.28
N TYR E 726 -14.00 16.47 37.64
CA TYR E 726 -15.20 16.83 38.39
C TYR E 726 -15.88 15.59 38.95
N GLU E 727 -16.42 15.72 40.16
CA GLU E 727 -17.02 14.59 40.84
C GLU E 727 -18.33 14.19 40.17
N LEU E 728 -18.49 12.89 39.92
CA LEU E 728 -19.69 12.36 39.27
C LEU E 728 -20.69 11.97 40.35
N LYS E 729 -21.81 12.69 40.41
CA LYS E 729 -22.80 12.41 41.45
C LYS E 729 -23.52 11.09 41.23
N ASN E 730 -23.73 10.70 39.97
CA ASN E 730 -24.49 9.50 39.66
C ASN E 730 -23.63 8.23 39.69
N TRP E 731 -22.31 8.36 39.77
CA TRP E 731 -21.44 7.20 39.67
C TRP E 731 -20.62 7.01 40.93
N SER E 732 -21.28 7.07 42.09
CA SER E 732 -20.69 6.76 43.39
C SER E 732 -19.55 7.72 43.75
N ASN E 733 -19.69 8.99 43.33
CA ASN E 733 -18.75 10.06 43.69
C ASN E 733 -17.33 9.70 43.26
N ALA E 734 -17.19 9.33 42.00
CA ALA E 734 -15.90 9.00 41.42
C ALA E 734 -15.58 10.00 40.31
N THR E 735 -14.33 9.99 39.88
CA THR E 735 -13.91 10.79 38.74
C THR E 735 -13.64 9.88 37.56
N CYS E 736 -13.34 10.49 36.41
CA CYS E 736 -12.99 9.69 35.24
C CYS E 736 -11.64 9.01 35.41
N LEU E 737 -10.70 9.66 36.10
CA LEU E 737 -9.40 9.04 36.36
C LEU E 737 -9.54 7.79 37.21
N GLN E 738 -10.37 7.84 38.25
CA GLN E 738 -10.53 6.69 39.13
C GLN E 738 -11.18 5.52 38.39
N LEU E 739 -12.18 5.80 37.55
CA LEU E 739 -12.80 4.74 36.76
C LEU E 739 -11.83 4.15 35.75
N ALA E 740 -11.04 5.00 35.09
CA ALA E 740 -10.08 4.50 34.11
C ALA E 740 -9.00 3.67 34.77
N VAL E 741 -8.53 4.07 35.95
CA VAL E 741 -7.51 3.30 36.65
C VAL E 741 -8.09 1.98 37.17
N ALA E 742 -9.31 2.03 37.72
CA ALA E 742 -9.96 0.81 38.19
C ALA E 742 -10.27 -0.15 37.06
N ALA E 743 -10.34 0.33 35.82
CA ALA E 743 -10.55 -0.53 34.67
C ALA E 743 -9.24 -0.98 34.04
N LYS E 744 -8.10 -0.60 34.62
CA LYS E 744 -6.78 -0.94 34.10
C LYS E 744 -6.63 -0.54 32.64
N HIS E 745 -7.08 0.67 32.33
CA HIS E 745 -7.03 1.18 30.96
C HIS E 745 -5.70 1.88 30.77
N ARG E 746 -4.76 1.19 30.13
CA ARG E 746 -3.42 1.76 29.95
C ARG E 746 -3.38 2.81 28.86
N ASP E 747 -4.27 2.73 27.86
CA ASP E 747 -4.25 3.71 26.78
C ASP E 747 -4.91 5.02 27.16
N PHE E 748 -5.65 5.07 28.28
CA PHE E 748 -6.29 6.29 28.75
C PHE E 748 -5.34 7.11 29.61
N ILE E 749 -4.66 6.48 30.55
CA ILE E 749 -3.71 7.18 31.40
C ILE E 749 -2.49 7.63 30.59
N ALA E 750 -2.07 6.81 29.63
CA ALA E 750 -0.89 7.16 28.83
C ALA E 750 -1.15 8.30 27.87
N HIS E 751 -2.39 8.75 27.71
CA HIS E 751 -2.70 9.85 26.82
C HIS E 751 -2.05 11.13 27.34
N THR E 752 -1.92 12.12 26.43
CA THR E 752 -1.25 13.36 26.78
C THR E 752 -2.01 14.11 27.87
N CYS E 753 -3.33 14.17 27.76
CA CYS E 753 -4.12 14.96 28.71
C CYS E 753 -4.04 14.38 30.12
N SER E 754 -4.11 13.05 30.24
CA SER E 754 -4.00 12.42 31.55
C SER E 754 -2.62 12.66 32.16
N GLN E 755 -1.57 12.64 31.33
CA GLN E 755 -0.23 12.88 31.86
C GLN E 755 -0.05 14.33 32.29
N MET E 756 -0.63 15.28 31.55
CA MET E 756 -0.58 16.68 31.98
C MET E 756 -1.32 16.87 33.29
N LEU E 757 -2.48 16.24 33.44
CA LEU E 757 -3.23 16.33 34.69
C LEU E 757 -2.46 15.71 35.84
N LEU E 758 -1.80 14.58 35.60
CA LEU E 758 -1.00 13.96 36.65
C LEU E 758 0.19 14.82 37.04
N THR E 759 0.81 15.49 36.06
CA THR E 759 1.90 16.41 36.38
C THR E 759 1.39 17.57 37.24
N ASP E 760 0.21 18.10 36.90
CA ASP E 760 -0.36 19.18 37.70
C ASP E 760 -0.69 18.71 39.12
N MET E 761 -1.15 17.47 39.28
CA MET E 761 -1.36 16.93 40.62
C MET E 761 -0.03 16.78 41.36
N TRP E 762 1.00 16.33 40.66
CA TRP E 762 2.29 16.06 41.28
C TRP E 762 2.95 17.33 41.79
N MET E 763 2.88 18.40 41.00
CA MET E 763 3.51 19.66 41.41
C MET E 763 2.77 20.37 42.52
N GLY E 764 1.55 19.95 42.85
CA GLY E 764 0.83 20.56 43.95
C GLY E 764 0.42 21.98 43.62
N ARG E 765 0.43 22.84 44.65
CA ARG E 765 0.04 24.24 44.51
C ARG E 765 1.12 25.13 43.92
N LEU E 766 2.35 24.62 43.81
CA LEU E 766 3.44 25.39 43.23
C LEU E 766 3.29 25.44 41.71
N ARG E 767 4.25 26.08 41.04
CA ARG E 767 4.29 26.04 39.58
C ARG E 767 5.50 25.29 39.06
N MET E 768 6.71 25.79 39.34
CA MET E 768 8.00 25.13 39.06
C MET E 768 8.01 24.38 37.74
N ARG E 769 7.55 25.06 36.68
CA ARG E 769 7.34 24.38 35.40
C ARG E 769 8.58 24.34 34.54
N LYS E 770 9.33 25.45 34.44
CA LYS E 770 10.47 25.50 33.53
C LYS E 770 11.62 24.63 34.03
N ASN E 771 11.96 24.75 35.31
CA ASN E 771 13.09 24.01 35.87
C ASN E 771 12.83 23.81 37.35
N SER E 772 12.55 22.57 37.75
CA SER E 772 12.28 22.22 39.13
C SER E 772 13.32 21.22 39.62
N GLY E 773 13.10 20.68 40.81
CA GLY E 773 14.03 19.75 41.41
C GLY E 773 15.06 20.45 42.28
N LEU E 774 15.90 21.27 41.65
CA LEU E 774 16.90 22.03 42.41
C LEU E 774 16.22 23.04 43.35
N LYS E 775 15.15 23.69 42.87
CA LYS E 775 14.43 24.63 43.72
C LYS E 775 13.78 23.92 44.89
N VAL E 776 13.26 22.71 44.68
CA VAL E 776 12.67 21.94 45.76
C VAL E 776 13.74 21.55 46.79
N ILE E 777 14.93 21.17 46.31
CA ILE E 777 16.04 20.84 47.21
C ILE E 777 16.44 22.06 48.03
N LEU E 778 16.53 23.22 47.39
CA LEU E 778 16.86 24.44 48.12
C LEU E 778 15.79 24.78 49.14
N GLY E 779 14.52 24.57 48.78
CA GLY E 779 13.44 24.85 49.72
C GLY E 779 13.47 23.95 50.94
N ILE E 780 13.67 22.64 50.73
CA ILE E 780 13.67 21.72 51.86
C ILE E 780 14.93 21.92 52.72
N LEU E 781 16.07 22.20 52.09
CA LEU E 781 17.29 22.42 52.87
C LEU E 781 17.32 23.81 53.50
N LEU E 782 16.77 24.82 52.82
CA LEU E 782 16.75 26.20 53.31
C LEU E 782 15.30 26.66 53.42
N PRO E 783 14.69 26.52 54.59
CA PRO E 783 13.30 26.95 54.78
C PRO E 783 13.08 28.45 54.51
N PRO E 784 14.06 29.33 54.76
CA PRO E 784 13.86 30.73 54.33
C PRO E 784 13.68 30.91 52.82
N SER E 785 14.14 29.97 52.00
CA SER E 785 14.02 30.12 50.55
C SER E 785 12.64 29.72 50.02
N ILE E 786 11.73 29.28 50.89
CA ILE E 786 10.39 28.91 50.46
C ILE E 786 9.62 30.13 49.96
N LEU E 787 9.85 31.29 50.58
CA LEU E 787 9.03 32.47 50.30
C LEU E 787 9.28 33.05 48.91
N SER E 788 10.37 32.65 48.24
CA SER E 788 10.68 33.16 46.91
C SER E 788 10.10 32.32 45.79
N LEU E 789 9.02 31.60 46.05
CA LEU E 789 8.41 30.70 45.08
C LEU E 789 6.97 31.13 44.82
N GLU E 790 6.58 31.13 43.54
CA GLU E 790 5.22 31.48 43.17
C GLU E 790 4.27 30.32 43.44
N PHE E 791 3.04 30.66 43.82
CA PHE E 791 2.00 29.70 44.15
C PHE E 791 0.82 29.88 43.20
N LYS E 792 -0.26 29.16 43.48
CA LYS E 792 -1.50 29.26 42.73
C LYS E 792 -2.64 29.68 43.64
N ASN E 793 -3.65 30.29 43.03
CA ASN E 793 -4.81 30.79 43.77
C ASN E 793 -5.69 29.64 44.25
N GLY E 860 2.55 32.69 56.23
CA GLY E 860 2.04 31.73 57.19
C GLY E 860 1.44 30.50 56.55
N ARG E 861 0.54 30.72 55.59
CA ARG E 861 -0.07 29.62 54.86
C ARG E 861 0.82 29.10 53.74
N LYS E 862 1.85 29.84 53.37
CA LYS E 862 2.75 29.40 52.30
C LYS E 862 3.55 28.17 52.70
N ILE E 863 3.94 28.07 53.98
CA ILE E 863 4.72 26.92 54.43
C ILE E 863 3.89 25.64 54.37
N TYR E 864 2.65 25.71 54.85
CA TYR E 864 1.78 24.53 54.85
C TYR E 864 1.48 24.08 53.43
N GLU E 865 1.22 25.02 52.53
CA GLU E 865 0.93 24.66 51.15
C GLU E 865 2.19 24.18 50.42
N PHE E 866 3.37 24.64 50.84
CA PHE E 866 4.60 24.17 50.23
C PHE E 866 4.92 22.75 50.66
N TYR E 867 4.76 22.45 51.95
CA TYR E 867 5.20 21.15 52.44
C TYR E 867 4.18 20.03 52.22
N ASN E 868 2.97 20.34 51.77
CA ASN E 868 1.96 19.31 51.54
C ASN E 868 1.89 18.85 50.10
N ALA E 869 2.73 19.38 49.21
CA ALA E 869 2.78 18.87 47.86
C ALA E 869 3.40 17.48 47.85
N PRO E 870 2.97 16.61 46.93
CA PRO E 870 3.60 15.28 46.84
C PRO E 870 5.09 15.34 46.52
N ILE E 871 5.52 16.30 45.70
CA ILE E 871 6.91 16.30 45.23
C ILE E 871 7.86 16.63 46.35
N VAL E 872 7.49 17.59 47.22
CA VAL E 872 8.38 17.91 48.34
C VAL E 872 8.42 16.76 49.34
N LYS E 873 7.31 16.02 49.50
CA LYS E 873 7.35 14.81 50.31
C LYS E 873 8.30 13.79 49.71
N PHE E 874 8.27 13.65 48.38
CA PHE E 874 9.16 12.71 47.71
C PHE E 874 10.62 13.09 47.93
N TRP E 875 10.94 14.38 47.81
CA TRP E 875 12.33 14.79 48.00
C TRP E 875 12.77 14.69 49.46
N PHE E 876 11.86 14.95 50.40
CA PHE E 876 12.18 14.73 51.81
C PHE E 876 12.47 13.25 52.07
N TYR E 877 11.66 12.36 51.51
CA TYR E 877 11.88 10.93 51.70
C TYR E 877 13.17 10.48 51.04
N THR E 878 13.49 11.03 49.86
CA THR E 878 14.73 10.68 49.19
C THR E 878 15.95 11.13 49.99
N LEU E 879 15.91 12.34 50.54
CA LEU E 879 17.01 12.82 51.37
C LEU E 879 17.17 11.96 52.62
N ALA E 880 16.06 11.57 53.23
CA ALA E 880 16.14 10.70 54.40
C ALA E 880 16.74 9.35 54.03
N TYR E 881 16.37 8.79 52.89
CA TYR E 881 16.92 7.50 52.46
C TYR E 881 18.42 7.61 52.19
N ILE E 882 18.85 8.69 51.56
CA ILE E 882 20.27 8.87 51.30
C ILE E 882 21.05 8.99 52.60
N GLY E 883 20.51 9.75 53.56
CA GLY E 883 21.18 9.86 54.86
C GLY E 883 21.27 8.53 55.59
N TYR E 884 20.18 7.76 55.57
CA TYR E 884 20.20 6.44 56.20
C TYR E 884 21.20 5.51 55.53
N LEU E 885 21.29 5.57 54.20
CA LEU E 885 22.24 4.71 53.49
C LEU E 885 23.68 5.10 53.81
N MET E 886 23.97 6.40 53.91
CA MET E 886 25.30 6.83 54.30
C MET E 886 25.64 6.38 55.72
N LEU E 887 24.68 6.47 56.63
CA LEU E 887 24.91 5.98 57.99
C LEU E 887 25.17 4.47 58.00
N PHE E 888 24.43 3.73 57.16
CA PHE E 888 24.65 2.28 57.08
C PHE E 888 26.04 1.96 56.59
N ASN E 889 26.50 2.66 55.54
CA ASN E 889 27.86 2.44 55.04
C ASN E 889 28.89 2.76 56.11
N TYR E 890 28.71 3.86 56.83
CA TYR E 890 29.66 4.20 57.88
C TYR E 890 29.68 3.15 58.98
N ILE E 891 28.52 2.63 59.36
CA ILE E 891 28.48 1.68 60.47
C ILE E 891 29.01 0.31 60.07
N VAL E 892 28.96 -0.05 58.80
CA VAL E 892 29.51 -1.35 58.42
C VAL E 892 30.99 -1.28 58.05
N LEU E 893 31.46 -0.16 57.49
CA LEU E 893 32.87 -0.10 57.09
C LEU E 893 33.78 0.05 58.30
N VAL E 894 33.39 0.86 59.27
CA VAL E 894 34.21 1.16 60.44
C VAL E 894 34.06 0.06 61.47
N LYS E 895 35.16 -0.24 62.17
CA LYS E 895 35.16 -1.24 63.21
C LYS E 895 34.13 -0.91 64.29
N MET E 896 33.36 -1.92 64.69
CA MET E 896 32.28 -1.76 65.65
C MET E 896 32.66 -2.38 66.98
N GLU E 897 32.11 -1.82 68.06
CA GLU E 897 32.42 -2.21 69.41
C GLU E 897 31.34 -3.12 69.97
N ARG E 898 31.42 -3.42 71.27
CA ARG E 898 30.44 -4.29 71.91
C ARG E 898 29.05 -3.66 71.92
N TRP E 899 28.97 -2.36 72.17
CA TRP E 899 27.68 -1.69 72.13
C TRP E 899 27.59 -0.74 70.94
N PRO E 900 26.42 -0.61 70.32
CA PRO E 900 26.30 0.14 69.07
C PRO E 900 26.60 1.62 69.25
N SER E 901 27.15 2.21 68.19
CA SER E 901 27.40 3.64 68.14
C SER E 901 26.11 4.39 67.79
N THR E 902 26.20 5.71 67.78
CA THR E 902 25.02 6.53 67.52
C THR E 902 24.49 6.32 66.10
N GLN E 903 25.39 6.14 65.13
CA GLN E 903 24.95 5.87 63.76
C GLN E 903 24.18 4.56 63.67
N GLU E 904 24.64 3.54 64.42
CA GLU E 904 23.90 2.28 64.43
C GLU E 904 22.53 2.45 65.07
N TRP E 905 22.43 3.30 66.11
CA TRP E 905 21.13 3.57 66.70
C TRP E 905 20.20 4.28 65.73
N ILE E 906 20.75 5.20 64.93
CA ILE E 906 19.92 5.88 63.93
C ILE E 906 19.44 4.90 62.88
N VAL E 907 20.31 3.98 62.45
CA VAL E 907 19.90 2.98 61.47
C VAL E 907 18.81 2.06 62.04
N ILE E 908 18.98 1.64 63.29
CA ILE E 908 17.99 0.78 63.93
C ILE E 908 16.65 1.51 64.06
N SER E 909 16.69 2.79 64.42
CA SER E 909 15.47 3.57 64.52
C SER E 909 14.79 3.69 63.16
N TYR E 910 15.57 3.89 62.10
CA TYR E 910 15.00 3.97 60.76
C TYR E 910 14.31 2.67 60.39
N ILE E 911 14.95 1.53 60.65
CA ILE E 911 14.35 0.25 60.28
C ILE E 911 13.07 0.01 61.08
N PHE E 912 13.10 0.29 62.39
CA PHE E 912 11.93 0.09 63.22
C PHE E 912 10.76 0.97 62.79
N THR E 913 11.03 2.25 62.51
CA THR E 913 9.96 3.13 62.08
C THR E 913 9.44 2.76 60.70
N LEU E 914 10.31 2.28 59.81
CA LEU E 914 9.83 1.81 58.51
C LEU E 914 8.94 0.59 58.66
N GLY E 915 9.29 -0.32 59.58
CA GLY E 915 8.40 -1.44 59.85
C GLY E 915 7.05 -1.02 60.41
N ILE E 916 7.07 -0.02 61.31
CA ILE E 916 5.82 0.50 61.86
C ILE E 916 4.98 1.12 60.75
N GLU E 917 5.61 1.87 59.84
CA GLU E 917 4.89 2.46 58.72
C GLU E 917 4.30 1.40 57.80
N LYS E 918 5.05 0.32 57.55
CA LYS E 918 4.52 -0.77 56.74
C LYS E 918 3.31 -1.41 57.41
N MET E 919 3.37 -1.60 58.74
CA MET E 919 2.22 -2.15 59.44
C MET E 919 1.01 -1.22 59.38
N ARG E 920 1.24 0.09 59.51
CA ARG E 920 0.14 1.04 59.39
C ARG E 920 -0.47 1.01 57.99
N GLU E 921 0.37 0.89 56.96
CA GLU E 921 -0.14 0.78 55.61
C GLU E 921 -0.94 -0.49 55.41
N ILE E 922 -0.48 -1.61 55.98
CA ILE E 922 -1.18 -2.87 55.82
C ILE E 922 -2.46 -2.91 56.64
N LEU E 923 -2.59 -2.05 57.65
CA LEU E 923 -3.83 -2.01 58.44
C LEU E 923 -4.89 -1.10 57.82
N MET E 924 -4.49 0.02 57.24
CA MET E 924 -5.43 1.00 56.69
C MET E 924 -5.68 0.78 55.20
N SER E 925 -5.60 -0.46 54.73
CA SER E 925 -5.79 -0.75 53.32
C SER E 925 -7.28 -0.75 52.96
N GLU E 926 -7.55 -0.84 51.66
CA GLU E 926 -8.94 -0.78 51.17
C GLU E 926 -9.81 -1.93 51.64
N PRO E 927 -9.41 -3.20 51.58
CA PRO E 927 -10.32 -4.27 52.02
C PRO E 927 -10.64 -4.18 53.51
N GLY E 928 -11.84 -4.62 53.87
CA GLY E 928 -12.29 -4.57 55.24
C GLY E 928 -11.84 -5.71 56.12
N LYS E 929 -11.23 -6.74 55.55
CA LYS E 929 -10.80 -7.92 56.30
C LYS E 929 -9.30 -7.89 56.50
N LEU E 930 -8.85 -8.27 57.70
CA LEU E 930 -7.43 -8.29 58.00
C LEU E 930 -6.69 -9.29 57.12
N LEU E 931 -7.27 -10.48 56.93
CA LEU E 931 -6.63 -11.47 56.06
C LEU E 931 -6.66 -11.05 54.60
N GLN E 932 -7.66 -10.27 54.19
CA GLN E 932 -7.69 -9.77 52.84
C GLN E 932 -6.70 -8.64 52.63
N LYS E 933 -6.39 -7.88 53.67
CA LYS E 933 -5.50 -6.74 53.52
C LYS E 933 -4.05 -7.18 53.35
N VAL E 934 -3.63 -8.21 54.08
CA VAL E 934 -2.26 -8.69 53.94
C VAL E 934 -2.07 -9.34 52.58
N LYS E 935 -3.08 -10.07 52.10
CA LYS E 935 -2.98 -10.73 50.80
C LYS E 935 -2.90 -9.72 49.67
N VAL E 936 -3.67 -8.64 49.76
CA VAL E 936 -3.61 -7.62 48.72
C VAL E 936 -2.39 -6.71 48.87
N TRP E 937 -1.81 -6.63 50.07
CA TRP E 937 -0.58 -5.87 50.24
C TRP E 937 0.63 -6.63 49.71
N LEU E 938 0.65 -7.94 49.89
CA LEU E 938 1.76 -8.76 49.40
C LEU E 938 1.57 -9.10 47.93
N GLN E 939 1.32 -8.10 47.10
CA GLN E 939 1.23 -8.26 45.65
C GLN E 939 2.40 -7.62 44.91
N GLU E 940 2.81 -6.43 45.32
CA GLU E 940 4.03 -5.85 44.79
C GLU E 940 5.24 -6.58 45.37
N TYR E 941 6.25 -6.80 44.52
CA TYR E 941 7.43 -7.53 44.98
C TYR E 941 8.29 -6.68 45.90
N TRP E 942 8.22 -5.36 45.77
CA TRP E 942 8.99 -4.49 46.67
C TRP E 942 8.53 -4.66 48.11
N ASN E 943 7.23 -4.82 48.33
CA ASN E 943 6.73 -5.00 49.69
C ASN E 943 7.23 -6.32 50.29
N VAL E 944 7.22 -7.39 49.50
CA VAL E 944 7.69 -8.69 49.99
C VAL E 944 9.17 -8.63 50.31
N THR E 945 9.96 -8.03 49.42
CA THR E 945 11.39 -7.92 49.67
C THR E 945 11.68 -7.03 50.86
N ASP E 946 10.90 -5.96 51.05
CA ASP E 946 11.08 -5.10 52.21
C ASP E 946 10.77 -5.85 53.50
N LEU E 947 9.71 -6.65 53.51
CA LEU E 947 9.38 -7.43 54.69
C LEU E 947 10.50 -8.42 55.02
N ILE E 948 11.01 -9.11 54.00
CA ILE E 948 12.09 -10.07 54.21
C ILE E 948 13.33 -9.37 54.73
N ALA E 949 13.67 -8.22 54.16
CA ALA E 949 14.86 -7.49 54.56
C ALA E 949 14.75 -6.97 55.99
N ILE E 950 13.56 -6.48 56.37
CA ILE E 950 13.39 -5.98 57.73
C ILE E 950 13.48 -7.13 58.74
N LEU E 951 12.90 -8.28 58.42
CA LEU E 951 13.04 -9.44 59.30
C LEU E 951 14.49 -9.88 59.42
N LEU E 952 15.22 -9.89 58.30
CA LEU E 952 16.62 -10.28 58.33
C LEU E 952 17.46 -9.30 59.14
N PHE E 953 17.20 -8.01 58.99
CA PHE E 953 17.92 -7.01 59.77
C PHE E 953 17.61 -7.15 61.25
N SER E 954 16.36 -7.47 61.59
CA SER E 954 16.01 -7.69 62.99
C SER E 954 16.76 -8.89 63.56
N VAL E 955 16.86 -9.97 62.79
CA VAL E 955 17.60 -11.15 63.24
C VAL E 955 19.07 -10.79 63.44
N GLY E 956 19.64 -10.04 62.50
CA GLY E 956 21.04 -9.65 62.63
C GLY E 956 21.28 -8.74 63.82
N MET E 957 20.34 -7.84 64.10
CA MET E 957 20.47 -6.98 65.27
C MET E 957 20.34 -7.77 66.56
N ILE E 958 19.49 -8.80 66.58
CA ILE E 958 19.41 -9.66 67.75
C ILE E 958 20.73 -10.39 67.98
N LEU E 959 21.31 -10.94 66.91
CA LEU E 959 22.59 -11.63 67.05
C LEU E 959 23.74 -10.68 67.29
N ARG E 960 23.57 -9.38 66.99
CA ARG E 960 24.68 -8.44 67.10
C ARG E 960 25.05 -8.18 68.56
N LEU E 961 24.06 -8.01 69.43
CA LEU E 961 24.29 -7.60 70.80
C LEU E 961 24.65 -8.79 71.69
N GLN E 962 25.69 -9.53 71.33
CA GLN E 962 26.09 -10.74 72.05
C GLN E 962 27.60 -10.88 71.97
N ASP E 963 28.09 -12.09 72.19
CA ASP E 963 29.53 -12.36 72.23
C ASP E 963 30.10 -12.31 70.81
N GLN E 964 31.40 -12.64 70.69
CA GLN E 964 32.13 -12.41 69.45
C GLN E 964 31.60 -13.20 68.24
N PRO E 965 31.35 -14.52 68.31
CA PRO E 965 30.87 -15.20 67.09
C PRO E 965 29.50 -14.73 66.63
N PHE E 966 28.57 -14.55 67.57
CA PHE E 966 27.27 -13.99 67.22
C PHE E 966 27.40 -12.56 66.72
N ARG E 967 28.37 -11.80 67.25
CA ARG E 967 28.62 -10.46 66.74
C ARG E 967 29.08 -10.50 65.28
N SER E 968 29.97 -11.44 64.95
CA SER E 968 30.42 -11.56 63.57
C SER E 968 29.28 -11.97 62.65
N ASP E 969 28.43 -12.89 63.10
CA ASP E 969 27.28 -13.29 62.30
C ASP E 969 26.33 -12.12 62.06
N GLY E 970 26.09 -11.32 63.11
CA GLY E 970 25.28 -10.13 62.94
C GLY E 970 25.89 -9.14 61.97
N ARG E 971 27.22 -9.03 61.99
CA ARG E 971 27.91 -8.14 61.06
C ARG E 971 27.72 -8.61 59.61
N VAL E 972 27.79 -9.92 59.38
CA VAL E 972 27.59 -10.43 58.03
C VAL E 972 26.15 -10.22 57.58
N ILE E 973 25.19 -10.37 58.51
CA ILE E 973 23.80 -10.06 58.19
C ILE E 973 23.66 -8.58 57.82
N TYR E 974 24.37 -7.71 58.53
CA TYR E 974 24.38 -6.29 58.19
C TYR E 974 24.89 -6.06 56.78
N CYS E 975 25.96 -6.77 56.38
CA CYS E 975 26.50 -6.59 55.04
C CYS E 975 25.49 -7.02 53.96
N VAL E 976 24.82 -8.15 54.17
CA VAL E 976 23.80 -8.56 53.20
C VAL E 976 22.67 -7.53 53.15
N ASN E 977 22.30 -6.99 54.31
CA ASN E 977 21.25 -5.97 54.35
C ASN E 977 21.65 -4.74 53.55
N ILE E 978 22.90 -4.28 53.68
CA ILE E 978 23.30 -3.09 52.94
C ILE E 978 23.35 -3.39 51.45
N ILE E 979 23.64 -4.64 51.06
CA ILE E 979 23.52 -4.99 49.65
C ILE E 979 22.10 -4.74 49.17
N TYR E 980 21.12 -5.23 49.92
CA TYR E 980 19.73 -5.05 49.50
C TYR E 980 19.34 -3.57 49.48
N TRP E 981 19.70 -2.83 50.51
CA TRP E 981 19.27 -1.43 50.58
C TRP E 981 19.96 -0.57 49.54
N TYR E 982 21.18 -0.94 49.12
CA TYR E 982 21.82 -0.27 47.99
C TYR E 982 21.08 -0.58 46.71
N ILE E 983 20.65 -1.83 46.52
CA ILE E 983 19.91 -2.17 45.30
C ILE E 983 18.58 -1.43 45.25
N ARG E 984 17.95 -1.21 46.40
CA ARG E 984 16.63 -0.60 46.46
C ARG E 984 16.59 0.86 45.99
N LEU E 985 17.71 1.45 45.58
CA LEU E 985 17.68 2.81 45.03
C LEU E 985 16.99 2.89 43.69
N LEU E 986 16.72 1.77 43.04
CA LEU E 986 16.06 1.81 41.73
C LEU E 986 14.62 2.28 41.86
N ASP E 987 13.98 2.07 43.00
CA ASP E 987 12.65 2.63 43.22
C ASP E 987 12.68 4.15 43.19
N ILE E 988 13.70 4.75 43.83
CA ILE E 988 13.85 6.20 43.78
C ILE E 988 14.20 6.64 42.36
N PHE E 989 15.02 5.86 41.66
CA PHE E 989 15.38 6.21 40.29
C PHE E 989 14.20 6.13 39.35
N GLY E 990 13.19 5.33 39.69
CA GLY E 990 12.06 5.11 38.80
C GLY E 990 11.17 6.32 38.58
N VAL E 991 11.36 7.40 39.34
CA VAL E 991 10.58 8.61 39.12
C VAL E 991 10.98 9.29 37.81
N ASN E 992 12.28 9.28 37.50
CA ASN E 992 12.77 9.97 36.31
C ASN E 992 12.20 9.35 35.03
N LYS E 993 11.99 10.20 34.03
CA LYS E 993 11.33 9.76 32.80
C LYS E 993 12.16 8.75 32.01
N TYR E 994 13.48 8.75 32.18
CA TYR E 994 14.35 7.88 31.40
C TYR E 994 14.96 6.73 32.18
N LEU E 995 14.86 6.76 33.51
CA LEU E 995 15.44 5.70 34.34
C LEU E 995 14.42 4.72 34.86
N GLY E 996 13.15 4.83 34.45
CA GLY E 996 12.15 3.86 34.80
C GLY E 996 11.99 2.77 33.75
N PRO E 997 11.75 3.19 32.49
CA PRO E 997 11.73 2.21 31.41
C PRO E 997 13.01 1.40 31.29
N TYR E 998 14.17 2.00 31.57
CA TYR E 998 15.41 1.24 31.56
C TYR E 998 15.40 0.15 32.63
N VAL E 999 14.86 0.46 33.81
CA VAL E 999 14.78 -0.54 34.86
C VAL E 999 13.85 -1.68 34.47
N MET E 1000 12.71 -1.36 33.86
CA MET E 1000 11.80 -2.43 33.44
C MET E 1000 12.39 -3.28 32.32
N MET E 1001 13.09 -2.65 31.38
CA MET E 1001 13.79 -3.40 30.33
C MET E 1001 14.84 -4.32 30.93
N ILE E 1002 15.57 -3.83 31.95
CA ILE E 1002 16.50 -4.68 32.67
C ILE E 1002 15.77 -5.86 33.29
N GLY E 1003 14.58 -5.61 33.85
CA GLY E 1003 13.82 -6.68 34.47
C GLY E 1003 13.42 -7.79 33.53
N LYS E 1004 13.13 -7.45 32.26
CA LYS E 1004 12.77 -8.50 31.30
C LYS E 1004 14.00 -9.17 30.67
N MET E 1005 15.01 -8.38 30.31
CA MET E 1005 16.24 -8.99 29.82
C MET E 1005 16.90 -9.87 30.86
N MET E 1006 16.58 -9.67 32.14
CA MET E 1006 17.06 -10.58 33.18
C MET E 1006 16.48 -11.97 33.00
N ILE E 1007 15.19 -12.06 32.64
CA ILE E 1007 14.59 -13.37 32.36
C ILE E 1007 15.27 -14.02 31.17
N ASP E 1008 15.52 -13.25 30.11
CA ASP E 1008 16.20 -13.84 28.95
C ASP E 1008 17.62 -14.33 29.31
N MET E 1009 18.35 -13.53 30.08
CA MET E 1009 19.69 -13.91 30.51
C MET E 1009 19.67 -15.17 31.37
N MET E 1010 18.69 -15.26 32.28
CA MET E 1010 18.56 -16.45 33.11
C MET E 1010 18.18 -17.68 32.29
N TYR E 1011 17.53 -17.50 31.14
CA TYR E 1011 17.31 -18.66 30.27
C TYR E 1011 18.60 -19.12 29.61
N PHE E 1012 19.46 -18.18 29.21
CA PHE E 1012 20.74 -18.60 28.61
C PHE E 1012 21.76 -19.12 29.63
N VAL E 1013 21.63 -18.70 30.89
CA VAL E 1013 22.58 -19.10 31.93
C VAL E 1013 22.59 -20.61 32.13
N ILE E 1014 21.45 -21.26 31.93
CA ILE E 1014 21.38 -22.72 32.14
C ILE E 1014 22.28 -23.45 31.16
N ILE E 1015 22.22 -23.08 29.88
CA ILE E 1015 23.08 -23.70 28.88
C ILE E 1015 24.54 -23.38 29.16
N MET E 1016 24.83 -22.12 29.48
CA MET E 1016 26.22 -21.76 29.79
C MET E 1016 26.75 -22.58 30.96
N LEU E 1017 25.89 -22.81 31.96
CA LEU E 1017 26.30 -23.55 33.14
C LEU E 1017 26.47 -25.04 32.85
N VAL E 1018 25.68 -25.60 31.95
CA VAL E 1018 25.87 -26.99 31.55
C VAL E 1018 27.25 -27.18 30.92
N VAL E 1019 27.59 -26.27 29.98
CA VAL E 1019 28.90 -26.37 29.33
C VAL E 1019 30.03 -26.18 30.35
N LEU E 1020 29.86 -25.21 31.26
CA LEU E 1020 30.87 -24.95 32.27
C LEU E 1020 31.09 -26.15 33.18
N MET E 1021 29.99 -26.79 33.62
CA MET E 1021 30.12 -27.96 34.47
C MET E 1021 30.82 -29.10 33.75
N SER E 1022 30.49 -29.32 32.48
CA SER E 1022 31.13 -30.40 31.73
C SER E 1022 32.63 -30.17 31.63
N PHE E 1023 33.04 -28.96 31.24
CA PHE E 1023 34.48 -28.68 31.12
C PHE E 1023 35.19 -28.79 32.47
N GLY E 1024 34.58 -28.25 33.52
CA GLY E 1024 35.23 -28.30 34.83
C GLY E 1024 35.40 -29.71 35.34
N VAL E 1025 34.37 -30.55 35.20
CA VAL E 1025 34.47 -31.94 35.63
C VAL E 1025 35.55 -32.66 34.85
N ALA E 1026 35.58 -32.47 33.51
CA ALA E 1026 36.58 -33.16 32.70
C ALA E 1026 37.99 -32.75 33.10
N ARG E 1027 38.24 -31.45 33.25
CA ARG E 1027 39.58 -30.99 33.60
C ARG E 1027 40.00 -31.47 34.97
N GLN E 1028 39.12 -31.31 35.97
CA GLN E 1028 39.47 -31.70 37.33
C GLN E 1028 39.70 -33.21 37.44
N ALA E 1029 38.89 -34.00 36.74
CA ALA E 1029 39.08 -35.45 36.80
C ALA E 1029 40.35 -35.88 36.06
N ILE E 1030 40.70 -35.21 34.96
CA ILE E 1030 41.91 -35.57 34.24
C ILE E 1030 43.16 -35.23 35.04
N LEU E 1031 43.21 -34.02 35.60
CA LEU E 1031 44.45 -33.55 36.20
C LEU E 1031 44.76 -34.24 37.52
N PHE E 1032 43.77 -34.38 38.40
CA PHE E 1032 43.99 -34.88 39.75
C PHE E 1032 43.29 -36.21 39.94
N PRO E 1033 43.98 -37.34 39.78
CA PRO E 1033 43.36 -38.66 39.97
C PRO E 1033 43.55 -39.28 41.35
N ASN E 1034 44.04 -38.53 42.33
CA ASN E 1034 44.33 -39.07 43.66
C ASN E 1034 43.70 -38.20 44.74
N GLU E 1035 42.42 -37.87 44.57
CA GLU E 1035 41.72 -37.01 45.50
C GLU E 1035 40.71 -37.82 46.31
N GLU E 1036 40.77 -37.66 47.63
CA GLU E 1036 39.78 -38.26 48.50
C GLU E 1036 38.43 -37.55 48.34
N PRO E 1037 37.33 -38.23 48.68
CA PRO E 1037 36.02 -37.56 48.61
C PRO E 1037 35.90 -36.44 49.64
N SER E 1038 35.88 -35.20 49.16
CA SER E 1038 35.78 -34.04 50.03
C SER E 1038 35.02 -32.95 49.29
N TRP E 1039 34.44 -32.03 50.07
CA TRP E 1039 33.63 -30.97 49.47
C TRP E 1039 34.44 -29.99 48.64
N LYS E 1040 35.76 -30.03 48.73
CA LYS E 1040 36.59 -29.18 47.88
C LYS E 1040 36.41 -29.53 46.40
N LEU E 1041 36.05 -30.79 46.10
CA LEU E 1041 35.77 -31.18 44.73
C LEU E 1041 34.52 -30.50 44.18
N ALA E 1042 33.61 -30.07 45.05
CA ALA E 1042 32.39 -29.43 44.60
C ALA E 1042 32.61 -27.98 44.15
N LYS E 1043 33.68 -27.35 44.60
CA LYS E 1043 33.98 -25.98 44.17
C LYS E 1043 35.05 -25.91 43.10
N ASN E 1044 35.88 -26.95 42.95
CA ASN E 1044 36.88 -26.96 41.90
C ASN E 1044 36.26 -27.09 40.51
N ILE E 1045 34.98 -27.41 40.42
CA ILE E 1045 34.29 -27.50 39.15
C ILE E 1045 33.72 -26.14 38.73
N PHE E 1046 33.22 -25.37 39.68
CA PHE E 1046 32.53 -24.12 39.37
C PHE E 1046 33.45 -22.91 39.40
N TYR E 1047 34.44 -22.88 40.31
CA TYR E 1047 35.23 -21.70 40.58
C TYR E 1047 36.05 -21.22 39.37
N MET E 1048 37.04 -22.02 38.98
CA MET E 1048 38.01 -21.60 37.98
C MET E 1048 37.43 -21.59 36.57
N PRO E 1049 36.62 -22.56 36.14
CA PRO E 1049 35.98 -22.41 34.83
C PRO E 1049 35.02 -21.23 34.75
N TYR E 1050 34.56 -20.70 35.87
CA TYR E 1050 33.74 -19.50 35.82
C TYR E 1050 34.57 -18.22 35.78
N TRP E 1051 35.62 -18.13 36.60
CA TRP E 1051 36.48 -16.95 36.48
C TRP E 1051 37.27 -16.94 35.18
N MET E 1052 37.36 -18.08 34.49
CA MET E 1052 38.13 -18.16 33.27
C MET E 1052 37.52 -17.34 32.14
N ILE E 1053 36.19 -17.37 32.01
CA ILE E 1053 35.56 -16.70 30.87
C ILE E 1053 35.48 -15.20 31.04
N TYR E 1054 35.64 -14.67 32.25
CA TYR E 1054 35.54 -13.24 32.48
C TYR E 1054 36.88 -12.53 32.38
N GLY E 1055 37.89 -13.17 31.80
CA GLY E 1055 39.16 -12.51 31.59
C GLY E 1055 40.25 -12.94 32.55
N GLU E 1056 40.31 -14.24 32.87
CA GLU E 1056 41.37 -14.80 33.69
C GLU E 1056 41.84 -16.13 33.13
N VAL E 1057 42.01 -16.21 31.81
CA VAL E 1057 42.54 -17.42 31.20
C VAL E 1057 44.03 -17.47 31.47
N PHE E 1058 44.43 -18.23 32.49
CA PHE E 1058 45.82 -18.28 32.95
C PHE E 1058 46.38 -19.66 32.65
N ALA E 1059 47.30 -19.73 31.68
CA ALA E 1059 48.06 -20.94 31.49
C ALA E 1059 48.98 -21.18 32.69
N ASP E 1060 49.38 -22.44 32.85
CA ASP E 1060 50.17 -22.96 33.97
C ASP E 1060 49.36 -23.01 35.25
N GLN E 1061 48.15 -22.47 35.23
CA GLN E 1061 47.13 -22.76 36.23
C GLN E 1061 46.13 -23.79 35.73
N ILE E 1062 45.95 -23.86 34.43
CA ILE E 1062 45.21 -24.93 33.78
C ILE E 1062 46.15 -25.56 32.75
N ASP E 1063 46.26 -26.90 32.78
CA ASP E 1063 47.28 -27.65 32.06
C ASP E 1063 48.65 -27.17 32.51
N PRO E 1064 49.07 -27.48 33.73
CA PRO E 1064 50.35 -26.97 34.23
C PRO E 1064 51.51 -27.59 33.48
N PRO E 1065 52.68 -26.93 33.47
CA PRO E 1065 53.86 -27.51 32.80
C PRO E 1065 54.33 -28.75 33.54
N CYS E 1066 54.35 -29.88 32.84
CA CYS E 1066 54.72 -31.15 33.43
C CYS E 1066 55.13 -32.16 32.36
N GLN E 1079 63.56 -32.45 38.55
CA GLN E 1079 62.99 -31.13 38.80
C GLN E 1079 61.51 -31.09 38.44
N LEU E 1080 61.22 -31.30 37.16
CA LEU E 1080 59.84 -31.26 36.68
C LEU E 1080 59.09 -32.52 37.10
N PRO E 1081 57.95 -32.38 37.78
CA PRO E 1081 57.17 -33.56 38.12
C PRO E 1081 56.63 -34.22 36.87
N PRO E 1082 56.43 -35.54 36.89
CA PRO E 1082 55.92 -36.24 35.70
C PRO E 1082 54.52 -35.77 35.34
N CYS E 1083 54.22 -35.80 34.05
CA CYS E 1083 52.93 -35.37 33.56
C CYS E 1083 51.87 -36.45 33.81
N LYS E 1084 50.70 -36.01 34.24
CA LYS E 1084 49.58 -36.93 34.42
C LYS E 1084 49.12 -37.47 33.08
N THR E 1085 48.55 -38.67 33.10
CA THR E 1085 48.12 -39.32 31.87
C THR E 1085 47.02 -38.52 31.20
N GLY E 1086 47.18 -38.27 29.90
CA GLY E 1086 46.21 -37.50 29.17
C GLY E 1086 46.13 -36.04 29.57
N ALA E 1087 47.25 -35.45 30.01
CA ALA E 1087 47.28 -34.04 30.38
C ALA E 1087 47.26 -33.12 29.18
N TRP E 1088 47.43 -33.65 27.97
CA TRP E 1088 47.35 -32.84 26.76
C TRP E 1088 45.92 -32.59 26.31
N ILE E 1089 44.94 -33.29 26.88
CA ILE E 1089 43.55 -33.09 26.49
C ILE E 1089 42.95 -31.85 27.13
N VAL E 1090 43.52 -31.39 28.24
CA VAL E 1090 42.95 -30.22 28.94
C VAL E 1090 42.96 -28.96 28.07
N PRO E 1091 44.06 -28.57 27.40
CA PRO E 1091 43.97 -27.39 26.54
C PRO E 1091 43.05 -27.59 25.35
N ALA E 1092 42.98 -28.80 24.79
CA ALA E 1092 42.07 -29.05 23.67
C ALA E 1092 40.62 -28.89 24.09
N ILE E 1093 40.27 -29.35 25.29
CA ILE E 1093 38.92 -29.14 25.81
C ILE E 1093 38.67 -27.67 26.08
N MET E 1094 39.65 -26.99 26.69
CA MET E 1094 39.44 -25.61 27.13
C MET E 1094 39.36 -24.65 25.95
N ALA E 1095 40.02 -24.96 24.83
CA ALA E 1095 39.90 -24.11 23.64
C ALA E 1095 38.47 -24.14 23.10
N CYS E 1096 37.90 -25.33 22.96
CA CYS E 1096 36.52 -25.44 22.50
C CYS E 1096 35.56 -24.84 23.51
N TYR E 1097 35.85 -24.98 24.80
CA TYR E 1097 35.00 -24.38 25.82
C TYR E 1097 34.97 -22.87 25.70
N LEU E 1098 36.15 -22.25 25.55
CA LEU E 1098 36.21 -20.81 25.37
C LEU E 1098 35.51 -20.38 24.09
N LEU E 1099 35.70 -21.14 23.01
CA LEU E 1099 35.08 -20.79 21.74
C LEU E 1099 33.56 -20.84 21.83
N VAL E 1100 33.01 -21.83 22.53
CA VAL E 1100 31.57 -21.93 22.67
C VAL E 1100 31.03 -20.83 23.58
N ALA E 1101 31.69 -20.60 24.72
CA ALA E 1101 31.14 -19.71 25.72
C ALA E 1101 31.29 -18.24 25.35
N ASN E 1102 32.40 -17.86 24.72
CA ASN E 1102 32.71 -16.46 24.48
C ASN E 1102 32.43 -15.99 23.06
N ILE E 1103 32.11 -16.87 22.14
CA ILE E 1103 31.90 -16.44 20.75
C ILE E 1103 30.50 -16.81 20.28
N LEU E 1104 29.96 -17.90 20.79
CA LEU E 1104 28.66 -18.38 20.32
C LEU E 1104 27.51 -17.91 21.21
N LEU E 1105 27.53 -18.28 22.50
CA LEU E 1105 26.38 -18.04 23.36
C LEU E 1105 26.22 -16.56 23.68
N VAL E 1106 27.32 -15.85 23.92
CA VAL E 1106 27.20 -14.43 24.27
C VAL E 1106 26.76 -13.62 23.06
N ASN E 1107 27.24 -13.97 21.86
CA ASN E 1107 26.77 -13.28 20.66
C ASN E 1107 25.31 -13.58 20.38
N LEU E 1108 24.88 -14.82 20.63
CA LEU E 1108 23.47 -15.15 20.47
C LEU E 1108 22.61 -14.39 21.47
N LEU E 1109 23.10 -14.21 22.70
CA LEU E 1109 22.38 -13.42 23.68
C LEU E 1109 22.30 -11.96 23.28
N ILE E 1110 23.38 -11.43 22.69
CA ILE E 1110 23.35 -10.07 22.16
C ILE E 1110 22.29 -9.96 21.08
N ALA E 1111 22.22 -10.95 20.18
CA ALA E 1111 21.21 -10.93 19.13
C ALA E 1111 19.80 -10.99 19.71
N VAL E 1112 19.60 -11.80 20.75
CA VAL E 1112 18.28 -11.91 21.37
C VAL E 1112 17.87 -10.59 22.00
N PHE E 1113 18.79 -9.95 22.72
CA PHE E 1113 18.51 -8.64 23.30
C PHE E 1113 18.25 -7.60 22.21
N ASN E 1114 18.92 -7.73 21.08
CA ASN E 1114 18.79 -6.73 20.02
C ASN E 1114 17.47 -6.85 19.29
N ASN E 1115 17.03 -8.07 19.00
CA ASN E 1115 15.85 -8.29 18.17
C ASN E 1115 14.55 -8.30 18.96
N THR E 1116 14.59 -8.16 20.27
CA THR E 1116 13.39 -8.08 21.10
C THR E 1116 13.44 -6.85 21.98
N PHE E 1117 13.79 -5.71 21.40
CA PHE E 1117 13.96 -4.47 22.13
C PHE E 1117 12.83 -3.48 21.93
N PHE E 1118 12.26 -3.40 20.73
CA PHE E 1118 11.24 -2.39 20.45
C PHE E 1118 9.97 -2.66 21.23
N GLU E 1119 9.51 -3.91 21.23
CA GLU E 1119 8.31 -4.27 21.98
C GLU E 1119 8.50 -4.04 23.48
N VAL E 1120 9.66 -4.44 24.01
CA VAL E 1120 9.93 -4.28 25.43
C VAL E 1120 9.97 -2.80 25.80
N LYS E 1121 10.61 -1.98 24.95
CA LYS E 1121 10.69 -0.55 25.22
C LYS E 1121 9.31 0.10 25.23
N SER E 1122 8.49 -0.21 24.22
CA SER E 1122 7.16 0.40 24.16
C SER E 1122 6.28 -0.04 25.31
N ILE E 1123 6.32 -1.34 25.67
CA ILE E 1123 5.53 -1.83 26.78
C ILE E 1123 5.98 -1.18 28.09
N SER E 1124 7.30 -1.05 28.28
CA SER E 1124 7.80 -0.44 29.50
C SER E 1124 7.39 1.02 29.60
N ASN E 1125 7.44 1.76 28.48
CA ASN E 1125 7.01 3.14 28.49
C ASN E 1125 5.54 3.26 28.87
N GLN E 1126 4.70 2.41 28.27
CA GLN E 1126 3.27 2.47 28.58
C GLN E 1126 3.00 2.13 30.03
N VAL E 1127 3.68 1.09 30.55
CA VAL E 1127 3.45 0.68 31.94
C VAL E 1127 3.92 1.75 32.91
N TRP E 1128 5.06 2.39 32.64
CA TRP E 1128 5.52 3.46 33.52
C TRP E 1128 4.56 4.65 33.51
N LYS E 1129 4.09 5.04 32.32
CA LYS E 1129 3.15 6.15 32.26
C LYS E 1129 1.83 5.80 32.92
N PHE E 1130 1.48 4.52 32.98
CA PHE E 1130 0.30 4.13 33.74
C PHE E 1130 0.55 4.17 35.24
N GLN E 1131 1.72 3.72 35.70
CA GLN E 1131 2.01 3.64 37.12
C GLN E 1131 2.39 4.98 37.73
N ARG E 1132 2.59 6.02 36.90
CA ARG E 1132 2.76 7.36 37.44
C ARG E 1132 1.61 7.76 38.35
N TYR E 1133 0.39 7.34 38.02
CA TYR E 1133 -0.78 7.68 38.85
C TYR E 1133 -0.65 7.06 40.23
N GLN E 1134 -0.26 5.79 40.30
CA GLN E 1134 -0.09 5.15 41.60
C GLN E 1134 1.05 5.78 42.38
N LEU E 1135 2.12 6.17 41.69
CA LEU E 1135 3.23 6.85 42.36
C LEU E 1135 2.78 8.17 42.98
N ILE E 1136 1.94 8.94 42.26
CA ILE E 1136 1.45 10.19 42.81
C ILE E 1136 0.50 9.94 43.97
N MET E 1137 -0.38 8.95 43.84
CA MET E 1137 -1.38 8.71 44.86
C MET E 1137 -0.77 8.16 46.15
N THR E 1138 0.31 7.38 46.05
CA THR E 1138 0.93 6.84 47.25
C THR E 1138 1.75 7.88 48.01
N PHE E 1139 2.09 9.00 47.37
CA PHE E 1139 2.74 10.11 48.06
C PHE E 1139 1.74 11.16 48.51
N HIS E 1140 0.56 11.22 47.90
CA HIS E 1140 -0.48 12.13 48.37
C HIS E 1140 -1.16 11.62 49.65
N GLU E 1141 -0.72 10.49 50.19
CA GLU E 1141 -1.30 9.93 51.40
C GLU E 1141 -0.31 9.75 52.53
N ARG E 1142 0.98 9.60 52.25
CA ARG E 1142 1.97 9.38 53.28
C ARG E 1142 2.09 10.61 54.19
N PRO E 1143 2.44 10.40 55.46
CA PRO E 1143 2.66 11.53 56.36
C PRO E 1143 3.83 12.38 55.88
N VAL E 1144 3.78 13.67 56.19
CA VAL E 1144 4.77 14.62 55.70
C VAL E 1144 6.15 14.37 56.30
N LEU E 1145 6.24 13.66 57.42
CA LEU E 1145 7.59 13.52 57.94
C LEU E 1145 8.24 12.24 57.41
N PRO E 1146 9.55 12.29 57.17
CA PRO E 1146 10.27 11.12 56.66
C PRO E 1146 10.31 10.01 57.69
N PRO E 1147 10.69 8.78 57.28
CA PRO E 1147 10.66 7.63 58.19
C PRO E 1147 11.47 7.81 59.47
N PRO E 1148 12.66 8.43 59.45
CA PRO E 1148 13.36 8.64 60.73
C PRO E 1148 12.59 9.52 61.70
N LEU E 1149 11.77 10.44 61.20
CA LEU E 1149 10.96 11.31 62.02
C LEU E 1149 9.48 10.95 61.98
N ILE E 1150 9.13 9.83 61.35
CA ILE E 1150 7.72 9.47 61.16
C ILE E 1150 7.03 9.08 62.47
N ILE E 1151 7.78 8.88 63.55
CA ILE E 1151 7.16 8.53 64.82
C ILE E 1151 6.32 9.69 65.35
N PHE E 1152 6.75 10.93 65.12
CA PHE E 1152 5.97 12.09 65.55
C PHE E 1152 4.63 12.15 64.83
N SER E 1153 4.62 11.82 63.53
CA SER E 1153 3.36 11.82 62.79
C SER E 1153 2.42 10.73 63.27
N HIS E 1154 2.96 9.57 63.67
CA HIS E 1154 2.11 8.51 64.21
C HIS E 1154 1.54 8.89 65.57
N MET E 1155 2.30 9.63 66.37
CA MET E 1155 1.77 10.14 67.64
C MET E 1155 0.61 11.09 67.39
N THR E 1156 0.71 11.92 66.34
CA THR E 1156 -0.38 12.82 65.99
C THR E 1156 -1.62 12.04 65.59
N MET E 1157 -1.45 10.94 64.85
CA MET E 1157 -2.58 10.10 64.48
C MET E 1157 -3.24 9.45 65.68
N ILE E 1158 -2.50 9.28 66.79
CA ILE E 1158 -3.11 8.81 68.02
C ILE E 1158 -4.01 9.89 68.62
N PHE E 1159 -3.55 11.14 68.60
CA PHE E 1159 -4.39 12.24 69.08
C PHE E 1159 -5.64 12.39 68.22
N GLN E 1160 -5.49 12.28 66.90
CA GLN E 1160 -6.63 12.35 66.00
C GLN E 1160 -7.50 11.11 66.04
N HIS E 1161 -7.01 10.01 66.62
CA HIS E 1161 -7.81 8.80 66.71
C HIS E 1161 -8.99 8.98 67.66
N VAL E 1162 -8.78 9.71 68.76
CA VAL E 1162 -9.86 9.96 69.71
C VAL E 1162 -10.69 11.18 69.35
N CYS E 1163 -10.31 11.93 68.32
CA CYS E 1163 -11.05 13.12 67.90
C CYS E 1163 -12.24 12.74 67.02
N ARG E 1176 -11.12 16.26 50.75
CA ARG E 1176 -10.47 16.12 49.45
C ARG E 1176 -10.88 17.25 48.49
N ASP E 1177 -10.56 18.49 48.87
CA ASP E 1177 -10.87 19.62 48.02
C ASP E 1177 -10.14 19.53 46.68
N TYR E 1178 -8.88 19.12 46.71
CA TYR E 1178 -8.15 18.78 45.50
C TYR E 1178 -7.14 17.70 45.85
N GLY E 1179 -6.55 17.11 44.81
CA GLY E 1179 -5.66 15.98 44.96
C GLY E 1179 -6.24 14.78 44.25
N LEU E 1180 -7.56 14.63 44.37
CA LEU E 1180 -8.30 13.62 43.62
C LEU E 1180 -9.38 14.21 42.73
N LYS E 1181 -10.26 15.04 43.27
CA LYS E 1181 -11.46 15.50 42.59
C LYS E 1181 -11.45 17.02 42.48
N LEU E 1182 -12.51 17.55 41.88
CA LEU E 1182 -12.66 19.00 41.70
C LEU E 1182 -14.15 19.32 41.75
N PHE E 1183 -14.62 19.73 42.93
CA PHE E 1183 -16.04 20.05 43.10
C PHE E 1183 -16.38 21.36 42.40
N ILE E 1184 -17.51 21.37 41.69
CA ILE E 1184 -17.93 22.51 40.90
C ILE E 1184 -19.41 22.77 41.18
N THR E 1185 -19.86 23.97 40.80
CA THR E 1185 -21.24 24.38 40.99
C THR E 1185 -22.11 23.81 39.85
N ASP E 1186 -23.37 24.22 39.81
CA ASP E 1186 -24.28 23.68 38.80
C ASP E 1186 -24.05 24.31 37.42
N ASP E 1187 -23.72 25.60 37.37
CA ASP E 1187 -23.51 26.25 36.09
C ASP E 1187 -22.28 25.72 35.38
N GLU E 1188 -21.19 25.52 36.11
CA GLU E 1188 -19.99 24.92 35.52
C GLU E 1188 -20.28 23.49 35.07
N LEU E 1189 -21.08 22.76 35.86
CA LEU E 1189 -21.45 21.40 35.46
C LEU E 1189 -22.23 21.40 34.16
N LYS E 1190 -23.16 22.35 34.00
CA LYS E 1190 -23.95 22.42 32.77
C LYS E 1190 -23.07 22.83 31.60
N LYS E 1191 -22.12 23.74 31.83
CA LYS E 1191 -21.18 24.11 30.77
C LYS E 1191 -20.35 22.91 30.32
N VAL E 1192 -19.88 22.11 31.27
CA VAL E 1192 -19.12 20.91 30.93
C VAL E 1192 -19.98 19.91 30.18
N HIS E 1193 -21.25 19.76 30.59
CA HIS E 1193 -22.15 18.84 29.89
C HIS E 1193 -22.39 19.28 28.45
N ASP E 1194 -22.60 20.58 28.23
CA ASP E 1194 -22.79 21.07 26.88
C ASP E 1194 -21.52 20.89 26.04
N PHE E 1195 -20.36 21.13 26.64
CA PHE E 1195 -19.10 20.91 25.93
C PHE E 1195 -18.94 19.46 25.53
N GLU E 1196 -19.29 18.53 26.44
CA GLU E 1196 -19.16 17.11 26.13
C GLU E 1196 -20.14 16.67 25.05
N GLU E 1197 -21.36 17.19 25.09
CA GLU E 1197 -22.33 16.87 24.02
C GLU E 1197 -21.83 17.38 22.68
N GLN E 1198 -21.28 18.59 22.64
CA GLN E 1198 -20.72 19.12 21.41
C GLN E 1198 -19.57 18.24 20.92
N CYS E 1199 -18.71 17.79 21.84
CA CYS E 1199 -17.58 16.95 21.46
C CYS E 1199 -18.03 15.62 20.88
N ILE E 1200 -19.01 14.96 21.50
CA ILE E 1200 -19.43 13.66 21.01
C ILE E 1200 -20.16 13.80 19.67
N GLU E 1201 -20.94 14.87 19.50
CA GLU E 1201 -21.60 15.12 18.22
C GLU E 1201 -20.56 15.34 17.11
N GLU E 1202 -19.53 16.15 17.41
CA GLU E 1202 -18.49 16.40 16.41
C GLU E 1202 -17.73 15.13 16.09
N TYR E 1203 -17.49 14.29 17.09
CA TYR E 1203 -16.79 13.02 16.87
C TYR E 1203 -17.57 12.12 15.92
N PHE E 1204 -18.88 11.98 16.16
CA PHE E 1204 -19.67 11.13 15.28
C PHE E 1204 -19.74 11.68 13.87
N ARG E 1205 -19.90 13.01 13.75
CA ARG E 1205 -19.97 13.61 12.42
C ARG E 1205 -18.65 13.43 11.65
N GLU E 1206 -17.52 13.62 12.34
CA GLU E 1206 -16.23 13.42 11.69
C GLU E 1206 -16.02 11.97 11.29
N LYS E 1207 -16.45 11.03 12.15
CA LYS E 1207 -16.33 9.61 11.80
C LYS E 1207 -17.13 9.27 10.57
N ASP E 1208 -18.37 9.77 10.48
CA ASP E 1208 -19.18 9.51 9.29
C ASP E 1208 -18.57 10.14 8.05
N ASP E 1209 -18.04 11.36 8.17
CA ASP E 1209 -17.44 12.02 7.02
C ASP E 1209 -16.21 11.27 6.54
N ARG E 1210 -15.40 10.75 7.48
CA ARG E 1210 -14.24 9.95 7.07
C ARG E 1210 -14.67 8.65 6.41
N PHE E 1211 -15.73 8.01 6.91
CA PHE E 1211 -16.17 6.75 6.33
C PHE E 1211 -16.73 6.95 4.92
N ASN E 1212 -17.49 8.02 4.71
CA ASN E 1212 -18.15 8.22 3.42
C ASN E 1212 -17.20 8.67 2.32
N SER E 1213 -16.00 9.16 2.66
CA SER E 1213 -15.06 9.65 1.66
C SER E 1213 -13.92 8.68 1.42
N SER E 1214 -13.97 7.47 1.98
CA SER E 1214 -12.93 6.49 1.73
C SER E 1214 -13.05 5.96 0.30
N ASN E 1215 -11.93 5.44 -0.20
CA ASN E 1215 -11.91 4.92 -1.56
C ASN E 1215 -12.83 3.70 -1.71
N ASP E 1216 -12.84 2.82 -0.70
CA ASP E 1216 -13.64 1.61 -0.80
C ASP E 1216 -15.14 1.92 -0.89
N GLU E 1217 -15.61 2.85 -0.06
CA GLU E 1217 -17.03 3.21 -0.10
C GLU E 1217 -17.39 3.87 -1.42
N ARG E 1218 -16.52 4.76 -1.93
CA ARG E 1218 -16.79 5.39 -3.22
C ARG E 1218 -16.86 4.36 -4.34
N ILE E 1219 -15.93 3.39 -4.33
CA ILE E 1219 -15.93 2.36 -5.36
C ILE E 1219 -17.18 1.50 -5.27
N ARG E 1220 -17.60 1.14 -4.05
CA ARG E 1220 -18.80 0.32 -3.89
C ARG E 1220 -20.04 1.05 -4.37
N VAL E 1221 -20.19 2.31 -3.97
CA VAL E 1221 -21.37 3.08 -4.38
C VAL E 1221 -21.38 3.30 -5.88
N THR E 1222 -20.21 3.60 -6.47
CA THR E 1222 -20.13 3.77 -7.92
C THR E 1222 -20.50 2.48 -8.65
N SER E 1223 -20.04 1.34 -8.15
CA SER E 1223 -20.36 0.06 -8.79
C SER E 1223 -21.87 -0.22 -8.72
N GLU E 1224 -22.49 0.00 -7.57
CA GLU E 1224 -23.93 -0.23 -7.45
C GLU E 1224 -24.71 0.70 -8.37
N ARG E 1225 -24.35 1.98 -8.40
CA ARG E 1225 -25.06 2.92 -9.26
C ARG E 1225 -24.83 2.61 -10.74
N VAL E 1226 -23.64 2.13 -11.11
CA VAL E 1226 -23.39 1.76 -12.50
C VAL E 1226 -24.22 0.55 -12.89
N GLU E 1227 -24.34 -0.44 -11.99
CA GLU E 1227 -25.18 -1.59 -12.29
C GLU E 1227 -26.64 -1.20 -12.48
N ASN E 1228 -27.16 -0.38 -11.56
CA ASN E 1228 -28.56 0.05 -11.67
C ASN E 1228 -28.77 0.90 -12.93
N MET E 1229 -27.81 1.77 -13.24
CA MET E 1229 -27.91 2.60 -14.43
C MET E 1229 -27.88 1.75 -15.70
N SER E 1230 -27.05 0.70 -15.73
CA SER E 1230 -27.02 -0.18 -16.89
C SER E 1230 -28.33 -0.90 -17.07
N MET E 1231 -28.92 -1.40 -15.97
CA MET E 1231 -30.22 -2.05 -16.07
C MET E 1231 -31.29 -1.07 -16.57
N ARG E 1232 -31.29 0.16 -16.03
CA ARG E 1232 -32.27 1.16 -16.45
C ARG E 1232 -32.10 1.53 -17.92
N LEU E 1233 -30.84 1.66 -18.37
CA LEU E 1233 -30.61 2.03 -19.77
C LEU E 1233 -31.00 0.90 -20.71
N GLU E 1234 -30.78 -0.35 -20.30
CA GLU E 1234 -31.24 -1.46 -21.12
C GLU E 1234 -32.76 -1.48 -21.21
N GLU E 1235 -33.44 -1.21 -20.09
CA GLU E 1235 -34.90 -1.14 -20.11
C GLU E 1235 -35.39 0.01 -21.00
N VAL E 1236 -34.68 1.14 -20.98
CA VAL E 1236 -35.03 2.26 -21.85
C VAL E 1236 -34.85 1.89 -23.31
N ASN E 1237 -33.71 1.27 -23.64
CA ASN E 1237 -33.45 0.86 -25.02
C ASN E 1237 -34.42 -0.23 -25.48
N GLU E 1238 -35.04 -0.95 -24.54
CA GLU E 1238 -36.05 -1.94 -24.92
C GLU E 1238 -37.31 -1.30 -25.51
N ARG E 1239 -37.48 0.02 -25.40
CA ARG E 1239 -38.65 0.70 -25.97
C ARG E 1239 -38.33 1.19 -27.38
N GLU E 1240 -38.30 0.24 -28.31
CA GLU E 1240 -38.12 0.56 -29.73
C GLU E 1240 -39.45 0.74 -30.45
N HIS E 1241 -40.31 1.58 -29.88
CA HIS E 1241 -41.64 1.80 -30.43
C HIS E 1241 -41.60 2.51 -31.78
N SER E 1242 -40.53 3.23 -32.08
CA SER E 1242 -40.40 3.93 -33.35
C SER E 1242 -38.94 4.00 -33.79
N UNK F 1 -41.79 -45.08 18.06
CA UNK F 1 -41.81 -43.87 17.25
C UNK F 1 -43.11 -43.10 17.47
N UNK F 2 -43.00 -41.79 17.68
CA UNK F 2 -44.15 -40.94 17.90
C UNK F 2 -44.92 -40.70 16.61
N UNK F 3 -44.23 -40.87 15.48
CA UNK F 3 -44.84 -40.68 14.17
C UNK F 3 -45.79 -41.82 13.84
N UNK F 4 -45.68 -42.91 14.59
CA UNK F 4 -46.60 -44.03 14.45
C UNK F 4 -47.88 -43.75 15.24
N UNK F 5 -48.60 -42.72 14.81
CA UNK F 5 -49.85 -42.33 15.46
C UNK F 5 -50.84 -41.84 14.41
N UNK F 6 -50.42 -41.92 13.14
CA UNK F 6 -51.27 -41.54 12.03
C UNK F 6 -51.78 -42.78 11.30
N UNK F 7 -52.03 -42.66 10.00
CA UNK F 7 -52.53 -43.78 9.22
C UNK F 7 -52.24 -43.60 7.73
N UNK F 8 -52.63 -44.58 6.93
CA UNK F 8 -52.43 -44.53 5.49
C UNK F 8 -53.70 -44.92 4.75
N UNK F 9 -53.59 -45.26 3.47
CA UNK F 9 -54.75 -45.65 2.67
C UNK F 9 -54.36 -46.55 1.50
N UNK F 10 -54.72 -47.83 1.61
CA UNK F 10 -54.44 -48.79 0.54
C UNK F 10 -55.73 -49.41 0.04
N UNK F 11 -55.79 -49.69 -1.27
CA UNK F 11 -56.98 -50.25 -1.89
C UNK F 11 -57.17 -51.71 -1.50
N UNK F 12 -58.42 -52.17 -1.58
CA UNK F 12 -58.75 -53.56 -1.23
C UNK F 12 -59.36 -54.28 -2.42
N UNK F 13 -60.69 -54.27 -2.50
CA UNK F 13 -61.40 -54.89 -3.61
C UNK F 13 -61.58 -53.90 -4.74
N UNK F 14 -60.90 -54.14 -5.86
CA UNK F 14 -60.94 -53.23 -7.00
C UNK F 14 -61.14 -53.99 -8.31
N UNK F 15 -61.95 -53.42 -9.19
CA UNK F 15 -62.20 -54.04 -10.49
C UNK F 15 -62.62 -52.98 -11.52
N UNK F 16 -61.80 -52.81 -12.55
CA UNK F 16 -62.08 -51.84 -13.60
C UNK F 16 -61.34 -52.21 -14.88
N UNK F 17 -61.98 -51.98 -16.02
CA UNK F 17 -61.43 -52.27 -17.35
C UNK F 17 -60.99 -53.72 -17.48
N ILE G 128 -6.95 -21.90 -76.39
CA ILE G 128 -6.46 -23.28 -76.42
C ILE G 128 -7.62 -24.25 -76.26
N SER G 129 -7.51 -25.41 -76.89
CA SER G 129 -8.51 -26.48 -76.75
C SER G 129 -8.13 -27.46 -75.65
N LYS G 130 -7.82 -26.92 -74.47
CA LYS G 130 -7.36 -27.69 -73.31
C LYS G 130 -6.16 -28.56 -73.67
N HIS G 131 -5.07 -27.89 -74.02
CA HIS G 131 -3.80 -28.55 -74.37
C HIS G 131 -2.77 -28.14 -73.33
N THR G 132 -2.69 -28.91 -72.26
CA THR G 132 -1.81 -28.62 -71.13
C THR G 132 -0.83 -29.77 -70.92
N GLN G 133 0.41 -29.42 -70.64
CA GLN G 133 1.45 -30.41 -70.40
C GLN G 133 1.39 -30.90 -68.96
N LEU G 134 1.50 -32.20 -68.78
CA LEU G 134 1.47 -32.81 -67.44
C LEU G 134 2.89 -32.82 -66.90
N SER G 135 3.17 -31.92 -65.97
CA SER G 135 4.52 -31.78 -65.42
C SER G 135 4.49 -31.85 -63.90
N PRO G 136 5.57 -32.33 -63.28
CA PRO G 136 5.63 -32.37 -61.81
C PRO G 136 5.67 -30.96 -61.22
N THR G 137 5.23 -30.88 -59.97
CA THR G 137 5.18 -29.60 -59.28
C THR G 137 6.59 -29.05 -59.06
N ASP G 138 6.78 -27.77 -59.36
CA ASP G 138 8.08 -27.11 -59.19
C ASP G 138 8.00 -25.96 -58.20
N ALA G 139 6.89 -25.83 -57.47
CA ALA G 139 6.71 -24.68 -56.59
C ALA G 139 5.95 -25.15 -55.35
N PHE G 140 6.68 -25.31 -54.24
CA PHE G 140 6.08 -25.61 -52.94
C PHE G 140 7.12 -25.40 -51.87
N GLY G 141 6.66 -24.93 -50.71
CA GLY G 141 7.56 -24.64 -49.60
C GLY G 141 6.95 -23.70 -48.59
N THR G 142 7.67 -22.63 -48.25
CA THR G 142 7.22 -21.64 -47.30
C THR G 142 7.48 -20.26 -47.87
N ILE G 143 6.54 -19.33 -47.67
CA ILE G 143 6.68 -17.96 -48.13
C ILE G 143 6.62 -17.04 -46.92
N GLU G 144 7.56 -16.09 -46.86
CA GLU G 144 7.55 -15.05 -45.84
C GLU G 144 7.00 -13.77 -46.45
N PHE G 145 6.02 -13.18 -45.78
CA PHE G 145 5.36 -11.98 -46.28
C PHE G 145 6.11 -10.76 -45.80
N GLN G 146 7.03 -10.27 -46.64
CA GLN G 146 7.66 -8.99 -46.41
C GLN G 146 6.67 -7.88 -46.75
N GLY G 147 6.49 -6.94 -45.82
CA GLY G 147 5.41 -5.98 -45.93
C GLY G 147 4.95 -5.48 -44.59
N GLY G 148 3.66 -5.64 -44.29
CA GLY G 148 3.08 -5.18 -43.04
C GLY G 148 3.81 -5.64 -41.80
N GLY G 149 3.58 -4.96 -40.68
CA GLY G 149 4.37 -5.17 -39.48
C GLY G 149 4.11 -6.48 -38.78
N HIS G 150 4.31 -7.59 -39.50
CA HIS G 150 4.14 -8.93 -38.96
C HIS G 150 5.14 -9.85 -39.61
N SER G 151 5.52 -10.90 -38.88
CA SER G 151 6.35 -11.98 -39.40
C SER G 151 5.48 -13.22 -39.44
N ASN G 152 4.75 -13.38 -40.54
CA ASN G 152 3.79 -14.47 -40.69
C ASN G 152 4.23 -15.38 -41.83
N LYS G 153 4.60 -16.61 -41.49
CA LYS G 153 4.93 -17.61 -42.49
C LYS G 153 3.65 -18.19 -43.07
N ALA G 154 3.80 -18.94 -44.17
CA ALA G 154 2.66 -19.56 -44.83
C ALA G 154 3.16 -20.68 -45.70
N MET G 155 2.76 -21.91 -45.40
CA MET G 155 3.08 -23.03 -46.27
C MET G 155 2.25 -22.92 -47.54
N TYR G 156 2.75 -23.53 -48.62
CA TYR G 156 2.04 -23.47 -49.89
C TYR G 156 2.47 -24.66 -50.73
N VAL G 157 1.69 -24.92 -51.79
CA VAL G 157 1.97 -26.01 -52.71
C VAL G 157 1.22 -25.72 -54.01
N ARG G 158 1.76 -26.21 -55.10
CA ARG G 158 1.15 -26.08 -56.43
C ARG G 158 0.69 -27.46 -56.86
N VAL G 159 -0.62 -27.62 -57.06
CA VAL G 159 -1.20 -28.91 -57.44
C VAL G 159 -2.04 -28.71 -58.69
N SER G 160 -2.38 -29.83 -59.33
CA SER G 160 -3.12 -29.79 -60.59
C SER G 160 -4.55 -29.35 -60.35
N PHE G 161 -5.22 -28.98 -61.45
CA PHE G 161 -6.62 -28.60 -61.39
C PHE G 161 -7.52 -29.77 -61.00
N ASP G 162 -7.07 -31.01 -61.19
CA ASP G 162 -7.83 -32.20 -60.88
C ASP G 162 -6.91 -33.16 -60.15
N THR G 163 -6.92 -33.10 -58.82
CA THR G 163 -6.14 -33.99 -57.99
C THR G 163 -7.07 -34.71 -57.01
N LYS G 164 -6.64 -35.88 -56.57
CA LYS G 164 -7.47 -36.68 -55.68
C LYS G 164 -7.49 -36.07 -54.29
N PRO G 165 -8.67 -35.88 -53.69
CA PRO G 165 -8.72 -35.26 -52.35
C PRO G 165 -8.02 -36.06 -51.28
N ASP G 166 -7.82 -37.37 -51.49
CA ASP G 166 -7.04 -38.17 -50.54
C ASP G 166 -5.61 -37.64 -50.44
N LEU G 167 -5.02 -37.30 -51.58
CA LEU G 167 -3.66 -36.74 -51.58
C LEU G 167 -3.62 -35.40 -50.86
N LEU G 168 -4.63 -34.55 -51.09
CA LEU G 168 -4.67 -33.25 -50.42
C LEU G 168 -4.81 -33.42 -48.91
N LEU G 169 -5.66 -34.34 -48.47
CA LEU G 169 -5.82 -34.59 -47.04
C LEU G 169 -4.53 -35.14 -46.44
N HIS G 170 -3.86 -36.04 -47.15
CA HIS G 170 -2.60 -36.59 -46.66
C HIS G 170 -1.53 -35.50 -46.56
N LEU G 171 -1.50 -34.60 -47.54
CA LEU G 171 -0.55 -33.49 -47.50
C LEU G 171 -0.85 -32.56 -46.34
N MET G 172 -2.12 -32.25 -46.10
CA MET G 172 -2.47 -31.34 -45.02
C MET G 172 -2.35 -31.98 -43.65
N THR G 173 -2.30 -33.31 -43.57
CA THR G 173 -2.18 -33.99 -42.28
C THR G 173 -0.74 -34.37 -41.96
N LYS G 174 -0.10 -35.17 -42.80
CA LYS G 174 1.21 -35.72 -42.45
C LYS G 174 2.36 -34.78 -42.75
N GLU G 175 2.20 -33.84 -43.68
CA GLU G 175 3.32 -32.98 -44.08
C GLU G 175 3.27 -31.61 -43.42
N TRP G 176 2.08 -31.01 -43.28
CA TRP G 176 1.94 -29.74 -42.59
C TRP G 176 1.67 -29.91 -41.11
N GLN G 177 1.53 -31.16 -40.63
CA GLN G 177 1.31 -31.47 -39.22
C GLN G 177 0.07 -30.77 -38.68
N LEU G 178 -1.08 -31.13 -39.25
CA LEU G 178 -2.36 -30.56 -38.86
C LEU G 178 -3.33 -31.67 -38.49
N GLU G 179 -4.07 -31.47 -37.40
CA GLU G 179 -5.05 -32.43 -36.94
C GLU G 179 -6.38 -32.22 -37.67
N LEU G 180 -7.22 -33.25 -37.62
CA LEU G 180 -8.53 -33.17 -38.24
C LEU G 180 -9.39 -32.16 -37.52
N PRO G 181 -10.12 -31.29 -38.23
CA PRO G 181 -10.86 -30.23 -37.56
C PRO G 181 -12.15 -30.75 -36.94
N LYS G 182 -12.59 -30.07 -35.89
CA LYS G 182 -13.88 -30.33 -35.26
C LYS G 182 -14.99 -29.49 -35.87
N LEU G 183 -14.67 -28.68 -36.88
CA LEU G 183 -15.60 -27.73 -37.47
C LEU G 183 -14.96 -27.18 -38.74
N LEU G 184 -15.74 -27.07 -39.81
CA LEU G 184 -15.24 -26.55 -41.07
C LEU G 184 -16.10 -25.38 -41.49
N ILE G 185 -15.49 -24.21 -41.64
CA ILE G 185 -16.19 -23.00 -42.05
C ILE G 185 -15.78 -22.68 -43.47
N SER G 186 -16.74 -22.68 -44.39
CA SER G 186 -16.49 -22.33 -45.78
C SER G 186 -17.00 -20.92 -46.03
N VAL G 187 -16.07 -20.01 -46.32
CA VAL G 187 -16.41 -18.61 -46.54
C VAL G 187 -16.53 -18.37 -48.04
N HIS G 188 -17.68 -17.84 -48.45
CA HIS G 188 -17.92 -17.45 -49.83
C HIS G 188 -18.34 -16.00 -49.88
N GLY G 189 -18.03 -15.34 -50.98
CA GLY G 189 -18.34 -13.92 -51.08
C GLY G 189 -18.01 -13.38 -52.45
N GLY G 190 -18.05 -12.06 -52.56
CA GLY G 190 -17.78 -11.42 -53.82
C GLY G 190 -16.29 -11.25 -54.09
N LEU G 191 -15.94 -11.41 -55.37
CA LEU G 191 -14.54 -11.25 -55.77
C LEU G 191 -14.15 -9.78 -55.87
N GLN G 192 -15.07 -8.92 -56.31
CA GLN G 192 -14.76 -7.51 -56.42
C GLN G 192 -14.63 -6.88 -55.04
N ASN G 193 -13.71 -5.93 -54.91
CA ASN G 193 -13.47 -5.29 -53.63
C ASN G 193 -14.65 -4.41 -53.26
N PHE G 194 -15.14 -4.58 -52.04
CA PHE G 194 -16.20 -3.75 -51.50
C PHE G 194 -15.79 -3.23 -50.12
N GLU G 195 -16.73 -2.62 -49.40
CA GLU G 195 -16.45 -2.14 -48.06
C GLU G 195 -17.68 -2.35 -47.18
N LEU G 196 -17.44 -2.62 -45.90
CA LEU G 196 -18.49 -2.79 -44.92
C LEU G 196 -18.42 -1.65 -43.91
N GLN G 197 -19.58 -1.16 -43.51
CA GLN G 197 -19.64 -0.05 -42.57
C GLN G 197 -19.11 -0.48 -41.21
N PRO G 198 -18.57 0.46 -40.43
CA PRO G 198 -18.11 0.11 -39.08
C PRO G 198 -19.26 -0.31 -38.19
N LYS G 199 -18.91 -0.96 -37.07
CA LYS G 199 -19.82 -1.61 -36.14
C LYS G 199 -20.59 -2.76 -36.78
N LEU G 200 -20.24 -3.14 -37.99
CA LEU G 200 -20.74 -4.36 -38.63
C LEU G 200 -19.63 -5.33 -38.96
N LYS G 201 -18.50 -4.83 -39.47
CA LYS G 201 -17.36 -5.72 -39.69
C LYS G 201 -16.67 -6.08 -38.39
N GLN G 202 -16.79 -5.25 -37.35
CA GLN G 202 -16.20 -5.59 -36.07
C GLN G 202 -17.05 -6.56 -35.26
N VAL G 203 -18.32 -6.73 -35.63
CA VAL G 203 -19.15 -7.77 -35.04
C VAL G 203 -19.23 -9.01 -35.92
N PHE G 204 -18.58 -8.99 -37.08
CA PHE G 204 -18.46 -10.13 -37.96
C PHE G 204 -17.09 -10.80 -37.85
N GLY G 205 -16.02 -10.01 -37.96
CA GLY G 205 -14.69 -10.58 -37.85
C GLY G 205 -14.39 -11.15 -36.48
N LYS G 206 -14.77 -10.42 -35.43
CA LYS G 206 -14.54 -10.93 -34.07
C LYS G 206 -15.37 -12.18 -33.80
N GLY G 207 -16.61 -12.21 -34.29
CA GLY G 207 -17.42 -13.40 -34.13
C GLY G 207 -16.83 -14.60 -34.86
N LEU G 208 -16.37 -14.40 -36.10
CA LEU G 208 -15.75 -15.49 -36.84
C LEU G 208 -14.47 -15.96 -36.15
N ILE G 209 -13.67 -15.03 -35.63
CA ILE G 209 -12.44 -15.38 -34.95
C ILE G 209 -12.73 -16.19 -33.69
N LYS G 210 -13.71 -15.75 -32.90
CA LYS G 210 -14.07 -16.50 -31.70
C LYS G 210 -14.59 -17.89 -32.03
N ALA G 211 -15.43 -18.00 -33.06
CA ALA G 211 -15.98 -19.29 -33.44
C ALA G 211 -14.92 -20.24 -33.97
N ALA G 212 -13.90 -19.70 -34.65
CA ALA G 212 -12.85 -20.54 -35.19
C ALA G 212 -11.67 -20.74 -34.24
N MET G 213 -11.63 -20.02 -33.13
CA MET G 213 -10.58 -20.18 -32.14
C MET G 213 -11.00 -21.03 -30.95
N THR G 214 -12.25 -20.90 -30.50
CA THR G 214 -12.73 -21.75 -29.42
C THR G 214 -12.85 -23.21 -29.83
N THR G 215 -12.82 -23.50 -31.14
CA THR G 215 -12.87 -24.85 -31.66
C THR G 215 -11.82 -24.99 -32.75
N GLY G 216 -11.27 -26.19 -32.90
CA GLY G 216 -10.33 -26.42 -33.97
C GLY G 216 -11.03 -26.39 -35.31
N ALA G 217 -10.83 -25.31 -36.07
CA ALA G 217 -11.61 -25.04 -37.27
C ALA G 217 -10.71 -24.67 -38.42
N TRP G 218 -11.13 -25.05 -39.63
CA TRP G 218 -10.41 -24.73 -40.86
C TRP G 218 -11.21 -23.71 -41.66
N ILE G 219 -10.74 -22.46 -41.67
CA ILE G 219 -11.44 -21.38 -42.37
C ILE G 219 -11.02 -21.48 -43.84
N PHE G 220 -11.79 -22.23 -44.62
CA PHE G 220 -11.55 -22.27 -46.06
C PHE G 220 -11.91 -20.92 -46.68
N THR G 221 -11.01 -20.37 -47.48
CA THR G 221 -11.22 -19.06 -48.09
C THR G 221 -10.72 -19.08 -49.52
N GLY G 222 -10.99 -17.98 -50.22
CA GLY G 222 -10.53 -17.85 -51.59
C GLY G 222 -9.02 -17.72 -51.71
N GLY G 223 -8.40 -16.98 -50.80
CA GLY G 223 -6.95 -16.90 -50.76
C GLY G 223 -6.35 -15.63 -51.31
N VAL G 224 -6.85 -15.16 -52.46
CA VAL G 224 -6.31 -13.96 -53.09
C VAL G 224 -6.93 -12.74 -52.42
N ASN G 225 -6.11 -11.71 -52.18
CA ASN G 225 -6.50 -10.57 -51.36
C ASN G 225 -7.43 -9.66 -52.15
N THR G 226 -8.72 -10.04 -52.16
CA THR G 226 -9.74 -9.22 -52.79
C THR G 226 -11.10 -9.64 -52.25
N GLY G 227 -11.98 -8.67 -52.06
CA GLY G 227 -13.35 -8.98 -51.67
C GLY G 227 -13.43 -9.33 -50.21
N VAL G 228 -14.14 -10.43 -49.91
CA VAL G 228 -14.31 -10.87 -48.53
C VAL G 228 -13.01 -11.37 -47.95
N ILE G 229 -12.05 -11.76 -48.79
CA ILE G 229 -10.79 -12.29 -48.30
C ILE G 229 -10.02 -11.20 -47.57
N ARG G 230 -10.11 -9.96 -48.04
CA ARG G 230 -9.49 -8.84 -47.34
C ARG G 230 -10.12 -8.64 -45.97
N HIS G 231 -11.44 -8.80 -45.88
CA HIS G 231 -12.11 -8.67 -44.59
C HIS G 231 -11.67 -9.77 -43.62
N VAL G 232 -11.55 -11.00 -44.11
CA VAL G 232 -11.04 -12.08 -43.27
C VAL G 232 -9.61 -11.79 -42.85
N GLY G 233 -8.80 -11.25 -43.76
CA GLY G 233 -7.42 -10.94 -43.42
C GLY G 233 -7.30 -9.89 -42.33
N ASP G 234 -8.08 -8.81 -42.45
CA ASP G 234 -7.99 -7.78 -41.41
C ASP G 234 -8.63 -8.25 -40.11
N ALA G 235 -9.63 -9.14 -40.19
CA ALA G 235 -10.17 -9.74 -38.98
C ALA G 235 -9.12 -10.57 -38.26
N LEU G 236 -8.32 -11.33 -39.01
CA LEU G 236 -7.23 -12.09 -38.40
C LEU G 236 -6.13 -11.16 -37.89
N LYS G 237 -5.89 -10.04 -38.57
CA LYS G 237 -4.90 -9.09 -38.10
C LYS G 237 -5.31 -8.47 -36.77
N ASP G 238 -6.61 -8.19 -36.60
CA ASP G 238 -7.09 -7.66 -35.32
C ASP G 238 -6.90 -8.67 -34.20
N HIS G 239 -7.15 -9.95 -34.48
CA HIS G 239 -7.00 -10.98 -33.45
C HIS G 239 -5.54 -11.25 -33.14
N ALA G 240 -4.68 -11.21 -34.16
CA ALA G 240 -3.28 -11.61 -33.98
C ALA G 240 -2.51 -10.68 -33.07
N SER G 241 -2.97 -9.44 -32.88
CA SER G 241 -2.28 -8.48 -32.04
C SER G 241 -2.84 -8.43 -30.62
N LYS G 242 -3.86 -9.24 -30.30
CA LYS G 242 -4.50 -9.16 -29.00
C LYS G 242 -4.68 -10.51 -28.32
N SER G 243 -4.17 -11.60 -28.89
CA SER G 243 -4.40 -12.91 -28.31
C SER G 243 -3.31 -13.87 -28.73
N ARG G 244 -3.21 -14.98 -27.99
CA ARG G 244 -2.27 -16.04 -28.29
C ARG G 244 -2.83 -16.93 -29.40
N GLY G 245 -2.09 -17.99 -29.72
CA GLY G 245 -2.57 -19.01 -30.62
C GLY G 245 -2.61 -18.59 -32.07
N LYS G 246 -2.90 -19.53 -32.96
CA LYS G 246 -3.02 -19.26 -34.39
C LYS G 246 -4.32 -19.86 -34.91
N ILE G 247 -4.92 -19.18 -35.89
CA ILE G 247 -6.15 -19.62 -36.52
C ILE G 247 -5.77 -20.31 -37.82
N CYS G 248 -6.17 -21.57 -37.96
CA CYS G 248 -5.80 -22.36 -39.14
C CYS G 248 -6.68 -21.94 -40.32
N THR G 249 -6.20 -20.95 -41.07
CA THR G 249 -6.89 -20.45 -42.24
C THR G 249 -6.25 -21.04 -43.48
N ILE G 250 -7.03 -21.72 -44.30
CA ILE G 250 -6.54 -22.38 -45.50
C ILE G 250 -7.10 -21.65 -46.71
N GLY G 251 -6.22 -21.14 -47.56
CA GLY G 251 -6.64 -20.42 -48.74
C GLY G 251 -6.43 -21.18 -50.02
N ILE G 252 -7.52 -21.62 -50.66
CA ILE G 252 -7.46 -22.36 -51.91
C ILE G 252 -7.64 -21.36 -53.04
N ALA G 253 -6.52 -20.96 -53.67
CA ALA G 253 -6.53 -19.93 -54.69
C ALA G 253 -5.99 -20.49 -56.01
N PRO G 254 -6.52 -20.03 -57.13
CA PRO G 254 -5.97 -20.44 -58.43
C PRO G 254 -4.58 -19.86 -58.65
N TRP G 255 -3.71 -20.68 -59.26
CA TRP G 255 -2.32 -20.29 -59.47
C TRP G 255 -2.19 -19.17 -60.50
N GLY G 256 -3.17 -18.98 -61.37
CA GLY G 256 -3.03 -18.05 -62.46
C GLY G 256 -3.31 -16.59 -62.16
N ILE G 257 -3.58 -16.23 -60.90
CA ILE G 257 -3.93 -14.85 -60.57
C ILE G 257 -2.90 -14.17 -59.68
N VAL G 258 -1.89 -14.90 -59.21
CA VAL G 258 -0.87 -14.28 -58.37
C VAL G 258 -0.07 -13.28 -59.18
N GLU G 259 0.12 -12.08 -58.64
CA GLU G 259 0.79 -11.03 -59.39
C GLU G 259 2.29 -11.27 -59.52
N ASN G 260 2.86 -12.15 -58.70
CA ASN G 260 4.26 -12.52 -58.78
C ASN G 260 4.34 -14.04 -58.80
N GLN G 261 4.23 -14.62 -60.00
CA GLN G 261 4.47 -16.05 -60.15
C GLN G 261 5.91 -16.38 -59.79
N GLU G 262 6.84 -15.54 -60.24
CA GLU G 262 8.22 -15.62 -59.76
C GLU G 262 8.26 -15.27 -58.28
N ASP G 263 9.40 -15.60 -57.65
CA ASP G 263 9.64 -15.62 -56.21
C ASP G 263 8.85 -16.72 -55.52
N LEU G 264 8.02 -17.47 -56.26
CA LEU G 264 7.36 -18.66 -55.76
C LEU G 264 7.78 -19.93 -56.49
N ILE G 265 8.43 -19.80 -57.65
CA ILE G 265 8.92 -20.96 -58.39
C ILE G 265 10.04 -21.68 -57.65
N GLY G 266 10.58 -21.08 -56.60
CA GLY G 266 11.55 -21.79 -55.78
C GLY G 266 10.97 -23.05 -55.17
N ARG G 267 11.83 -24.04 -55.00
CA ARG G 267 11.43 -25.38 -54.63
C ARG G 267 11.98 -25.71 -53.25
N ASP G 268 11.11 -26.23 -52.38
CA ASP G 268 11.44 -26.85 -51.09
C ASP G 268 12.07 -25.90 -50.07
N VAL G 269 12.22 -24.61 -50.40
CA VAL G 269 12.94 -23.69 -49.54
C VAL G 269 12.11 -22.43 -49.32
N VAL G 270 12.45 -21.70 -48.26
CA VAL G 270 11.75 -20.47 -47.92
C VAL G 270 11.97 -19.45 -49.02
N ARG G 271 10.88 -18.87 -49.51
CA ARG G 271 10.92 -17.91 -50.60
C ARG G 271 10.29 -16.60 -50.16
N PRO G 272 11.02 -15.48 -50.13
CA PRO G 272 10.42 -14.22 -49.71
C PRO G 272 9.36 -13.74 -50.70
N TYR G 273 8.38 -13.02 -50.17
CA TYR G 273 7.25 -12.54 -50.96
C TYR G 273 6.85 -11.15 -50.49
N GLN G 274 6.61 -10.25 -51.43
CA GLN G 274 6.26 -8.88 -51.12
C GLN G 274 4.76 -8.68 -51.25
N THR G 275 4.17 -8.02 -50.25
CA THR G 275 2.74 -7.73 -50.24
C THR G 275 2.41 -6.36 -50.81
N MET G 276 3.36 -5.69 -51.44
CA MET G 276 3.08 -4.44 -52.12
C MET G 276 2.12 -4.68 -53.28
N SER G 277 1.11 -3.84 -53.40
CA SER G 277 0.09 -3.97 -54.43
C SER G 277 0.35 -2.97 -55.55
N ASN G 278 0.49 -3.47 -56.78
CA ASN G 278 0.69 -2.62 -57.94
C ASN G 278 -0.65 -2.37 -58.60
N PRO G 279 -1.12 -1.11 -58.69
CA PRO G 279 -2.47 -0.87 -59.25
C PRO G 279 -2.65 -1.31 -60.69
N MET G 280 -1.60 -1.20 -61.51
CA MET G 280 -1.70 -1.48 -62.94
C MET G 280 -1.06 -2.81 -63.33
N SER G 281 -1.21 -3.84 -62.49
CA SER G 281 -0.63 -5.15 -62.78
C SER G 281 -1.64 -6.10 -63.41
N LYS G 282 -2.93 -5.80 -63.35
CA LYS G 282 -4.00 -6.63 -63.91
C LYS G 282 -4.02 -8.03 -63.30
N LEU G 283 -3.49 -8.17 -62.09
CA LEU G 283 -3.51 -9.41 -61.34
C LEU G 283 -3.78 -9.06 -59.88
N THR G 284 -3.52 -10.02 -58.98
CA THR G 284 -3.69 -9.79 -57.56
C THR G 284 -2.60 -10.53 -56.80
N VAL G 285 -2.50 -10.23 -55.51
CA VAL G 285 -1.44 -10.77 -54.65
C VAL G 285 -2.07 -11.75 -53.66
N LEU G 286 -1.25 -12.69 -53.20
CA LEU G 286 -1.71 -13.61 -52.16
C LEU G 286 -1.93 -12.86 -50.86
N ASN G 287 -3.09 -13.07 -50.24
CA ASN G 287 -3.37 -12.44 -48.96
C ASN G 287 -2.48 -13.04 -47.88
N SER G 288 -1.94 -12.18 -47.03
CA SER G 288 -1.14 -12.64 -45.91
C SER G 288 -2.07 -13.11 -44.80
N MET G 289 -1.50 -13.39 -43.63
CA MET G 289 -2.26 -13.87 -42.47
C MET G 289 -3.03 -15.16 -42.78
N HIS G 290 -2.51 -15.97 -43.70
CA HIS G 290 -3.08 -17.28 -43.99
C HIS G 290 -2.05 -18.33 -43.62
N SER G 291 -2.47 -19.35 -42.88
CA SER G 291 -1.52 -20.34 -42.41
C SER G 291 -1.06 -21.28 -43.52
N HIS G 292 -1.94 -21.60 -44.48
CA HIS G 292 -1.59 -22.54 -45.53
C HIS G 292 -2.26 -22.13 -46.83
N PHE G 293 -1.71 -22.62 -47.93
CA PHE G 293 -2.22 -22.34 -49.26
C PHE G 293 -2.22 -23.61 -50.10
N ILE G 294 -3.20 -23.70 -51.00
CA ILE G 294 -3.27 -24.77 -51.99
C ILE G 294 -3.54 -24.11 -53.33
N LEU G 295 -2.53 -24.07 -54.19
CA LEU G 295 -2.62 -23.38 -55.47
C LEU G 295 -2.90 -24.40 -56.57
N ALA G 296 -3.99 -24.18 -57.31
CA ALA G 296 -4.41 -25.07 -58.37
C ALA G 296 -4.30 -24.34 -59.71
N ASP G 297 -3.71 -25.00 -60.70
CA ASP G 297 -3.56 -24.44 -62.03
C ASP G 297 -4.10 -25.41 -63.07
N ASN G 298 -4.72 -24.85 -64.11
CA ASN G 298 -5.20 -25.63 -65.24
C ASN G 298 -4.48 -25.27 -66.53
N GLY G 299 -3.32 -24.63 -66.42
CA GLY G 299 -2.56 -24.23 -67.58
C GLY G 299 -2.71 -22.76 -67.91
N THR G 300 -3.94 -22.25 -67.81
CA THR G 300 -4.22 -20.87 -68.13
C THR G 300 -3.74 -19.94 -67.03
N THR G 301 -3.54 -18.67 -67.38
CA THR G 301 -3.12 -17.64 -66.45
C THR G 301 -4.00 -16.41 -66.62
N GLY G 302 -4.36 -15.76 -65.52
CA GLY G 302 -5.08 -14.52 -65.56
C GLY G 302 -6.58 -14.61 -65.43
N LYS G 303 -7.13 -15.79 -65.16
CA LYS G 303 -8.57 -15.94 -65.01
C LYS G 303 -8.88 -17.04 -64.01
N TYR G 304 -10.04 -16.94 -63.38
CA TYR G 304 -10.45 -17.87 -62.34
C TYR G 304 -10.98 -19.17 -62.95
N GLY G 305 -11.57 -20.02 -62.12
CA GLY G 305 -12.21 -21.24 -62.58
C GLY G 305 -11.41 -22.51 -62.40
N ALA G 306 -10.24 -22.43 -61.76
CA ALA G 306 -9.40 -23.61 -61.57
C ALA G 306 -9.41 -24.12 -60.14
N GLU G 307 -10.30 -23.61 -59.29
CA GLU G 307 -10.32 -23.99 -57.88
C GLU G 307 -11.69 -24.33 -57.33
N VAL G 308 -12.77 -24.00 -58.03
CA VAL G 308 -14.12 -24.24 -57.51
C VAL G 308 -14.37 -25.74 -57.35
N LYS G 309 -14.04 -26.52 -58.38
CA LYS G 309 -14.25 -27.96 -58.32
C LYS G 309 -13.36 -28.59 -57.25
N LEU G 310 -12.10 -28.17 -57.18
CA LEU G 310 -11.18 -28.72 -56.18
C LEU G 310 -11.65 -28.40 -54.77
N ARG G 311 -12.07 -27.16 -54.53
CA ARG G 311 -12.54 -26.76 -53.20
C ARG G 311 -13.80 -27.52 -52.81
N ARG G 312 -14.76 -27.64 -53.75
CA ARG G 312 -15.99 -28.36 -53.45
C ARG G 312 -15.73 -29.83 -53.16
N GLN G 313 -14.87 -30.47 -53.96
CA GLN G 313 -14.57 -31.88 -53.73
C GLN G 313 -13.80 -32.09 -52.44
N LEU G 314 -12.91 -31.16 -52.09
CA LEU G 314 -12.20 -31.27 -50.83
C LEU G 314 -13.14 -31.13 -49.64
N GLU G 315 -14.10 -30.20 -49.72
CA GLU G 315 -15.08 -30.07 -48.65
C GLU G 315 -15.95 -31.33 -48.55
N LYS G 316 -16.35 -31.89 -49.70
CA LYS G 316 -17.15 -33.11 -49.68
C LYS G 316 -16.37 -34.28 -49.07
N HIS G 317 -15.09 -34.39 -49.41
CA HIS G 317 -14.30 -35.52 -48.91
C HIS G 317 -13.93 -35.34 -47.44
N ILE G 318 -13.80 -34.10 -46.97
CA ILE G 318 -13.50 -33.90 -45.57
C ILE G 318 -14.75 -33.95 -44.70
N SER G 319 -15.93 -33.73 -45.28
CA SER G 319 -17.16 -33.81 -44.51
C SER G 319 -17.48 -35.24 -44.11
N LEU G 320 -16.97 -36.22 -44.85
CA LEU G 320 -17.19 -37.62 -44.54
C LEU G 320 -16.18 -38.20 -43.56
N GLN G 321 -15.12 -37.45 -43.24
CA GLN G 321 -14.09 -37.96 -42.35
C GLN G 321 -14.62 -38.06 -40.93
N LYS G 322 -14.33 -39.20 -40.27
CA LYS G 322 -14.88 -39.45 -38.95
C LYS G 322 -14.18 -38.60 -37.90
N ILE G 323 -14.97 -37.95 -37.06
CA ILE G 323 -14.45 -37.17 -35.95
C ILE G 323 -14.03 -38.13 -34.85
N ASN G 324 -13.32 -37.64 -33.84
CA ASN G 324 -12.78 -38.52 -32.79
C ASN G 324 -13.87 -39.24 -32.01
N THR G 325 -15.08 -38.68 -31.95
CA THR G 325 -16.18 -39.39 -31.31
C THR G 325 -16.61 -40.57 -32.17
N ARG G 326 -16.98 -41.67 -31.51
CA ARG G 326 -17.25 -42.92 -32.19
C ARG G 326 -18.73 -43.14 -32.48
N ILE G 327 -19.52 -42.07 -32.49
CA ILE G 327 -20.93 -42.20 -32.82
C ILE G 327 -21.09 -42.60 -34.30
N GLY G 328 -20.33 -41.97 -35.17
CA GLY G 328 -20.38 -42.31 -36.58
C GLY G 328 -20.63 -41.11 -37.47
N GLN G 329 -20.55 -39.91 -36.90
CA GLN G 329 -20.78 -38.69 -37.65
C GLN G 329 -19.48 -38.13 -38.21
N GLY G 330 -19.58 -37.53 -39.39
CA GLY G 330 -18.47 -36.80 -39.95
C GLY G 330 -18.34 -35.43 -39.31
N VAL G 331 -17.28 -34.72 -39.69
CA VAL G 331 -17.11 -33.37 -39.15
C VAL G 331 -18.21 -32.46 -39.69
N PRO G 332 -18.72 -31.53 -38.91
CA PRO G 332 -19.80 -30.67 -39.41
C PRO G 332 -19.27 -29.47 -40.17
N VAL G 333 -19.72 -29.29 -41.40
CA VAL G 333 -19.31 -28.16 -42.23
C VAL G 333 -20.43 -27.13 -42.23
N VAL G 334 -20.06 -25.88 -42.47
CA VAL G 334 -21.02 -24.78 -42.55
C VAL G 334 -20.53 -23.81 -43.61
N ALA G 335 -21.43 -22.98 -44.10
CA ALA G 335 -21.11 -21.98 -45.10
C ALA G 335 -21.44 -20.59 -44.58
N LEU G 336 -20.61 -19.62 -44.94
CA LEU G 336 -20.80 -18.24 -44.54
C LEU G 336 -20.80 -17.37 -45.79
N ILE G 337 -21.78 -16.47 -45.89
CA ILE G 337 -21.98 -15.67 -47.09
C ILE G 337 -21.93 -14.20 -46.72
N VAL G 338 -21.03 -13.45 -47.36
CA VAL G 338 -20.93 -12.00 -47.23
C VAL G 338 -20.85 -11.41 -48.62
N GLU G 339 -21.70 -10.43 -48.90
CA GLU G 339 -21.80 -9.78 -50.22
C GLU G 339 -22.17 -10.88 -51.23
N GLY G 340 -21.59 -10.89 -52.43
CA GLY G 340 -21.81 -11.96 -53.37
C GLY G 340 -22.15 -11.44 -54.75
N GLY G 341 -22.66 -12.33 -55.59
CA GLY G 341 -23.06 -11.99 -56.93
C GLY G 341 -24.05 -12.98 -57.50
N PRO G 342 -24.10 -13.09 -58.82
CA PRO G 342 -24.98 -14.10 -59.43
C PRO G 342 -24.54 -15.53 -59.19
N ASN G 343 -23.28 -15.76 -58.80
CA ASN G 343 -22.78 -17.12 -58.59
C ASN G 343 -22.95 -17.59 -57.15
N VAL G 344 -23.04 -16.67 -56.18
CA VAL G 344 -23.20 -17.08 -54.80
C VAL G 344 -24.55 -17.74 -54.58
N ILE G 345 -25.58 -17.32 -55.33
CA ILE G 345 -26.87 -17.99 -55.26
C ILE G 345 -26.75 -19.43 -55.76
N SER G 346 -26.00 -19.63 -56.85
CA SER G 346 -25.82 -20.97 -57.38
C SER G 346 -25.06 -21.86 -56.40
N ILE G 347 -24.00 -21.35 -55.78
CA ILE G 347 -23.26 -22.20 -54.85
C ILE G 347 -24.04 -22.45 -53.57
N VAL G 348 -24.88 -21.49 -53.15
CA VAL G 348 -25.77 -21.74 -52.01
C VAL G 348 -26.78 -22.82 -52.36
N LEU G 349 -27.33 -22.78 -53.58
CA LEU G 349 -28.24 -23.82 -54.02
C LEU G 349 -27.56 -25.18 -54.05
N GLU G 350 -26.30 -25.21 -54.49
CA GLU G 350 -25.55 -26.46 -54.47
C GLU G 350 -25.32 -26.95 -53.05
N TYR G 351 -25.06 -26.05 -52.12
CA TYR G 351 -24.87 -26.43 -50.72
C TYR G 351 -26.14 -27.00 -50.12
N LEU G 352 -27.28 -26.37 -50.38
CA LEU G 352 -28.54 -26.81 -49.78
C LEU G 352 -29.05 -28.12 -50.37
N ARG G 353 -28.55 -28.55 -51.53
CA ARG G 353 -29.05 -29.73 -52.20
C ARG G 353 -28.11 -30.93 -52.09
N ASP G 354 -27.01 -30.80 -51.35
CA ASP G 354 -26.11 -31.93 -51.18
C ASP G 354 -26.78 -33.05 -50.40
N THR G 355 -26.27 -34.27 -50.58
CA THR G 355 -26.88 -35.42 -49.92
C THR G 355 -26.89 -35.29 -48.40
N PRO G 356 -25.85 -34.82 -47.73
CA PRO G 356 -26.06 -34.18 -46.44
C PRO G 356 -26.28 -32.69 -46.62
N PRO G 357 -27.40 -32.16 -46.14
CA PRO G 357 -27.63 -30.71 -46.26
C PRO G 357 -26.60 -29.93 -45.46
N VAL G 358 -26.19 -28.79 -46.01
CA VAL G 358 -25.17 -27.95 -45.39
C VAL G 358 -25.77 -26.60 -45.04
N PRO G 359 -25.94 -26.27 -43.77
CA PRO G 359 -26.54 -24.99 -43.41
C PRO G 359 -25.64 -23.83 -43.81
N VAL G 360 -26.26 -22.71 -44.16
CA VAL G 360 -25.53 -21.52 -44.55
C VAL G 360 -25.92 -20.38 -43.64
N VAL G 361 -25.02 -19.41 -43.52
CA VAL G 361 -25.24 -18.21 -42.71
C VAL G 361 -24.99 -17.00 -43.60
N VAL G 362 -25.95 -16.08 -43.65
CA VAL G 362 -25.85 -14.90 -44.48
C VAL G 362 -25.86 -13.67 -43.59
N CYS G 363 -25.47 -12.53 -44.18
CA CYS G 363 -25.41 -11.27 -43.47
C CYS G 363 -26.31 -10.25 -44.17
N ASP G 364 -26.93 -9.39 -43.37
CA ASP G 364 -27.91 -8.44 -43.90
C ASP G 364 -27.30 -7.13 -44.36
N GLY G 365 -26.22 -6.67 -43.73
CA GLY G 365 -25.66 -5.38 -44.02
C GLY G 365 -24.74 -5.31 -45.21
N SER G 366 -24.55 -6.41 -45.93
CA SER G 366 -23.66 -6.41 -47.09
C SER G 366 -24.24 -5.59 -48.24
N GLY G 367 -25.53 -5.80 -48.55
CA GLY G 367 -26.23 -5.06 -49.57
C GLY G 367 -26.32 -5.76 -50.91
N ARG G 368 -25.46 -6.74 -51.16
CA ARG G 368 -25.46 -7.47 -52.41
C ARG G 368 -26.36 -8.71 -52.28
N ALA G 369 -26.19 -9.68 -53.17
CA ALA G 369 -27.04 -10.87 -53.24
C ALA G 369 -27.25 -11.57 -51.90
N SER G 370 -26.35 -11.38 -50.93
CA SER G 370 -26.64 -11.84 -49.58
C SER G 370 -27.84 -11.11 -49.01
N ASP G 371 -27.90 -9.78 -49.21
CA ASP G 371 -29.08 -9.03 -48.79
C ASP G 371 -30.30 -9.41 -49.61
N ILE G 372 -30.11 -9.86 -50.84
CA ILE G 372 -31.22 -10.42 -51.61
C ILE G 372 -31.77 -11.67 -50.94
N LEU G 373 -30.87 -12.54 -50.45
CA LEU G 373 -31.30 -13.71 -49.71
C LEU G 373 -31.98 -13.33 -48.40
N ALA G 374 -31.49 -12.27 -47.75
CA ALA G 374 -32.13 -11.80 -46.52
C ALA G 374 -33.54 -11.28 -46.80
N PHE G 375 -33.71 -10.53 -47.90
CA PHE G 375 -35.02 -10.04 -48.29
C PHE G 375 -35.96 -11.19 -48.65
N GLY G 376 -35.43 -12.20 -49.33
CA GLY G 376 -36.24 -13.36 -49.68
C GLY G 376 -36.58 -14.24 -48.49
N HIS G 377 -35.76 -14.22 -47.44
CA HIS G 377 -36.07 -14.99 -46.23
C HIS G 377 -37.35 -14.49 -45.59
N LYS G 378 -37.50 -13.18 -45.47
CA LYS G 378 -38.78 -12.57 -45.14
C LYS G 378 -39.73 -12.72 -46.34
N TYR G 379 -41.03 -12.63 -46.06
CA TYR G 379 -42.08 -12.85 -47.07
C TYR G 379 -41.96 -14.27 -47.63
N SER G 380 -42.20 -15.23 -46.75
CA SER G 380 -42.12 -16.65 -47.10
C SER G 380 -43.34 -17.06 -47.91
N GLU G 381 -43.44 -18.35 -48.20
CA GLU G 381 -44.54 -18.87 -49.01
C GLU G 381 -44.85 -20.31 -48.64
N VAL G 396 -45.24 -9.81 -55.19
CA VAL G 396 -43.99 -9.08 -55.04
C VAL G 396 -42.92 -9.74 -55.90
N THR G 397 -43.26 -10.00 -57.17
CA THR G 397 -42.33 -10.57 -58.12
C THR G 397 -41.76 -9.55 -59.09
N ILE G 398 -42.38 -8.38 -59.21
CA ILE G 398 -41.87 -7.32 -60.09
C ILE G 398 -40.70 -6.56 -59.48
N GLN G 399 -40.29 -6.92 -58.27
CA GLN G 399 -39.16 -6.26 -57.61
C GLN G 399 -37.81 -6.79 -58.07
N LYS G 400 -37.79 -7.69 -59.05
CA LYS G 400 -36.53 -8.23 -59.55
C LYS G 400 -35.72 -7.22 -60.35
N THR G 401 -36.29 -6.05 -60.65
CA THR G 401 -35.58 -5.00 -61.38
C THR G 401 -34.68 -4.21 -60.42
N PHE G 402 -33.74 -4.93 -59.81
CA PHE G 402 -32.75 -4.33 -58.92
C PHE G 402 -31.50 -3.86 -59.66
N THR G 403 -31.39 -4.14 -60.95
CA THR G 403 -30.33 -3.69 -61.85
C THR G 403 -28.94 -4.17 -61.46
N TYR G 404 -28.83 -5.15 -60.57
CA TYR G 404 -27.52 -5.63 -60.16
C TYR G 404 -26.86 -6.44 -61.28
N THR G 405 -27.60 -7.35 -61.89
CA THR G 405 -27.11 -8.15 -63.01
C THR G 405 -28.26 -8.46 -63.95
N ARG G 406 -28.18 -7.94 -65.18
CA ARG G 406 -29.24 -8.10 -66.19
C ARG G 406 -30.57 -7.61 -65.64
N THR G 407 -30.69 -6.28 -65.52
CA THR G 407 -31.76 -5.57 -64.83
C THR G 407 -33.15 -6.18 -64.99
N GLN G 408 -33.53 -6.54 -66.22
CA GLN G 408 -34.83 -7.13 -66.48
C GLN G 408 -34.67 -8.39 -67.33
N ALA G 409 -35.64 -9.30 -67.17
CA ALA G 409 -35.68 -10.58 -67.88
C ALA G 409 -34.45 -11.44 -67.61
N GLN G 410 -34.04 -11.53 -66.35
CA GLN G 410 -32.92 -12.37 -65.94
C GLN G 410 -33.46 -13.61 -65.23
N HIS G 411 -32.80 -14.75 -65.46
CA HIS G 411 -33.25 -16.01 -64.89
C HIS G 411 -32.48 -16.36 -63.62
N LEU G 412 -32.63 -15.51 -62.60
CA LEU G 412 -32.18 -15.84 -61.25
C LEU G 412 -33.31 -16.20 -60.32
N PHE G 413 -34.54 -15.78 -60.64
CA PHE G 413 -35.68 -16.13 -59.80
C PHE G 413 -35.97 -17.62 -59.84
N ILE G 414 -35.58 -18.31 -60.91
CA ILE G 414 -35.77 -19.76 -60.97
C ILE G 414 -34.94 -20.45 -59.89
N ILE G 415 -33.66 -20.07 -59.76
CA ILE G 415 -32.84 -20.71 -58.74
C ILE G 415 -33.16 -20.15 -57.36
N LEU G 416 -33.66 -18.91 -57.29
CA LEU G 416 -34.11 -18.38 -56.01
C LEU G 416 -35.38 -19.06 -55.53
N MET G 417 -36.20 -19.60 -56.45
CA MET G 417 -37.37 -20.39 -56.11
C MET G 417 -37.02 -21.84 -55.84
N GLU G 418 -35.97 -22.35 -56.48
CA GLU G 418 -35.46 -23.66 -56.08
C GLU G 418 -34.91 -23.61 -54.66
N CYS G 419 -34.21 -22.53 -54.32
CA CYS G 419 -33.94 -22.20 -52.92
C CYS G 419 -35.21 -21.66 -52.28
N MET G 420 -35.14 -21.45 -50.96
CA MET G 420 -36.24 -21.00 -50.11
C MET G 420 -37.35 -22.03 -50.00
N LYS G 421 -37.30 -23.10 -50.80
CA LYS G 421 -38.13 -24.27 -50.59
C LYS G 421 -37.56 -25.17 -49.50
N LYS G 422 -36.23 -25.16 -49.35
CA LYS G 422 -35.53 -25.81 -48.27
C LYS G 422 -35.14 -24.81 -47.19
N LYS G 423 -35.99 -23.84 -46.91
CA LYS G 423 -35.69 -22.78 -45.96
C LYS G 423 -35.81 -23.30 -44.52
N GLU G 424 -34.99 -24.31 -44.24
CA GLU G 424 -34.81 -24.84 -42.90
C GLU G 424 -33.36 -24.83 -42.47
N LEU G 425 -32.43 -24.54 -43.37
CA LEU G 425 -31.01 -24.46 -43.09
C LEU G 425 -30.48 -23.05 -43.09
N ILE G 426 -31.03 -22.17 -43.93
CA ILE G 426 -30.50 -20.82 -44.07
C ILE G 426 -30.76 -20.04 -42.80
N THR G 427 -29.70 -19.44 -42.25
CA THR G 427 -29.79 -18.60 -41.07
C THR G 427 -29.35 -17.20 -41.46
N VAL G 428 -30.14 -16.20 -41.08
CA VAL G 428 -29.88 -14.81 -41.42
C VAL G 428 -29.46 -14.08 -40.15
N PHE G 429 -28.33 -13.38 -40.22
CA PHE G 429 -27.82 -12.59 -39.11
C PHE G 429 -28.10 -11.12 -39.35
N ARG G 430 -28.77 -10.47 -38.40
CA ARG G 430 -29.06 -9.05 -38.46
C ARG G 430 -28.55 -8.38 -37.20
N MET G 431 -27.83 -7.27 -37.36
CA MET G 431 -27.23 -6.58 -36.23
C MET G 431 -28.27 -5.84 -35.41
N GLY G 432 -28.76 -6.48 -34.35
CA GLY G 432 -29.69 -5.87 -33.44
C GLY G 432 -31.16 -5.94 -33.86
N SER G 433 -31.43 -6.26 -35.12
CA SER G 433 -32.81 -6.35 -35.58
C SER G 433 -33.47 -7.63 -35.09
N GLU G 434 -32.72 -8.73 -35.05
CA GLU G 434 -33.26 -10.02 -34.63
C GLU G 434 -32.39 -10.65 -33.56
N GLY G 435 -32.63 -11.91 -33.24
CA GLY G 435 -31.84 -12.62 -32.27
C GLY G 435 -30.47 -12.99 -32.82
N HIS G 436 -29.68 -13.64 -31.96
CA HIS G 436 -28.31 -14.08 -32.27
C HIS G 436 -27.45 -12.89 -32.72
N GLN G 437 -27.25 -11.96 -31.79
CA GLN G 437 -26.48 -10.76 -32.09
C GLN G 437 -25.01 -11.02 -32.32
N ASP G 438 -24.53 -12.23 -32.02
CA ASP G 438 -23.13 -12.58 -32.17
C ASP G 438 -22.96 -13.62 -33.28
N ILE G 439 -21.95 -13.41 -34.12
CA ILE G 439 -21.71 -14.32 -35.25
C ILE G 439 -21.36 -15.72 -34.75
N ASP G 440 -20.50 -15.80 -33.73
CA ASP G 440 -20.08 -17.11 -33.22
C ASP G 440 -21.27 -17.89 -32.67
N LEU G 441 -22.18 -17.20 -31.98
CA LEU G 441 -23.41 -17.85 -31.56
C LEU G 441 -24.26 -18.24 -32.76
N ALA G 442 -24.31 -17.39 -33.78
CA ALA G 442 -25.13 -17.66 -34.96
C ALA G 442 -24.61 -18.87 -35.74
N ILE G 443 -23.29 -18.97 -35.90
CA ILE G 443 -22.72 -20.06 -36.69
C ILE G 443 -22.92 -21.40 -35.98
N LEU G 444 -22.62 -21.46 -34.69
CA LEU G 444 -22.70 -22.71 -33.95
C LEU G 444 -24.15 -23.17 -33.82
N THR G 445 -25.08 -22.26 -33.55
CA THR G 445 -26.48 -22.64 -33.43
C THR G 445 -27.03 -23.14 -34.77
N ALA G 446 -26.63 -22.50 -35.87
CA ALA G 446 -27.08 -22.94 -37.18
C ALA G 446 -26.50 -24.27 -37.60
N LEU G 447 -25.51 -24.79 -36.88
CA LEU G 447 -24.90 -26.06 -37.21
C LEU G 447 -25.56 -27.22 -36.47
N LEU G 448 -25.98 -27.01 -35.22
CA LEU G 448 -26.70 -28.06 -34.50
C LEU G 448 -28.09 -28.28 -35.10
N LYS G 449 -28.79 -27.19 -35.44
CA LYS G 449 -30.12 -27.30 -36.02
C LYS G 449 -30.07 -27.97 -37.40
N GLY G 450 -29.08 -27.60 -38.21
CA GLY G 450 -29.01 -28.12 -39.57
C GLY G 450 -28.41 -29.49 -39.72
N ALA G 451 -27.90 -30.07 -38.64
CA ALA G 451 -27.33 -31.41 -38.70
C ALA G 451 -28.40 -32.51 -38.69
N ASN G 452 -29.65 -32.17 -38.36
CA ASN G 452 -30.73 -33.15 -38.23
C ASN G 452 -30.35 -34.27 -37.28
N ALA G 453 -29.75 -33.90 -36.16
CA ALA G 453 -29.20 -34.84 -35.19
C ALA G 453 -30.04 -34.85 -33.92
N SER G 454 -29.96 -35.96 -33.20
CA SER G 454 -30.67 -36.12 -31.94
C SER G 454 -29.90 -35.43 -30.82
N ALA G 455 -30.52 -35.41 -29.63
CA ALA G 455 -29.90 -34.77 -28.48
C ALA G 455 -28.55 -35.37 -28.08
N PRO G 456 -28.35 -36.71 -28.05
CA PRO G 456 -26.99 -37.21 -27.78
C PRO G 456 -25.95 -36.75 -28.78
N ASP G 457 -26.31 -36.64 -30.07
CA ASP G 457 -25.34 -36.19 -31.06
C ASP G 457 -25.02 -34.71 -30.90
N GLN G 458 -26.03 -33.90 -30.57
CA GLN G 458 -25.77 -32.49 -30.29
C GLN G 458 -24.87 -32.34 -29.08
N LEU G 459 -25.10 -33.14 -28.04
CA LEU G 459 -24.26 -33.08 -26.86
C LEU G 459 -22.83 -33.52 -27.18
N SER G 460 -22.68 -34.54 -28.02
CA SER G 460 -21.35 -34.98 -28.42
C SER G 460 -20.61 -33.90 -29.20
N LEU G 461 -21.33 -33.21 -30.10
CA LEU G 461 -20.72 -32.11 -30.84
C LEU G 461 -20.29 -30.99 -29.90
N ALA G 462 -21.14 -30.64 -28.94
CA ALA G 462 -20.79 -29.60 -27.98
C ALA G 462 -19.60 -30.01 -27.12
N LEU G 463 -19.51 -31.29 -26.77
CA LEU G 463 -18.35 -31.79 -26.03
C LEU G 463 -17.08 -31.69 -26.87
N ALA G 464 -17.17 -32.05 -28.15
CA ALA G 464 -15.99 -31.97 -29.02
C ALA G 464 -15.54 -30.54 -29.24
N TRP G 465 -16.49 -29.61 -29.31
CA TRP G 465 -16.13 -28.20 -29.48
C TRP G 465 -15.69 -27.53 -28.20
N ASN G 466 -15.87 -28.19 -27.05
CA ASN G 466 -15.54 -27.63 -25.74
C ASN G 466 -16.26 -26.32 -25.47
N ARG G 467 -17.48 -26.19 -26.01
CA ARG G 467 -18.34 -25.04 -25.75
C ARG G 467 -19.47 -25.51 -24.84
N VAL G 468 -19.44 -25.07 -23.59
CA VAL G 468 -20.44 -25.51 -22.62
C VAL G 468 -21.66 -24.60 -22.63
N ASP G 469 -21.49 -23.32 -22.99
CA ASP G 469 -22.62 -22.39 -22.98
C ASP G 469 -23.65 -22.74 -24.05
N ILE G 470 -23.19 -23.26 -25.20
CA ILE G 470 -24.12 -23.66 -26.25
C ILE G 470 -24.98 -24.82 -25.78
N ALA G 471 -24.38 -25.82 -25.13
CA ALA G 471 -25.16 -26.92 -24.57
C ALA G 471 -26.04 -26.44 -23.43
N ARG G 472 -25.61 -25.41 -22.70
CA ARG G 472 -26.42 -24.87 -21.61
C ARG G 472 -27.67 -24.19 -22.13
N SER G 473 -27.55 -23.41 -23.20
CA SER G 473 -28.65 -22.59 -23.68
C SER G 473 -29.53 -23.31 -24.69
N GLN G 474 -28.94 -24.10 -25.59
CA GLN G 474 -29.70 -24.75 -26.65
C GLN G 474 -30.00 -26.22 -26.38
N ILE G 475 -29.00 -27.00 -25.97
CA ILE G 475 -29.18 -28.44 -25.86
C ILE G 475 -29.98 -28.79 -24.62
N PHE G 476 -29.46 -28.46 -23.44
CA PHE G 476 -30.12 -28.79 -22.18
C PHE G 476 -31.31 -27.85 -21.98
N ILE G 477 -32.42 -28.22 -22.61
CA ILE G 477 -33.67 -27.47 -22.53
C ILE G 477 -34.78 -28.45 -22.21
N TYR G 478 -35.89 -27.92 -21.70
CA TYR G 478 -37.00 -28.77 -21.29
C TYR G 478 -37.65 -29.45 -22.49
N GLY G 479 -37.82 -30.76 -22.39
CA GLY G 479 -38.45 -31.53 -23.45
C GLY G 479 -37.49 -32.03 -24.49
N GLN G 480 -36.35 -32.59 -24.05
CA GLN G 480 -35.36 -33.12 -24.97
C GLN G 480 -35.40 -34.63 -25.11
N GLN G 481 -35.88 -35.35 -24.09
CA GLN G 481 -36.12 -36.78 -24.17
C GLN G 481 -34.85 -37.55 -24.50
N TRP G 482 -33.89 -37.49 -23.58
CA TRP G 482 -32.69 -38.30 -23.70
C TRP G 482 -33.04 -39.78 -23.61
N PRO G 483 -32.48 -40.62 -24.47
CA PRO G 483 -32.72 -42.07 -24.36
C PRO G 483 -32.00 -42.65 -23.14
N VAL G 484 -32.31 -43.91 -22.85
CA VAL G 484 -31.73 -44.57 -21.70
C VAL G 484 -30.25 -44.84 -21.95
N GLY G 485 -29.41 -44.50 -20.98
CA GLY G 485 -27.98 -44.70 -21.11
C GLY G 485 -27.28 -43.68 -21.98
N SER G 486 -27.86 -42.50 -22.17
CA SER G 486 -27.22 -41.47 -22.97
C SER G 486 -26.44 -40.48 -22.11
N LEU G 487 -27.06 -39.97 -21.05
CA LEU G 487 -26.35 -39.06 -20.15
C LEU G 487 -25.20 -39.77 -19.45
N GLU G 488 -25.32 -41.06 -19.18
CA GLU G 488 -24.21 -41.81 -18.62
C GLU G 488 -23.03 -41.85 -19.57
N GLN G 489 -23.29 -42.10 -20.86
CA GLN G 489 -22.22 -42.10 -21.84
C GLN G 489 -21.62 -40.72 -21.99
N ALA G 490 -22.44 -39.67 -21.90
CA ALA G 490 -21.93 -38.31 -21.95
C ALA G 490 -21.02 -38.03 -20.77
N MET G 491 -21.40 -38.51 -19.58
CA MET G 491 -20.55 -38.34 -18.39
C MET G 491 -19.23 -39.09 -18.56
N LEU G 492 -19.28 -40.31 -19.09
CA LEU G 492 -18.05 -41.06 -19.31
C LEU G 492 -17.12 -40.35 -20.29
N ASP G 493 -17.68 -39.85 -21.39
CA ASP G 493 -16.87 -39.16 -22.39
C ASP G 493 -16.34 -37.83 -21.87
N ALA G 494 -17.10 -37.15 -21.01
CA ALA G 494 -16.61 -35.90 -20.44
C ALA G 494 -15.51 -36.16 -19.41
N LEU G 495 -15.61 -37.26 -18.66
CA LEU G 495 -14.54 -37.61 -17.73
C LEU G 495 -13.27 -37.99 -18.47
N VAL G 496 -13.40 -38.74 -19.57
CA VAL G 496 -12.22 -39.15 -20.33
C VAL G 496 -11.49 -37.94 -20.91
N LEU G 497 -12.24 -37.01 -21.49
CA LEU G 497 -11.64 -35.89 -22.21
C LEU G 497 -11.23 -34.73 -21.30
N ASP G 498 -11.45 -34.85 -19.99
CA ASP G 498 -11.16 -33.78 -19.03
C ASP G 498 -11.93 -32.51 -19.37
N ARG G 499 -13.25 -32.61 -19.32
CA ARG G 499 -14.16 -31.49 -19.51
C ARG G 499 -14.88 -31.28 -18.19
N VAL G 500 -14.27 -30.49 -17.30
CA VAL G 500 -14.82 -30.33 -15.95
C VAL G 500 -16.15 -29.59 -15.98
N ASP G 501 -16.28 -28.61 -16.88
CA ASP G 501 -17.54 -27.87 -16.98
C ASP G 501 -18.67 -28.78 -17.44
N PHE G 502 -18.40 -29.70 -18.36
CA PHE G 502 -19.44 -30.62 -18.80
C PHE G 502 -19.78 -31.64 -17.74
N VAL G 503 -18.81 -32.07 -16.94
CA VAL G 503 -19.11 -32.95 -15.82
C VAL G 503 -20.01 -32.24 -14.81
N LYS G 504 -19.70 -30.99 -14.51
CA LYS G 504 -20.55 -30.21 -13.60
C LYS G 504 -21.95 -30.02 -14.18
N LEU G 505 -22.04 -29.76 -15.49
CA LEU G 505 -23.34 -29.59 -16.12
C LEU G 505 -24.17 -30.87 -16.09
N LEU G 506 -23.54 -32.01 -16.38
CA LEU G 506 -24.27 -33.27 -16.35
C LEU G 506 -24.69 -33.64 -14.93
N ILE G 507 -23.84 -33.35 -13.94
CA ILE G 507 -24.23 -33.54 -12.54
C ILE G 507 -25.43 -32.67 -12.20
N GLU G 508 -25.39 -31.41 -12.65
CA GLU G 508 -26.48 -30.47 -12.35
C GLU G 508 -27.75 -30.77 -13.12
N ASN G 509 -27.68 -31.63 -14.15
CA ASN G 509 -28.83 -31.90 -15.02
C ASN G 509 -29.30 -33.34 -14.91
N GLY G 510 -29.14 -33.96 -13.74
CA GLY G 510 -29.81 -35.23 -13.50
C GLY G 510 -28.95 -36.41 -13.09
N VAL G 511 -27.77 -36.56 -13.70
CA VAL G 511 -26.99 -37.76 -13.46
C VAL G 511 -26.44 -37.75 -12.03
N SER G 512 -26.24 -38.95 -11.48
CA SER G 512 -25.71 -39.14 -10.15
C SER G 512 -24.47 -40.00 -10.23
N MET G 513 -23.40 -39.58 -9.55
CA MET G 513 -22.13 -40.29 -9.65
C MET G 513 -22.16 -41.62 -8.91
N HIS G 514 -23.10 -41.82 -7.99
CA HIS G 514 -23.17 -43.08 -7.26
C HIS G 514 -23.61 -44.23 -8.15
N ARG G 515 -24.43 -43.94 -9.16
CA ARG G 515 -24.94 -44.99 -10.04
C ARG G 515 -24.13 -45.15 -11.31
N PHE G 516 -23.50 -44.09 -11.80
CA PHE G 516 -22.68 -44.21 -13.00
C PHE G 516 -21.40 -45.01 -12.73
N LEU G 517 -20.70 -44.68 -11.66
CA LEU G 517 -19.35 -45.21 -11.44
C LEU G 517 -19.44 -46.65 -10.96
N THR G 518 -18.96 -47.57 -11.79
CA THR G 518 -18.82 -48.98 -11.44
C THR G 518 -17.35 -49.36 -11.54
N ILE G 519 -17.08 -50.66 -11.40
CA ILE G 519 -15.71 -51.14 -11.55
C ILE G 519 -15.26 -51.04 -13.01
N SER G 520 -16.14 -51.41 -13.94
CA SER G 520 -15.79 -51.34 -15.36
C SER G 520 -15.55 -49.92 -15.82
N ARG G 521 -16.40 -48.99 -15.36
CA ARG G 521 -16.21 -47.58 -15.73
C ARG G 521 -14.89 -47.05 -15.20
N LEU G 522 -14.54 -47.39 -13.96
CA LEU G 522 -13.28 -46.93 -13.40
C LEU G 522 -12.08 -47.53 -14.14
N GLU G 523 -12.18 -48.82 -14.48
CA GLU G 523 -11.10 -49.44 -15.25
C GLU G 523 -10.95 -48.79 -16.60
N GLU G 524 -12.06 -48.42 -17.24
CA GLU G 524 -11.97 -47.69 -18.50
C GLU G 524 -11.33 -46.32 -18.29
N LEU G 525 -11.68 -45.63 -17.21
CA LEU G 525 -11.14 -44.30 -16.96
C LEU G 525 -9.65 -44.35 -16.65
N TYR G 526 -9.16 -45.46 -16.12
CA TYR G 526 -7.73 -45.56 -15.85
C TYR G 526 -6.89 -45.86 -17.08
N ASN G 527 -7.51 -46.25 -18.19
CA ASN G 527 -6.79 -46.68 -19.39
C ASN G 527 -7.16 -45.82 -20.59
N THR G 528 -7.15 -44.50 -20.43
CA THR G 528 -7.49 -43.60 -21.51
C THR G 528 -6.24 -42.92 -22.05
N ARG G 529 -6.23 -42.68 -23.36
CA ARG G 529 -5.19 -41.92 -24.01
C ARG G 529 -5.62 -40.50 -24.35
N HIS G 530 -6.83 -40.11 -23.97
CA HIS G 530 -7.37 -38.78 -24.25
C HIS G 530 -7.13 -37.90 -23.04
N GLY G 531 -6.58 -36.71 -23.28
CA GLY G 531 -6.31 -35.78 -22.20
C GLY G 531 -4.82 -35.52 -22.05
N PRO G 532 -4.45 -34.75 -21.04
CA PRO G 532 -3.04 -34.43 -20.82
C PRO G 532 -2.23 -35.67 -20.48
N SER G 533 -0.95 -35.63 -20.87
CA SER G 533 -0.06 -36.75 -20.59
C SER G 533 0.16 -36.88 -19.09
N ASN G 534 0.25 -38.13 -18.63
CA ASN G 534 0.43 -38.41 -17.21
C ASN G 534 1.67 -39.25 -16.98
N THR G 535 1.85 -39.73 -15.75
CA THR G 535 3.00 -40.57 -15.40
C THR G 535 2.56 -41.89 -14.76
N LEU G 536 1.33 -42.32 -15.01
CA LEU G 536 0.84 -43.56 -14.39
C LEU G 536 1.59 -44.78 -14.92
N TYR G 537 1.89 -44.79 -16.22
CA TYR G 537 2.49 -45.97 -16.83
C TYR G 537 3.90 -46.22 -16.30
N HIS G 538 4.67 -45.15 -16.07
CA HIS G 538 5.99 -45.32 -15.48
C HIS G 538 5.91 -45.89 -14.08
N LEU G 539 4.94 -45.44 -13.29
CA LEU G 539 4.76 -45.98 -11.94
C LEU G 539 4.36 -47.45 -11.97
N VAL G 540 3.46 -47.83 -12.89
CA VAL G 540 3.08 -49.23 -13.02
C VAL G 540 4.28 -50.06 -13.47
N ARG G 541 5.14 -49.51 -14.32
CA ARG G 541 6.36 -50.20 -14.71
C ARG G 541 7.28 -50.38 -13.52
N ASP G 542 7.41 -49.36 -12.67
CA ASP G 542 8.30 -49.44 -11.51
C ASP G 542 7.81 -50.49 -10.51
N VAL G 543 6.51 -50.49 -10.23
CA VAL G 543 5.95 -51.52 -9.36
C VAL G 543 5.87 -52.85 -10.13
N LYS G 544 5.90 -53.95 -9.39
CA LYS G 544 5.80 -55.31 -9.95
C LYS G 544 6.96 -55.58 -10.91
N LYS G 545 8.17 -55.53 -10.37
CA LYS G 545 9.42 -55.83 -11.08
C LYS G 545 9.53 -54.85 -12.27
N GLY G 546 10.01 -55.30 -13.43
CA GLY G 546 10.14 -54.43 -14.58
C GLY G 546 9.52 -54.99 -15.84
N ASN G 547 9.20 -56.27 -15.84
CA ASN G 547 8.60 -56.89 -17.00
C ASN G 547 7.18 -56.38 -17.22
N LEU G 548 6.79 -56.23 -18.49
CA LEU G 548 5.47 -55.70 -18.80
C LEU G 548 5.05 -56.10 -20.21
N PRO G 549 3.86 -56.68 -20.38
CA PRO G 549 3.38 -56.99 -21.71
C PRO G 549 3.05 -55.71 -22.48
N PRO G 550 3.12 -55.74 -23.81
CA PRO G 550 2.84 -54.51 -24.58
C PRO G 550 1.39 -54.06 -24.49
N ASP G 551 0.45 -54.98 -24.40
CA ASP G 551 -0.98 -54.66 -24.31
C ASP G 551 -1.44 -55.02 -22.90
N TYR G 552 -1.42 -54.03 -22.00
CA TYR G 552 -1.75 -54.23 -20.60
C TYR G 552 -2.92 -53.33 -20.23
N ARG G 553 -4.04 -53.94 -19.88
CA ARG G 553 -5.16 -53.20 -19.29
C ARG G 553 -4.88 -53.04 -17.80
N ILE G 554 -4.67 -51.80 -17.36
CA ILE G 554 -4.26 -51.54 -15.99
C ILE G 554 -5.43 -51.88 -15.07
N SER G 555 -5.32 -52.98 -14.34
CA SER G 555 -6.37 -53.40 -13.43
C SER G 555 -6.32 -52.56 -12.15
N LEU G 556 -7.43 -52.61 -11.40
CA LEU G 556 -7.50 -51.87 -10.15
C LEU G 556 -6.57 -52.41 -9.09
N ILE G 557 -6.18 -53.68 -9.18
CA ILE G 557 -5.22 -54.24 -8.23
C ILE G 557 -3.87 -53.56 -8.38
N ASP G 558 -3.44 -53.32 -9.62
CA ASP G 558 -2.19 -52.60 -9.84
C ASP G 558 -2.29 -51.17 -9.34
N ILE G 559 -3.46 -50.53 -9.45
CA ILE G 559 -3.64 -49.20 -8.90
C ILE G 559 -3.54 -49.23 -7.38
N GLY G 560 -4.10 -50.25 -6.75
CA GLY G 560 -3.92 -50.40 -5.32
C GLY G 560 -2.46 -50.57 -4.93
N LEU G 561 -1.73 -51.36 -5.72
CA LEU G 561 -0.30 -51.56 -5.44
C LEU G 561 0.49 -50.25 -5.57
N VAL G 562 0.21 -49.47 -6.62
CA VAL G 562 0.96 -48.22 -6.79
C VAL G 562 0.56 -47.21 -5.72
N ILE G 563 -0.70 -47.21 -5.28
CA ILE G 563 -1.09 -46.32 -4.19
C ILE G 563 -0.38 -46.70 -2.90
N GLU G 564 -0.31 -48.00 -2.59
CA GLU G 564 0.40 -48.43 -1.40
C GLU G 564 1.89 -48.14 -1.49
N TYR G 565 2.47 -48.21 -2.69
CA TYR G 565 3.87 -47.86 -2.85
C TYR G 565 4.10 -46.37 -2.66
N LEU G 566 3.16 -45.54 -3.12
CA LEU G 566 3.34 -44.09 -3.02
C LEU G 566 3.13 -43.61 -1.58
N MET G 567 2.16 -44.17 -0.88
CA MET G 567 1.79 -43.64 0.43
C MET G 567 2.88 -43.93 1.48
N GLY G 568 3.14 -45.19 1.74
CA GLY G 568 4.14 -45.52 2.74
C GLY G 568 4.16 -47.01 3.02
N GLY G 569 5.01 -47.37 3.98
CA GLY G 569 5.15 -48.77 4.34
C GLY G 569 3.91 -49.35 5.00
N ALA G 570 3.31 -48.60 5.92
CA ALA G 570 2.20 -49.12 6.71
C ALA G 570 0.84 -48.99 6.02
N TYR G 571 0.77 -48.24 4.93
CA TYR G 571 -0.52 -48.00 4.27
C TYR G 571 -0.99 -49.25 3.54
N ARG G 572 -2.30 -49.48 3.55
CA ARG G 572 -2.91 -50.62 2.88
C ARG G 572 -4.19 -50.14 2.20
N CYS G 573 -4.13 -49.98 0.88
CA CYS G 573 -5.29 -49.52 0.13
C CYS G 573 -6.35 -50.62 0.06
N ASN G 574 -7.59 -50.18 -0.12
CA ASN G 574 -8.72 -51.12 -0.09
C ASN G 574 -8.74 -52.06 -1.29
N TYR G 575 -8.06 -51.70 -2.38
CA TYR G 575 -8.09 -52.54 -3.57
C TYR G 575 -7.40 -53.87 -3.33
N THR G 576 -6.27 -53.87 -2.63
CA THR G 576 -5.48 -55.07 -2.47
C THR G 576 -5.96 -55.98 -1.35
N ARG G 577 -6.98 -55.58 -0.59
CA ARG G 577 -7.51 -56.44 0.45
C ARG G 577 -8.21 -57.65 -0.17
N LYS G 578 -8.35 -58.70 0.65
CA LYS G 578 -8.83 -59.97 0.10
C LYS G 578 -10.30 -59.91 -0.30
N ARG G 579 -11.09 -59.03 0.32
CA ARG G 579 -12.48 -58.88 -0.08
C ARG G 579 -12.58 -58.36 -1.51
N PHE G 580 -11.88 -57.27 -1.82
CA PHE G 580 -11.92 -56.74 -3.17
C PHE G 580 -11.19 -57.64 -4.14
N ARG G 581 -10.14 -58.34 -3.70
CA ARG G 581 -9.47 -59.28 -4.57
C ARG G 581 -10.39 -60.41 -4.99
N THR G 582 -11.21 -60.92 -4.05
CA THR G 582 -12.16 -61.97 -4.40
C THR G 582 -13.32 -61.41 -5.22
N LEU G 583 -13.73 -60.17 -4.97
CA LEU G 583 -14.78 -59.56 -5.76
C LEU G 583 -14.35 -59.24 -7.18
N TYR G 584 -13.05 -59.03 -7.40
CA TYR G 584 -12.54 -58.70 -8.72
C TYR G 584 -11.99 -59.91 -9.48
N HIS G 585 -11.59 -60.98 -8.78
CA HIS G 585 -10.99 -62.13 -9.44
C HIS G 585 -11.98 -62.89 -10.31
N ASN G 586 -13.28 -62.72 -10.07
CA ASN G 586 -14.31 -63.34 -10.90
C ASN G 586 -14.82 -62.38 -11.97
N LEU G 587 -13.95 -61.54 -12.50
CA LEU G 587 -14.32 -60.59 -13.54
C LEU G 587 -13.25 -60.55 -14.62
N ASN G 631 -20.17 -54.42 -9.58
CA ASN G 631 -20.78 -53.83 -8.41
C ASN G 631 -20.35 -52.37 -8.28
N HIS G 632 -21.06 -51.61 -7.45
CA HIS G 632 -20.82 -50.18 -7.31
C HIS G 632 -19.92 -49.91 -6.11
N PHE G 633 -19.63 -48.63 -5.88
CA PHE G 633 -18.80 -48.18 -4.78
C PHE G 633 -19.63 -47.40 -3.77
N PRO G 634 -19.32 -47.53 -2.47
CA PRO G 634 -20.06 -46.76 -1.46
C PRO G 634 -19.81 -45.27 -1.58
N PHE G 635 -18.53 -44.89 -1.66
CA PHE G 635 -18.13 -43.49 -1.85
C PHE G 635 -17.45 -43.36 -3.20
N PRO G 636 -18.14 -42.85 -4.23
CA PRO G 636 -17.51 -42.80 -5.56
C PRO G 636 -16.47 -41.70 -5.68
N PHE G 637 -16.70 -40.55 -5.05
CA PHE G 637 -15.74 -39.46 -5.15
C PHE G 637 -14.41 -39.79 -4.49
N HIS G 638 -14.38 -40.74 -3.55
CA HIS G 638 -13.11 -41.19 -3.00
C HIS G 638 -12.22 -41.79 -4.07
N GLU G 639 -12.80 -42.62 -4.95
CA GLU G 639 -12.01 -43.21 -6.02
C GLU G 639 -11.76 -42.21 -7.14
N LEU G 640 -12.73 -41.34 -7.43
CA LEU G 640 -12.53 -40.37 -8.49
C LEU G 640 -11.47 -39.33 -8.13
N MET G 641 -11.38 -38.94 -6.86
CA MET G 641 -10.34 -38.02 -6.43
C MET G 641 -8.95 -38.62 -6.62
N VAL G 642 -8.79 -39.89 -6.25
CA VAL G 642 -7.49 -40.54 -6.43
C VAL G 642 -7.18 -40.73 -7.90
N TRP G 643 -8.20 -41.03 -8.71
CA TRP G 643 -7.99 -41.12 -10.15
C TRP G 643 -7.52 -39.80 -10.73
N ALA G 644 -8.14 -38.70 -10.31
CA ALA G 644 -7.73 -37.39 -10.82
C ALA G 644 -6.34 -37.00 -10.32
N VAL G 645 -5.99 -37.38 -9.09
CA VAL G 645 -4.68 -37.04 -8.56
C VAL G 645 -3.58 -37.83 -9.26
N LEU G 646 -3.80 -39.13 -9.47
CA LEU G 646 -2.76 -39.97 -10.07
C LEU G 646 -2.50 -39.58 -11.53
N MET G 647 -3.54 -39.21 -12.26
CA MET G 647 -3.40 -38.88 -13.68
C MET G 647 -3.11 -37.41 -13.92
N LYS G 648 -2.86 -36.63 -12.86
CA LYS G 648 -2.42 -35.25 -12.95
C LYS G 648 -3.43 -34.38 -13.69
N ARG G 649 -4.65 -34.33 -13.16
CA ARG G 649 -5.70 -33.45 -13.65
C ARG G 649 -6.14 -32.59 -12.47
N GLN G 650 -5.57 -31.39 -12.37
CA GLN G 650 -5.73 -30.59 -11.15
C GLN G 650 -7.13 -30.02 -11.02
N LYS G 651 -7.70 -29.49 -12.11
CA LYS G 651 -9.03 -28.90 -12.02
C LYS G 651 -10.09 -29.95 -11.68
N MET G 652 -9.99 -31.13 -12.28
CA MET G 652 -10.91 -32.21 -11.97
C MET G 652 -10.75 -32.66 -10.51
N ALA G 653 -9.51 -32.74 -10.03
CA ALA G 653 -9.29 -33.14 -8.64
C ALA G 653 -9.86 -32.12 -7.67
N LEU G 654 -9.67 -30.83 -7.96
CA LEU G 654 -10.23 -29.79 -7.10
C LEU G 654 -11.74 -29.79 -7.14
N PHE G 655 -12.34 -30.12 -8.28
CA PHE G 655 -13.79 -30.25 -8.33
C PHE G 655 -14.28 -31.44 -7.50
N PHE G 656 -13.60 -32.58 -7.61
CA PHE G 656 -14.03 -33.77 -6.88
C PHE G 656 -13.74 -33.67 -5.39
N TRP G 657 -12.83 -32.78 -4.98
CA TRP G 657 -12.47 -32.68 -3.58
C TRP G 657 -13.64 -32.14 -2.75
N GLN G 658 -14.37 -31.17 -3.27
CA GLN G 658 -15.41 -30.49 -2.50
C GLN G 658 -16.74 -31.21 -2.50
N HIS G 659 -16.81 -32.41 -3.07
CA HIS G 659 -18.03 -33.21 -3.05
C HIS G 659 -17.80 -34.48 -2.25
N GLY G 660 -18.78 -34.86 -1.47
CA GLY G 660 -18.66 -36.04 -0.63
C GLY G 660 -18.14 -35.71 0.76
N GLU G 661 -17.86 -36.78 1.50
CA GLU G 661 -17.42 -36.66 2.89
C GLU G 661 -15.92 -36.89 2.99
N GLU G 662 -15.39 -36.68 4.20
CA GLU G 662 -13.97 -36.83 4.53
C GLU G 662 -13.12 -35.93 3.64
N ALA G 663 -13.45 -34.63 3.66
CA ALA G 663 -12.75 -33.68 2.80
C ALA G 663 -11.30 -33.48 3.25
N MET G 664 -11.07 -33.37 4.56
CA MET G 664 -9.72 -33.13 5.05
C MET G 664 -8.81 -34.33 4.82
N ALA G 665 -9.32 -35.54 5.05
CA ALA G 665 -8.54 -36.74 4.78
C ALA G 665 -8.20 -36.85 3.30
N LYS G 666 -9.16 -36.51 2.43
CA LYS G 666 -8.90 -36.52 1.00
C LYS G 666 -7.83 -35.50 0.62
N ALA G 667 -7.88 -34.31 1.22
CA ALA G 667 -6.86 -33.31 0.93
C ALA G 667 -5.47 -33.77 1.37
N LEU G 668 -5.37 -34.36 2.56
CA LEU G 668 -4.07 -34.81 3.05
C LEU G 668 -3.53 -35.96 2.21
N VAL G 669 -4.40 -36.91 1.82
CA VAL G 669 -3.95 -38.01 0.99
C VAL G 669 -3.51 -37.50 -0.39
N ALA G 670 -4.23 -36.52 -0.94
CA ALA G 670 -3.84 -35.94 -2.21
C ALA G 670 -2.51 -35.23 -2.11
N CYS G 671 -2.27 -34.51 -1.01
CA CYS G 671 -0.98 -33.83 -0.84
C CYS G 671 0.16 -34.84 -0.74
N LYS G 672 -0.04 -35.92 0.02
CA LYS G 672 0.99 -36.94 0.12
C LYS G 672 1.26 -37.61 -1.23
N LEU G 673 0.19 -37.92 -1.97
CA LEU G 673 0.36 -38.56 -3.27
C LEU G 673 1.09 -37.66 -4.25
N CYS G 674 0.76 -36.37 -4.27
CA CYS G 674 1.43 -35.45 -5.17
C CYS G 674 2.89 -35.28 -4.80
N LYS G 675 3.20 -35.22 -3.51
CA LYS G 675 4.60 -35.14 -3.09
C LYS G 675 5.39 -36.38 -3.52
N ALA G 676 4.81 -37.56 -3.30
CA ALA G 676 5.50 -38.79 -3.67
C ALA G 676 5.68 -38.88 -5.19
N MET G 677 4.66 -38.48 -5.95
CA MET G 677 4.77 -38.50 -7.41
C MET G 677 5.81 -37.51 -7.90
N ALA G 678 5.90 -36.34 -7.26
CA ALA G 678 6.95 -35.39 -7.62
C ALA G 678 8.34 -35.96 -7.34
N HIS G 679 8.50 -36.63 -6.20
CA HIS G 679 9.78 -37.25 -5.89
C HIS G 679 10.13 -38.33 -6.91
N GLU G 680 9.16 -39.16 -7.29
CA GLU G 680 9.41 -40.21 -8.28
C GLU G 680 9.75 -39.63 -9.64
N ALA G 681 9.06 -38.56 -10.03
CA ALA G 681 9.34 -37.93 -11.32
C ALA G 681 10.72 -37.29 -11.34
N SER G 682 11.09 -36.59 -10.27
CA SER G 682 12.41 -35.97 -10.23
C SER G 682 13.52 -37.00 -10.09
N GLU G 683 13.22 -38.19 -9.56
CA GLU G 683 14.23 -39.24 -9.46
C GLU G 683 14.53 -39.89 -10.80
N ASN G 684 13.55 -39.94 -11.71
CA ASN G 684 13.69 -40.65 -12.97
C ASN G 684 14.05 -39.72 -14.13
N ASP G 685 14.85 -38.69 -13.87
CA ASP G 685 15.34 -37.70 -14.84
C ASP G 685 14.27 -37.29 -15.84
N MET G 686 13.20 -36.70 -15.30
CA MET G 686 12.11 -36.19 -16.13
C MET G 686 12.49 -34.81 -16.67
N VAL G 687 11.50 -34.09 -17.21
CA VAL G 687 11.75 -32.79 -17.83
C VAL G 687 11.92 -31.70 -16.78
N ASP G 688 11.77 -32.09 -15.50
CA ASP G 688 11.91 -31.22 -14.34
C ASP G 688 10.88 -30.09 -14.31
N ASP G 689 9.89 -30.13 -15.20
CA ASP G 689 8.71 -29.28 -15.07
C ASP G 689 7.51 -30.04 -14.57
N ILE G 690 7.43 -31.34 -14.86
CA ILE G 690 6.45 -32.21 -14.22
C ILE G 690 6.64 -32.20 -12.71
N SER G 691 7.89 -32.21 -12.26
CA SER G 691 8.17 -32.15 -10.83
C SER G 691 7.67 -30.83 -10.24
N GLN G 692 7.87 -29.72 -10.94
CA GLN G 692 7.40 -28.43 -10.45
C GLN G 692 5.87 -28.40 -10.39
N GLU G 693 5.20 -28.92 -11.41
CA GLU G 693 3.75 -28.94 -11.40
C GLU G 693 3.21 -29.82 -10.27
N LEU G 694 3.83 -30.97 -10.05
CA LEU G 694 3.37 -31.86 -8.97
C LEU G 694 3.63 -31.24 -7.61
N ASN G 695 4.75 -30.55 -7.44
CA ASN G 695 5.01 -29.86 -6.18
C ASN G 695 3.99 -28.75 -5.95
N HIS G 696 3.62 -28.02 -7.00
CA HIS G 696 2.61 -26.99 -6.85
C HIS G 696 1.25 -27.58 -6.50
N ASN G 697 0.90 -28.72 -7.11
CA ASN G 697 -0.34 -29.39 -6.76
C ASN G 697 -0.34 -29.84 -5.29
N SER G 698 0.78 -30.39 -4.83
CA SER G 698 0.88 -30.79 -3.43
C SER G 698 0.74 -29.61 -2.50
N ARG G 699 1.38 -28.49 -2.83
CA ARG G 699 1.27 -27.29 -2.00
C ARG G 699 -0.16 -26.77 -1.96
N ASP G 700 -0.85 -26.80 -3.12
CA ASP G 700 -2.24 -26.35 -3.15
C ASP G 700 -3.13 -27.23 -2.28
N PHE G 701 -2.95 -28.55 -2.36
CA PHE G 701 -3.76 -29.45 -1.52
C PHE G 701 -3.46 -29.26 -0.04
N GLY G 702 -2.19 -29.06 0.30
CA GLY G 702 -1.84 -28.78 1.69
C GLY G 702 -2.46 -27.50 2.20
N GLN G 703 -2.45 -26.45 1.36
CA GLN G 703 -3.07 -25.19 1.76
C GLN G 703 -4.57 -25.35 1.95
N LEU G 704 -5.22 -26.14 1.08
CA LEU G 704 -6.64 -26.41 1.26
C LEU G 704 -6.92 -27.13 2.57
N ALA G 705 -6.09 -28.12 2.91
CA ALA G 705 -6.26 -28.83 4.17
C ALA G 705 -6.09 -27.89 5.36
N VAL G 706 -5.08 -27.02 5.32
CA VAL G 706 -4.86 -26.08 6.41
C VAL G 706 -6.04 -25.12 6.56
N GLU G 707 -6.55 -24.60 5.44
CA GLU G 707 -7.66 -23.67 5.52
C GLU G 707 -8.92 -24.34 6.03
N LEU G 708 -9.18 -25.58 5.61
CA LEU G 708 -10.33 -26.30 6.12
C LEU G 708 -10.21 -26.55 7.63
N LEU G 709 -9.01 -26.91 8.09
CA LEU G 709 -8.80 -27.09 9.52
C LEU G 709 -9.02 -25.79 10.28
N ASP G 710 -8.55 -24.68 9.71
CA ASP G 710 -8.73 -23.39 10.36
C ASP G 710 -10.22 -23.04 10.48
N GLN G 711 -10.98 -23.27 9.41
CA GLN G 711 -12.42 -23.01 9.46
C GLN G 711 -13.11 -23.90 10.48
N SER G 712 -12.76 -25.19 10.51
CA SER G 712 -13.40 -26.12 11.44
C SER G 712 -13.08 -25.75 12.89
N TYR G 713 -11.84 -25.36 13.16
CA TYR G 713 -11.48 -24.95 14.51
C TYR G 713 -12.14 -23.63 14.89
N LYS G 714 -12.34 -22.73 13.92
CA LYS G 714 -13.00 -21.47 14.22
C LYS G 714 -14.47 -21.69 14.54
N GLN G 715 -15.13 -22.63 13.85
CA GLN G 715 -16.55 -22.85 14.10
C GLN G 715 -16.79 -23.53 15.43
N ASP G 716 -16.24 -24.73 15.62
CA ASP G 716 -16.41 -25.47 16.87
C ASP G 716 -15.08 -26.15 17.22
N GLU G 717 -14.69 -26.06 18.49
CA GLU G 717 -13.38 -26.55 18.90
C GLU G 717 -13.39 -28.05 19.15
N GLN G 718 -14.32 -28.53 19.97
CA GLN G 718 -14.33 -29.95 20.34
C GLN G 718 -14.59 -30.85 19.14
N LEU G 719 -15.50 -30.43 18.25
CA LEU G 719 -15.71 -31.20 17.03
C LEU G 719 -14.49 -31.15 16.12
N ALA G 720 -13.76 -30.04 16.11
CA ALA G 720 -12.52 -29.98 15.33
C ALA G 720 -11.49 -30.95 15.86
N MET G 721 -11.34 -31.04 17.19
CA MET G 721 -10.39 -32.00 17.75
C MET G 721 -10.86 -33.43 17.51
N LYS G 722 -12.17 -33.67 17.59
CA LYS G 722 -12.69 -35.00 17.33
C LYS G 722 -12.50 -35.40 15.87
N LEU G 723 -12.53 -34.43 14.96
CA LEU G 723 -12.34 -34.71 13.55
C LEU G 723 -10.92 -35.15 13.23
N LEU G 724 -9.95 -34.77 14.05
CA LEU G 724 -8.55 -35.10 13.83
C LEU G 724 -8.14 -36.43 14.44
N THR G 725 -9.02 -37.09 15.18
CA THR G 725 -8.65 -38.31 15.89
C THR G 725 -9.42 -39.56 15.47
N TYR G 726 -10.59 -39.41 14.85
CA TYR G 726 -11.41 -40.57 14.58
C TYR G 726 -10.79 -41.41 13.47
N GLU G 727 -10.87 -42.73 13.64
CA GLU G 727 -10.24 -43.65 12.70
C GLU G 727 -10.95 -43.62 11.36
N LEU G 728 -10.16 -43.52 10.29
CA LEU G 728 -10.70 -43.47 8.93
C LEU G 728 -10.75 -44.88 8.37
N LYS G 729 -11.96 -45.40 8.16
CA LYS G 729 -12.09 -46.77 7.68
C LYS G 729 -11.63 -46.92 6.23
N ASN G 730 -11.83 -45.90 5.41
CA ASN G 730 -11.51 -45.99 3.99
C ASN G 730 -10.05 -45.68 3.69
N TRP G 731 -9.30 -45.18 4.66
CA TRP G 731 -7.93 -44.74 4.41
C TRP G 731 -6.93 -45.54 5.25
N SER G 732 -7.07 -46.87 5.25
CA SER G 732 -6.12 -47.79 5.87
C SER G 732 -6.02 -47.58 7.38
N ASN G 733 -7.15 -47.25 8.02
CA ASN G 733 -7.25 -47.12 9.47
C ASN G 733 -6.24 -46.12 10.01
N ALA G 734 -6.15 -44.96 9.36
CA ALA G 734 -5.27 -43.89 9.79
C ALA G 734 -6.11 -42.73 10.31
N THR G 735 -5.44 -41.78 10.95
CA THR G 735 -6.08 -40.56 11.39
C THR G 735 -5.56 -39.39 10.56
N CYS G 736 -6.14 -38.21 10.79
CA CYS G 736 -5.65 -37.02 10.08
C CYS G 736 -4.27 -36.63 10.56
N LEU G 737 -3.96 -36.82 11.85
CA LEU G 737 -2.64 -36.50 12.35
C LEU G 737 -1.57 -37.38 11.70
N GLN G 738 -1.85 -38.68 11.55
CA GLN G 738 -0.86 -39.57 10.95
C GLN G 738 -0.61 -39.23 9.49
N LEU G 739 -1.67 -38.89 8.75
CA LEU G 739 -1.50 -38.49 7.36
C LEU G 739 -0.74 -37.18 7.25
N ALA G 740 -1.05 -36.22 8.12
CA ALA G 740 -0.34 -34.94 8.07
C ALA G 740 1.13 -35.09 8.43
N VAL G 741 1.44 -35.93 9.41
CA VAL G 741 2.83 -36.17 9.79
C VAL G 741 3.56 -36.91 8.69
N ALA G 742 2.93 -37.94 8.10
CA ALA G 742 3.54 -38.69 7.01
C ALA G 742 3.74 -37.84 5.77
N ALA G 743 3.01 -36.74 5.63
CA ALA G 743 3.19 -35.82 4.53
C ALA G 743 4.18 -34.71 4.86
N LYS G 744 4.76 -34.73 6.05
CA LYS G 744 5.70 -33.69 6.50
C LYS G 744 5.10 -32.30 6.37
N HIS G 745 3.85 -32.17 6.80
CA HIS G 745 3.13 -30.90 6.71
C HIS G 745 3.39 -30.12 7.99
N ARG G 746 4.32 -29.17 7.92
CA ARG G 746 4.69 -28.42 9.11
C ARG G 746 3.65 -27.37 9.48
N ASP G 747 2.88 -26.87 8.52
CA ASP G 747 1.89 -25.84 8.83
C ASP G 747 0.62 -26.42 9.43
N PHE G 748 0.43 -27.73 9.36
CA PHE G 748 -0.73 -28.39 9.92
C PHE G 748 -0.52 -28.73 11.39
N ILE G 749 0.64 -29.31 11.72
CA ILE G 749 0.95 -29.64 13.11
C ILE G 749 1.17 -28.38 13.93
N ALA G 750 1.76 -27.35 13.33
CA ALA G 750 2.03 -26.12 14.05
C ALA G 750 0.77 -25.32 14.34
N HIS G 751 -0.37 -25.69 13.77
CA HIS G 751 -1.62 -24.98 14.03
C HIS G 751 -2.01 -25.12 15.50
N THR G 752 -2.89 -24.21 15.94
CA THR G 752 -3.29 -24.20 17.35
C THR G 752 -4.02 -25.48 17.74
N CYS G 753 -4.92 -25.95 16.89
CA CYS G 753 -5.73 -27.12 17.23
C CYS G 753 -4.86 -28.37 17.36
N SER G 754 -3.91 -28.56 16.45
CA SER G 754 -3.02 -29.72 16.54
C SER G 754 -2.18 -29.66 17.80
N GLN G 755 -1.72 -28.47 18.19
CA GLN G 755 -0.92 -28.35 19.41
C GLN G 755 -1.76 -28.61 20.65
N MET G 756 -3.01 -28.16 20.67
CA MET G 756 -3.88 -28.46 21.79
C MET G 756 -4.14 -29.97 21.90
N LEU G 757 -4.35 -30.62 20.75
CA LEU G 757 -4.55 -32.07 20.76
C LEU G 757 -3.30 -32.80 21.23
N LEU G 758 -2.13 -32.34 20.81
CA LEU G 758 -0.89 -32.97 21.25
C LEU G 758 -0.68 -32.76 22.75
N THR G 759 -1.04 -31.59 23.27
CA THR G 759 -0.95 -31.38 24.72
C THR G 759 -1.89 -32.31 25.46
N ASP G 760 -3.10 -32.50 24.96
CA ASP G 760 -4.03 -33.44 25.58
C ASP G 760 -3.53 -34.87 25.54
N MET G 761 -2.86 -35.26 24.45
CA MET G 761 -2.22 -36.58 24.41
C MET G 761 -1.09 -36.67 25.42
N TRP G 762 -0.29 -35.61 25.54
CA TRP G 762 0.88 -35.62 26.40
C TRP G 762 0.49 -35.73 27.88
N MET G 763 -0.57 -35.02 28.29
CA MET G 763 -0.97 -35.06 29.69
C MET G 763 -1.62 -36.37 30.09
N GLY G 764 -1.99 -37.22 29.13
CA GLY G 764 -2.58 -38.51 29.48
C GLY G 764 -3.96 -38.34 30.09
N ARG G 765 -4.28 -39.25 31.01
CA ARG G 765 -5.59 -39.25 31.65
C ARG G 765 -5.72 -38.21 32.76
N LEU G 766 -4.62 -37.64 33.23
CA LEU G 766 -4.67 -36.59 34.24
C LEU G 766 -5.20 -35.30 33.62
N ARG G 767 -5.40 -34.28 34.45
CA ARG G 767 -5.74 -32.95 33.94
C ARG G 767 -4.62 -31.96 34.20
N MET G 768 -4.36 -31.62 35.48
CA MET G 768 -3.26 -30.77 35.95
C MET G 768 -2.86 -29.65 35.00
N ARG G 769 -3.85 -28.92 34.47
CA ARG G 769 -3.58 -27.99 33.38
C ARG G 769 -3.04 -26.64 33.84
N LYS G 770 -3.19 -26.30 35.12
CA LYS G 770 -2.77 -24.99 35.58
C LYS G 770 -1.28 -24.94 35.88
N ASN G 771 -0.82 -25.77 36.82
CA ASN G 771 0.58 -25.77 37.24
C ASN G 771 1.00 -27.23 37.43
N SER G 772 1.57 -27.81 36.37
CA SER G 772 2.03 -29.18 36.38
C SER G 772 3.55 -29.22 36.51
N GLY G 773 4.11 -30.42 36.42
CA GLY G 773 5.53 -30.60 36.58
C GLY G 773 5.91 -30.90 38.01
N LEU G 774 5.68 -29.93 38.90
CA LEU G 774 5.96 -30.14 40.32
C LEU G 774 5.07 -31.23 40.90
N LYS G 775 3.79 -31.25 40.51
CA LYS G 775 2.89 -32.29 40.98
C LYS G 775 3.31 -33.67 40.48
N VAL G 776 3.80 -33.74 39.24
CA VAL G 776 4.29 -35.01 38.70
C VAL G 776 5.53 -35.46 39.46
N ILE G 777 6.42 -34.52 39.79
CA ILE G 777 7.62 -34.85 40.56
C ILE G 777 7.23 -35.38 41.95
N LEU G 778 6.26 -34.73 42.60
CA LEU G 778 5.80 -35.19 43.89
C LEU G 778 5.16 -36.57 43.78
N GLY G 779 4.41 -36.82 42.71
CA GLY G 779 3.80 -38.12 42.54
C GLY G 779 4.81 -39.23 42.33
N ILE G 780 5.83 -38.99 41.48
CA ILE G 780 6.81 -40.04 41.21
C ILE G 780 7.71 -40.26 42.42
N LEU G 781 8.05 -39.18 43.15
CA LEU G 781 8.89 -39.33 44.33
C LEU G 781 8.11 -39.89 45.51
N LEU G 782 6.85 -39.48 45.66
CA LEU G 782 5.99 -39.95 46.74
C LEU G 782 4.81 -40.70 46.14
N PRO G 783 4.87 -42.03 46.07
CA PRO G 783 3.75 -42.81 45.54
C PRO G 783 2.46 -42.60 46.32
N PRO G 784 2.48 -42.39 47.71
CA PRO G 784 1.24 -42.02 48.42
C PRO G 784 0.85 -40.55 48.25
N SER G 785 0.90 -40.05 47.02
CA SER G 785 0.44 -38.71 46.71
C SER G 785 -0.38 -38.65 45.44
N ILE G 786 -0.61 -39.78 44.76
CA ILE G 786 -1.46 -39.80 43.58
C ILE G 786 -2.90 -39.48 43.92
N LEU G 787 -3.31 -39.68 45.18
CA LEU G 787 -4.70 -39.42 45.57
C LEU G 787 -4.92 -37.94 45.85
N SER G 788 -4.53 -37.09 44.91
CA SER G 788 -4.85 -35.67 44.98
C SER G 788 -5.09 -35.06 43.60
N LEU G 789 -5.03 -35.84 42.53
CA LEU G 789 -5.11 -35.34 41.17
C LEU G 789 -6.39 -35.85 40.51
N GLU G 790 -7.08 -34.97 39.81
CA GLU G 790 -8.29 -35.35 39.10
C GLU G 790 -7.95 -36.15 37.84
N PHE G 791 -8.79 -37.13 37.54
CA PHE G 791 -8.62 -37.99 36.39
C PHE G 791 -9.79 -37.82 35.44
N LYS G 792 -9.51 -37.94 34.14
CA LYS G 792 -10.58 -37.89 33.16
C LYS G 792 -11.37 -39.20 33.16
N ASN G 793 -12.61 -39.10 32.71
CA ASN G 793 -13.50 -40.26 32.68
C ASN G 793 -13.14 -41.22 31.54
N GLY G 860 -7.10 -48.25 43.00
CA GLY G 860 -6.28 -49.33 42.50
C GLY G 860 -5.97 -49.20 41.01
N ARG G 861 -7.00 -48.91 40.23
CA ARG G 861 -6.81 -48.71 38.80
C ARG G 861 -6.17 -47.37 38.48
N LYS G 862 -6.32 -46.37 39.37
CA LYS G 862 -5.76 -45.05 39.12
C LYS G 862 -4.23 -45.05 39.13
N ILE G 863 -3.60 -46.03 39.77
CA ILE G 863 -2.14 -46.12 39.73
C ILE G 863 -1.67 -46.45 38.32
N TYR G 864 -2.32 -47.42 37.68
CA TYR G 864 -1.96 -47.79 36.32
C TYR G 864 -2.21 -46.63 35.35
N GLU G 865 -3.33 -45.92 35.54
CA GLU G 865 -3.63 -44.79 34.68
C GLU G 865 -2.65 -43.64 34.91
N PHE G 866 -2.17 -43.46 36.14
CA PHE G 866 -1.21 -42.41 36.41
C PHE G 866 0.15 -42.72 35.81
N TYR G 867 0.61 -43.95 35.97
CA TYR G 867 1.97 -44.28 35.56
C TYR G 867 2.12 -44.56 34.07
N ASN G 868 1.02 -44.63 33.32
CA ASN G 868 1.10 -44.91 31.89
C ASN G 868 0.99 -43.65 31.04
N ALA G 869 0.89 -42.48 31.64
CA ALA G 869 0.92 -41.25 30.87
C ALA G 869 2.32 -41.02 30.32
N PRO G 870 2.43 -40.40 29.13
CA PRO G 870 3.77 -40.10 28.61
C PRO G 870 4.58 -39.17 29.50
N ILE G 871 3.94 -38.20 30.16
CA ILE G 871 4.68 -37.19 30.89
C ILE G 871 5.34 -37.78 32.13
N VAL G 872 4.64 -38.68 32.82
CA VAL G 872 5.25 -39.30 34.00
C VAL G 872 6.39 -40.22 33.59
N LYS G 873 6.29 -40.88 32.42
CA LYS G 873 7.41 -41.64 31.89
C LYS G 873 8.59 -40.72 31.60
N PHE G 874 8.31 -39.54 31.04
CA PHE G 874 9.38 -38.58 30.76
C PHE G 874 10.07 -38.13 32.03
N TRP G 875 9.30 -37.84 33.08
CA TRP G 875 9.93 -37.40 34.32
C TRP G 875 10.67 -38.52 35.03
N PHE G 876 10.16 -39.76 34.94
CA PHE G 876 10.90 -40.89 35.47
C PHE G 876 12.24 -41.06 34.75
N TYR G 877 12.23 -40.94 33.43
CA TYR G 877 13.45 -41.06 32.65
C TYR G 877 14.42 -39.93 32.97
N THR G 878 13.91 -38.71 33.14
CA THR G 878 14.76 -37.57 33.49
C THR G 878 15.40 -37.76 34.86
N LEU G 879 14.63 -38.22 35.84
CA LEU G 879 15.19 -38.48 37.16
C LEU G 879 16.26 -39.56 37.10
N ALA G 880 16.02 -40.62 36.32
CA ALA G 880 17.03 -41.66 36.18
C ALA G 880 18.29 -41.13 35.52
N TYR G 881 18.15 -40.27 34.50
CA TYR G 881 19.32 -39.72 33.85
C TYR G 881 20.11 -38.81 34.79
N ILE G 882 19.41 -38.01 35.59
CA ILE G 882 20.11 -37.15 36.56
C ILE G 882 20.87 -37.99 37.58
N GLY G 883 20.23 -39.06 38.07
CA GLY G 883 20.93 -39.94 39.01
C GLY G 883 22.14 -40.60 38.41
N TYR G 884 22.03 -41.08 37.17
CA TYR G 884 23.17 -41.69 36.49
C TYR G 884 24.29 -40.68 36.28
N LEU G 885 23.94 -39.45 35.93
CA LEU G 885 24.96 -38.43 35.72
C LEU G 885 25.67 -38.08 37.02
N MET G 886 24.93 -38.01 38.13
CA MET G 886 25.56 -37.77 39.42
C MET G 886 26.50 -38.91 39.80
N LEU G 887 26.08 -40.15 39.54
CA LEU G 887 26.97 -41.29 39.82
C LEU G 887 28.22 -41.23 38.95
N PHE G 888 28.08 -40.82 37.68
CA PHE G 888 29.23 -40.69 36.81
C PHE G 888 30.21 -39.64 37.32
N ASN G 889 29.68 -38.49 37.75
CA ASN G 889 30.53 -37.44 38.31
C ASN G 889 31.26 -37.94 39.55
N TYR G 890 30.55 -38.66 40.42
CA TYR G 890 31.20 -39.18 41.62
C TYR G 890 32.28 -40.19 41.28
N ILE G 891 32.04 -41.05 40.28
CA ILE G 891 33.01 -42.10 40.02
C ILE G 891 34.24 -41.56 39.29
N VAL G 892 34.11 -40.48 38.52
CA VAL G 892 35.31 -39.93 37.87
C VAL G 892 36.01 -38.89 38.73
N LEU G 893 35.31 -38.25 39.68
CA LEU G 893 35.96 -37.25 40.53
C LEU G 893 36.82 -37.90 41.61
N VAL G 894 36.35 -39.00 42.18
CA VAL G 894 36.99 -39.64 43.33
C VAL G 894 37.99 -40.69 42.83
N LYS G 895 39.06 -40.86 43.60
CA LYS G 895 40.08 -41.85 43.30
C LYS G 895 39.49 -43.25 43.21
N MET G 896 39.86 -43.99 42.16
CA MET G 896 39.34 -45.31 41.91
C MET G 896 40.38 -46.38 42.24
N GLU G 897 39.90 -47.53 42.70
CA GLU G 897 40.75 -48.64 43.11
C GLU G 897 40.91 -49.63 41.95
N ARG G 898 41.50 -50.78 42.25
CA ARG G 898 41.70 -51.81 41.23
C ARG G 898 40.38 -52.38 40.74
N TRP G 899 39.42 -52.59 41.64
CA TRP G 899 38.13 -53.08 41.23
C TRP G 899 37.05 -52.01 41.42
N PRO G 900 36.05 -51.96 40.53
CA PRO G 900 35.10 -50.85 40.55
C PRO G 900 34.25 -50.83 41.80
N SER G 901 33.86 -49.62 42.21
CA SER G 901 32.96 -49.41 43.33
C SER G 901 31.52 -49.63 42.88
N THR G 902 30.60 -49.53 43.84
CA THR G 902 29.18 -49.78 43.53
C THR G 902 28.63 -48.75 42.57
N GLN G 903 29.06 -47.48 42.70
CA GLN G 903 28.62 -46.45 41.76
C GLN G 903 29.07 -46.76 40.35
N GLU G 904 30.30 -47.26 40.19
CA GLU G 904 30.77 -47.64 38.87
C GLU G 904 29.95 -48.80 38.31
N TRP G 905 29.56 -49.74 39.17
CA TRP G 905 28.71 -50.84 38.72
C TRP G 905 27.35 -50.33 38.26
N ILE G 906 26.80 -49.35 38.97
CA ILE G 906 25.51 -48.78 38.57
C ILE G 906 25.65 -48.08 37.22
N VAL G 907 26.74 -47.35 37.02
CA VAL G 907 26.96 -46.68 35.74
C VAL G 907 27.10 -47.69 34.61
N ILE G 908 27.86 -48.77 34.85
CA ILE G 908 28.03 -49.81 33.84
C ILE G 908 26.71 -50.47 33.51
N SER G 909 25.89 -50.74 34.53
CA SER G 909 24.58 -51.33 34.30
C SER G 909 23.70 -50.39 33.48
N TYR G 910 23.75 -49.09 33.76
CA TYR G 910 22.98 -48.13 32.98
C TYR G 910 23.39 -48.14 31.52
N ILE G 911 24.70 -48.14 31.25
CA ILE G 911 25.17 -48.12 29.86
C ILE G 911 24.77 -49.40 29.15
N PHE G 912 24.91 -50.55 29.82
CA PHE G 912 24.57 -51.83 29.19
C PHE G 912 23.08 -51.91 28.88
N THR G 913 22.24 -51.50 29.83
CA THR G 913 20.80 -51.53 29.60
C THR G 913 20.38 -50.54 28.52
N LEU G 914 21.04 -49.38 28.45
CA LEU G 914 20.72 -48.43 27.38
C LEU G 914 21.09 -49.01 26.02
N GLY G 915 22.23 -49.71 25.93
CA GLY G 915 22.57 -50.38 24.68
C GLY G 915 21.58 -51.46 24.31
N ILE G 916 21.12 -52.23 25.30
CA ILE G 916 20.10 -53.25 25.05
C ILE G 916 18.82 -52.62 24.52
N GLU G 917 18.42 -51.49 25.13
CA GLU G 917 17.21 -50.81 24.68
C GLU G 917 17.39 -50.24 23.27
N LYS G 918 18.58 -49.74 22.94
CA LYS G 918 18.83 -49.28 21.59
C LYS G 918 18.70 -50.41 20.58
N MET G 919 19.23 -51.59 20.93
CA MET G 919 19.09 -52.74 20.04
C MET G 919 17.63 -53.15 19.90
N ARG G 920 16.87 -53.12 20.99
CA ARG G 920 15.46 -53.46 20.92
C ARG G 920 14.70 -52.47 20.03
N GLU G 921 15.03 -51.19 20.13
CA GLU G 921 14.41 -50.19 19.27
C GLU G 921 14.79 -50.41 17.82
N ILE G 922 16.05 -50.75 17.54
CA ILE G 922 16.48 -50.95 16.17
C ILE G 922 15.93 -52.24 15.58
N LEU G 923 15.49 -53.19 16.42
CA LEU G 923 14.89 -54.41 15.90
C LEU G 923 13.40 -54.27 15.65
N MET G 924 12.67 -53.57 16.53
CA MET G 924 11.23 -53.42 16.42
C MET G 924 10.83 -52.18 15.63
N SER G 925 11.63 -51.78 14.64
CA SER G 925 11.34 -50.58 13.86
C SER G 925 10.28 -50.90 12.80
N GLU G 926 10.01 -49.93 11.93
CA GLU G 926 8.96 -50.04 10.92
C GLU G 926 9.36 -50.88 9.70
N PRO G 927 10.54 -50.69 9.08
CA PRO G 927 10.87 -51.52 7.92
C PRO G 927 11.00 -52.99 8.28
N GLY G 928 10.66 -53.85 7.31
CA GLY G 928 10.69 -55.28 7.54
C GLY G 928 12.04 -55.93 7.38
N LYS G 929 13.05 -55.20 6.91
CA LYS G 929 14.38 -55.73 6.68
C LYS G 929 15.34 -55.23 7.74
N LEU G 930 16.24 -56.12 8.18
CA LEU G 930 17.22 -55.74 9.20
C LEU G 930 18.16 -54.66 8.69
N LEU G 931 18.62 -54.78 7.44
CA LEU G 931 19.49 -53.77 6.86
C LEU G 931 18.75 -52.46 6.64
N GLN G 932 17.44 -52.52 6.37
CA GLN G 932 16.66 -51.31 6.23
C GLN G 932 16.39 -50.64 7.57
N LYS G 933 16.32 -51.42 8.65
CA LYS G 933 16.00 -50.84 9.95
C LYS G 933 17.19 -50.08 10.53
N VAL G 934 18.40 -50.58 10.36
CA VAL G 934 19.57 -49.87 10.86
C VAL G 934 19.81 -48.59 10.09
N LYS G 935 19.56 -48.63 8.77
CA LYS G 935 19.76 -47.43 7.95
C LYS G 935 18.75 -46.34 8.31
N VAL G 936 17.51 -46.72 8.61
CA VAL G 936 16.52 -45.72 8.99
C VAL G 936 16.66 -45.31 10.46
N TRP G 937 17.30 -46.14 11.28
CA TRP G 937 17.56 -45.73 12.66
C TRP G 937 18.73 -44.75 12.74
N LEU G 938 19.75 -44.95 11.91
CA LEU G 938 20.90 -44.06 11.91
C LEU G 938 20.64 -42.84 11.05
N GLN G 939 19.52 -42.16 11.30
CA GLN G 939 19.17 -40.92 10.62
C GLN G 939 19.24 -39.71 11.52
N GLU G 940 18.76 -39.83 12.76
CA GLU G 940 18.95 -38.80 13.76
C GLU G 940 20.39 -38.82 14.26
N TYR G 941 20.96 -37.64 14.49
CA TYR G 941 22.34 -37.57 14.91
C TYR G 941 22.51 -38.01 16.36
N TRP G 942 21.46 -37.88 17.17
CA TRP G 942 21.55 -38.33 18.56
C TRP G 942 21.78 -39.82 18.63
N ASN G 943 21.14 -40.60 17.75
CA ASN G 943 21.35 -42.05 17.76
C ASN G 943 22.78 -42.42 17.39
N VAL G 944 23.35 -41.75 16.39
CA VAL G 944 24.73 -42.03 15.98
C VAL G 944 25.69 -41.69 17.09
N THR G 945 25.51 -40.51 17.71
CA THR G 945 26.38 -40.11 18.80
C THR G 945 26.23 -41.03 20.01
N ASP G 946 25.01 -41.49 20.28
CA ASP G 946 24.81 -42.44 21.37
C ASP G 946 25.52 -43.76 21.10
N LEU G 947 25.45 -44.26 19.87
CA LEU G 947 26.15 -45.49 19.53
C LEU G 947 27.66 -45.33 19.71
N ILE G 948 28.20 -44.20 19.22
CA ILE G 948 29.64 -43.96 19.35
C ILE G 948 30.04 -43.86 20.81
N ALA G 949 29.24 -43.16 21.62
CA ALA G 949 29.56 -42.98 23.03
C ALA G 949 29.50 -44.30 23.79
N ILE G 950 28.51 -45.15 23.48
CA ILE G 950 28.41 -46.44 24.15
C ILE G 950 29.59 -47.33 23.78
N LEU G 951 29.98 -47.33 22.51
CA LEU G 951 31.16 -48.11 22.12
C LEU G 951 32.42 -47.60 22.81
N LEU G 952 32.57 -46.27 22.90
CA LEU G 952 33.74 -45.69 23.56
C LEU G 952 33.76 -46.04 25.04
N PHE G 953 32.60 -45.98 25.71
CA PHE G 953 32.53 -46.36 27.12
C PHE G 953 32.86 -47.83 27.31
N SER G 954 32.40 -48.68 26.39
CA SER G 954 32.73 -50.11 26.48
C SER G 954 34.24 -50.33 26.34
N VAL G 955 34.88 -49.63 25.41
CA VAL G 955 36.32 -49.74 25.26
C VAL G 955 37.04 -49.28 26.52
N GLY G 956 36.60 -48.15 27.09
CA GLY G 956 37.21 -47.65 28.31
C GLY G 956 37.03 -48.60 29.48
N MET G 957 35.86 -49.24 29.57
CA MET G 957 35.62 -50.21 30.63
C MET G 957 36.49 -51.45 30.44
N ILE G 958 36.70 -51.86 29.19
CA ILE G 958 37.60 -52.99 28.93
C ILE G 958 39.02 -52.66 29.36
N LEU G 959 39.50 -51.47 29.01
CA LEU G 959 40.84 -51.07 29.40
C LEU G 959 40.94 -50.77 30.89
N ARG G 960 39.82 -50.52 31.56
CA ARG G 960 39.85 -50.14 32.97
C ARG G 960 40.30 -51.28 33.86
N LEU G 961 39.81 -52.49 33.60
CA LEU G 961 40.04 -53.64 34.47
C LEU G 961 41.33 -54.37 34.09
N GLN G 962 42.43 -53.66 34.19
CA GLN G 962 43.74 -54.19 33.78
C GLN G 962 44.81 -53.54 34.68
N ASP G 963 46.07 -53.59 34.22
CA ASP G 963 47.18 -53.08 35.00
C ASP G 963 47.17 -51.55 35.00
N GLN G 964 48.19 -50.97 35.64
CA GLN G 964 48.19 -49.53 35.92
C GLN G 964 48.13 -48.64 34.68
N PRO G 965 48.96 -48.83 33.63
CA PRO G 965 48.83 -47.93 32.47
C PRO G 965 47.51 -48.09 31.74
N PHE G 966 47.05 -49.33 31.56
CA PHE G 966 45.75 -49.54 30.93
C PHE G 966 44.62 -48.97 31.79
N ARG G 967 44.74 -49.09 33.12
CA ARG G 967 43.74 -48.50 34.00
C ARG G 967 43.72 -46.99 33.88
N SER G 968 44.89 -46.36 33.78
CA SER G 968 44.95 -44.92 33.60
C SER G 968 44.32 -44.51 32.27
N ASP G 969 44.58 -45.26 31.20
CA ASP G 969 43.98 -44.96 29.91
C ASP G 969 42.46 -45.11 29.96
N GLY G 970 41.97 -46.15 30.64
CA GLY G 970 40.53 -46.31 30.79
C GLY G 970 39.90 -45.17 31.58
N ARG G 971 40.59 -44.72 32.63
CA ARG G 971 40.08 -43.59 33.40
C ARG G 971 40.03 -42.32 32.56
N VAL G 972 41.05 -42.11 31.71
CA VAL G 972 41.03 -40.94 30.84
C VAL G 972 39.91 -41.06 29.82
N ILE G 973 39.61 -42.28 29.36
CA ILE G 973 38.46 -42.47 28.47
C ILE G 973 37.16 -42.13 29.18
N TYR G 974 37.05 -42.51 30.46
CA TYR G 974 35.87 -42.12 31.25
C TYR G 974 35.75 -40.60 31.34
N CYS G 975 36.87 -39.93 31.62
CA CYS G 975 36.84 -38.48 31.80
C CYS G 975 36.56 -37.74 30.50
N VAL G 976 36.92 -38.34 29.36
CA VAL G 976 36.51 -37.76 28.08
C VAL G 976 35.04 -38.03 27.83
N ASN G 977 34.56 -39.22 28.19
CA ASN G 977 33.20 -39.63 27.87
C ASN G 977 32.16 -38.88 28.68
N ILE G 978 32.53 -38.41 29.88
CA ILE G 978 31.56 -37.71 30.73
C ILE G 978 31.07 -36.42 30.05
N ILE G 979 31.89 -35.85 29.17
CA ILE G 979 31.51 -34.60 28.50
C ILE G 979 30.27 -34.80 27.64
N TYR G 980 30.21 -35.92 26.90
CA TYR G 980 29.07 -36.15 26.02
C TYR G 980 27.79 -36.36 26.82
N TRP G 981 27.86 -37.12 27.91
CA TRP G 981 26.67 -37.33 28.72
C TRP G 981 26.22 -36.06 29.41
N TYR G 982 27.17 -35.17 29.72
CA TYR G 982 26.77 -33.85 30.22
C TYR G 982 26.08 -33.03 29.14
N ILE G 983 26.59 -33.10 27.91
CA ILE G 983 26.00 -32.33 26.81
C ILE G 983 24.61 -32.83 26.48
N ARG G 984 24.37 -34.13 26.59
CA ARG G 984 23.08 -34.72 26.23
C ARG G 984 21.90 -34.22 27.08
N LEU G 985 22.16 -33.36 28.06
CA LEU G 985 21.07 -32.73 28.80
C LEU G 985 20.26 -31.78 27.93
N LEU G 986 20.78 -31.38 26.77
CA LEU G 986 20.01 -30.53 25.88
C LEU G 986 18.82 -31.27 25.30
N ASP G 987 18.90 -32.59 25.16
CA ASP G 987 17.74 -33.38 24.76
C ASP G 987 16.64 -33.30 25.82
N ILE G 988 17.01 -33.37 27.09
CA ILE G 988 16.04 -33.20 28.16
C ILE G 988 15.47 -31.79 28.16
N PHE G 989 16.33 -30.79 27.91
CA PHE G 989 15.88 -29.41 27.88
C PHE G 989 14.97 -29.12 26.70
N GLY G 990 15.04 -29.91 25.63
CA GLY G 990 14.26 -29.66 24.43
C GLY G 990 12.76 -29.78 24.61
N VAL G 991 12.30 -30.31 25.74
CA VAL G 991 10.86 -30.39 25.99
C VAL G 991 10.28 -29.01 26.26
N ASN G 992 11.03 -28.17 26.98
CA ASN G 992 10.54 -26.85 27.36
C ASN G 992 10.31 -25.99 26.13
N LYS G 993 9.29 -25.11 26.21
CA LYS G 993 8.89 -24.32 25.06
C LYS G 993 9.93 -23.28 24.65
N TYR G 994 10.78 -22.84 25.59
CA TYR G 994 11.75 -21.80 25.31
C TYR G 994 13.18 -22.29 25.18
N LEU G 995 13.50 -23.47 25.71
CA LEU G 995 14.83 -24.01 25.64
C LEU G 995 15.04 -24.96 24.47
N GLY G 996 14.01 -25.20 23.65
CA GLY G 996 14.15 -25.99 22.46
C GLY G 996 14.58 -25.17 21.26
N PRO G 997 13.80 -24.13 20.93
CA PRO G 997 14.22 -23.22 19.86
C PRO G 997 15.58 -22.59 20.08
N TYR G 998 15.96 -22.31 21.33
CA TYR G 998 17.30 -21.78 21.58
C TYR G 998 18.37 -22.80 21.20
N VAL G 999 18.14 -24.07 21.51
CA VAL G 999 19.10 -25.11 21.13
C VAL G 999 19.20 -25.22 19.62
N MET G 1000 18.05 -25.17 18.92
CA MET G 1000 18.10 -25.25 17.46
C MET G 1000 18.81 -24.05 16.85
N MET G 1001 18.58 -22.85 17.42
CA MET G 1001 19.27 -21.67 16.93
C MET G 1001 20.77 -21.76 17.16
N ILE G 1002 21.19 -22.32 18.30
CA ILE G 1002 22.61 -22.57 18.54
C ILE G 1002 23.16 -23.52 17.48
N GLY G 1003 22.41 -24.57 17.17
CA GLY G 1003 22.86 -25.53 16.18
C GLY G 1003 23.05 -24.92 14.80
N LYS G 1004 22.18 -23.98 14.44
CA LYS G 1004 22.36 -23.31 13.14
C LYS G 1004 23.49 -22.29 13.17
N MET G 1005 23.59 -21.51 14.25
CA MET G 1005 24.64 -20.50 14.31
C MET G 1005 26.03 -21.11 14.41
N MET G 1006 26.16 -22.37 14.85
CA MET G 1006 27.47 -23.01 14.85
C MET G 1006 28.00 -23.17 13.42
N ILE G 1007 27.13 -23.63 12.50
CA ILE G 1007 27.51 -23.72 11.11
C ILE G 1007 27.74 -22.34 10.53
N ASP G 1008 26.98 -21.35 11.00
CA ASP G 1008 27.23 -19.98 10.55
C ASP G 1008 28.59 -19.46 11.04
N MET G 1009 29.09 -19.97 12.16
CA MET G 1009 30.31 -19.48 12.80
C MET G 1009 31.58 -20.17 12.29
N MET G 1010 31.44 -21.39 11.75
CA MET G 1010 32.60 -22.15 11.29
C MET G 1010 33.51 -21.36 10.34
N TYR G 1011 32.91 -20.57 9.44
CA TYR G 1011 33.71 -19.84 8.44
C TYR G 1011 34.57 -18.76 9.09
N PHE G 1012 33.99 -17.98 10.00
CA PHE G 1012 34.80 -16.99 10.70
C PHE G 1012 35.85 -17.66 11.58
N VAL G 1013 35.56 -18.86 12.09
CA VAL G 1013 36.59 -19.60 12.81
C VAL G 1013 37.76 -19.92 11.88
N ILE G 1014 37.47 -20.32 10.65
CA ILE G 1014 38.53 -20.60 9.68
C ILE G 1014 39.38 -19.36 9.41
N ILE G 1015 38.72 -18.21 9.21
CA ILE G 1015 39.46 -16.99 8.91
C ILE G 1015 40.33 -16.58 10.10
N MET G 1016 39.78 -16.65 11.32
CA MET G 1016 40.57 -16.35 12.51
C MET G 1016 41.76 -17.30 12.61
N LEU G 1017 41.58 -18.57 12.23
CA LEU G 1017 42.67 -19.53 12.29
C LEU G 1017 43.78 -19.17 11.32
N VAL G 1018 43.41 -18.70 10.12
CA VAL G 1018 44.42 -18.28 9.14
C VAL G 1018 45.24 -17.11 9.68
N VAL G 1019 44.56 -16.11 10.23
CA VAL G 1019 45.27 -14.94 10.76
C VAL G 1019 46.14 -15.34 11.96
N LEU G 1020 45.62 -16.23 12.80
CA LEU G 1020 46.36 -16.68 13.98
C LEU G 1020 47.63 -17.40 13.59
N MET G 1021 47.56 -18.30 12.60
CA MET G 1021 48.77 -18.97 12.12
C MET G 1021 49.75 -17.96 11.55
N SER G 1022 49.24 -16.98 10.78
CA SER G 1022 50.12 -16.00 10.16
C SER G 1022 50.90 -15.20 11.20
N PHE G 1023 50.26 -14.82 12.30
CA PHE G 1023 50.98 -14.11 13.36
C PHE G 1023 51.91 -15.04 14.13
N GLY G 1024 51.44 -16.24 14.48
CA GLY G 1024 52.21 -17.10 15.36
C GLY G 1024 53.50 -17.60 14.72
N VAL G 1025 53.45 -18.00 13.45
CA VAL G 1025 54.66 -18.51 12.82
C VAL G 1025 55.71 -17.41 12.72
N ALA G 1026 55.30 -16.19 12.38
CA ALA G 1026 56.23 -15.09 12.29
C ALA G 1026 56.86 -14.75 13.64
N ARG G 1027 56.05 -14.71 14.70
CA ARG G 1027 56.60 -14.41 16.01
C ARG G 1027 57.59 -15.49 16.45
N GLN G 1028 57.21 -16.76 16.27
CA GLN G 1028 58.09 -17.85 16.69
C GLN G 1028 59.38 -17.86 15.88
N ALA G 1029 59.29 -17.56 14.58
CA ALA G 1029 60.49 -17.56 13.74
C ALA G 1029 61.42 -16.41 14.10
N ILE G 1030 60.88 -15.21 14.35
CA ILE G 1030 61.73 -14.06 14.65
C ILE G 1030 62.37 -14.21 16.02
N LEU G 1031 61.61 -14.65 17.02
CA LEU G 1031 62.14 -14.66 18.39
C LEU G 1031 63.18 -15.75 18.59
N PHE G 1032 62.94 -16.96 18.07
CA PHE G 1032 63.78 -18.12 18.33
C PHE G 1032 64.35 -18.64 17.02
N PRO G 1033 65.54 -18.19 16.62
CA PRO G 1033 66.17 -18.66 15.38
C PRO G 1033 67.14 -19.82 15.54
N ASN G 1034 67.17 -20.48 16.69
CA ASN G 1034 68.12 -21.55 16.96
C ASN G 1034 67.40 -22.77 17.51
N GLU G 1035 66.31 -23.18 16.85
CA GLU G 1035 65.50 -24.30 17.29
C GLU G 1035 65.70 -25.48 16.36
N GLU G 1036 65.98 -26.65 16.94
CA GLU G 1036 66.04 -27.89 16.18
C GLU G 1036 64.64 -28.30 15.73
N PRO G 1037 64.53 -29.09 14.67
CA PRO G 1037 63.20 -29.57 14.25
C PRO G 1037 62.59 -30.51 15.27
N SER G 1038 61.54 -30.05 15.94
CA SER G 1038 60.87 -30.83 16.96
C SER G 1038 59.40 -30.48 16.96
N TRP G 1039 58.57 -31.39 17.47
CA TRP G 1039 57.13 -31.18 17.45
C TRP G 1039 56.68 -30.05 18.37
N LYS G 1040 57.56 -29.55 19.24
CA LYS G 1040 57.22 -28.41 20.07
C LYS G 1040 56.96 -27.16 19.23
N LEU G 1041 57.57 -27.08 18.05
CA LEU G 1041 57.31 -25.96 17.15
C LEU G 1041 55.88 -25.98 16.60
N ALA G 1042 55.22 -27.13 16.62
CA ALA G 1042 53.85 -27.20 16.13
C ALA G 1042 52.85 -26.60 17.10
N LYS G 1043 53.15 -26.64 18.41
CA LYS G 1043 52.25 -26.07 19.40
C LYS G 1043 52.60 -24.65 19.79
N ASN G 1044 53.84 -24.21 19.54
CA ASN G 1044 54.21 -22.83 19.82
C ASN G 1044 53.53 -21.84 18.88
N ILE G 1045 52.89 -22.33 17.82
CA ILE G 1045 52.17 -21.47 16.89
C ILE G 1045 50.72 -21.27 17.32
N PHE G 1046 50.07 -22.35 17.77
CA PHE G 1046 48.64 -22.31 18.07
C PHE G 1046 48.35 -21.87 19.50
N TYR G 1047 49.21 -22.22 20.45
CA TYR G 1047 48.92 -22.04 21.88
C TYR G 1047 48.77 -20.57 22.29
N MET G 1048 49.86 -19.82 22.24
CA MET G 1048 49.88 -18.49 22.81
C MET G 1048 49.13 -17.46 21.96
N PRO G 1049 49.23 -17.46 20.63
CA PRO G 1049 48.34 -16.58 19.85
C PRO G 1049 46.87 -16.88 20.02
N TYR G 1050 46.50 -18.08 20.49
CA TYR G 1050 45.09 -18.34 20.76
C TYR G 1050 44.68 -17.87 22.14
N TRP G 1051 45.52 -18.09 23.17
CA TRP G 1051 45.17 -17.55 24.47
C TRP G 1051 45.29 -16.04 24.52
N MET G 1052 45.99 -15.42 23.58
CA MET G 1052 46.18 -13.98 23.60
C MET G 1052 44.87 -13.24 23.40
N ILE G 1053 44.02 -13.73 22.48
CA ILE G 1053 42.80 -12.98 22.15
C ILE G 1053 41.69 -13.13 23.16
N TYR G 1054 41.80 -14.07 24.09
CA TYR G 1054 40.78 -14.27 25.11
C TYR G 1054 41.09 -13.55 26.41
N GLY G 1055 42.09 -12.68 26.43
CA GLY G 1055 42.36 -11.88 27.61
C GLY G 1055 43.63 -12.24 28.34
N GLU G 1056 44.63 -12.72 27.61
CA GLU G 1056 45.93 -13.05 28.19
C GLU G 1056 47.04 -12.50 27.31
N VAL G 1057 46.96 -11.21 26.97
CA VAL G 1057 47.97 -10.58 26.11
C VAL G 1057 49.36 -10.73 26.74
N PHE G 1058 49.53 -10.20 27.94
CA PHE G 1058 50.65 -10.53 28.82
C PHE G 1058 52.00 -10.26 28.14
N ALA G 1059 52.23 -8.97 27.90
CA ALA G 1059 53.52 -8.54 27.38
C ALA G 1059 54.65 -8.97 28.32
N ASP G 1060 55.88 -8.97 27.78
CA ASP G 1060 57.11 -9.53 28.34
C ASP G 1060 57.10 -11.06 28.27
N GLN G 1061 55.97 -11.64 27.86
CA GLN G 1061 55.96 -13.01 27.36
C GLN G 1061 56.00 -13.05 25.85
N ILE G 1062 55.57 -11.97 25.18
CA ILE G 1062 55.78 -11.75 23.76
C ILE G 1062 56.57 -10.46 23.62
N ASP G 1063 57.64 -10.51 22.83
CA ASP G 1063 58.64 -9.46 22.75
C ASP G 1063 59.23 -9.23 24.15
N PRO G 1064 60.04 -10.16 24.65
CA PRO G 1064 60.56 -10.04 26.01
C PRO G 1064 61.55 -8.90 26.12
N PRO G 1065 61.83 -8.41 27.33
CA PRO G 1065 62.85 -7.36 27.48
C PRO G 1065 64.24 -7.87 27.12
N CYS G 1066 64.81 -7.34 26.04
CA CYS G 1066 66.10 -7.80 25.56
C CYS G 1066 66.80 -6.71 24.76
N GLN G 1079 74.33 -7.98 31.92
CA GLN G 1079 73.04 -7.87 32.60
C GLN G 1079 71.93 -8.49 31.77
N LEU G 1080 71.52 -7.77 30.73
CA LEU G 1080 70.42 -8.17 29.86
C LEU G 1080 70.96 -8.90 28.64
N PRO G 1081 70.40 -10.05 28.28
CA PRO G 1081 70.87 -10.74 27.06
C PRO G 1081 70.55 -9.91 25.84
N PRO G 1082 71.36 -10.02 24.79
CA PRO G 1082 71.15 -9.19 23.60
C PRO G 1082 69.83 -9.48 22.92
N CYS G 1083 69.26 -8.45 22.31
CA CYS G 1083 68.01 -8.60 21.59
C CYS G 1083 68.23 -9.36 20.28
N LYS G 1084 67.28 -10.21 19.93
CA LYS G 1084 67.34 -10.93 18.67
C LYS G 1084 67.19 -9.95 17.50
N THR G 1085 67.84 -10.27 16.39
CA THR G 1085 67.85 -9.37 15.25
C THR G 1085 66.44 -9.24 14.67
N GLY G 1086 65.88 -8.04 14.75
CA GLY G 1086 64.53 -7.81 14.31
C GLY G 1086 63.46 -8.05 15.34
N ALA G 1087 63.81 -8.11 16.62
CA ALA G 1087 62.83 -8.31 17.69
C ALA G 1087 62.20 -6.99 18.12
N TRP G 1088 61.72 -6.24 17.12
CA TRP G 1088 60.90 -5.06 17.35
C TRP G 1088 59.66 -5.04 16.47
N ILE G 1089 59.61 -5.87 15.43
CA ILE G 1089 58.40 -6.02 14.63
C ILE G 1089 57.33 -6.82 15.34
N VAL G 1090 57.71 -7.60 16.36
CA VAL G 1090 56.73 -8.43 17.06
C VAL G 1090 55.63 -7.60 17.73
N PRO G 1091 55.90 -6.49 18.42
CA PRO G 1091 54.79 -5.66 18.91
C PRO G 1091 53.90 -5.11 17.81
N ALA G 1092 54.45 -4.72 16.65
CA ALA G 1092 53.62 -4.19 15.58
C ALA G 1092 52.72 -5.28 15.00
N ILE G 1093 53.26 -6.48 14.79
CA ILE G 1093 52.46 -7.60 14.31
C ILE G 1093 51.39 -7.96 15.33
N MET G 1094 51.73 -7.95 16.63
CA MET G 1094 50.73 -8.24 17.65
C MET G 1094 49.63 -7.19 17.65
N ALA G 1095 49.98 -5.92 17.50
CA ALA G 1095 48.98 -4.86 17.48
C ALA G 1095 48.02 -5.03 16.30
N CYS G 1096 48.57 -5.27 15.11
CA CYS G 1096 47.71 -5.46 13.94
C CYS G 1096 46.85 -6.71 14.09
N TYR G 1097 47.43 -7.80 14.62
CA TYR G 1097 46.68 -9.03 14.78
C TYR G 1097 45.54 -8.88 15.78
N LEU G 1098 45.80 -8.21 16.91
CA LEU G 1098 44.73 -7.96 17.88
C LEU G 1098 43.65 -7.07 17.30
N LEU G 1099 44.05 -6.04 16.55
CA LEU G 1099 43.06 -5.15 15.95
C LEU G 1099 42.18 -5.89 14.96
N VAL G 1100 42.76 -6.78 14.16
CA VAL G 1100 41.98 -7.54 13.19
C VAL G 1100 41.05 -8.53 13.90
N ALA G 1101 41.59 -9.28 14.87
CA ALA G 1101 40.83 -10.38 15.45
C ALA G 1101 39.75 -9.90 16.42
N ASN G 1102 40.04 -8.89 17.23
CA ASN G 1102 39.13 -8.48 18.30
C ASN G 1102 38.23 -7.31 17.94
N ILE G 1103 38.43 -6.66 16.80
CA ILE G 1103 37.62 -5.48 16.48
C ILE G 1103 36.88 -5.68 15.17
N LEU G 1104 37.48 -6.42 14.24
CA LEU G 1104 36.88 -6.59 12.91
C LEU G 1104 36.06 -7.87 12.80
N LEU G 1105 36.70 -9.03 13.01
CA LEU G 1105 36.03 -10.29 12.72
C LEU G 1105 34.94 -10.59 13.74
N VAL G 1106 35.19 -10.32 15.02
CA VAL G 1106 34.17 -10.63 16.03
C VAL G 1106 32.96 -9.70 15.89
N ASN G 1107 33.20 -8.43 15.57
CA ASN G 1107 32.08 -7.52 15.34
C ASN G 1107 31.31 -7.91 14.09
N LEU G 1108 32.01 -8.37 13.05
CA LEU G 1108 31.31 -8.83 11.85
C LEU G 1108 30.49 -10.08 12.15
N LEU G 1109 31.01 -10.97 13.00
CA LEU G 1109 30.24 -12.15 13.40
C LEU G 1109 29.02 -11.77 14.21
N ILE G 1110 29.16 -10.75 15.07
CA ILE G 1110 28.00 -10.24 15.80
C ILE G 1110 26.95 -9.71 14.83
N ALA G 1111 27.39 -8.97 13.81
CA ALA G 1111 26.45 -8.46 12.81
C ALA G 1111 25.77 -9.59 12.05
N VAL G 1112 26.52 -10.64 11.71
CA VAL G 1112 25.94 -11.77 11.00
C VAL G 1112 24.90 -12.47 11.85
N PHE G 1113 25.20 -12.72 13.13
CA PHE G 1113 24.22 -13.32 14.02
C PHE G 1113 23.02 -12.41 14.20
N ASN G 1114 23.22 -11.10 14.17
CA ASN G 1114 22.13 -10.17 14.42
C ASN G 1114 21.18 -10.08 13.23
N ASN G 1115 21.71 -10.06 12.01
CA ASN G 1115 20.90 -9.82 10.82
C ASN G 1115 20.29 -11.09 10.24
N THR G 1116 20.58 -12.26 10.80
CA THR G 1116 19.99 -13.53 10.36
C THR G 1116 19.39 -14.25 11.54
N PHE G 1117 18.62 -13.54 12.36
CA PHE G 1117 18.02 -14.11 13.56
C PHE G 1117 16.53 -14.36 13.43
N PHE G 1118 15.81 -13.52 12.70
CA PHE G 1118 14.35 -13.66 12.63
C PHE G 1118 13.95 -14.92 11.88
N GLU G 1119 14.57 -15.16 10.71
CA GLU G 1119 14.28 -16.36 9.95
C GLU G 1119 14.63 -17.61 10.73
N VAL G 1120 15.80 -17.61 11.38
CA VAL G 1120 16.23 -18.78 12.15
C VAL G 1120 15.28 -19.03 13.31
N LYS G 1121 14.85 -17.98 14.00
CA LYS G 1121 13.92 -18.13 15.12
C LYS G 1121 12.59 -18.71 14.66
N SER G 1122 12.03 -18.17 13.57
CA SER G 1122 10.74 -18.65 13.09
C SER G 1122 10.82 -20.10 12.63
N ILE G 1123 11.88 -20.44 11.88
CA ILE G 1123 12.06 -21.81 11.41
C ILE G 1123 12.22 -22.77 12.58
N SER G 1124 12.99 -22.37 13.60
CA SER G 1124 13.18 -23.22 14.76
C SER G 1124 11.88 -23.44 15.52
N ASN G 1125 11.08 -22.38 15.68
CA ASN G 1125 9.79 -22.53 16.33
C ASN G 1125 8.90 -23.51 15.58
N GLN G 1126 8.82 -23.36 14.26
CA GLN G 1126 7.99 -24.26 13.46
C GLN G 1126 8.47 -25.70 13.56
N VAL G 1127 9.79 -25.91 13.48
CA VAL G 1127 10.33 -27.27 13.51
C VAL G 1127 10.09 -27.91 14.87
N TRP G 1128 10.26 -27.14 15.96
CA TRP G 1128 10.01 -27.70 17.28
C TRP G 1128 8.55 -28.06 17.46
N LYS G 1129 7.63 -27.18 17.02
CA LYS G 1129 6.22 -27.50 17.15
C LYS G 1129 5.83 -28.69 16.28
N PHE G 1130 6.56 -28.93 15.19
CA PHE G 1130 6.32 -30.13 14.41
C PHE G 1130 6.85 -31.38 15.12
N GLN G 1131 8.03 -31.30 15.73
CA GLN G 1131 8.66 -32.45 16.35
C GLN G 1131 8.09 -32.80 17.71
N ARG G 1132 7.22 -31.95 18.25
CA ARG G 1132 6.49 -32.31 19.47
C ARG G 1132 5.73 -33.62 19.30
N TYR G 1133 5.20 -33.87 18.11
CA TYR G 1133 4.46 -35.12 17.86
C TYR G 1133 5.37 -36.33 18.00
N GLN G 1134 6.56 -36.26 17.41
CA GLN G 1134 7.50 -37.38 17.52
C GLN G 1134 7.96 -37.56 18.95
N LEU G 1135 8.14 -36.44 19.68
CA LEU G 1135 8.51 -36.54 21.09
C LEU G 1135 7.44 -37.25 21.91
N ILE G 1136 6.16 -36.95 21.62
CA ILE G 1136 5.08 -37.61 22.35
C ILE G 1136 5.01 -39.09 21.98
N MET G 1137 5.15 -39.41 20.69
CA MET G 1137 5.00 -40.79 20.26
C MET G 1137 6.16 -41.67 20.71
N THR G 1138 7.37 -41.11 20.84
CA THR G 1138 8.49 -41.92 21.28
C THR G 1138 8.44 -42.22 22.77
N PHE G 1139 7.66 -41.47 23.54
CA PHE G 1139 7.41 -41.78 24.94
C PHE G 1139 6.15 -42.60 25.15
N HIS G 1140 5.21 -42.54 24.22
CA HIS G 1140 4.01 -43.36 24.29
C HIS G 1140 4.26 -44.81 23.90
N GLU G 1141 5.52 -45.21 23.72
CA GLU G 1141 5.85 -46.56 23.31
C GLU G 1141 6.90 -47.17 24.23
N ARG G 1142 7.71 -46.33 24.86
CA ARG G 1142 8.79 -46.82 25.71
C ARG G 1142 8.23 -47.55 26.92
N PRO G 1143 8.96 -48.54 27.43
CA PRO G 1143 8.52 -49.21 28.66
C PRO G 1143 8.51 -48.25 29.84
N VAL G 1144 7.61 -48.52 30.79
CA VAL G 1144 7.39 -47.61 31.90
C VAL G 1144 8.61 -47.55 32.83
N LEU G 1145 9.48 -48.56 32.80
CA LEU G 1145 10.58 -48.43 33.76
C LEU G 1145 11.78 -47.74 33.14
N PRO G 1146 12.49 -46.96 33.94
CA PRO G 1146 13.66 -46.22 33.44
C PRO G 1146 14.79 -47.18 33.06
N PRO G 1147 15.80 -46.71 32.32
CA PRO G 1147 16.85 -47.60 31.82
C PRO G 1147 17.60 -48.39 32.89
N PRO G 1148 17.90 -47.83 34.07
CA PRO G 1148 18.55 -48.68 35.09
C PRO G 1148 17.69 -49.84 35.54
N LEU G 1149 16.37 -49.69 35.51
CA LEU G 1149 15.44 -50.74 35.88
C LEU G 1149 14.76 -51.38 34.68
N ILE G 1150 15.15 -51.02 33.46
CA ILE G 1150 14.43 -51.47 32.27
C ILE G 1150 14.67 -52.94 31.97
N ILE G 1151 15.62 -53.58 32.65
CA ILE G 1151 15.84 -55.01 32.45
C ILE G 1151 14.61 -55.81 32.89
N PHE G 1152 13.93 -55.36 33.94
CA PHE G 1152 12.71 -56.05 34.37
C PHE G 1152 11.59 -55.90 33.34
N SER G 1153 11.58 -54.79 32.60
CA SER G 1153 10.58 -54.59 31.55
C SER G 1153 10.91 -55.37 30.28
N HIS G 1154 12.13 -55.84 30.13
CA HIS G 1154 12.48 -56.70 29.00
C HIS G 1154 12.23 -58.17 29.29
N MET G 1155 12.38 -58.59 30.56
CA MET G 1155 12.00 -59.94 30.94
C MET G 1155 10.50 -60.15 30.75
N THR G 1156 9.70 -59.13 31.03
CA THR G 1156 8.27 -59.22 30.80
C THR G 1156 7.95 -59.40 29.32
N MET G 1157 8.67 -58.70 28.44
CA MET G 1157 8.49 -58.87 27.02
C MET G 1157 8.89 -60.27 26.55
N ILE G 1158 9.77 -60.95 27.28
CA ILE G 1158 10.06 -62.35 26.98
C ILE G 1158 8.87 -63.23 27.34
N PHE G 1159 8.24 -62.97 28.48
CA PHE G 1159 7.04 -63.72 28.85
C PHE G 1159 5.91 -63.47 27.86
N GLN G 1160 5.74 -62.22 27.42
CA GLN G 1160 4.72 -61.90 26.44
C GLN G 1160 5.09 -62.37 25.03
N HIS G 1161 6.37 -62.70 24.80
CA HIS G 1161 6.78 -63.19 23.49
C HIS G 1161 6.16 -64.55 23.18
N VAL G 1162 6.09 -65.43 24.18
CA VAL G 1162 5.48 -66.74 23.99
C VAL G 1162 3.96 -66.72 24.16
N CYS G 1163 3.39 -65.60 24.56
CA CYS G 1163 1.95 -65.50 24.75
C CYS G 1163 1.24 -65.26 23.42
N ARG G 1176 -4.98 -49.91 20.50
CA ARG G 1176 -4.82 -48.49 20.79
C ARG G 1176 -6.18 -47.82 21.01
N ASP G 1177 -6.76 -48.01 22.19
CA ASP G 1177 -8.03 -47.37 22.51
C ASP G 1177 -7.89 -45.85 22.50
N TYR G 1178 -6.78 -45.34 23.05
CA TYR G 1178 -6.42 -43.94 22.91
C TYR G 1178 -4.90 -43.84 22.95
N GLY G 1179 -4.40 -42.67 22.59
CA GLY G 1179 -2.97 -42.45 22.44
C GLY G 1179 -2.66 -42.08 21.01
N LEU G 1180 -3.36 -42.75 20.09
CA LEU G 1180 -3.28 -42.44 18.67
C LEU G 1180 -4.62 -42.04 18.08
N LYS G 1181 -5.63 -42.89 18.24
CA LYS G 1181 -6.91 -42.75 17.54
C LYS G 1181 -8.04 -42.59 18.53
N LEU G 1182 -9.27 -42.55 18.02
CA LEU G 1182 -10.47 -42.40 18.83
C LEU G 1182 -11.62 -43.08 18.10
N PHE G 1183 -11.94 -44.30 18.51
CA PHE G 1183 -13.01 -45.05 17.85
C PHE G 1183 -14.37 -44.52 18.28
N ILE G 1184 -15.26 -44.36 17.31
CA ILE G 1184 -16.60 -43.80 17.54
C ILE G 1184 -17.63 -44.68 16.85
N THR G 1185 -18.88 -44.49 17.24
CA THR G 1185 -20.00 -45.24 16.67
C THR G 1185 -20.43 -44.61 15.35
N ASP G 1186 -21.53 -45.11 14.78
CA ASP G 1186 -21.98 -44.61 13.49
C ASP G 1186 -22.66 -43.24 13.60
N ASP G 1187 -23.41 -43.01 14.68
CA ASP G 1187 -24.12 -41.74 14.83
C ASP G 1187 -23.14 -40.58 15.02
N GLU G 1188 -22.10 -40.79 15.84
CA GLU G 1188 -21.08 -39.76 15.99
C GLU G 1188 -20.33 -39.53 14.69
N LEU G 1189 -20.08 -40.61 13.93
CA LEU G 1189 -19.45 -40.48 12.63
C LEU G 1189 -20.28 -39.63 11.68
N LYS G 1190 -21.61 -39.85 11.67
CA LYS G 1190 -22.48 -39.08 10.80
C LYS G 1190 -22.56 -37.62 11.26
N LYS G 1191 -22.55 -37.39 12.57
CA LYS G 1191 -22.52 -36.02 13.08
C LYS G 1191 -21.26 -35.29 12.64
N VAL G 1192 -20.11 -35.99 12.72
CA VAL G 1192 -18.85 -35.40 12.28
C VAL G 1192 -18.87 -35.11 10.78
N HIS G 1193 -19.44 -36.04 10.00
CA HIS G 1193 -19.53 -35.83 8.56
C HIS G 1193 -20.39 -34.62 8.21
N ASP G 1194 -21.54 -34.47 8.89
CA ASP G 1194 -22.38 -33.31 8.65
C ASP G 1194 -21.69 -32.02 9.05
N PHE G 1195 -20.98 -32.04 10.19
CA PHE G 1195 -20.22 -30.87 10.61
C PHE G 1195 -19.15 -30.49 9.59
N GLU G 1196 -18.47 -31.49 9.04
CA GLU G 1196 -17.42 -31.22 8.06
C GLU G 1196 -18.00 -30.68 6.75
N GLU G 1197 -19.13 -31.22 6.31
CA GLU G 1197 -19.79 -30.69 5.13
C GLU G 1197 -20.22 -29.23 5.32
N GLN G 1198 -20.78 -28.93 6.49
CA GLN G 1198 -21.14 -27.56 6.80
C GLN G 1198 -19.92 -26.65 6.79
N CYS G 1199 -18.80 -27.12 7.37
CA CYS G 1199 -17.59 -26.32 7.40
C CYS G 1199 -17.05 -26.04 5.99
N ILE G 1200 -17.03 -27.06 5.13
CA ILE G 1200 -16.44 -26.86 3.81
C ILE G 1200 -17.33 -25.96 2.96
N GLU G 1201 -18.66 -26.11 3.05
CA GLU G 1201 -19.52 -25.23 2.27
C GLU G 1201 -19.45 -23.79 2.78
N GLU G 1202 -19.33 -23.60 4.11
CA GLU G 1202 -19.16 -22.27 4.64
C GLU G 1202 -17.84 -21.65 4.20
N TYR G 1203 -16.78 -22.47 4.14
CA TYR G 1203 -15.48 -21.98 3.68
C TYR G 1203 -15.55 -21.51 2.24
N PHE G 1204 -16.18 -22.30 1.37
CA PHE G 1204 -16.29 -21.87 -0.03
C PHE G 1204 -17.14 -20.62 -0.17
N ARG G 1205 -18.24 -20.53 0.58
CA ARG G 1205 -19.09 -19.35 0.51
C ARG G 1205 -18.36 -18.10 0.98
N GLU G 1206 -17.60 -18.21 2.07
CA GLU G 1206 -16.83 -17.07 2.57
C GLU G 1206 -15.74 -16.68 1.57
N LYS G 1207 -15.08 -17.66 0.95
CA LYS G 1207 -14.06 -17.35 -0.04
C LYS G 1207 -14.65 -16.60 -1.23
N ASP G 1208 -15.80 -17.03 -1.72
CA ASP G 1208 -16.44 -16.33 -2.82
C ASP G 1208 -16.86 -14.92 -2.41
N ASP G 1209 -17.39 -14.76 -1.20
CA ASP G 1209 -17.80 -13.43 -0.74
C ASP G 1209 -16.61 -12.50 -0.61
N ARG G 1210 -15.47 -13.01 -0.14
CA ARG G 1210 -14.27 -12.18 -0.06
C ARG G 1210 -13.77 -11.81 -1.45
N PHE G 1211 -13.83 -12.74 -2.40
CA PHE G 1211 -13.34 -12.44 -3.74
C PHE G 1211 -14.22 -11.42 -4.44
N ASN G 1212 -15.53 -11.52 -4.30
CA ASN G 1212 -16.44 -10.63 -5.02
C ASN G 1212 -16.48 -9.22 -4.46
N SER G 1213 -16.00 -8.99 -3.24
CA SER G 1213 -16.02 -7.66 -2.64
C SER G 1213 -14.67 -6.98 -2.64
N SER G 1214 -13.67 -7.55 -3.31
CA SER G 1214 -12.37 -6.92 -3.39
C SER G 1214 -12.44 -5.70 -4.32
N ASN G 1215 -11.50 -4.78 -4.12
CA ASN G 1215 -11.48 -3.56 -4.93
C ASN G 1215 -11.20 -3.87 -6.38
N ASP G 1216 -10.30 -4.81 -6.66
CA ASP G 1216 -9.93 -5.12 -8.05
C ASP G 1216 -11.12 -5.67 -8.82
N GLU G 1217 -11.88 -6.58 -8.21
CA GLU G 1217 -13.03 -7.15 -8.89
C GLU G 1217 -14.11 -6.10 -9.14
N ARG G 1218 -14.34 -5.23 -8.15
CA ARG G 1218 -15.33 -4.17 -8.33
C ARG G 1218 -14.92 -3.22 -9.45
N ILE G 1219 -13.63 -2.87 -9.51
CA ILE G 1219 -13.15 -1.97 -10.56
C ILE G 1219 -13.29 -2.63 -11.92
N ARG G 1220 -12.94 -3.93 -12.03
CA ARG G 1220 -13.05 -4.61 -13.31
C ARG G 1220 -14.50 -4.69 -13.78
N VAL G 1221 -15.40 -5.07 -12.88
CA VAL G 1221 -16.81 -5.19 -13.26
C VAL G 1221 -17.39 -3.83 -13.64
N THR G 1222 -17.04 -2.78 -12.88
CA THR G 1222 -17.51 -1.44 -13.20
C THR G 1222 -16.99 -0.99 -14.56
N SER G 1223 -15.73 -1.28 -14.87
CA SER G 1223 -15.18 -0.90 -16.16
C SER G 1223 -15.89 -1.61 -17.31
N GLU G 1224 -16.12 -2.91 -17.17
CA GLU G 1224 -16.82 -3.65 -18.22
C GLU G 1224 -18.24 -3.13 -18.42
N ARG G 1225 -18.95 -2.88 -17.32
CA ARG G 1225 -20.32 -2.38 -17.44
C ARG G 1225 -20.35 -0.99 -18.01
N VAL G 1226 -19.35 -0.15 -17.69
CA VAL G 1226 -19.30 1.19 -18.26
C VAL G 1226 -19.04 1.13 -19.76
N GLU G 1227 -18.16 0.24 -20.20
CA GLU G 1227 -17.92 0.11 -21.64
C GLU G 1227 -19.17 -0.36 -22.37
N ASN G 1228 -19.84 -1.39 -21.85
CA ASN G 1228 -21.05 -1.88 -22.50
C ASN G 1228 -22.15 -0.82 -22.50
N MET G 1229 -22.27 -0.08 -21.39
CA MET G 1229 -23.27 0.97 -21.29
C MET G 1229 -22.98 2.11 -22.25
N SER G 1230 -21.70 2.43 -22.45
CA SER G 1230 -21.33 3.46 -23.41
C SER G 1230 -21.71 3.05 -24.83
N MET G 1231 -21.42 1.79 -25.20
CA MET G 1231 -21.82 1.31 -26.52
C MET G 1231 -23.34 1.32 -26.68
N ARG G 1232 -24.05 0.90 -25.64
CA ARG G 1232 -25.52 0.90 -25.69
C ARG G 1232 -26.07 2.31 -25.84
N LEU G 1233 -25.51 3.27 -25.11
CA LEU G 1233 -26.00 4.64 -25.19
C LEU G 1233 -25.66 5.27 -26.53
N GLU G 1234 -24.51 4.93 -27.12
CA GLU G 1234 -24.23 5.41 -28.47
C GLU G 1234 -25.22 4.84 -29.47
N GLU G 1235 -25.57 3.55 -29.33
CA GLU G 1235 -26.57 2.95 -30.21
C GLU G 1235 -27.94 3.61 -30.03
N VAL G 1236 -28.29 3.95 -28.79
CA VAL G 1236 -29.54 4.65 -28.53
C VAL G 1236 -29.53 6.03 -29.15
N ASN G 1237 -28.42 6.76 -29.02
CA ASN G 1237 -28.31 8.08 -29.63
C ASN G 1237 -28.37 8.01 -31.14
N GLU G 1238 -27.97 6.87 -31.71
CA GLU G 1238 -28.10 6.69 -33.16
C GLU G 1238 -29.55 6.63 -33.61
N ARG G 1239 -30.49 6.43 -32.69
CA ARG G 1239 -31.92 6.40 -33.02
C ARG G 1239 -32.51 7.81 -33.00
N GLU G 1240 -31.96 8.66 -33.85
CA GLU G 1240 -32.42 10.04 -34.01
C GLU G 1240 -33.47 10.13 -35.12
N HIS G 1241 -34.50 9.29 -35.01
CA HIS G 1241 -35.55 9.23 -36.02
C HIS G 1241 -36.39 10.51 -36.06
N SER G 1242 -36.46 11.24 -34.95
CA SER G 1242 -37.24 12.48 -34.90
C SER G 1242 -36.56 13.58 -35.71
N UNK H 1 11.73 -35.99 -51.76
CA UNK H 1 10.61 -35.23 -51.21
C UNK H 1 9.29 -35.93 -51.49
N UNK H 2 8.52 -36.15 -50.43
CA UNK H 2 7.22 -36.82 -50.56
C UNK H 2 6.19 -35.89 -51.18
N UNK H 3 6.42 -34.59 -51.08
CA UNK H 3 5.50 -33.60 -51.62
C UNK H 3 5.55 -33.57 -53.15
N UNK H 4 6.62 -34.12 -53.70
CA UNK H 4 6.75 -34.24 -55.15
C UNK H 4 6.11 -35.53 -55.64
N UNK H 5 4.80 -35.67 -55.37
CA UNK H 5 4.05 -36.83 -55.78
C UNK H 5 2.77 -36.39 -56.50
N UNK H 6 2.71 -35.10 -56.80
CA UNK H 6 1.56 -34.53 -57.50
C UNK H 6 1.96 -34.13 -58.92
N UNK H 7 1.34 -33.08 -59.44
CA UNK H 7 1.63 -32.62 -60.79
C UNK H 7 1.27 -31.15 -60.97
N UNK H 8 1.52 -30.63 -62.17
CA UNK H 8 1.21 -29.24 -62.48
C UNK H 8 0.51 -29.13 -63.84
N UNK H 9 0.50 -27.93 -64.41
CA UNK H 9 -0.16 -27.72 -65.71
C UNK H 9 0.44 -26.53 -66.46
N UNK H 10 1.16 -26.82 -67.55
CA UNK H 10 1.75 -25.78 -68.37
C UNK H 10 1.26 -25.90 -69.82
N UNK H 11 1.09 -24.76 -70.47
CA UNK H 11 0.58 -24.73 -71.83
C UNK H 11 1.63 -25.22 -72.84
N UNK H 12 1.17 -25.71 -73.99
CA UNK H 12 2.06 -26.21 -75.02
C UNK H 12 1.88 -25.42 -76.31
N UNK H 13 1.03 -25.93 -77.20
CA UNK H 13 0.75 -25.25 -78.46
C UNK H 13 -0.41 -24.27 -78.27
N UNK H 14 -0.11 -22.98 -78.41
CA UNK H 14 -1.11 -21.94 -78.20
C UNK H 14 -1.04 -20.87 -79.28
N UNK H 15 -2.19 -20.40 -79.73
CA UNK H 15 -2.27 -19.37 -80.75
C UNK H 15 -3.58 -18.58 -80.64
N UNK H 16 -3.46 -17.29 -80.34
CA UNK H 16 -4.64 -16.43 -80.22
C UNK H 16 -4.24 -14.97 -80.42
N UNK H 17 -5.14 -14.21 -81.07
CA UNK H 17 -4.93 -12.79 -81.35
C UNK H 17 -3.63 -12.53 -82.10
O13 3PH I . 39.31 -8.21 -6.93
P 3PH I . 39.75 -6.99 -6.14
O14 3PH I . 41.10 -6.54 -6.61
O12 3PH I . 38.74 -5.88 -6.33
O11 3PH I . 39.84 -7.40 -4.53
C1 3PH I . 41.06 -7.19 -3.86
C2 3PH I . 41.39 -7.09 -2.37
O21 3PH I . 40.20 -7.00 -1.62
C21 3PH I . 40.13 -7.87 -0.50
O22 3PH I . 39.47 -8.84 -0.55
C22 3PH I . 40.92 -7.53 0.79
C23 3PH I . 40.30 -8.26 2.00
C24 3PH I . 41.37 -9.18 2.65
C25 3PH I . 42.36 -8.31 3.50
C26 3PH I . 41.90 -8.35 4.99
C27 3PH I . 42.99 -9.04 5.86
C28 3PH I . 44.21 -8.10 6.03
C29 3PH I . 44.57 -8.00 7.54
C2A 3PH I . 45.98 -7.39 7.70
C2B 3PH I . 47.02 -8.54 7.84
C2C 3PH I . 47.90 -8.32 9.11
C2D 3PH I . 48.23 -9.70 9.74
C2E 3PH I . 49.31 -9.52 10.84
C2F 3PH I . 49.24 -10.72 11.83
C3 3PH I . 42.27 -5.87 -2.12
O31 3PH I . 43.59 -6.13 -2.51
C31 3PH I . 44.33 -6.92 -1.60
O32 3PH I . 44.46 -8.08 -1.80
C32 3PH I . 44.99 -6.28 -0.37
C33 3PH I . 46.15 -7.18 0.10
C34 3PH I . 46.21 -7.19 1.65
C35 3PH I . 47.69 -7.03 2.12
C36 3PH I . 47.95 -8.03 3.28
C37 3PH I . 49.48 -8.15 3.51
C38 3PH I . 49.84 -7.60 4.92
C39 3PH I . 51.01 -8.43 5.52
C3A 3PH I . 52.04 -7.48 6.16
C3B 3PH I . 53.47 -7.77 5.59
C3C 3PH I . 53.40 -7.97 4.05
C3D 3PH I . 54.71 -7.50 3.38
C3E 3PH I . 54.74 -7.89 1.88
C3F 3PH I . 53.40 -7.50 1.20
C3G 3PH I . 53.36 -5.96 0.96
C3H 3PH I . 51.90 -5.53 0.68
C3I 3PH I . 51.83 -3.99 0.57
C01 9Z9 J . 59.15 13.14 18.50
C02 9Z9 J . 58.83 14.08 19.74
C03 9Z9 J . 57.86 14.28 19.97
C04 9Z9 J . 57.44 13.25 20.86
C05 9Z9 J . 58.70 12.42 21.25
C06 9Z9 J . 59.36 13.23 21.22
C07 9Z9 J . 61.15 12.90 21.00
C08 9Z9 J . 61.80 14.18 20.63
C09 9Z9 J . 61.10 14.84 19.53
C10 9Z9 J . 59.95 15.36 19.76
C11 9Z9 J . 63.32 13.92 20.17
C12 9Z9 J . 63.39 13.58 18.66
C13 9Z9 J . 63.93 12.77 20.94
C14 9Z9 J . 63.16 12.05 21.92
C15 9Z9 J . 61.65 12.45 22.19
C16 9Z9 J . 65.37 12.39 20.68
C17 9Z9 J . 66.26 13.63 20.85
C18 9Z9 J . 65.67 14.84 20.04
C19 9Z9 J . 64.14 15.12 20.46
O20 9Z9 J . 67.52 13.34 20.38
C21 9Z9 J . 68.37 12.74 21.37
C22 9Z9 J . 69.41 11.80 20.67
C23 9Z9 J . 69.85 10.69 21.67
C24 9Z9 J . 68.67 9.71 21.89
O25 9Z9 J . 69.00 8.80 22.92
C26 9Z9 J . 68.37 7.54 22.80
C48 9Z9 J . 71.07 9.91 21.10
O49 9Z9 J . 72.09 10.83 20.75
C50 9Z9 J . 73.37 10.50 21.28
O72 9Z9 J . 56.45 12.46 20.22
C73 9Z9 J . 56.01 13.12 19.58
C74 9Z9 J . 57.30 14.37 19.36
C75 9Z9 J . 56.64 16.15 19.34
C76 9Z9 J . 55.18 11.81 19.63
C77 9Z9 J . 54.05 11.78 18.56
C78 9Z9 J . 53.64 13.20 18.16
C79 9Z9 J . 53.79 14.10 19.40
O80 9Z9 J . 55.18 14.27 19.66
C81 9Z9 J . 52.19 13.24 17.70
C1 PIO K . 30.85 -26.69 -3.91
O1 PIO K . 32.14 -27.15 -4.26
P1 PIO K . 33.28 -26.04 -4.68
C2 PIO K . 30.51 -27.18 -2.50
O2 PIO K . 30.65 -28.58 -2.46
C3 PIO K . 29.08 -26.80 -2.10
O3 PIO K . 28.79 -27.43 -0.87
C4 PIO K . 28.04 -27.22 -3.14
O4 PIO K . 26.81 -26.63 -2.82
P4 PIO K . 25.75 -27.46 -1.86
C5 PIO K . 28.42 -26.77 -4.56
O5 PIO K . 27.50 -27.31 -5.49
P5 PIO K . 26.88 -26.30 -6.63
C6 PIO K . 29.84 -27.21 -4.94
O6 PIO K . 30.16 -26.71 -6.21
O11 PIO K . 34.45 -26.73 -5.33
O12 PIO K . 32.69 -25.04 -5.65
O13 PIO K . 33.80 -25.24 -3.34
C1A PIO K . 36.02 -28.21 -0.93
O1A PIO K . 35.99 -28.67 -2.02
C1B PIO K . 38.21 -24.16 -0.79
O1B PIO K . 37.63 -23.62 0.09
C1C PIO K . 34.00 -25.96 -2.16
C2A PIO K . 36.47 -29.08 0.24
C2B PIO K . 39.74 -24.15 -0.81
C2C PIO K . 35.49 -26.11 -1.88
O2C PIO K . 35.66 -26.87 -0.71
C3A PIO K . 38.00 -29.18 0.25
C3B PIO K . 40.27 -24.60 0.55
C3C PIO K . 36.11 -24.73 -1.67
O3C PIO K . 37.50 -24.80 -1.80
O41 PIO K . 24.35 -26.95 -2.09
O42 PIO K . 26.14 -27.26 -0.42
O43 PIO K . 25.82 -28.93 -2.19
C4A PIO K . 38.42 -30.49 0.90
C4B PIO K . 41.77 -24.27 0.63
O51 PIO K . 26.06 -27.10 -7.62
O52 PIO K . 26.00 -25.27 -5.96
O53 PIO K . 28.01 -25.61 -7.35
C5A PIO K . 39.95 -30.54 0.96
C5B PIO K . 42.47 -25.22 1.59
C6A PIO K . 40.46 -29.46 1.90
C6B PIO K . 42.44 -24.66 3.01
C7A PIO K . 41.76 -28.88 1.34
C7B PIO K . 43.80 -24.85 3.68
C8A PIO K . 42.82 -29.97 1.25
C8B PIO K . 43.87 -26.24 4.31
O13 3PH L . 29.24 22.56 17.76
P 3PH L . 28.76 23.03 19.12
O14 3PH L . 29.62 24.18 19.59
O12 3PH L . 27.33 23.50 19.00
O11 3PH L . 28.85 21.79 20.21
C1 3PH L . 29.76 20.74 19.95
C2 3PH L . 30.46 19.74 20.90
O21 3PH L . 29.82 18.50 20.83
C21 3PH L . 30.69 17.41 20.52
O22 3PH L . 30.61 16.89 19.46
C22 3PH L . 31.71 16.91 21.56
C23 3PH L . 31.91 15.38 21.42
C24 3PH L . 33.40 15.03 21.64
C25 3PH L . 33.64 14.63 23.13
C26 3PH L . 34.10 13.15 23.21
C27 3PH L . 35.36 13.04 24.11
C28 3PH L . 34.99 13.43 25.57
C29 3PH L . 35.58 12.39 26.55
C2A 3PH L . 37.03 12.80 26.93
C2B 3PH L . 37.36 12.24 28.35
C2C 3PH L . 38.85 12.51 28.70
C2D 3PH L . 39.73 11.29 28.28
C2E 3PH L . 41.17 11.49 28.80
C2F 3PH L . 41.94 10.15 28.70
C3 3PH L . 30.41 20.28 22.33
O31 3PH L . 31.69 20.75 22.68
C31 3PH L . 32.15 20.30 23.95
O32 3PH L . 31.37 20.11 24.83
C32 3PH L . 33.65 20.05 24.19
C33 3PH L . 33.83 18.89 25.19
C34 3PH L . 35.33 18.50 25.26
C35 3PH L . 35.82 18.56 26.73
C36 3PH L . 36.65 17.26 27.03
C37 3PH L . 37.99 17.64 27.71
C38 3PH L . 38.08 16.94 29.10
C39 3PH L . 39.57 16.67 29.45
C3A 3PH L . 39.73 16.59 30.99
C3B 3PH L . 40.82 17.60 31.47
C3C 3PH L . 40.67 18.95 30.72
C3D 3PH L . 41.17 20.12 31.61
C3E 3PH L . 41.05 21.46 30.83
C3F 3PH L . 39.67 21.54 30.12
C3G 3PH L . 38.61 22.15 31.09
C3H 3PH L . 37.26 22.30 30.34
C3I 3PH L . 36.46 20.99 30.43
C01 9Z9 M . 32.48 9.37 53.62
C02 9Z9 M . 31.92 8.15 54.48
C03 9Z9 M . 31.22 7.55 54.06
C04 9Z9 M . 31.94 6.51 53.41
C05 9Z9 M . 33.45 6.67 53.79
C06 9Z9 M . 33.26 7.02 54.75
C07 9Z9 M . 34.56 7.97 55.62
C08 9Z9 M . 33.94 8.64 56.78
C09 9Z9 M . 32.73 9.36 56.40
C10 9Z9 M . 31.69 8.68 56.08
C11 9Z9 M . 34.97 9.70 57.44
C12 9Z9 M . 34.84 11.09 56.74
C13 9Z9 M . 36.39 9.23 57.30
C14 9Z9 M . 36.69 7.98 56.63
C15 9Z9 M . 35.52 7.10 56.04
C16 9Z9 M . 37.51 10.07 57.87
C17 9Z9 M . 37.22 10.35 59.36
C18 9Z9 M . 35.74 10.87 59.54
C19 9Z9 M . 34.69 9.84 58.88
O20 9Z9 M . 38.10 11.31 59.81
C21 9Z9 M . 39.38 10.80 60.16
C22 9Z9 M . 40.49 11.86 59.84
C23 9Z9 M . 41.86 11.13 59.69
C24 9Z9 M . 41.79 10.15 58.50
O25 9Z9 M . 43.00 9.41 58.44
C26 9Z9 M . 43.49 9.23 57.12
C48 9Z9 M . 42.98 12.18 59.43
O49 9Z9 M . 42.96 13.17 60.45
C50 9Z9 M . 43.73 14.32 60.14
O72 9Z9 M . 31.73 6.63 52.00
C73 9Z9 M . 30.79 7.05 51.95
C74 9Z9 M . 30.64 7.86 53.56
C75 9Z9 M . 28.91 7.67 54.33
C76 9Z9 M . 31.25 6.58 50.54
C77 9Z9 M . 30.28 7.05 49.41
C78 9Z9 M . 28.87 7.30 49.99
C79 9Z9 M . 28.64 6.29 51.11
O80 9Z9 M . 29.46 6.68 52.22
C81 9Z9 M . 27.81 7.08 48.90
C1 PIO N . 37.96 16.72 0.02
O1 PIO N . 38.23 17.92 0.70
P1 PIO N . 37.98 17.96 2.32
C2 PIO N . 39.01 16.50 -1.07
O2 PIO N . 38.97 17.59 -1.96
C3 PIO N . 38.73 15.21 -1.85
O3 PIO N . 39.63 15.13 -2.93
C4 PIO N . 37.29 15.15 -2.39
O4 PIO N . 37.06 13.87 -2.95
P4 PIO N . 36.62 12.56 -2.05
C5 PIO N . 36.22 15.49 -1.34
O5 PIO N . 34.95 15.54 -1.95
P5 PIO N . 34.36 16.90 -2.69
C6 PIO N . 36.55 16.77 -0.56
O6 PIO N . 35.61 16.92 0.48
O11 PIO N . 36.98 19.03 2.65
O12 PIO N . 37.45 16.63 2.77
O13 PIO N . 39.41 18.27 3.10
C1A PIO N . 40.40 15.08 3.68
O1A PIO N . 39.81 14.96 2.66
C1B PIO N . 41.15 15.81 8.20
O1B PIO N . 41.26 14.66 8.45
C1C PIO N . 39.44 18.16 4.50
C2A PIO N . 41.77 14.43 3.87
C2B PIO N . 41.89 16.85 9.02
C2C PIO N . 40.42 17.07 4.90
O2C PIO N . 39.83 15.82 4.72
C3A PIO N . 42.71 14.88 2.76
C3B PIO N . 43.40 16.61 8.92
C3C PIO N . 40.82 17.26 6.36
O3C PIO N . 40.33 16.20 7.12
O41 PIO N . 37.30 12.55 -0.70
O42 PIO N . 37.02 11.31 -2.79
O43 PIO N . 35.11 12.53 -1.87
C4A PIO N . 44.12 14.42 3.05
C4B PIO N . 43.86 15.71 10.07
O51 PIO N . 35.44 17.62 -3.46
O52 PIO N . 33.29 16.48 -3.67
O53 PIO N . 33.75 17.83 -1.69
C5A PIO N . 44.62 15.10 4.33
C5B PIO N . 44.53 16.56 11.15
C6A PIO N . 46.09 14.72 4.57
C6B PIO N . 45.93 16.02 11.44
C7A PIO N . 46.42 14.93 6.04
C7B PIO N . 45.84 14.80 12.35
C8A PIO N . 47.93 14.88 6.23
C8B PIO N . 47.22 14.14 12.45
NA NA O . 38.40 -9.17 28.24
O13 3PH P . 6.63 -2.67 40.44
P 3PH P . 6.66 -4.18 40.27
O14 3PH P . 6.99 -4.82 41.60
O12 3PH P . 5.32 -4.66 39.78
O11 3PH P . 7.84 -4.58 39.17
C1 3PH P . 9.15 -4.12 39.39
C2 3PH P . 10.41 -4.83 39.90
O21 3PH P . 11.14 -5.34 38.83
C21 3PH P . 12.37 -4.66 38.60
O22 3PH P . 12.44 -3.81 37.79
C22 3PH P . 13.63 -5.05 39.41
C23 3PH P . 14.87 -4.97 38.50
C24 3PH P . 16.12 -4.64 39.37
C25 3PH P . 16.92 -5.94 39.66
C26 3PH P . 18.34 -5.82 39.04
C27 3PH P . 19.42 -6.21 40.09
C28 3PH P . 19.14 -7.65 40.61
C29 3PH P . 20.47 -8.43 40.68
C2A 3PH P . 21.25 -8.01 41.96
C2B 3PH P . 22.20 -9.16 42.37
C2C 3PH P . 23.05 -8.73 43.60
C2D 3PH P . 24.31 -7.97 43.12
C2E 3PH P . 25.27 -7.75 44.32
C2F 3PH P . 26.67 -7.34 43.80
C3 3PH P . 10.02 -5.98 40.84
O31 3PH P . 10.58 -5.75 42.13
C31 3PH P . 11.46 -6.77 42.57
O32 3PH P . 11.27 -7.89 42.23
C32 3PH P . 12.65 -6.42 43.48
C33 3PH P . 13.82 -7.39 43.21
C34 3PH P . 15.12 -6.81 43.83
C35 3PH P . 15.76 -7.85 44.80
C36 3PH P . 17.29 -7.88 44.55
C37 3PH P . 18.05 -7.82 45.91
C38 3PH P . 19.08 -8.98 45.99
C39 3PH P . 20.21 -8.61 46.98
C3A 3PH P . 20.84 -9.90 47.56
C3B 3PH P . 20.77 -9.89 49.12
C3C 3PH P . 19.39 -9.37 49.60
C3D 3PH P . 18.97 -10.08 50.92
C3E 3PH P . 17.65 -9.47 51.47
C3F 3PH P . 16.61 -9.31 50.32
C3G 3PH P . 15.97 -10.69 50.01
C3H 3PH P . 15.37 -10.66 48.58
C3I 3PH P . 14.71 -12.02 48.26
C01 9Z9 Q . 27.99 -33.95 45.59
C02 9Z9 Q . 28.77 -35.01 44.69
C03 9Z9 Q . 28.68 -34.96 43.68
C04 9Z9 Q . 29.70 -34.07 43.22
C05 9Z9 Q . 30.63 -33.76 44.45
C06 9Z9 Q . 30.52 -34.70 44.88
C07 9Z9 Q . 30.86 -34.88 46.67
C08 9Z9 Q . 30.32 -36.18 47.11
C09 9Z9 Q . 28.93 -36.35 46.69
C10 9Z9 Q . 28.70 -36.53 45.43
C11 9Z9 Q . 30.36 -36.29 48.71
C12 9Z9 Q . 29.07 -35.68 49.34
C13 9Z9 Q . 31.56 -35.55 49.29
C14 9Z9 Q . 32.47 -34.87 48.41
C15 9Z9 Q . 32.21 -34.86 46.85
C16 9Z9 Q . 31.79 -35.56 50.78
C17 9Z9 Q . 31.82 -37.01 51.28
C18 9Z9 Q . 30.58 -37.81 50.73
C19 9Z9 Q . 30.49 -37.71 49.13
O20 9Z9 Q . 31.79 -37.01 52.66
C21 9Z9 Q . 33.06 -36.80 53.26
C22 9Z9 Q . 32.89 -36.00 54.60
C23 9Z9 Q . 34.24 -35.30 54.95
C24 9Z9 Q . 34.60 -34.28 53.84
O25 9Z9 Q . 35.88 -33.73 54.09
C26 9Z9 Q . 35.97 -32.35 53.85
C48 9Z9 Q . 34.11 -34.55 56.31
O49 9Z9 Q . 33.65 -35.45 57.31
C50 9Z9 Q . 33.21 -34.81 58.49
O72 9Z9 Q . 29.10 -32.90 42.70
C73 9Z9 Q . 28.18 -33.24 42.35
C74 9Z9 Q . 27.95 -34.74 43.34
C75 9Z9 Q . 27.23 -36.19 42.34
C76 9Z9 Q . 28.43 -31.79 41.86
C77 9Z9 Q . 27.17 -31.19 41.17
C78 9Z9 Q . 26.28 -32.31 40.61
C79 9Z9 Q . 27.18 -33.45 40.15
O80 9Z9 Q . 27.71 -34.08 41.32
C81 9Z9 Q . 25.47 -31.80 39.42
C1 PIO R . 11.17 17.20 35.63
O1 PIO R . 10.86 17.35 36.99
P1 PIO R . 11.12 16.06 37.98
C2 PIO R . 12.56 17.78 35.34
O2 PIO R . 12.55 19.15 35.64
C3 PIO R . 12.94 17.57 33.88
O3 PIO R . 14.12 18.29 33.64
C4 PIO R . 11.86 18.05 32.87
O4 PIO R . 12.10 17.44 31.63
P4 PIO R . 13.25 18.06 30.63
C5 PIO R . 10.41 17.72 33.27
O5 PIO R . 9.55 18.54 32.53
P5 PIO R . 8.08 17.95 32.07
C6 PIO R . 10.13 17.91 34.77
O6 PIO R . 8.86 17.38 35.08
O11 PIO R . 11.45 16.54 39.37
O12 PIO R . 9.88 15.20 38.02
O13 PIO R . 12.37 15.17 37.40
C1A PIO R . 15.58 14.91 37.80
O1A PIO R . 15.34 14.71 36.65
C1B PIO R . 15.73 11.47 40.61
O1B PIO R . 14.87 10.76 41.00
C1C PIO R . 12.59 13.90 37.94
C2A PIO R . 17.04 15.01 38.23
C2B PIO R . 17.19 11.04 40.71
C2C PIO R . 13.70 13.98 38.99
O2C PIO R . 14.54 15.08 38.73
C3A PIO R . 17.24 16.20 39.17
C3B PIO R . 17.38 10.23 41.99
C3C PIO R . 14.47 12.66 39.03
O3C PIO R . 15.41 12.71 40.06
O41 PIO R . 12.88 17.76 29.20
O42 PIO R . 14.57 17.43 30.94
O43 PIO R . 13.34 19.55 30.83
C4A PIO R . 17.89 15.73 40.47
C4B PIO R . 18.38 10.95 42.90
O51 PIO R . 8.15 16.45 31.99
O52 PIO R . 7.04 18.37 33.08
O53 PIO R . 7.72 18.52 30.72
C5A PIO R . 18.81 16.83 41.00
C5B PIO R . 19.13 9.91 43.74
C6A PIO R . 19.22 16.49 42.43
C6B PIO R . 20.53 10.44 44.07
C7A PIO R . 20.18 15.30 42.42
C7B PIO R . 21.42 9.28 44.49
C8A PIO R . 20.49 14.88 43.86
C8B PIO R . 22.85 9.78 44.71
O13 3PH S . 16.96 -33.66 16.22
P 3PH S . 17.96 -34.19 15.21
O14 3PH S . 18.34 -35.61 15.57
O12 3PH S . 17.35 -34.17 13.83
O11 3PH S . 19.32 -33.24 15.23
C1 3PH S . 19.67 -32.59 16.43
C2 3PH S . 21.01 -32.06 16.97
O21 3PH S . 21.15 -30.70 16.66
C21 3PH S . 21.40 -29.88 17.78
O22 3PH S . 20.56 -29.12 18.16
C22 3PH S . 22.76 -29.94 18.52
C23 3PH S . 23.11 -28.54 19.08
C24 3PH S . 23.82 -28.70 20.46
C25 3PH S . 25.37 -28.73 20.27
C26 3PH S . 26.00 -27.51 20.99
C27 3PH S . 27.18 -27.98 21.88
C28 3PH S . 28.31 -28.54 20.98
C29 3PH S . 29.68 -27.98 21.44
C2A 3PH S . 30.27 -28.88 22.56
C2B 3PH S . 31.82 -28.80 22.50
C2C 3PH S . 32.43 -29.56 23.71
C2D 3PH S . 32.63 -28.57 24.90
C2E 3PH S . 33.40 -29.28 26.04
C2F 3PH S . 33.96 -28.22 27.02
C3 3PH S . 22.16 -32.86 16.33
O31 3PH S . 22.69 -33.75 17.28
C31 3PH S . 24.09 -33.72 17.39
O32 3PH S . 24.76 -33.47 16.44
C32 3PH S . 24.77 -34.00 18.75
C33 3PH S . 26.08 -33.19 18.86
C34 3PH S . 26.63 -33.31 20.31
C35 3PH S . 28.11 -33.81 20.27
C36 3PH S . 28.95 -32.93 21.23
C37 3PH S . 29.82 -33.84 22.15
C38 3PH S . 31.32 -33.49 21.96
C39 3PH S . 32.10 -33.78 23.27
C3A 3PH S . 33.58 -34.09 22.93
C3B 3PH S . 33.99 -35.46 23.54
C3C 3PH S . 32.86 -36.51 23.32
C3D 3PH S . 33.45 -37.95 23.25
C3E 3PH S . 32.29 -38.98 23.10
C3F 3PH S . 31.27 -38.48 22.04
C3G 3PH S . 31.72 -38.93 20.62
C3H 3PH S . 30.64 -38.52 19.58
C3I 3PH S . 30.91 -37.08 19.11
C01 9Z9 T . 54.72 -30.19 10.49
C02 9Z9 T . 55.73 -29.09 9.97
C03 9Z9 T . 55.37 -28.22 9.60
C04 9Z9 T . 55.25 -27.32 10.71
C05 9Z9 T . 55.94 -28.02 11.93
C06 9Z9 T . 56.66 -28.49 11.37
C07 9Z9 T . 57.50 -29.96 12.08
C08 9Z9 T . 58.22 -30.64 10.98
C09 9Z9 T . 57.36 -30.87 9.83
C10 9Z9 T . 57.01 -29.85 9.13
C11 9Z9 T . 58.77 -32.08 11.48
C12 9Z9 T . 57.68 -33.18 11.28
C13 9Z9 T . 59.15 -32.04 12.94
C14 9Z9 T . 58.98 -30.82 13.71
C15 9Z9 T . 58.39 -29.53 13.02
C16 9Z9 T . 59.70 -33.28 13.60
C17 9Z9 T . 60.91 -33.78 12.79
C18 9Z9 T . 60.55 -33.86 11.25
C19 9Z9 T . 59.99 -32.45 10.72
O20 9Z9 T . 61.26 -35.04 13.24
C21 9Z9 T . 62.07 -35.02 14.42
C22 9Z9 T . 61.74 -36.27 15.29
C23 9Z9 T . 62.17 -35.98 16.76
C24 9Z9 T . 61.34 -34.79 17.32
O25 9Z9 T . 61.81 -34.45 18.60
C26 9Z9 T . 60.78 -34.15 19.53
C48 9Z9 T . 61.92 -37.24 17.65
O49 9Z9 T . 62.55 -38.37 17.07
C50 9Z9 T . 62.10 -39.60 17.59
O72 9Z9 T . 53.87 -27.08 10.94
C73 9Z9 T . 53.45 -27.16 10.00
C74 9Z9 T . 54.66 -28.22 9.17
C75 9Z9 T . 55.00 -27.69 7.37
C76 9Z9 T . 52.41 -26.56 10.98
C77 9Z9 T . 50.99 -26.46 10.34
C78 9Z9 T . 51.09 -26.40 8.82
C79 9Z9 T . 52.36 -25.64 8.46
O80 9Z9 T . 53.48 -26.49 8.77
C81 9Z9 T . 49.89 -25.65 8.24
C1 PIO U . 4.03 -24.81 30.59
O1 PIO U . 4.68 -26.05 30.84
P1 PIO U . 4.02 -27.28 31.72
C2 PIO U . 4.24 -23.83 31.75
O2 PIO U . 3.67 -24.35 32.93
C3 PIO U . 3.58 -22.48 31.45
O3 PIO U . 3.65 -21.66 32.60
C4 PIO U . 2.10 -22.63 31.04
O4 PIO U . 1.53 -21.39 30.67
P4 PIO U . 2.30 -20.28 29.73
C5 PIO U . 1.91 -23.65 29.90
O5 PIO U . 0.53 -23.83 29.67
P5 PIO U . 0.05 -24.20 28.13
C6 PIO U . 2.54 -25.00 30.27
O6 PIO U . 2.43 -25.91 29.21
O11 PIO U . 3.01 -28.06 30.90
O12 PIO U . 3.36 -26.75 32.96
O13 PIO U . 5.25 -28.30 32.12
C1A PIO U . 7.77 -26.65 32.84
O1A PIO U . 8.35 -26.07 31.99
C1B PIO U . 10.95 -28.59 31.46
O1B PIO U . 10.87 -27.46 31.78
C1C PIO U . 6.31 -28.39 31.22
C2A PIO U . 6.84 -25.89 33.77
C2B PIO U . 12.24 -29.12 30.83
C2C PIO U . 7.56 -28.90 31.94
O2C PIO U . 7.94 -28.04 32.99
C3A PIO U . 7.64 -25.35 34.96
C3B PIO U . 12.86 -30.18 31.75
C3C PIO U . 8.71 -29.03 30.95
O3C PIO U . 9.86 -29.44 31.64
O41 PIO U . 3.20 -19.41 30.59
O42 PIO U . 1.27 -19.39 29.08
O43 PIO U . 3.11 -20.94 28.65
C4A PIO U . 8.12 -26.52 35.83
C4B PIO U . 13.92 -29.53 32.63
O51 PIO U . 0.02 -25.70 27.97
O52 PIO U . -1.33 -23.64 27.88
O53 PIO U . 1.03 -23.62 27.14
C5A PIO U . 9.17 -26.04 36.82
C5B PIO U . 14.82 -30.61 33.21
C6A PIO U . 9.84 -27.24 37.48
C6B PIO U . 15.91 -29.97 34.06
C7A PIO U . 10.90 -27.81 36.53
C7B PIO U . 17.04 -30.98 34.28
C8A PIO U . 11.68 -28.90 37.23
C8B PIO U . 18.28 -30.25 34.81
#